data_9ATZ
#
_entry.id   9ATZ
#
_cell.length_a   1.00
_cell.length_b   1.00
_cell.length_c   1.00
_cell.angle_alpha   90.00
_cell.angle_beta   90.00
_cell.angle_gamma   90.00
#
_symmetry.space_group_name_H-M   'P 1'
#
loop_
_entity.id
_entity.type
_entity.pdbx_description
1 polymer 'Rabbit V2 Polyclonal Antibody - Predicted Light Chain'
2 polymer 'Rabbit Anti-Immune Complex Antibody - Predicted Light Chain'
3 polymer 'Rabbit V2 Polyclonal Antibody - Predicted Heavy Chain'
4 polymer 'Surface protein gp120'
5 polymer 'Rabbit Anti-Immune Complex Antibody - Predicted Heavy Chain'
6 polymer 'Transmembrane protein gp41'
7 branched 2-acetamido-2-deoxy-beta-D-glucopyranose-(1-4)-2-acetamido-2-deoxy-beta-D-glucopyranose
8 branched alpha-D-mannopyranose-(1-3)-[alpha-D-mannopyranose-(1-6)]beta-D-mannopyranose-(1-4)-2-acetamido-2-deoxy-beta-D-glucopyranose-(1-4)-2-acetamido-2-deoxy-beta-D-glucopyranose
9 non-polymer 2-acetamido-2-deoxy-beta-D-glucopyranose
#
loop_
_entity_poly.entity_id
_entity_poly.type
_entity_poly.pdbx_seq_one_letter_code
_entity_poly.pdbx_strand_id
1 'polypeptide(L)'
;(UNK)(UNK)(UNK)(UNK)(UNK)(UNK)(UNK)(UNK)(UNK)(UNK)(UNK)(UNK)(UNK)(UNK)(UNK)(UNK)
(UNK)(UNK)(UNK)(UNK)(UNK)(UNK)(UNK)(UNK)(UNK)(UNK)(UNK)(UNK)(UNK)(UNK)(UNK)(UNK)
(UNK)(UNK)(UNK)(UNK)(UNK)(UNK)(UNK)(UNK)(UNK)(UNK)(UNK)(UNK)(UNK)(UNK)(UNK)(UNK)
(UNK)(UNK)(UNK)(UNK)(UNK)(UNK)(UNK)(UNK)(UNK)(UNK)(UNK)(UNK)(UNK)(UNK)(UNK)(UNK)
(UNK)(UNK)(UNK)(UNK)(UNK)(UNK)(UNK)(UNK)(UNK)(UNK)(UNK)(UNK)(UNK)(UNK)(UNK)(UNK)
(UNK)(UNK)(UNK)(UNK)(UNK)(UNK)(UNK)(UNK)(UNK)(UNK)(UNK)(UNK)(UNK)(UNK)(UNK)(UNK)
(UNK)(UNK)(UNK)(UNK)(UNK)(UNK)(UNK)(UNK)(UNK)(UNK)(UNK)(UNK)
;
A,F,N
2 'polypeptide(L)'
;(UNK)(UNK)(UNK)(UNK)(UNK)(UNK)(UNK)(UNK)(UNK)(UNK)(UNK)(UNK)(UNK)(UNK)(UNK)(UNK)
(UNK)(UNK)(UNK)(UNK)(UNK)(UNK)(UNK)(UNK)(UNK)(UNK)(UNK)(UNK)(UNK)(UNK)(UNK)(UNK)
(UNK)(UNK)(UNK)(UNK)(UNK)(UNK)(UNK)(UNK)(UNK)(UNK)(UNK)(UNK)(UNK)(UNK)(UNK)(UNK)
(UNK)(UNK)(UNK)(UNK)(UNK)(UNK)(UNK)(UNK)(UNK)(UNK)(UNK)(UNK)(UNK)(UNK)(UNK)(UNK)
(UNK)(UNK)(UNK)(UNK)(UNK)(UNK)(UNK)(UNK)(UNK)(UNK)(UNK)(UNK)(UNK)(UNK)(UNK)(UNK)
(UNK)(UNK)(UNK)(UNK)(UNK)(UNK)(UNK)(UNK)(UNK)(UNK)(UNK)(UNK)(UNK)(UNK)(UNK)(UNK)
(UNK)(UNK)(UNK)(UNK)(UNK)(UNK)(UNK)(UNK)(UNK)(UNK)(UNK)(UNK)(UNK)(UNK)(UNK)(UNK)
;
B,G,K
3 'polypeptide(L)'
;(UNK)(UNK)(UNK)(UNK)(UNK)(UNK)(UNK)(UNK)(UNK)(UNK)(UNK)(UNK)(UNK)(UNK)(UNK)(UNK)
(UNK)(UNK)(UNK)(UNK)(UNK)(UNK)(UNK)(UNK)(UNK)(UNK)(UNK)(UNK)(UNK)(UNK)(UNK)(UNK)
(UNK)(UNK)(UNK)(UNK)(UNK)(UNK)(UNK)(UNK)(UNK)(UNK)(UNK)(UNK)(UNK)(UNK)(UNK)(UNK)
(UNK)(UNK)(UNK)(UNK)(UNK)(UNK)(UNK)(UNK)(UNK)(UNK)(UNK)(UNK)(UNK)(UNK)(UNK)(UNK)
(UNK)(UNK)(UNK)(UNK)(UNK)(UNK)(UNK)(UNK)(UNK)(UNK)(UNK)(UNK)(UNK)(UNK)(UNK)(UNK)
(UNK)(UNK)(UNK)(UNK)(UNK)(UNK)(UNK)(UNK)(UNK)(UNK)(UNK)(UNK)(UNK)(UNK)(UNK)(UNK)
(UNK)(UNK)(UNK)(UNK)(UNK)(UNK)(UNK)(UNK)(UNK)(UNK)(UNK)(UNK)(UNK)(UNK)(UNK)(UNK)
(UNK)(UNK)(UNK)(UNK)(UNK)(UNK)(UNK)(UNK)(UNK)(UNK)(UNK)(UNK)(UNK)
;
C,H,L
4 'polypeptide(L)'
;MDAMKRGLCCVLLLCGAVFVSPSQEIHARFRRGARNGNLWVTVYYGVPVWKDAETTLFCASDAKAYEKEKRNVWATHCCV
PTDPNPQEMVLENVTENFNMWKNDMVEQMHEDVISLWDQSLKPCVKLTPLCVTLECRQVNTTNATSSVNVTNGEEIKNCS
FNATTELRDKKQKVYALFYRLDIVPLEEERKGNSSKYRLINCNTSAITQACPKVTFDPIPIHYCAPAGYAILKCNNKTFN
GTGPCNNVSTVQCTHGIKPVVSTQLLLNGSLAEGEIIIRSENLTNNVKTIIVHLNESVEIVCTRPNNNTVKSIRIGPGQW
FYYTGDIIGNIRQAYCNIKKDDWIRTLQRVGKKLAEHFPRRIINFTQPAGGDLEITTHSFNCRGEFFYCNTSSLFNSTYN
PNDTNSNSSSSNSSLDITIPCRIKQIINMWQRVGQAMYAPPIEGNITCKSNITGLLLVRDGGVESNETEIFRPGGGDMRN
NWRSELYKYKVVEIKPLGIAPTRCKRRVVERRRR
;
D,I,M
5 'polypeptide(L)'
;(UNK)(UNK)(UNK)(UNK)(UNK)(UNK)(UNK)(UNK)(UNK)(UNK)(UNK)(UNK)(UNK)(UNK)(UNK)(UNK)
(UNK)(UNK)(UNK)(UNK)(UNK)(UNK)(UNK)(UNK)(UNK)(UNK)(UNK)(UNK)(UNK)(UNK)(UNK)(UNK)
(UNK)(UNK)(UNK)(UNK)(UNK)(UNK)(UNK)(UNK)(UNK)(UNK)(UNK)(UNK)(UNK)(UNK)(UNK)(UNK)
(UNK)(UNK)(UNK)(UNK)(UNK)(UNK)(UNK)(UNK)(UNK)(UNK)(UNK)(UNK)(UNK)(UNK)(UNK)(UNK)
(UNK)(UNK)(UNK)(UNK)(UNK)(UNK)(UNK)(UNK)(UNK)(UNK)(UNK)(UNK)(UNK)(UNK)(UNK)(UNK)
(UNK)(UNK)(UNK)(UNK)(UNK)(UNK)(UNK)(UNK)(UNK)(UNK)(UNK)(UNK)(UNK)(UNK)(UNK)(UNK)
(UNK)(UNK)(UNK)(UNK)(UNK)(UNK)(UNK)(UNK)(UNK)(UNK)(UNK)(UNK)(UNK)(UNK)(UNK)
;
E,J,R
6 'polypeptide(L)'
;RRAVGLGAVSFGFLGAAGSTMGAASITLTVQARQLLSGIVQQQSNLLKAPECQQHLLQDGHWGIKQLQTRVLAIEHYLKD
QQLLGIWGCSGKLICCTAVPWNSSWSNKSHDEIWGNMTWMQWDREISNYTNTIYRLLEDSQNQQEQNEKDLLALD
;
O,P,Q
#
# COMPACT_ATOMS: atom_id res chain seq x y z
N UNK A 1 34.33 -10.42 21.07
CA UNK A 1 35.58 -9.65 21.34
C UNK A 1 36.73 -10.62 21.59
N UNK A 2 37.95 -10.10 21.59
CA UNK A 2 39.09 -10.91 21.94
C UNK A 2 39.02 -11.32 23.41
N UNK A 3 39.92 -12.20 23.81
CA UNK A 3 39.96 -12.67 25.19
C UNK A 3 40.17 -11.51 26.14
N UNK A 4 39.14 -11.18 26.91
CA UNK A 4 39.14 -10.05 27.83
C UNK A 4 39.56 -10.53 29.21
N UNK A 5 40.81 -10.29 29.57
CA UNK A 5 41.29 -10.65 30.90
C UNK A 5 40.73 -9.68 31.93
N UNK A 6 40.65 -10.15 33.17
CA UNK A 6 40.13 -9.32 34.25
C UNK A 6 40.77 -9.75 35.56
N UNK A 7 40.80 -8.83 36.53
CA UNK A 7 41.37 -9.12 37.83
C UNK A 7 40.55 -10.19 38.54
N UNK A 8 41.23 -11.18 39.10
CA UNK A 8 40.56 -12.28 39.80
C UNK A 8 40.07 -11.89 41.19
N UNK A 9 40.55 -10.78 41.75
CA UNK A 9 40.09 -10.35 43.05
C UNK A 9 40.33 -8.85 43.19
N UNK A 10 39.33 -8.15 43.71
CA UNK A 10 39.34 -6.70 43.87
C UNK A 10 38.83 -6.35 45.27
N UNK A 11 39.37 -7.04 46.28
CA UNK A 11 38.91 -6.85 47.65
C UNK A 11 39.19 -5.44 48.13
N UNK A 12 38.30 -4.94 48.98
CA UNK A 12 38.43 -3.58 49.52
C UNK A 12 37.65 -3.49 50.82
N UNK A 13 37.97 -2.47 51.61
CA UNK A 13 37.30 -2.26 52.87
C UNK A 13 35.91 -1.66 52.67
N UNK A 14 35.05 -1.86 53.66
CA UNK A 14 33.70 -1.31 53.59
C UNK A 14 33.74 0.21 53.52
N UNK A 15 32.91 0.78 52.64
CA UNK A 15 32.81 2.22 52.39
C UNK A 15 34.08 2.81 51.80
N UNK A 16 34.99 1.98 51.28
CA UNK A 16 36.18 2.46 50.59
C UNK A 16 36.01 2.33 49.09
N UNK A 17 36.55 3.30 48.36
CA UNK A 17 36.49 3.25 46.91
C UNK A 17 37.34 2.10 46.38
N UNK A 18 36.83 1.45 45.32
CA UNK A 18 37.51 0.31 44.73
C UNK A 18 37.26 0.30 43.23
N UNK A 19 38.08 -0.45 42.51
CA UNK A 19 37.96 -0.54 41.06
C UNK A 19 38.40 -1.91 40.58
N UNK A 20 37.63 -2.45 39.63
CA UNK A 20 37.93 -3.72 38.98
C UNK A 20 38.20 -3.45 37.51
N UNK A 21 39.30 -3.98 37.00
CA UNK A 21 39.78 -3.65 35.66
C UNK A 21 39.66 -4.85 34.72
N UNK A 22 39.52 -4.54 33.44
CA UNK A 22 39.51 -5.52 32.36
C UNK A 22 40.43 -5.02 31.26
N UNK A 23 41.02 -5.97 30.52
CA UNK A 23 41.98 -5.66 29.48
C UNK A 23 41.70 -6.53 28.26
N UNK A 24 41.62 -5.89 27.10
CA UNK A 24 41.35 -6.58 25.84
C UNK A 24 42.67 -7.07 25.25
N UNK A 25 42.75 -8.37 24.97
CA UNK A 25 44.00 -8.94 24.47
C UNK A 25 44.30 -8.47 23.05
N UNK A 26 43.33 -8.55 22.16
CA UNK A 26 43.52 -8.34 20.73
C UNK A 26 42.45 -7.41 20.18
N UNK A 27 42.21 -6.31 20.90
CA UNK A 27 41.25 -5.31 20.46
C UNK A 27 41.70 -3.96 21.00
N UNK A 28 41.23 -2.90 20.33
CA UNK A 28 41.59 -1.55 20.75
C UNK A 28 40.96 -1.18 22.08
N UNK A 29 39.77 -1.71 22.37
CA UNK A 29 39.02 -1.40 23.59
C UNK A 29 38.64 0.08 23.65
N UNK A 30 38.60 0.74 22.49
CA UNK A 30 38.06 2.09 22.36
C UNK A 30 37.10 2.17 21.18
N UNK A 31 37.21 1.26 20.21
CA UNK A 31 36.34 1.19 19.06
C UNK A 31 35.12 0.30 19.30
N UNK A 32 35.00 -0.32 20.48
CA UNK A 32 33.86 -1.15 20.81
C UNK A 32 33.40 -0.81 22.23
N UNK A 33 32.09 -0.93 22.45
CA UNK A 33 31.48 -0.47 23.69
C UNK A 33 31.53 -1.58 24.73
N UNK A 34 32.23 -1.33 25.83
CA UNK A 34 32.28 -2.27 26.94
C UNK A 34 31.11 -2.03 27.88
N UNK A 35 30.58 -3.12 28.44
CA UNK A 35 29.48 -3.08 29.38
C UNK A 35 29.86 -3.94 30.58
N UNK A 36 29.21 -3.69 31.71
CA UNK A 36 29.56 -4.36 32.96
C UNK A 36 28.29 -4.76 33.69
N UNK A 37 28.29 -6.00 34.18
CA UNK A 37 27.13 -6.56 34.88
C UNK A 37 27.61 -7.35 36.10
N UNK A 38 26.81 -7.28 37.16
CA UNK A 38 27.14 -7.91 38.43
C UNK A 38 26.10 -8.98 38.76
N UNK A 39 26.60 -10.16 39.13
CA UNK A 39 25.77 -11.28 39.54
C UNK A 39 26.13 -11.70 40.95
N UNK A 40 25.11 -11.79 41.82
CA UNK A 40 25.32 -12.37 43.13
C UNK A 40 25.42 -13.89 43.01
N UNK A 41 25.81 -14.53 44.10
CA UNK A 41 25.95 -15.98 44.09
C UNK A 41 24.59 -16.63 43.86
N UNK A 42 24.51 -17.47 42.83
CA UNK A 42 23.29 -18.18 42.46
C UNK A 42 22.16 -17.20 42.13
N UNK A 43 22.40 -16.34 41.16
CA UNK A 43 21.40 -15.37 40.73
C UNK A 43 21.73 -14.89 39.32
N UNK A 44 20.74 -14.32 38.66
CA UNK A 44 20.94 -13.79 37.31
C UNK A 44 21.73 -12.49 37.37
N UNK A 45 22.61 -12.30 36.38
CA UNK A 45 23.42 -11.10 36.33
C UNK A 45 22.55 -9.88 36.07
N UNK A 46 22.97 -8.74 36.62
CA UNK A 46 22.28 -7.46 36.48
C UNK A 46 23.25 -6.41 35.98
N UNK A 47 22.83 -5.65 34.97
CA UNK A 47 23.72 -4.66 34.36
C UNK A 47 24.03 -3.55 35.34
N UNK A 48 25.28 -3.11 35.33
CA UNK A 48 25.77 -1.99 36.14
C UNK A 48 26.35 -0.85 35.30
N UNK A 49 26.73 -1.13 34.05
CA UNK A 49 27.17 -0.11 33.12
C UNK A 49 26.77 -0.52 31.71
N UNK A 50 25.83 0.24 31.13
CA UNK A 50 25.24 -0.12 29.84
C UNK A 50 26.18 0.12 28.68
N UNK A 51 26.95 1.20 28.73
CA UNK A 51 27.93 1.55 27.70
C UNK A 51 29.27 1.71 28.40
N UNK A 52 30.25 2.26 27.68
CA UNK A 52 31.59 2.41 28.23
C UNK A 52 31.58 3.20 29.53
N UNK A 53 30.65 4.16 29.66
CA UNK A 53 30.53 4.98 30.85
C UNK A 53 29.10 5.17 31.35
N UNK A 54 28.10 5.00 30.50
CA UNK A 54 26.73 5.30 30.90
C UNK A 54 26.22 4.25 31.89
N UNK A 55 25.73 4.72 33.03
CA UNK A 55 25.20 3.83 34.06
C UNK A 55 23.79 3.39 33.71
N UNK A 56 23.49 2.13 34.01
CA UNK A 56 22.18 1.57 33.71
C UNK A 56 21.10 2.31 34.48
N UNK A 57 19.87 2.20 34.00
CA UNK A 57 18.75 2.86 34.65
C UNK A 57 18.51 2.26 36.03
N UNK A 58 18.31 3.14 37.02
CA UNK A 58 18.00 2.76 38.40
C UNK A 58 19.16 2.02 39.08
N UNK A 59 20.36 2.07 38.50
CA UNK A 59 21.52 1.50 39.17
C UNK A 59 21.97 2.41 40.29
N UNK A 60 22.68 1.84 41.26
CA UNK A 60 23.16 2.61 42.40
C UNK A 60 24.15 3.67 41.94
N UNK A 61 24.11 4.84 42.59
CA UNK A 61 24.97 5.94 42.19
C UNK A 61 26.44 5.65 42.40
N UNK A 62 26.79 4.73 43.31
CA UNK A 62 28.18 4.43 43.58
C UNK A 62 28.90 3.85 42.38
N UNK A 63 28.21 3.09 41.54
CA UNK A 63 28.84 2.42 40.40
C UNK A 63 29.15 3.42 39.31
N UNK A 64 30.32 3.27 38.70
CA UNK A 64 30.75 4.11 37.59
C UNK A 64 31.70 3.29 36.73
N UNK A 65 32.03 3.81 35.55
CA UNK A 65 32.87 3.09 34.61
C UNK A 65 33.73 4.05 33.82
N UNK A 66 34.84 3.53 33.29
CA UNK A 66 35.76 4.32 32.48
C UNK A 66 36.49 3.39 31.52
N UNK A 67 37.01 4.00 30.45
CA UNK A 67 37.79 3.27 29.45
C UNK A 67 39.01 4.10 29.10
N UNK A 68 40.13 3.41 28.84
CA UNK A 68 41.39 4.05 28.51
C UNK A 68 42.09 3.24 27.44
N UNK A 69 42.44 3.92 26.33
CA UNK A 69 43.17 3.26 25.26
C UNK A 69 44.59 2.91 25.70
N UNK A 70 45.12 3.58 26.72
CA UNK A 70 46.39 3.19 27.30
C UNK A 70 46.30 1.78 27.84
N UNK A 71 47.03 0.85 27.21
CA UNK A 71 47.00 -0.57 27.52
C UNK A 71 45.71 -1.25 27.12
N UNK A 72 44.82 -0.54 26.40
CA UNK A 72 43.56 -1.09 25.91
C UNK A 72 42.75 -1.72 27.05
N UNK A 73 42.39 -0.87 28.01
CA UNK A 73 41.77 -1.34 29.25
C UNK A 73 40.49 -0.57 29.54
N UNK A 74 39.67 -1.17 30.39
CA UNK A 74 38.47 -0.53 30.91
C UNK A 74 38.38 -0.89 32.39
N UNK A 75 37.49 -0.20 33.11
CA UNK A 75 37.41 -0.44 34.54
C UNK A 75 36.10 0.06 35.10
N UNK A 76 35.48 -0.77 35.94
CA UNK A 76 34.35 -0.36 36.77
C UNK A 76 34.89 0.08 38.12
N UNK A 77 34.16 0.99 38.77
CA UNK A 77 34.58 1.55 40.04
C UNK A 77 33.37 1.76 40.93
N UNK A 78 33.53 1.36 42.20
CA UNK A 78 32.55 1.63 43.25
C UNK A 78 33.11 2.74 44.12
N UNK A 79 32.35 3.84 44.24
CA UNK A 79 32.81 4.97 45.02
C UNK A 79 32.97 4.61 46.49
N UNK A 80 32.03 3.84 47.03
CA UNK A 80 32.10 3.41 48.42
C UNK A 80 31.41 2.06 48.52
N UNK A 81 32.20 1.00 48.74
CA UNK A 81 31.63 -0.34 48.83
C UNK A 81 30.65 -0.43 49.98
N UNK A 82 29.46 -0.94 49.70
CA UNK A 82 28.37 -0.97 50.66
C UNK A 82 28.25 -2.30 51.40
N UNK A 83 29.22 -3.20 51.24
CA UNK A 83 29.14 -4.50 51.90
C UNK A 83 28.25 -5.47 51.16
N UNK A 84 27.00 -5.08 50.94
CA UNK A 84 26.11 -5.83 50.06
C UNK A 84 26.46 -5.66 48.59
N UNK A 85 27.39 -4.77 48.25
CA UNK A 85 27.86 -4.64 46.87
C UNK A 85 28.83 -5.74 46.48
N UNK A 86 29.24 -6.60 47.42
CA UNK A 86 30.13 -7.69 47.07
C UNK A 86 29.40 -8.73 46.23
N UNK A 87 29.97 -9.05 45.08
CA UNK A 87 29.36 -9.99 44.14
C UNK A 87 30.38 -10.27 43.04
N UNK A 88 29.95 -11.09 42.08
CA UNK A 88 30.78 -11.43 40.91
C UNK A 88 30.48 -10.43 39.78
N UNK A 89 31.41 -9.50 39.59
CA UNK A 89 31.26 -8.46 38.59
C UNK A 89 32.07 -8.82 37.34
N UNK A 90 31.40 -8.83 36.19
CA UNK A 90 32.00 -9.30 34.94
C UNK A 90 31.74 -8.30 33.83
N UNK A 91 32.74 -8.13 32.98
CA UNK A 91 32.66 -7.24 31.83
C UNK A 91 32.27 -8.02 30.58
N UNK A 92 31.78 -7.29 29.58
CA UNK A 92 31.41 -7.86 28.30
C UNK A 92 31.73 -6.86 27.20
N UNK A 93 32.20 -7.37 26.06
CA UNK A 93 32.55 -6.52 24.94
C UNK A 93 32.26 -7.29 23.66
N UNK A 94 32.35 -6.57 22.53
CA UNK A 94 31.96 -7.08 21.23
C UNK A 94 33.10 -6.96 20.24
N UNK A 95 33.16 -7.92 19.31
CA UNK A 95 34.11 -7.86 18.21
C UNK A 95 33.49 -7.10 17.04
N UNK A 96 34.30 -6.90 15.99
CA UNK A 96 33.81 -6.24 14.80
C UNK A 96 32.70 -7.04 14.12
N UNK A 97 32.75 -8.37 14.22
CA UNK A 97 31.76 -9.24 13.60
C UNK A 97 30.53 -9.47 14.47
N UNK A 98 30.29 -8.62 15.47
CA UNK A 98 29.14 -8.68 16.36
C UNK A 98 29.17 -9.87 17.31
N UNK A 99 30.28 -10.62 17.36
CA UNK A 99 30.45 -11.63 18.39
C UNK A 99 30.83 -10.97 19.69
N UNK A 100 30.36 -11.54 20.80
CA UNK A 100 30.53 -10.96 22.13
C UNK A 100 31.30 -11.93 23.01
N UNK A 101 32.10 -11.36 23.91
CA UNK A 101 32.88 -12.13 24.86
C UNK A 101 32.80 -11.46 26.22
N UNK A 102 32.84 -12.30 27.27
CA UNK A 102 32.71 -11.85 28.65
C UNK A 102 33.91 -12.35 29.45
N UNK A 103 34.39 -11.51 30.35
CA UNK A 103 35.56 -11.83 31.16
C UNK A 103 35.15 -12.56 32.43
N UNK A 104 36.14 -13.15 33.08
CA UNK A 104 35.92 -13.76 34.38
C UNK A 104 35.67 -12.68 35.43
N UNK A 105 35.02 -13.09 36.52
CA UNK A 105 34.58 -12.13 37.52
C UNK A 105 35.64 -11.88 38.58
N UNK A 106 35.60 -10.69 39.16
CA UNK A 106 36.49 -10.35 40.27
C UNK A 106 36.03 -10.99 41.58
N UNK A 107 34.72 -11.11 41.78
CA UNK A 107 34.16 -11.76 42.96
C UNK A 107 34.56 -11.04 44.25
N UNK A 108 34.67 -9.72 44.16
CA UNK A 108 34.95 -8.89 45.34
C UNK A 108 34.85 -7.42 44.98
N UNK B 1 51.94 -27.37 25.51
CA UNK B 1 51.71 -28.57 26.30
C UNK B 1 52.20 -29.81 25.56
N UNK B 2 52.12 -30.96 26.22
CA UNK B 2 52.55 -32.21 25.61
C UNK B 2 51.78 -33.36 26.23
N UNK B 3 51.84 -34.51 25.56
CA UNK B 3 51.20 -35.72 26.04
C UNK B 3 52.08 -36.91 25.66
N UNK B 4 51.95 -37.99 26.42
CA UNK B 4 52.76 -39.18 26.21
C UNK B 4 51.94 -40.43 26.50
N UNK B 5 51.87 -41.32 25.52
CA UNK B 5 51.26 -42.62 25.71
C UNK B 5 52.27 -43.59 26.32
N UNK B 6 51.77 -44.61 26.99
CA UNK B 6 52.63 -45.51 27.75
C UNK B 6 51.95 -46.85 27.97
N UNK B 7 52.78 -47.84 28.34
CA UNK B 7 52.35 -49.20 28.69
C UNK B 7 51.97 -50.03 27.47
N UNK B 8 52.72 -49.89 26.37
CA UNK B 8 52.59 -50.77 25.22
C UNK B 8 53.64 -51.88 25.30
N UNK B 9 53.23 -53.09 24.90
CA UNK B 9 54.11 -54.26 24.98
C UNK B 9 53.63 -55.31 24.00
N UNK B 10 54.44 -56.37 23.87
CA UNK B 10 54.15 -57.47 22.95
C UNK B 10 53.22 -58.46 23.64
N UNK B 11 51.94 -58.12 23.69
CA UNK B 11 50.96 -58.97 24.34
C UNK B 11 50.73 -60.24 23.54
N UNK B 12 50.43 -61.33 24.24
CA UNK B 12 50.01 -62.55 23.58
C UNK B 12 48.61 -62.37 23.01
N UNK B 13 48.29 -63.17 22.00
CA UNK B 13 47.00 -63.04 21.33
C UNK B 13 45.86 -63.31 22.30
N UNK B 14 44.80 -62.51 22.20
CA UNK B 14 43.59 -62.62 23.01
C UNK B 14 43.83 -62.32 24.48
N UNK B 15 44.92 -61.63 24.81
CA UNK B 15 45.21 -61.23 26.18
C UNK B 15 44.76 -59.79 26.42
N UNK B 16 44.22 -59.56 27.61
CA UNK B 16 43.79 -58.22 27.99
C UNK B 16 44.99 -57.28 28.12
N UNK B 17 44.78 -56.03 27.75
CA UNK B 17 45.85 -55.03 27.82
C UNK B 17 45.26 -53.67 28.12
N UNK B 18 46.13 -52.77 28.58
CA UNK B 18 45.71 -51.40 28.88
C UNK B 18 46.89 -50.47 28.64
N UNK B 19 46.58 -49.29 28.09
CA UNK B 19 47.56 -48.25 27.81
C UNK B 19 47.11 -46.98 28.49
N UNK B 20 48.10 -46.15 28.86
CA UNK B 20 47.84 -44.93 29.62
C UNK B 20 48.33 -43.73 28.82
N UNK B 21 47.79 -42.57 29.16
CA UNK B 21 48.17 -41.31 28.52
C UNK B 21 48.36 -40.26 29.61
N UNK B 22 49.60 -39.79 29.77
CA UNK B 22 49.94 -38.80 30.77
C UNK B 22 50.27 -37.48 30.11
N UNK B 23 49.68 -36.40 30.62
CA UNK B 23 49.86 -35.07 30.08
C UNK B 23 50.97 -34.34 30.82
N UNK B 24 51.58 -33.37 30.13
CA UNK B 24 52.65 -32.55 30.67
C UNK B 24 52.41 -31.10 30.29
N UNK B 25 52.60 -30.20 31.25
CA UNK B 25 52.31 -28.78 31.08
C UNK B 25 50.85 -28.57 30.68
N UNK B 26 49.96 -29.37 31.27
CA UNK B 26 48.53 -29.25 31.03
C UNK B 26 47.80 -30.09 32.06
N UNK B 27 46.49 -29.85 32.16
CA UNK B 27 45.62 -30.62 33.05
C UNK B 27 44.77 -31.54 32.18
N UNK B 28 45.05 -32.85 32.25
CA UNK B 28 44.27 -33.80 31.47
C UNK B 28 42.81 -33.84 31.90
N UNK B 29 42.53 -33.41 33.15
CA UNK B 29 41.14 -33.35 33.61
C UNK B 29 40.35 -32.29 32.85
N UNK B 30 41.01 -31.22 32.40
CA UNK B 30 40.32 -30.13 31.73
C UNK B 30 40.14 -30.37 30.23
N UNK B 31 41.09 -31.06 29.61
CA UNK B 31 41.03 -31.31 28.17
C UNK B 31 40.26 -32.60 27.87
N UNK B 32 39.58 -32.61 26.72
CA UNK B 32 38.84 -33.77 26.26
C UNK B 32 39.77 -34.62 25.42
N UNK B 33 40.16 -35.78 25.94
CA UNK B 33 41.19 -36.58 25.30
C UNK B 33 40.59 -37.47 24.22
N UNK B 34 41.46 -37.99 23.36
CA UNK B 34 41.03 -38.85 22.28
C UNK B 34 42.12 -39.87 21.99
N UNK B 35 41.70 -41.03 21.51
CA UNK B 35 42.60 -42.14 21.22
C UNK B 35 42.36 -42.60 19.79
N UNK B 36 43.45 -42.68 19.03
CA UNK B 36 43.44 -43.15 17.66
C UNK B 36 44.53 -44.21 17.51
N UNK B 37 44.51 -44.91 16.38
CA UNK B 37 45.44 -46.00 16.13
C UNK B 37 45.77 -46.07 14.66
N UNK B 38 47.07 -46.16 14.36
CA UNK B 38 47.55 -46.34 12.99
C UNK B 38 48.28 -47.67 12.91
N UNK B 39 47.73 -48.59 12.13
CA UNK B 39 48.36 -49.90 11.96
C UNK B 39 49.70 -49.74 11.25
N UNK B 40 50.41 -50.85 11.10
CA UNK B 40 51.75 -50.82 10.53
C UNK B 40 51.64 -50.56 9.04
N UNK B 41 51.68 -49.29 8.66
CA UNK B 41 51.64 -48.88 7.27
C UNK B 41 50.28 -48.47 6.73
N UNK B 42 49.25 -48.40 7.57
CA UNK B 42 47.90 -48.03 7.15
C UNK B 42 47.53 -46.66 7.70
N UNK B 43 46.33 -46.21 7.33
CA UNK B 43 45.87 -44.89 7.74
C UNK B 43 45.41 -44.89 9.19
N UNK B 44 45.45 -43.72 9.80
CA UNK B 44 45.03 -43.58 11.19
C UNK B 44 43.52 -43.83 11.31
N UNK B 45 43.14 -44.59 12.33
CA UNK B 45 41.75 -44.91 12.61
C UNK B 45 41.37 -44.37 13.98
N UNK B 46 40.34 -43.53 14.02
CA UNK B 46 39.90 -42.96 15.29
C UNK B 46 39.18 -44.01 16.12
N UNK B 47 39.66 -44.21 17.35
CA UNK B 47 39.12 -45.22 18.24
C UNK B 47 38.08 -44.66 19.19
N UNK B 48 38.37 -43.56 19.87
CA UNK B 48 37.43 -43.09 20.89
C UNK B 48 37.79 -41.68 21.33
N UNK B 49 36.90 -41.09 22.13
CA UNK B 49 37.13 -39.82 22.80
C UNK B 49 36.51 -39.88 24.18
N UNK B 50 37.03 -39.07 25.09
CA UNK B 50 36.50 -38.91 26.43
C UNK B 50 36.43 -37.42 26.76
N UNK B 51 35.26 -37.01 27.22
CA UNK B 51 34.97 -35.61 27.48
C UNK B 51 35.63 -35.15 28.78
N UNK B 52 35.45 -33.87 29.10
CA UNK B 52 35.96 -33.35 30.36
C UNK B 52 35.33 -34.06 31.55
N UNK B 53 34.06 -34.40 31.46
CA UNK B 53 33.43 -35.28 32.43
C UNK B 53 33.80 -36.73 32.12
N UNK B 54 33.15 -37.65 32.83
CA UNK B 54 33.48 -39.06 32.70
C UNK B 54 32.94 -39.67 31.41
N UNK B 55 32.00 -39.01 30.73
CA UNK B 55 31.34 -39.62 29.59
C UNK B 55 32.32 -39.87 28.45
N UNK B 56 32.18 -41.04 27.81
CA UNK B 56 33.08 -41.49 26.76
C UNK B 56 32.27 -41.89 25.54
N UNK B 57 32.82 -41.60 24.36
CA UNK B 57 32.20 -41.92 23.08
C UNK B 57 33.19 -42.75 22.26
N UNK B 58 32.67 -43.80 21.61
CA UNK B 58 33.50 -44.76 20.93
C UNK B 58 32.94 -45.05 19.55
N UNK B 59 33.83 -45.35 18.61
CA UNK B 59 33.43 -45.69 17.25
C UNK B 59 32.73 -47.05 17.24
N UNK B 60 31.84 -47.23 16.27
CA UNK B 60 31.08 -48.48 16.19
C UNK B 60 31.99 -49.67 15.90
N UNK B 61 33.13 -49.43 15.24
CA UNK B 61 34.08 -50.51 14.99
C UNK B 61 34.60 -51.09 16.29
N UNK B 62 34.85 -50.25 17.30
CA UNK B 62 35.47 -50.65 18.55
C UNK B 62 34.56 -50.40 19.75
N UNK B 63 33.24 -50.45 19.56
CA UNK B 63 32.33 -50.21 20.68
C UNK B 63 32.50 -51.28 21.76
N UNK B 64 32.66 -52.55 21.35
CA UNK B 64 32.76 -53.66 22.29
C UNK B 64 34.21 -54.03 22.62
N UNK B 65 35.12 -53.84 21.67
CA UNK B 65 36.49 -54.33 21.87
C UNK B 65 37.27 -53.47 22.85
N UNK B 66 37.15 -52.14 22.76
CA UNK B 66 37.99 -51.22 23.52
C UNK B 66 37.10 -50.30 24.35
N UNK B 67 37.65 -49.82 25.46
CA UNK B 67 36.94 -48.95 26.38
C UNK B 67 37.89 -47.91 26.97
N UNK B 68 37.52 -46.65 26.84
CA UNK B 68 38.32 -45.55 27.35
C UNK B 68 37.83 -45.12 28.73
N UNK B 69 38.75 -44.59 29.53
CA UNK B 69 38.44 -44.14 30.88
C UNK B 69 39.42 -43.04 31.25
N UNK B 70 39.10 -42.31 32.32
CA UNK B 70 39.88 -41.14 32.71
C UNK B 70 40.01 -41.09 34.22
N UNK B 71 41.23 -40.81 34.68
CA UNK B 71 41.51 -40.38 36.04
C UNK B 71 41.96 -38.93 35.99
N UNK B 72 42.00 -38.29 37.16
CA UNK B 72 42.39 -36.89 37.22
C UNK B 72 43.83 -36.69 36.75
N UNK B 73 44.70 -37.67 36.98
CA UNK B 73 46.10 -37.52 36.61
C UNK B 73 46.37 -37.93 35.16
N UNK B 74 45.70 -38.98 34.67
CA UNK B 74 46.03 -39.54 33.36
C UNK B 74 44.81 -40.27 32.81
N UNK B 75 44.73 -40.30 31.48
CA UNK B 75 43.69 -41.05 30.77
C UNK B 75 44.17 -42.46 30.48
N UNK B 76 43.25 -43.31 30.04
CA UNK B 76 43.60 -44.70 29.79
C UNK B 76 42.63 -45.31 28.79
N UNK B 77 43.12 -46.36 28.11
CA UNK B 77 42.29 -47.17 27.23
C UNK B 77 42.60 -48.63 27.53
N UNK B 78 41.54 -49.45 27.51
CA UNK B 78 41.67 -50.88 27.82
C UNK B 78 41.11 -51.67 26.65
N UNK B 79 41.79 -52.77 26.33
CA UNK B 79 41.43 -53.62 25.21
C UNK B 79 41.31 -55.05 25.71
N UNK B 80 40.17 -55.67 25.38
CA UNK B 80 39.88 -57.06 25.71
C UNK B 80 39.88 -57.89 24.45
N UNK B 81 40.50 -59.07 24.54
CA UNK B 81 40.66 -59.97 23.41
C UNK B 81 41.39 -59.28 22.26
N UNK B 82 42.62 -58.86 22.55
CA UNK B 82 43.44 -58.23 21.53
C UNK B 82 43.85 -59.24 20.47
N UNK B 83 43.27 -59.13 19.29
CA UNK B 83 43.55 -60.07 18.22
C UNK B 83 44.91 -59.77 17.60
N UNK B 84 45.34 -60.66 16.70
CA UNK B 84 46.60 -60.44 16.01
C UNK B 84 46.53 -59.24 15.08
N UNK B 85 45.33 -58.88 14.63
CA UNK B 85 45.15 -57.72 13.75
C UNK B 85 45.08 -56.40 14.51
N UNK B 86 45.14 -56.43 15.83
CA UNK B 86 45.12 -55.21 16.63
C UNK B 86 46.48 -54.59 16.83
N UNK B 87 47.55 -55.18 16.29
CA UNK B 87 48.86 -54.57 16.37
C UNK B 87 48.88 -53.25 15.63
N UNK B 88 49.34 -52.20 16.31
CA UNK B 88 49.29 -50.86 15.74
C UNK B 88 50.04 -49.90 16.66
N UNK B 89 50.30 -48.71 16.13
CA UNK B 89 50.80 -47.59 16.92
C UNK B 89 49.58 -46.82 17.43
N UNK B 90 49.35 -46.92 18.74
CA UNK B 90 48.22 -46.26 19.36
C UNK B 90 48.65 -44.94 19.96
N UNK B 91 47.93 -43.88 19.62
CA UNK B 91 48.33 -42.51 19.95
C UNK B 91 47.18 -41.78 20.61
N UNK B 92 47.52 -41.02 21.65
CA UNK B 92 46.59 -40.13 22.32
C UNK B 92 46.70 -38.72 21.77
N UNK B 93 45.65 -37.94 21.96
CA UNK B 93 45.60 -36.58 21.44
C UNK B 93 44.62 -35.77 22.27
N UNK B 94 44.72 -34.45 22.16
CA UNK B 94 43.81 -33.53 22.82
C UNK B 94 42.83 -32.98 21.80
N UNK B 95 41.55 -33.34 21.93
CA UNK B 95 40.53 -32.96 20.96
C UNK B 95 40.06 -31.51 21.16
N UNK B 96 40.98 -30.57 21.02
CA UNK B 96 40.61 -29.16 21.09
C UNK B 96 40.04 -28.70 19.77
N UNK B 97 38.91 -27.98 19.83
CA UNK B 97 38.20 -27.50 18.65
C UNK B 97 37.76 -28.64 17.73
N UNK B 98 37.54 -29.82 18.30
CA UNK B 98 37.12 -31.00 17.53
C UNK B 98 38.11 -31.34 16.43
N UNK B 99 39.42 -31.20 16.70
CA UNK B 99 40.42 -31.36 15.65
C UNK B 99 41.69 -32.08 16.10
N UNK B 100 41.78 -32.53 17.34
CA UNK B 100 42.95 -33.26 17.83
C UNK B 100 44.22 -32.43 17.65
N UNK B 101 44.30 -31.31 18.37
CA UNK B 101 45.36 -30.33 18.14
C UNK B 101 46.73 -30.88 18.51
N UNK B 102 46.87 -31.42 19.72
CA UNK B 102 48.16 -31.85 20.26
C UNK B 102 48.21 -33.36 20.25
N UNK B 103 48.91 -33.92 19.26
CA UNK B 103 49.04 -35.37 19.13
C UNK B 103 50.21 -35.87 19.95
N UNK B 104 49.95 -36.89 20.76
CA UNK B 104 50.97 -37.43 21.65
C UNK B 104 51.93 -38.34 20.89
N UNK B 105 53.07 -38.62 21.51
CA UNK B 105 53.96 -39.65 21.00
C UNK B 105 53.25 -41.00 21.06
N UNK B 106 53.51 -41.83 20.06
CA UNK B 106 52.79 -43.09 19.93
C UNK B 106 53.40 -44.17 20.81
N UNK B 107 52.69 -45.29 20.90
CA UNK B 107 53.16 -46.49 21.57
C UNK B 107 52.74 -47.71 20.77
N UNK B 108 53.69 -48.57 20.44
CA UNK B 108 53.45 -49.70 19.54
C UNK B 108 52.96 -50.88 20.36
N UNK B 109 51.66 -51.18 20.28
CA UNK B 109 51.05 -52.28 21.02
C UNK B 109 51.02 -53.53 20.15
N UNK B 110 52.19 -54.10 19.95
CA UNK B 110 52.30 -55.31 19.12
C UNK B 110 51.58 -56.47 19.79
N UNK B 111 51.06 -57.37 18.95
CA UNK B 111 50.35 -58.56 19.42
C UNK B 111 50.82 -59.76 18.61
N UNK B 112 50.71 -60.93 19.22
CA UNK B 112 51.11 -62.18 18.58
C UNK B 112 52.39 -62.74 19.17
N UNK C 1 10.55 -5.98 30.15
CA UNK C 1 9.54 -6.44 31.10
C UNK C 1 10.04 -7.66 31.86
N UNK C 2 10.07 -8.82 31.19
CA UNK C 2 10.56 -10.04 31.82
C UNK C 2 10.89 -11.06 30.74
N UNK C 3 11.70 -12.03 31.11
CA UNK C 3 12.05 -13.16 30.26
C UNK C 3 12.19 -14.39 31.13
N UNK C 4 11.81 -15.55 30.59
CA UNK C 4 11.83 -16.79 31.34
C UNK C 4 12.35 -17.92 30.47
N UNK C 5 13.43 -18.55 30.92
CA UNK C 5 13.97 -19.72 30.25
C UNK C 5 13.22 -20.97 30.67
N UNK C 6 13.27 -21.99 29.82
CA UNK C 6 12.49 -23.20 30.04
C UNK C 6 13.07 -24.35 29.25
N UNK C 7 12.60 -25.55 29.59
CA UNK C 7 13.03 -26.82 29.00
C UNK C 7 14.42 -27.23 29.48
N UNK C 8 14.71 -26.96 30.75
CA UNK C 8 15.85 -27.59 31.40
C UNK C 8 15.60 -29.09 31.52
N UNK C 9 16.66 -29.87 31.39
CA UNK C 9 16.52 -31.32 31.46
C UNK C 9 17.88 -31.98 31.57
N UNK C 10 17.86 -33.27 31.86
CA UNK C 10 19.05 -34.10 31.77
C UNK C 10 19.08 -34.82 30.43
N UNK C 11 20.17 -34.59 29.69
CA UNK C 11 20.35 -35.15 28.35
C UNK C 11 21.41 -36.23 28.39
N UNK C 12 21.19 -37.28 27.60
CA UNK C 12 22.19 -38.32 27.46
C UNK C 12 23.46 -37.73 26.85
N UNK C 13 24.58 -38.38 27.10
CA UNK C 13 25.85 -37.88 26.62
C UNK C 13 25.86 -37.81 25.10
N UNK C 14 26.26 -36.65 24.57
CA UNK C 14 26.30 -36.38 23.14
C UNK C 14 24.92 -36.47 22.49
N UNK C 15 23.87 -36.10 23.21
CA UNK C 15 22.51 -36.10 22.72
C UNK C 15 22.06 -34.68 22.38
N UNK C 16 20.78 -34.54 22.04
CA UNK C 16 20.20 -33.27 21.65
C UNK C 16 19.19 -32.78 22.67
N UNK C 17 18.97 -31.47 22.68
CA UNK C 17 17.98 -30.83 23.55
C UNK C 17 17.47 -29.58 22.85
N UNK C 18 16.48 -28.93 23.48
CA UNK C 18 15.89 -27.73 22.93
C UNK C 18 15.47 -26.81 24.06
N UNK C 19 16.33 -25.84 24.39
CA UNK C 19 15.99 -24.84 25.39
C UNK C 19 15.10 -23.78 24.76
N UNK C 20 14.27 -23.14 25.59
CA UNK C 20 13.32 -22.15 25.11
C UNK C 20 13.36 -20.94 26.03
N UNK C 21 12.87 -19.81 25.51
CA UNK C 21 12.81 -18.57 26.26
C UNK C 21 11.57 -17.81 25.83
N UNK C 22 10.73 -17.46 26.81
CA UNK C 22 9.51 -16.71 26.59
C UNK C 22 9.67 -15.30 27.13
N UNK C 23 9.37 -14.32 26.28
CA UNK C 23 9.52 -12.90 26.61
C UNK C 23 8.16 -12.26 26.73
N UNK C 24 7.92 -11.58 27.84
CA UNK C 24 6.66 -10.89 28.09
C UNK C 24 6.65 -9.56 27.33
N UNK C 25 5.45 -9.01 27.16
CA UNK C 25 5.28 -7.72 26.52
C UNK C 25 4.90 -7.85 25.06
N UNK C 26 4.73 -6.68 24.44
CA UNK C 26 4.32 -6.60 23.04
C UNK C 26 5.48 -6.37 22.09
N UNK C 27 6.64 -5.93 22.58
CA UNK C 27 7.79 -5.65 21.73
C UNK C 27 8.56 -6.94 21.42
N UNK C 28 7.98 -7.75 20.54
CA UNK C 28 8.58 -9.04 20.22
C UNK C 28 9.78 -8.89 19.30
N UNK C 29 9.72 -7.97 18.34
CA UNK C 29 10.76 -7.83 17.33
C UNK C 29 11.89 -6.93 17.77
N UNK C 30 11.58 -5.82 18.45
CA UNK C 30 12.62 -4.89 18.86
C UNK C 30 13.52 -5.47 19.94
N UNK C 31 12.97 -6.30 20.84
CA UNK C 31 13.72 -6.86 21.95
C UNK C 31 14.64 -7.98 21.46
N UNK C 32 15.79 -7.56 20.94
CA UNK C 32 16.80 -8.51 20.48
C UNK C 32 17.32 -9.34 21.64
N UNK C 33 17.39 -10.65 21.43
CA UNK C 33 17.65 -11.61 22.51
C UNK C 33 19.00 -12.28 22.33
N UNK C 34 19.58 -12.69 23.46
CA UNK C 34 20.86 -13.37 23.49
C UNK C 34 20.77 -14.53 24.47
N UNK C 35 21.60 -15.54 24.27
CA UNK C 35 21.66 -16.73 25.10
C UNK C 35 23.08 -16.92 25.59
N UNK C 36 23.25 -16.87 26.91
CA UNK C 36 24.53 -17.05 27.57
C UNK C 36 24.43 -18.27 28.48
N UNK C 37 25.57 -18.73 28.96
CA UNK C 37 25.60 -19.95 29.77
C UNK C 37 26.74 -19.87 30.77
N UNK C 38 26.40 -20.03 32.05
CA UNK C 38 27.39 -20.08 33.11
C UNK C 38 27.56 -21.53 33.56
N UNK C 39 28.80 -22.02 33.51
CA UNK C 39 29.04 -23.39 33.92
C UNK C 39 28.89 -23.52 35.42
N UNK C 40 29.18 -24.72 35.93
CA UNK C 40 28.99 -24.99 37.35
C UNK C 40 29.84 -24.08 38.22
N UNK C 41 31.10 -23.83 37.83
CA UNK C 41 32.03 -23.01 38.60
C UNK C 41 32.78 -22.06 37.69
N UNK C 42 32.06 -21.33 36.83
CA UNK C 42 32.69 -20.42 35.89
C UNK C 42 31.74 -19.26 35.61
N UNK C 43 32.31 -18.18 35.08
CA UNK C 43 31.53 -17.00 34.77
C UNK C 43 30.78 -17.18 33.46
N UNK C 44 29.81 -16.29 33.23
CA UNK C 44 28.94 -16.40 32.07
C UNK C 44 29.73 -16.27 30.78
N UNK C 45 29.43 -17.13 29.82
CA UNK C 45 30.00 -17.10 28.48
C UNK C 45 28.89 -17.01 27.45
N UNK C 46 29.01 -16.04 26.55
CA UNK C 46 28.00 -15.85 25.52
C UNK C 46 28.00 -17.04 24.56
N UNK C 47 26.81 -17.50 24.21
CA UNK C 47 26.62 -18.65 23.32
C UNK C 47 25.97 -18.29 22.00
N UNK C 48 24.96 -17.42 21.99
CA UNK C 48 24.27 -17.12 20.74
C UNK C 48 23.51 -15.80 20.88
N UNK C 49 23.07 -15.27 19.74
CA UNK C 49 22.25 -14.08 19.70
C UNK C 49 21.29 -14.17 18.53
N UNK C 50 20.01 -13.91 18.79
CA UNK C 50 18.98 -13.91 17.77
C UNK C 50 18.15 -12.64 17.92
N UNK C 51 17.93 -11.94 16.81
CA UNK C 51 17.08 -10.76 16.76
C UNK C 51 15.83 -11.13 15.98
N UNK C 52 14.75 -11.44 16.69
CA UNK C 52 13.49 -11.72 16.04
C UNK C 52 13.02 -10.47 15.29
N UNK C 53 12.42 -10.69 14.12
CA UNK C 53 12.02 -9.59 13.25
C UNK C 53 13.07 -9.28 12.21
N UNK C 54 14.26 -8.85 12.64
CA UNK C 54 15.36 -8.65 11.70
C UNK C 54 15.99 -9.98 11.29
N UNK C 55 15.77 -11.03 12.07
CA UNK C 55 16.19 -12.39 11.74
C UNK C 55 17.70 -12.56 11.70
N UNK C 56 18.46 -11.65 12.31
CA UNK C 56 19.89 -11.83 12.43
C UNK C 56 20.19 -12.88 13.50
N UNK C 57 21.09 -13.80 13.17
CA UNK C 57 21.46 -14.87 14.08
C UNK C 57 22.97 -15.06 14.04
N UNK C 58 23.60 -14.98 15.22
CA UNK C 58 25.03 -15.14 15.35
C UNK C 58 25.29 -16.12 16.49
N UNK C 59 26.41 -16.84 16.39
CA UNK C 59 26.73 -17.90 17.32
C UNK C 59 28.21 -17.85 17.68
N UNK C 60 28.52 -18.25 18.90
CA UNK C 60 29.90 -18.24 19.37
C UNK C 60 30.70 -19.34 18.68
N UNK C 61 32.02 -19.16 18.64
CA UNK C 61 32.87 -20.14 17.99
C UNK C 61 32.85 -21.48 18.72
N UNK C 62 32.65 -21.44 20.04
CA UNK C 62 32.61 -22.69 20.80
C UNK C 62 31.44 -23.57 20.39
N UNK C 63 30.29 -22.96 20.10
CA UNK C 63 29.07 -23.67 19.72
C UNK C 63 28.55 -23.17 18.38
N UNK C 64 29.46 -22.77 17.48
CA UNK C 64 29.06 -22.27 16.17
C UNK C 64 28.31 -23.30 15.35
N UNK C 65 28.70 -24.58 15.45
CA UNK C 65 27.94 -25.67 14.89
C UNK C 65 27.38 -26.49 16.03
N UNK C 66 26.41 -27.34 15.71
CA UNK C 66 25.75 -28.14 16.73
C UNK C 66 25.01 -27.27 17.73
N UNK C 67 24.51 -26.13 17.27
CA UNK C 67 23.63 -25.28 18.06
C UNK C 67 22.99 -24.26 17.13
N UNK C 68 21.67 -24.15 17.21
CA UNK C 68 20.91 -23.33 16.27
C UNK C 68 19.84 -22.55 17.02
N UNK C 69 19.86 -21.24 16.86
CA UNK C 69 18.86 -20.36 17.46
C UNK C 69 17.77 -20.04 16.44
N UNK C 70 16.52 -20.06 16.91
CA UNK C 70 15.37 -19.75 16.08
C UNK C 70 14.38 -18.96 16.91
N UNK C 71 13.33 -18.45 16.26
CA UNK C 71 12.36 -17.60 16.91
C UNK C 71 10.97 -17.89 16.37
N UNK C 72 9.97 -17.54 17.18
CA UNK C 72 8.58 -17.59 16.79
C UNK C 72 7.90 -16.34 17.31
N UNK C 73 7.47 -15.47 16.39
CA UNK C 73 6.74 -14.27 16.79
C UNK C 73 5.45 -14.64 17.49
N UNK C 74 4.71 -15.60 16.94
CA UNK C 74 3.61 -16.20 17.68
C UNK C 74 4.15 -16.88 18.92
N UNK C 75 3.50 -16.63 20.05
CA UNK C 75 3.91 -17.04 21.39
C UNK C 75 5.10 -16.23 21.92
N UNK C 76 5.67 -15.32 21.12
CA UNK C 76 6.73 -14.41 21.53
C UNK C 76 7.89 -15.15 22.19
N UNK C 77 8.48 -16.07 21.43
CA UNK C 77 9.46 -16.99 22.00
C UNK C 77 10.69 -17.10 21.12
N UNK C 78 11.80 -17.42 21.76
CA UNK C 78 13.03 -17.81 21.08
C UNK C 78 13.42 -19.20 21.58
N UNK C 79 14.17 -19.93 20.75
CA UNK C 79 14.52 -21.30 21.07
C UNK C 79 15.95 -21.55 20.62
N UNK C 80 16.63 -22.44 21.34
CA UNK C 80 17.98 -22.87 21.01
C UNK C 80 17.98 -24.39 20.98
N UNK C 81 18.07 -24.96 19.78
CA UNK C 81 18.27 -26.39 19.64
C UNK C 81 19.74 -26.70 19.73
N UNK C 82 20.08 -27.64 20.62
CA UNK C 82 21.45 -28.05 20.87
C UNK C 82 21.61 -29.50 20.44
N UNK C 83 22.75 -29.79 19.82
CA UNK C 83 23.06 -31.13 19.34
C UNK C 83 24.49 -31.46 19.73
N UNK C 84 24.76 -32.76 19.83
CA UNK C 84 26.09 -33.26 20.17
C UNK C 84 26.59 -32.65 21.48
N UNK C 85 25.68 -32.54 22.44
CA UNK C 85 26.01 -31.91 23.71
C UNK C 85 27.00 -32.77 24.48
N UNK C 86 28.23 -32.26 24.62
CA UNK C 86 29.28 -32.98 25.33
C UNK C 86 29.16 -32.75 26.84
N UNK C 87 30.07 -33.38 27.58
CA UNK C 87 30.05 -33.23 29.02
C UNK C 87 30.41 -31.84 29.50
N UNK C 88 31.10 -31.07 28.65
CA UNK C 88 31.48 -29.71 29.01
C UNK C 88 30.37 -28.70 28.76
N UNK C 89 29.23 -29.11 28.22
CA UNK C 89 28.12 -28.21 27.96
C UNK C 89 27.11 -28.16 29.11
N UNK C 90 27.33 -28.90 30.19
CA UNK C 90 26.43 -28.82 31.33
C UNK C 90 26.59 -27.47 32.00
N UNK C 91 25.50 -26.72 32.08
CA UNK C 91 25.59 -25.35 32.56
C UNK C 91 24.19 -24.79 32.80
N UNK C 92 24.16 -23.65 33.50
CA UNK C 92 22.95 -22.85 33.67
C UNK C 92 22.87 -21.87 32.51
N UNK C 93 21.92 -22.14 31.61
CA UNK C 93 21.73 -21.32 30.43
C UNK C 93 20.65 -20.27 30.68
N UNK C 94 20.95 -19.02 30.33
CA UNK C 94 20.10 -17.89 30.63
C UNK C 94 19.89 -17.05 29.38
N UNK C 95 18.67 -16.57 29.21
CA UNK C 95 18.33 -15.68 28.10
C UNK C 95 18.30 -14.24 28.59
N UNK C 96 18.82 -13.34 27.76
CA UNK C 96 18.88 -11.91 28.04
C UNK C 96 18.23 -11.16 26.89
N UNK C 97 17.71 -9.97 27.20
CA UNK C 97 17.03 -9.14 26.22
C UNK C 97 17.50 -7.71 26.35
N UNK C 98 17.75 -7.08 25.20
CA UNK C 98 18.07 -5.66 25.19
C UNK C 98 16.84 -4.84 25.54
N UNK C 99 17.09 -3.68 26.17
CA UNK C 99 16.00 -2.78 26.56
C UNK C 99 16.41 -1.35 26.25
N UNK C 100 15.48 -0.58 25.70
CA UNK C 100 15.73 0.79 25.33
C UNK C 100 15.27 1.72 26.45
N UNK C 101 16.02 2.82 26.63
CA UNK C 101 15.68 3.80 27.65
C UNK C 101 16.18 5.16 27.21
N UNK C 102 15.54 6.22 27.71
CA UNK C 102 15.86 7.57 27.29
C UNK C 102 17.00 8.14 28.11
N UNK C 103 18.05 8.58 27.43
CA UNK C 103 19.15 9.31 28.02
C UNK C 103 19.43 10.53 27.16
N UNK C 104 19.60 11.68 27.80
CA UNK C 104 19.82 12.95 27.11
C UNK C 104 18.69 13.23 26.11
N UNK C 105 17.47 12.86 26.49
CA UNK C 105 16.29 13.03 25.64
C UNK C 105 16.45 12.31 24.31
N UNK C 106 17.14 11.17 24.30
CA UNK C 106 17.25 10.34 23.11
C UNK C 106 17.22 8.88 23.54
N UNK C 107 16.53 8.05 22.77
CA UNK C 107 16.42 6.63 23.11
C UNK C 107 17.73 5.92 22.79
N UNK C 108 18.29 5.25 23.80
CA UNK C 108 19.52 4.50 23.68
C UNK C 108 19.27 3.08 24.18
N UNK C 109 19.93 2.12 23.55
CA UNK C 109 19.69 0.71 23.80
C UNK C 109 20.70 0.17 24.82
N UNK C 110 20.22 -0.10 26.03
CA UNK C 110 20.99 -0.82 27.03
C UNK C 110 20.97 -2.29 26.63
N UNK C 111 22.14 -2.82 26.30
CA UNK C 111 22.22 -4.17 25.75
C UNK C 111 22.18 -5.21 26.84
N UNK C 112 21.30 -6.21 26.66
CA UNK C 112 21.15 -7.32 27.60
C UNK C 112 20.82 -6.83 29.01
N UNK C 113 19.93 -5.85 29.09
CA UNK C 113 19.56 -5.31 30.40
C UNK C 113 18.80 -6.33 31.23
N UNK C 114 17.75 -6.93 30.67
CA UNK C 114 16.93 -7.90 31.37
C UNK C 114 17.47 -9.30 31.15
N UNK C 115 17.53 -10.07 32.24
CA UNK C 115 18.03 -11.44 32.22
C UNK C 115 17.02 -12.32 32.93
N UNK C 116 16.93 -13.57 32.49
CA UNK C 116 15.92 -14.49 32.99
C UNK C 116 16.49 -15.39 34.08
N UNK C 117 15.60 -16.10 34.77
CA UNK C 117 16.03 -17.20 35.61
C UNK C 117 16.57 -18.31 34.72
N UNK C 118 17.61 -18.99 35.20
CA UNK C 118 18.35 -19.92 34.35
C UNK C 118 17.61 -21.24 34.19
N UNK C 119 18.03 -22.00 33.19
CA UNK C 119 17.52 -23.34 32.90
C UNK C 119 18.73 -24.28 32.89
N UNK C 120 18.93 -25.00 33.99
CA UNK C 120 20.13 -25.81 34.16
C UNK C 120 20.03 -27.08 33.33
N UNK C 121 20.92 -27.22 32.35
CA UNK C 121 21.03 -28.43 31.55
C UNK C 121 22.25 -29.21 31.99
N UNK C 122 22.08 -30.53 32.11
CA UNK C 122 23.13 -31.41 32.61
C UNK C 122 23.26 -32.63 31.71
N UNK C 123 24.44 -32.80 31.12
CA UNK C 123 24.74 -33.94 30.29
C UNK C 123 25.33 -35.04 31.16
N UNK C 124 24.56 -36.11 31.37
CA UNK C 124 24.98 -37.21 32.21
C UNK C 124 24.31 -38.48 31.75
N UNK C 125 24.89 -39.62 32.14
CA UNK C 125 24.36 -40.92 31.76
C UNK C 125 22.98 -41.15 32.39
N LEU D 39 -42.78 59.02 32.96
CA LEU D 39 -44.22 59.06 33.17
C LEU D 39 -44.94 58.10 32.22
N TRP D 40 -44.36 57.86 31.05
CA TRP D 40 -44.92 56.95 30.05
C TRP D 40 -43.81 56.17 29.36
N VAL D 41 -44.05 54.88 29.16
CA VAL D 41 -43.06 54.01 28.51
C VAL D 41 -42.88 54.48 27.08
N THR D 42 -41.63 54.49 26.62
CA THR D 42 -41.30 54.80 25.24
C THR D 42 -40.19 53.86 24.77
N VAL D 43 -40.35 53.38 23.53
CA VAL D 43 -39.40 52.39 22.97
C VAL D 43 -38.44 53.05 21.97
N TYR D 44 -37.15 53.00 22.24
CA TYR D 44 -36.10 53.53 21.39
C TYR D 44 -35.40 52.37 20.69
N TYR D 45 -34.98 52.60 19.45
CA TYR D 45 -34.18 51.66 18.69
C TYR D 45 -32.89 52.35 18.29
N GLY D 46 -31.77 51.66 18.43
CA GLY D 46 -30.46 52.22 18.20
C GLY D 46 -29.76 52.62 19.49
N VAL D 47 -30.25 52.09 20.62
CA VAL D 47 -29.72 52.47 21.93
C VAL D 47 -28.27 52.03 22.05
N PRO D 48 -27.34 52.87 22.56
CA PRO D 48 -25.96 52.37 22.75
C PRO D 48 -25.80 51.57 24.03
N VAL D 49 -26.26 50.32 23.98
CA VAL D 49 -26.16 49.38 25.09
C VAL D 49 -25.60 48.08 24.54
N TRP D 50 -24.71 47.44 25.31
CA TRP D 50 -24.06 46.22 24.87
C TRP D 50 -24.02 45.20 26.00
N LYS D 51 -23.78 43.95 25.62
CA LYS D 51 -23.66 42.83 26.54
C LYS D 51 -22.46 41.99 26.14
N ASP D 52 -21.90 41.28 27.12
CA ASP D 52 -20.82 40.35 26.82
C ASP D 52 -21.36 39.18 26.01
N ALA D 53 -20.69 38.86 24.91
CA ALA D 53 -21.18 37.85 23.99
C ALA D 53 -20.02 37.21 23.25
N GLU D 54 -20.27 36.02 22.72
CA GLU D 54 -19.29 35.24 21.98
C GLU D 54 -19.75 35.09 20.53
N THR D 55 -18.83 35.33 19.60
CA THR D 55 -19.15 35.24 18.19
C THR D 55 -17.88 34.88 17.43
N THR D 56 -18.06 34.34 16.22
CA THR D 56 -16.92 33.96 15.40
C THR D 56 -16.35 35.19 14.71
N LEU D 57 -15.17 35.62 15.17
CA LEU D 57 -14.50 36.77 14.61
C LEU D 57 -13.79 36.40 13.32
N PHE D 58 -14.07 37.16 12.27
CA PHE D 58 -13.45 36.92 10.98
C PHE D 58 -12.10 37.63 10.92
N CYS D 59 -11.12 36.92 10.37
CA CYS D 59 -9.75 37.38 10.32
C CYS D 59 -9.59 38.48 9.28
N ALA D 60 -8.46 39.18 9.36
CA ALA D 60 -8.15 40.25 8.41
C ALA D 60 -6.66 40.57 8.48
N SER D 61 -6.09 40.93 7.34
CA SER D 61 -4.67 41.25 7.27
C SER D 61 -4.43 42.17 6.07
N ASP D 62 -3.52 43.12 6.25
CA ASP D 62 -3.18 44.06 5.17
C ASP D 62 -2.59 43.33 3.97
N ARG D 71 3.43 30.32 -1.04
CA ARG D 71 2.56 31.31 -0.43
C ARG D 71 2.53 31.17 1.08
N ASN D 72 2.12 32.24 1.75
CA ASN D 72 2.01 32.27 3.20
C ASN D 72 0.60 31.81 3.59
N VAL D 73 0.52 30.90 4.55
CA VAL D 73 -0.77 30.43 5.01
C VAL D 73 -1.54 31.56 5.68
N TRP D 74 -0.85 32.44 6.40
CA TRP D 74 -1.49 33.55 7.07
C TRP D 74 -1.93 34.64 6.11
N ALA D 75 -1.40 34.65 4.88
CA ALA D 75 -1.89 35.57 3.86
C ALA D 75 -3.02 34.94 3.05
N THR D 76 -2.92 33.65 2.73
CA THR D 76 -4.00 32.93 2.08
C THR D 76 -5.25 33.02 2.93
N HIS D 77 -5.19 32.44 4.14
CA HIS D 77 -6.18 32.75 5.15
C HIS D 77 -6.04 34.21 5.55
N CYS D 78 -7.10 34.76 6.14
CA CYS D 78 -7.15 36.18 6.50
C CYS D 78 -6.97 37.07 5.27
N CYS D 79 -7.53 36.64 4.13
CA CYS D 79 -7.38 37.40 2.90
C CYS D 79 -8.22 38.67 2.90
N VAL D 80 -9.10 38.83 3.89
CA VAL D 80 -9.92 40.03 4.01
C VAL D 80 -8.98 41.23 4.19
N PRO D 81 -9.07 42.29 3.37
CA PRO D 81 -8.19 43.44 3.59
C PRO D 81 -8.61 44.24 4.82
N THR D 82 -7.63 44.94 5.38
CA THR D 82 -7.85 45.81 6.53
C THR D 82 -8.10 47.23 6.06
N ASP D 83 -8.84 47.98 6.87
CA ASP D 83 -9.15 49.36 6.51
C ASP D 83 -7.87 50.19 6.57
N PRO D 84 -7.67 51.12 5.63
CA PRO D 84 -6.58 52.09 5.80
C PRO D 84 -6.92 53.08 6.89
N ASN D 85 -5.97 53.26 7.82
CA ASN D 85 -6.17 54.09 9.00
C ASN D 85 -7.37 53.59 9.81
N PRO D 86 -7.25 52.44 10.48
CA PRO D 86 -8.36 51.96 11.31
C PRO D 86 -8.69 52.94 12.42
N GLN D 87 -9.98 53.07 12.70
CA GLN D 87 -10.49 54.11 13.59
C GLN D 87 -10.80 53.55 14.96
N GLU D 88 -10.41 54.30 15.99
CA GLU D 88 -10.66 53.97 17.39
C GLU D 88 -11.49 55.08 18.00
N MET D 89 -12.64 54.71 18.57
CA MET D 89 -13.56 55.65 19.21
C MET D 89 -13.48 55.45 20.71
N VAL D 90 -12.97 56.47 21.41
CA VAL D 90 -12.82 56.41 22.85
C VAL D 90 -14.17 56.70 23.50
N LEU D 91 -14.58 55.85 24.45
CA LEU D 91 -15.82 56.01 25.17
C LEU D 91 -15.52 56.76 26.46
N GLU D 92 -16.03 57.99 26.56
CA GLU D 92 -15.80 58.81 27.74
C GLU D 92 -16.64 58.33 28.91
N ASN D 93 -16.01 58.24 30.09
CA ASN D 93 -16.70 57.91 31.34
C ASN D 93 -17.38 56.55 31.28
N VAL D 94 -16.77 55.60 30.56
CA VAL D 94 -17.29 54.24 30.46
C VAL D 94 -16.30 53.30 31.16
N THR D 95 -16.83 52.52 32.10
CA THR D 95 -16.05 51.52 32.84
C THR D 95 -16.57 50.14 32.49
N GLU D 96 -15.64 49.24 32.11
CA GLU D 96 -15.98 47.91 31.64
C GLU D 96 -15.10 46.89 32.34
N ASN D 97 -15.70 45.77 32.75
CA ASN D 97 -14.97 44.69 33.40
C ASN D 97 -14.36 43.78 32.34
N PHE D 98 -13.04 43.82 32.21
CA PHE D 98 -12.30 42.94 31.33
C PHE D 98 -11.79 41.74 32.12
N ASN D 99 -11.47 40.67 31.39
CA ASN D 99 -10.90 39.46 31.98
C ASN D 99 -10.14 38.74 30.89
N MET D 100 -8.82 38.89 30.85
CA MET D 100 -8.03 38.28 29.80
C MET D 100 -8.10 36.76 29.85
N TRP D 101 -8.23 36.17 31.04
CA TRP D 101 -8.53 34.76 31.17
C TRP D 101 -10.03 34.56 31.00
N LYS D 102 -10.41 33.39 30.51
CA LYS D 102 -11.79 33.12 30.12
C LYS D 102 -12.26 34.13 29.08
N ASN D 103 -11.42 34.38 28.08
CA ASN D 103 -11.74 35.24 26.95
C ASN D 103 -11.87 34.34 25.73
N ASP D 104 -13.05 34.31 25.12
CA ASP D 104 -13.29 33.43 23.99
C ASP D 104 -12.47 33.80 22.76
N MET D 105 -11.94 35.03 22.68
CA MET D 105 -11.06 35.38 21.59
C MET D 105 -9.82 34.51 21.58
N VAL D 106 -9.28 34.20 22.76
CA VAL D 106 -8.12 33.33 22.84
C VAL D 106 -8.45 31.93 22.34
N GLU D 107 -9.63 31.43 22.70
CA GLU D 107 -10.05 30.11 22.21
C GLU D 107 -10.21 30.12 20.70
N GLN D 108 -10.79 31.19 20.16
CA GLN D 108 -10.96 31.27 18.71
C GLN D 108 -9.62 31.33 18.00
N MET D 109 -8.67 32.11 18.53
CA MET D 109 -7.35 32.16 17.90
C MET D 109 -6.64 30.81 17.99
N HIS D 110 -6.78 30.13 19.13
CA HIS D 110 -6.19 28.80 19.27
C HIS D 110 -6.75 27.84 18.22
N GLU D 111 -8.09 27.78 18.13
CA GLU D 111 -8.73 26.89 17.18
C GLU D 111 -8.37 27.25 15.75
N ASP D 112 -8.34 28.55 15.42
CA ASP D 112 -8.03 28.97 14.06
C ASP D 112 -6.59 28.68 13.70
N VAL D 113 -5.64 28.88 14.62
CA VAL D 113 -4.25 28.58 14.32
C VAL D 113 -4.07 27.09 14.07
N ILE D 114 -4.63 26.26 14.96
CA ILE D 114 -4.49 24.82 14.78
C ILE D 114 -5.16 24.37 13.49
N SER D 115 -6.35 24.90 13.21
CA SER D 115 -7.08 24.50 12.02
C SER D 115 -6.35 24.91 10.75
N LEU D 116 -5.79 26.13 10.74
CA LEU D 116 -5.07 26.57 9.55
C LEU D 116 -3.81 25.75 9.35
N TRP D 117 -3.11 25.41 10.43
CA TRP D 117 -1.93 24.55 10.30
C TRP D 117 -2.31 23.18 9.75
N ASP D 118 -3.41 22.61 10.24
CA ASP D 118 -3.84 21.30 9.76
C ASP D 118 -4.26 21.35 8.31
N GLN D 119 -5.04 22.37 7.92
CA GLN D 119 -5.49 22.48 6.54
C GLN D 119 -4.32 22.74 5.61
N SER D 120 -3.28 23.41 6.09
CA SER D 120 -2.11 23.65 5.26
C SER D 120 -1.32 22.38 5.01
N LEU D 121 -1.31 21.46 5.97
CA LEU D 121 -0.62 20.18 5.81
C LEU D 121 -1.49 19.10 5.17
N LYS D 122 -2.76 19.38 4.91
CA LYS D 122 -3.65 18.35 4.36
C LYS D 122 -3.22 17.87 2.98
N PRO D 123 -2.92 18.73 2.00
CA PRO D 123 -2.56 18.22 0.66
C PRO D 123 -1.12 17.80 0.48
N CYS D 124 -0.33 17.71 1.54
CA CYS D 124 1.11 17.49 1.42
C CYS D 124 1.45 16.01 1.43
N VAL D 125 2.73 15.72 1.29
CA VAL D 125 3.20 14.35 1.10
C VAL D 125 3.23 13.63 2.44
N LYS D 126 2.55 12.49 2.50
CA LYS D 126 2.59 11.63 3.69
C LYS D 126 3.81 10.73 3.57
N LEU D 127 4.65 10.74 4.61
CA LEU D 127 5.90 9.96 4.61
C LEU D 127 5.65 8.58 5.22
N THR D 128 4.63 7.90 4.71
CA THR D 128 4.41 6.51 5.08
C THR D 128 5.44 5.56 4.44
N PRO D 129 5.93 5.79 3.21
CA PRO D 129 6.97 4.87 2.70
C PRO D 129 8.26 4.88 3.49
N LEU D 130 8.50 5.88 4.33
CA LEU D 130 9.73 5.98 5.10
C LEU D 130 9.61 5.37 6.50
N CYS D 131 8.55 4.63 6.78
CA CYS D 131 8.47 3.81 7.99
C CYS D 131 9.16 2.47 7.70
N VAL D 132 10.49 2.55 7.59
CA VAL D 132 11.33 1.42 7.23
C VAL D 132 12.59 1.46 8.06
N THR D 133 13.34 0.36 8.02
CA THR D 133 14.59 0.27 8.74
C THR D 133 15.62 1.23 8.15
N LEU D 134 16.41 1.85 9.02
CA LEU D 134 17.49 2.76 8.62
C LEU D 134 18.79 2.21 9.16
N GLU D 135 19.77 2.02 8.29
CA GLU D 135 21.09 1.52 8.67
C GLU D 135 22.00 2.72 8.92
N CYS D 136 21.94 3.27 10.13
CA CYS D 136 22.58 4.53 10.46
C CYS D 136 23.97 4.27 11.02
N ARG D 137 24.98 4.88 10.39
CA ARG D 137 26.37 4.72 10.82
C ARG D 137 26.85 5.85 11.72
N GLN D 138 27.17 7.00 11.14
CA GLN D 138 27.66 8.18 11.84
C GLN D 138 27.97 9.24 10.79
N VAL D 139 27.79 10.52 11.11
CA VAL D 139 28.25 11.55 10.19
C VAL D 139 29.77 11.65 10.28
N ASN D 140 30.43 11.63 9.12
CA ASN D 140 31.89 11.64 9.09
C ASN D 140 32.45 12.94 9.65
N GLU D 155 25.21 13.43 17.37
CA GLU D 155 24.15 14.39 17.13
C GLU D 155 23.41 14.08 15.83
N ILE D 156 24.17 13.90 14.76
CA ILE D 156 23.63 13.65 13.42
C ILE D 156 24.09 12.27 12.98
N LYS D 157 23.18 11.51 12.37
CA LYS D 157 23.43 10.17 11.87
C LYS D 157 23.29 10.12 10.36
N ASN D 158 24.13 9.30 9.73
CA ASN D 158 24.18 9.13 8.28
C ASN D 158 23.41 7.85 7.95
N CYS D 159 22.09 7.99 7.73
CA CYS D 159 21.18 6.86 7.67
C CYS D 159 20.91 6.45 6.22
N SER D 160 20.98 5.15 5.97
CA SER D 160 20.68 4.56 4.67
C SER D 160 19.37 3.78 4.72
N PHE D 161 18.58 3.89 3.67
CA PHE D 161 17.31 3.17 3.65
C PHE D 161 16.85 2.94 2.22
N ASN D 162 16.06 1.88 2.03
CA ASN D 162 15.46 1.55 0.74
C ASN D 162 14.10 2.22 0.65
N ALA D 163 14.05 3.39 0.00
CA ALA D 163 12.78 4.08 -0.21
C ALA D 163 12.10 3.54 -1.46
N THR D 164 10.82 3.81 -1.58
CA THR D 164 10.06 3.46 -2.76
C THR D 164 10.28 4.48 -3.87
N THR D 165 9.77 4.17 -5.07
CA THR D 165 9.81 5.09 -6.20
C THR D 165 8.44 5.19 -6.83
N GLU D 166 8.33 5.87 -7.96
CA GLU D 166 7.05 6.02 -8.64
C GLU D 166 6.49 4.69 -9.12
N LEU D 167 7.35 3.72 -9.42
CA LEU D 167 6.92 2.39 -9.82
C LEU D 167 6.82 1.49 -8.60
N ARG D 168 5.72 0.75 -8.51
CA ARG D 168 5.48 -0.11 -7.35
C ARG D 168 6.41 -1.31 -7.29
N ASP D 169 7.14 -1.61 -8.36
CA ASP D 169 8.10 -2.71 -8.39
C ASP D 169 9.54 -2.22 -8.46
N LYS D 170 9.83 -1.06 -7.88
CA LYS D 170 11.17 -0.48 -7.85
C LYS D 170 11.46 0.06 -6.46
N LYS D 171 12.75 0.09 -6.12
CA LYS D 171 13.23 0.65 -4.88
C LYS D 171 14.48 1.47 -5.17
N GLN D 172 14.85 2.34 -4.23
CA GLN D 172 16.03 3.17 -4.37
C GLN D 172 16.71 3.32 -3.01
N LYS D 173 18.00 2.99 -2.97
CA LYS D 173 18.78 3.21 -1.75
C LYS D 173 19.09 4.70 -1.63
N VAL D 174 18.87 5.24 -0.45
CA VAL D 174 18.96 6.67 -0.21
C VAL D 174 19.79 6.87 1.06
N TYR D 175 20.77 7.75 0.97
CA TYR D 175 21.55 8.19 2.13
C TYR D 175 21.11 9.60 2.55
N ALA D 176 20.74 9.74 3.82
CA ALA D 176 20.19 10.98 4.33
C ALA D 176 20.73 11.23 5.72
N LEU D 177 20.97 12.49 6.05
CA LEU D 177 21.42 12.85 7.39
C LEU D 177 20.22 13.19 8.26
N PHE D 178 20.06 12.47 9.36
CA PHE D 178 18.95 12.64 10.28
C PHE D 178 19.47 12.97 11.67
N TYR D 179 18.82 13.91 12.34
CA TYR D 179 19.19 14.20 13.71
C TYR D 179 18.86 13.02 14.61
N ARG D 180 19.70 12.81 15.62
CA ARG D 180 19.52 11.66 16.50
C ARG D 180 18.23 11.76 17.29
N LEU D 181 17.73 12.97 17.53
CA LEU D 181 16.46 13.13 18.21
C LEU D 181 15.29 12.57 17.40
N ASP D 182 15.43 12.51 16.08
CA ASP D 182 14.36 12.06 15.20
C ASP D 182 14.40 10.56 14.93
N ILE D 183 15.20 9.80 15.67
CA ILE D 183 15.47 8.40 15.38
C ILE D 183 15.40 7.61 16.69
N VAL D 184 14.85 6.40 16.61
CA VAL D 184 14.73 5.47 17.72
C VAL D 184 15.41 4.17 17.31
N PRO D 185 16.31 3.60 18.12
CA PRO D 185 16.98 2.36 17.70
C PRO D 185 16.03 1.17 17.62
N LEU D 186 16.35 0.26 16.71
CA LEU D 186 15.66 -1.02 16.58
C LEU D 186 16.49 -2.16 17.14
N GLU D 187 17.81 -2.11 16.99
CA GLU D 187 18.67 -3.17 17.54
C GLU D 187 20.05 -2.62 17.89
N GLU D 188 20.30 -2.44 19.19
CA GLU D 188 21.64 -2.20 19.73
C GLU D 188 22.32 -0.95 19.16
N GLU D 189 23.49 -0.61 19.68
CA GLU D 189 24.34 0.42 19.11
C GLU D 189 25.78 -0.04 19.24
N ARG D 190 26.62 0.41 18.32
CA ARG D 190 27.92 -0.20 18.09
C ARG D 190 29.03 0.85 17.97
N LYS D 191 28.81 2.04 18.52
CA LYS D 191 29.75 3.15 18.42
C LYS D 191 30.09 3.44 16.96
N GLY D 192 31.24 2.95 16.48
CA GLY D 192 31.67 3.26 15.14
C GLY D 192 30.80 2.66 14.06
N ASN D 193 30.41 1.40 14.24
CA ASN D 193 29.68 0.69 13.20
C ASN D 193 28.28 1.26 13.04
N SER D 194 27.54 0.71 12.07
CA SER D 194 26.17 1.09 11.81
C SER D 194 25.20 0.14 12.50
N SER D 195 24.02 0.65 12.80
CA SER D 195 23.00 -0.14 13.47
C SER D 195 21.65 0.20 12.87
N LYS D 196 20.69 -0.69 13.10
CA LYS D 196 19.35 -0.51 12.55
C LYS D 196 18.49 0.27 13.54
N TYR D 197 17.96 1.39 13.05
CA TYR D 197 17.07 2.28 13.79
C TYR D 197 15.81 2.47 12.97
N ARG D 198 14.86 3.21 13.54
CA ARG D 198 13.67 3.66 12.83
C ARG D 198 13.41 5.12 13.17
N LEU D 199 12.61 5.78 12.35
CA LEU D 199 12.22 7.16 12.63
C LEU D 199 11.29 7.20 13.84
N ILE D 200 11.49 8.22 14.68
CA ILE D 200 10.61 8.40 15.83
C ILE D 200 9.22 8.76 15.32
N ASN D 201 8.20 8.38 16.09
CA ASN D 201 6.79 8.57 15.78
C ASN D 201 6.38 7.80 14.53
N CYS D 202 7.14 6.81 14.09
CA CYS D 202 6.67 5.93 13.02
C CYS D 202 5.60 4.98 13.54
N ASN D 203 5.69 4.57 14.80
CA ASN D 203 4.75 3.61 15.38
C ASN D 203 3.57 4.27 16.06
N THR D 204 3.31 5.56 15.81
CA THR D 204 2.18 6.29 16.37
C THR D 204 1.31 6.94 15.31
N SER D 205 1.90 7.31 14.17
CA SER D 205 1.14 8.03 13.14
C SER D 205 1.95 8.06 11.86
N ALA D 206 1.32 8.58 10.81
CA ALA D 206 1.98 8.84 9.54
C ALA D 206 2.46 10.29 9.51
N ILE D 207 3.74 10.47 9.19
CA ILE D 207 4.40 11.76 9.28
C ILE D 207 4.15 12.48 7.96
N THR D 208 3.54 13.67 8.06
CA THR D 208 3.23 14.47 6.89
C THR D 208 4.34 15.51 6.69
N GLN D 209 4.83 15.61 5.47
CA GLN D 209 5.88 16.58 5.18
C GLN D 209 5.27 17.97 5.02
N ALA D 210 5.84 18.94 5.72
CA ALA D 210 5.46 20.32 5.48
C ALA D 210 5.90 20.73 4.08
N CYS D 211 4.99 21.32 3.32
CA CYS D 211 5.27 21.63 1.93
C CYS D 211 6.37 22.69 1.84
N PRO D 212 7.43 22.48 1.05
CA PRO D 212 8.46 23.52 0.95
C PRO D 212 7.95 24.82 0.35
N LYS D 213 6.97 24.76 -0.54
CA LYS D 213 6.44 25.94 -1.22
C LYS D 213 5.45 26.73 -0.36
N VAL D 214 5.00 26.17 0.77
CA VAL D 214 4.08 26.83 1.67
C VAL D 214 4.84 27.22 2.92
N THR D 215 4.87 28.52 3.20
CA THR D 215 5.60 29.07 4.33
C THR D 215 4.64 29.44 5.44
N PHE D 216 5.06 29.16 6.68
CA PHE D 216 4.29 29.49 7.87
C PHE D 216 4.85 30.70 8.60
N ASP D 217 5.47 31.62 7.88
CA ASP D 217 6.01 32.83 8.49
C ASP D 217 4.88 33.65 9.10
N PRO D 218 4.91 33.96 10.40
CA PRO D 218 3.85 34.81 10.97
C PRO D 218 3.80 36.19 10.33
N ILE D 219 2.59 36.71 10.18
CA ILE D 219 2.36 38.08 9.73
C ILE D 219 1.37 38.71 10.70
N PRO D 220 1.27 40.04 10.74
CA PRO D 220 0.29 40.66 11.64
C PRO D 220 -1.13 40.24 11.26
N ILE D 221 -1.87 39.77 12.26
CA ILE D 221 -3.23 39.26 12.09
C ILE D 221 -4.17 40.18 12.86
N HIS D 222 -5.22 40.63 12.19
CA HIS D 222 -6.24 41.49 12.77
C HIS D 222 -7.54 40.69 12.83
N TYR D 223 -7.99 40.41 14.05
CA TYR D 223 -9.28 39.73 14.24
C TYR D 223 -10.38 40.79 14.33
N CYS D 224 -11.33 40.72 13.41
CA CYS D 224 -12.37 41.73 13.27
C CYS D 224 -13.72 41.15 13.70
N ALA D 225 -14.61 42.05 14.13
CA ALA D 225 -15.92 41.65 14.63
C ALA D 225 -16.96 41.63 13.53
N PRO D 226 -17.89 40.70 13.48
CA PRO D 226 -18.97 40.78 12.48
C PRO D 226 -19.94 41.89 12.83
N ALA D 227 -20.87 42.14 11.92
CA ALA D 227 -21.88 43.17 12.12
C ALA D 227 -22.74 42.83 13.33
N GLY D 228 -23.09 43.86 14.11
CA GLY D 228 -23.82 43.69 15.34
C GLY D 228 -22.97 43.49 16.57
N TYR D 229 -21.64 43.50 16.43
CA TYR D 229 -20.71 43.34 17.52
C TYR D 229 -19.61 44.39 17.43
N ALA D 230 -18.87 44.55 18.53
CA ALA D 230 -17.74 45.46 18.58
C ALA D 230 -16.69 44.87 19.52
N ILE D 231 -15.45 45.35 19.39
CA ILE D 231 -14.36 44.89 20.24
C ILE D 231 -13.94 46.07 21.10
N LEU D 232 -14.21 45.98 22.40
CA LEU D 232 -13.77 46.98 23.36
C LEU D 232 -12.33 46.72 23.73
N LYS D 233 -11.52 47.78 23.68
CA LYS D 233 -10.10 47.73 24.00
C LYS D 233 -9.84 48.56 25.24
N CYS D 234 -9.11 47.98 26.19
CA CYS D 234 -8.76 48.65 27.43
C CYS D 234 -7.43 49.38 27.25
N ASN D 235 -7.44 50.70 27.42
CA ASN D 235 -6.27 51.53 27.25
C ASN D 235 -5.48 51.76 28.54
N ASN D 236 -5.97 51.27 29.68
CA ASN D 236 -5.35 51.60 30.95
C ASN D 236 -4.01 50.89 31.05
N LYS D 237 -2.93 51.66 31.01
CA LYS D 237 -1.60 51.12 31.26
C LYS D 237 -1.53 50.57 32.68
N THR D 238 -0.78 49.49 32.86
CA THR D 238 -0.68 48.74 34.10
C THR D 238 -2.00 48.08 34.47
N PHE D 239 -2.86 47.78 33.51
CA PHE D 239 -4.07 47.01 33.81
C PHE D 239 -3.69 45.58 34.15
N ASN D 240 -4.18 45.10 35.29
CA ASN D 240 -3.70 43.83 35.83
C ASN D 240 -4.49 42.63 35.31
N GLY D 241 -5.39 42.81 34.35
CA GLY D 241 -5.93 41.73 33.56
C GLY D 241 -7.36 41.33 33.86
N THR D 242 -7.89 41.61 35.06
CA THR D 242 -9.24 41.21 35.43
C THR D 242 -10.07 42.30 36.08
N GLY D 243 -9.50 43.44 36.44
CA GLY D 243 -10.25 44.48 37.09
C GLY D 243 -11.05 45.30 36.11
N PRO D 244 -11.77 46.29 36.64
CA PRO D 244 -12.47 47.23 35.76
C PRO D 244 -11.48 48.15 35.05
N CYS D 245 -11.82 48.49 33.82
CA CYS D 245 -11.01 49.37 32.99
C CYS D 245 -11.73 50.71 32.87
N ASN D 246 -11.10 51.77 33.36
CA ASN D 246 -11.71 53.10 33.39
C ASN D 246 -11.35 53.96 32.18
N ASN D 247 -10.71 53.38 31.17
CA ASN D 247 -10.34 54.12 29.96
C ASN D 247 -10.40 53.11 28.81
N VAL D 248 -11.53 53.07 28.12
CA VAL D 248 -11.80 52.07 27.09
C VAL D 248 -12.14 52.77 25.79
N SER D 249 -11.97 52.04 24.69
CA SER D 249 -12.36 52.50 23.37
C SER D 249 -12.99 51.33 22.63
N THR D 250 -13.60 51.63 21.49
CA THR D 250 -14.21 50.62 20.63
C THR D 250 -13.39 50.50 19.35
N VAL D 251 -13.32 49.30 18.80
CA VAL D 251 -12.67 49.07 17.52
C VAL D 251 -13.40 47.97 16.77
N GLN D 252 -13.18 47.96 15.46
CA GLN D 252 -13.69 46.89 14.60
C GLN D 252 -12.72 45.72 14.57
N CYS D 253 -11.44 46.00 14.41
CA CYS D 253 -10.37 45.02 14.30
C CYS D 253 -9.36 45.25 15.43
N THR D 254 -8.56 44.22 15.73
CA THR D 254 -7.51 44.30 16.72
C THR D 254 -6.22 44.76 16.06
N HIS D 255 -5.20 45.04 16.87
CA HIS D 255 -3.90 45.38 16.33
C HIS D 255 -3.27 44.16 15.67
N GLY D 256 -2.27 44.40 14.83
CA GLY D 256 -1.61 43.32 14.14
C GLY D 256 -0.94 42.35 15.08
N ILE D 257 -1.49 41.15 15.22
CA ILE D 257 -0.96 40.12 16.10
C ILE D 257 -0.21 39.12 15.25
N LYS D 258 1.08 38.97 15.51
CA LYS D 258 1.84 37.93 14.82
C LYS D 258 1.64 36.59 15.51
N PRO D 259 1.03 35.58 14.84
CA PRO D 259 0.85 34.30 15.57
C PRO D 259 2.14 33.51 15.67
N VAL D 260 3.05 34.00 16.50
CA VAL D 260 4.35 33.36 16.68
C VAL D 260 4.20 32.22 17.67
N VAL D 261 4.74 31.06 17.32
CA VAL D 261 4.66 29.86 18.15
C VAL D 261 5.97 29.72 18.90
N SER D 262 5.91 29.70 20.22
CA SER D 262 7.11 29.61 21.04
C SER D 262 6.74 29.14 22.43
N THR D 263 7.77 28.91 23.24
CA THR D 263 7.63 28.54 24.64
C THR D 263 8.61 29.35 25.47
N GLN D 264 8.36 29.38 26.79
CA GLN D 264 9.19 30.10 27.75
C GLN D 264 9.20 31.61 27.46
N LEU D 265 9.82 32.01 26.35
CA LEU D 265 9.97 33.41 25.98
C LEU D 265 9.02 33.75 24.85
N LEU D 266 8.25 34.81 25.01
CA LEU D 266 7.39 35.31 23.94
C LEU D 266 8.21 36.21 23.03
N LEU D 267 8.17 35.93 21.73
CA LEU D 267 8.98 36.62 20.74
C LEU D 267 8.09 37.44 19.81
N ASN D 268 8.62 38.57 19.36
CA ASN D 268 7.97 39.40 18.34
C ASN D 268 6.57 39.82 18.77
N GLY D 269 6.41 40.17 20.05
CA GLY D 269 5.15 40.56 20.61
C GLY D 269 4.98 42.06 20.71
N SER D 270 4.06 42.47 21.58
CA SER D 270 3.81 43.86 21.86
C SER D 270 4.35 44.23 23.24
N LEU D 271 5.13 45.30 23.28
CA LEU D 271 5.74 45.76 24.52
C LEU D 271 4.72 46.54 25.35
N ALA D 272 4.78 46.32 26.67
CA ALA D 272 3.93 47.09 27.57
C ALA D 272 4.31 48.56 27.52
N GLU D 273 3.30 49.43 27.59
CA GLU D 273 3.55 50.85 27.50
C GLU D 273 4.23 51.43 28.73
N GLY D 274 3.84 50.99 29.92
CA GLY D 274 4.41 51.49 31.15
C GLY D 274 5.61 50.67 31.59
N GLU D 275 5.50 50.03 32.76
CA GLU D 275 6.55 49.19 33.29
C GLU D 275 6.29 47.73 32.92
N ILE D 276 7.14 46.84 33.41
CA ILE D 276 6.95 45.41 33.19
C ILE D 276 5.72 44.96 33.99
N ILE D 277 4.80 44.26 33.33
CA ILE D 277 3.51 43.91 33.90
C ILE D 277 3.48 42.41 34.15
N ILE D 278 3.10 42.04 35.37
CA ILE D 278 2.97 40.63 35.77
C ILE D 278 1.47 40.33 35.82
N ARG D 279 1.02 39.37 35.01
CA ARG D 279 -0.38 38.99 34.93
C ARG D 279 -0.53 37.50 35.16
N SER D 280 -1.39 37.12 36.10
CA SER D 280 -1.67 35.72 36.38
C SER D 280 -3.07 35.61 36.94
N GLU D 281 -3.75 34.51 36.63
CA GLU D 281 -5.12 34.34 37.07
C GLU D 281 -5.20 34.28 38.59
N ASN D 282 -4.24 33.62 39.23
CA ASN D 282 -4.20 33.50 40.69
C ASN D 282 -2.73 33.41 41.07
N LEU D 283 -2.15 34.55 41.48
CA LEU D 283 -0.73 34.57 41.80
C LEU D 283 -0.40 33.63 42.95
N THR D 284 -1.29 33.50 43.92
CA THR D 284 -1.05 32.61 45.05
C THR D 284 -1.23 31.15 44.69
N ASN D 285 -1.73 30.83 43.50
CA ASN D 285 -1.80 29.47 43.01
C ASN D 285 -0.56 29.17 42.17
N ASN D 286 0.14 28.09 42.51
CA ASN D 286 1.38 27.72 41.86
C ASN D 286 1.18 26.93 40.58
N VAL D 287 -0.06 26.58 40.24
CA VAL D 287 -0.35 25.83 39.02
C VAL D 287 -0.55 26.74 37.82
N LYS D 288 -1.00 27.97 38.03
CA LYS D 288 -1.24 28.90 36.94
C LYS D 288 0.08 29.42 36.39
N THR D 289 0.04 29.88 35.15
CA THR D 289 1.22 30.41 34.46
C THR D 289 1.22 31.93 34.55
N ILE D 290 2.32 32.48 35.02
CA ILE D 290 2.53 33.92 35.09
C ILE D 290 3.02 34.40 33.74
N ILE D 291 2.36 35.41 33.19
CA ILE D 291 2.76 36.04 31.93
C ILE D 291 3.37 37.39 32.29
N VAL D 292 4.61 37.61 31.87
CA VAL D 292 5.32 38.86 32.11
C VAL D 292 5.41 39.59 30.78
N HIS D 293 4.75 40.75 30.70
CA HIS D 293 4.81 41.62 29.54
C HIS D 293 5.94 42.62 29.77
N LEU D 294 6.96 42.57 28.93
CA LEU D 294 8.09 43.47 29.07
C LEU D 294 7.80 44.80 28.40
N ASN D 295 8.21 45.88 29.07
CA ASN D 295 8.12 47.21 28.48
C ASN D 295 9.33 47.56 27.62
N GLU D 296 10.34 46.69 27.57
CA GLU D 296 11.48 46.86 26.68
C GLU D 296 11.91 45.49 26.17
N SER D 297 12.19 45.41 24.88
CA SER D 297 12.55 44.15 24.24
C SER D 297 13.99 43.77 24.56
N VAL D 298 14.31 42.50 24.32
CA VAL D 298 15.68 41.99 24.42
C VAL D 298 16.00 41.25 23.13
N GLU D 299 17.15 41.55 22.54
CA GLU D 299 17.49 40.94 21.26
C GLU D 299 18.10 39.56 21.45
N ILE D 300 17.59 38.59 20.68
CA ILE D 300 18.11 37.24 20.64
C ILE D 300 18.29 36.85 19.18
N VAL D 301 19.49 36.40 18.82
CA VAL D 301 19.83 36.01 17.45
C VAL D 301 20.13 34.52 17.48
N CYS D 302 19.23 33.75 16.87
CA CYS D 302 19.38 32.28 16.84
C CYS D 302 19.88 31.87 15.45
N THR D 303 20.77 30.90 15.40
CA THR D 303 21.39 30.50 14.15
C THR D 303 21.75 29.01 14.15
N ARG D 304 21.53 28.40 12.99
CA ARG D 304 22.06 27.07 12.66
C ARG D 304 23.26 27.29 11.75
N PRO D 305 24.49 26.96 12.18
CA PRO D 305 25.64 27.24 11.33
C PRO D 305 25.91 26.19 10.27
N ASN D 306 25.29 25.02 10.36
CA ASN D 306 25.60 23.93 9.42
C ASN D 306 25.25 24.32 8.01
N ASN D 307 26.18 24.08 7.09
CA ASN D 307 26.01 24.41 5.67
C ASN D 307 25.46 23.18 4.97
N ASN D 308 24.14 23.03 5.00
CA ASN D 308 23.49 21.85 4.46
C ASN D 308 23.51 21.83 2.94
N THR D 309 23.45 20.63 2.38
CA THR D 309 23.17 20.39 0.97
C THR D 309 21.95 19.50 0.92
N VAL D 310 20.86 20.01 0.36
CA VAL D 310 19.55 19.40 0.44
C VAL D 310 19.27 18.69 -0.89
N LYS D 311 18.94 17.40 -0.82
CA LYS D 311 18.56 16.61 -1.97
C LYS D 311 17.06 16.36 -1.95
N SER D 312 16.58 15.68 -2.98
CA SER D 312 15.17 15.29 -3.06
C SER D 312 15.06 14.00 -3.84
N ILE D 313 13.95 13.29 -3.63
CA ILE D 313 13.66 12.04 -4.32
C ILE D 313 12.15 11.93 -4.51
N ARG D 314 11.76 11.08 -5.44
CA ARG D 314 10.35 10.73 -5.63
C ARG D 314 10.05 9.44 -4.89
N ILE D 315 9.23 9.54 -3.85
CA ILE D 315 8.79 8.38 -3.08
C ILE D 315 7.42 7.90 -3.51
N GLY D 316 6.94 8.32 -4.67
CA GLY D 316 5.64 7.94 -5.15
C GLY D 316 5.30 8.68 -6.42
N PRO D 317 4.09 8.49 -6.93
CA PRO D 317 3.70 9.17 -8.16
C PRO D 317 3.42 10.65 -7.93
N GLY D 318 4.47 11.47 -7.97
CA GLY D 318 4.36 12.87 -7.69
C GLY D 318 4.56 13.25 -6.25
N GLN D 319 5.15 12.37 -5.43
CA GLN D 319 5.40 12.62 -4.02
C GLN D 319 6.90 12.86 -3.86
N TRP D 320 7.27 14.09 -3.51
CA TRP D 320 8.66 14.48 -3.38
C TRP D 320 9.06 14.59 -1.91
N PHE D 321 10.15 13.91 -1.55
CA PHE D 321 10.68 13.88 -0.20
C PHE D 321 12.01 14.62 -0.16
N TYR D 322 12.09 15.65 0.68
CA TYR D 322 13.27 16.49 0.79
C TYR D 322 14.02 16.17 2.08
N TYR D 323 15.33 15.95 1.95
CA TYR D 323 16.16 15.55 3.08
C TYR D 323 17.53 16.18 2.94
N THR D 324 18.28 16.17 4.04
CA THR D 324 19.62 16.74 4.06
C THR D 324 20.60 15.74 3.44
N GLY D 325 20.95 15.96 2.19
CA GLY D 325 21.87 15.07 1.50
C GLY D 325 23.25 15.07 2.10
N ASP D 326 23.75 16.23 2.53
CA ASP D 326 25.11 16.32 3.04
C ASP D 326 25.23 17.58 3.90
N ILE D 327 26.33 17.68 4.62
CA ILE D 327 26.74 18.91 5.30
C ILE D 327 28.13 19.26 4.79
N ILE D 328 28.28 20.49 4.29
CA ILE D 328 29.54 20.96 3.74
C ILE D 328 30.32 21.65 4.84
N GLY D 329 31.58 21.23 5.02
CA GLY D 329 32.43 21.81 6.04
C GLY D 329 32.25 21.16 7.39
N ASN D 330 32.42 21.95 8.45
CA ASN D 330 32.33 21.44 9.81
C ASN D 330 30.88 21.34 10.27
N ILE D 331 30.65 20.45 11.22
CA ILE D 331 29.35 20.29 11.87
C ILE D 331 29.43 20.93 13.24
N ARG D 332 28.57 21.91 13.48
CA ARG D 332 28.56 22.68 14.73
C ARG D 332 27.13 22.79 15.24
N GLN D 333 27.00 22.81 16.56
CA GLN D 333 25.69 22.90 17.19
C GLN D 333 25.09 24.28 16.98
N ALA D 334 23.78 24.33 16.78
CA ALA D 334 23.09 25.61 16.64
C ALA D 334 23.02 26.32 17.99
N TYR D 335 22.89 27.64 17.94
CA TYR D 335 22.98 28.41 19.17
C TYR D 335 22.23 29.73 19.04
N CYS D 336 21.87 30.28 20.20
CA CYS D 336 21.21 31.58 20.31
C CYS D 336 22.07 32.50 21.16
N ASN D 337 22.43 33.64 20.60
CA ASN D 337 23.13 34.69 21.33
C ASN D 337 22.11 35.75 21.73
N ILE D 338 21.91 35.91 23.04
CA ILE D 338 21.02 36.93 23.59
C ILE D 338 21.88 38.01 24.23
N LYS D 339 21.51 39.27 24.03
CA LYS D 339 22.32 40.36 24.57
C LYS D 339 22.37 40.30 26.10
N LYS D 340 23.59 40.29 26.65
CA LYS D 340 23.76 39.95 28.06
C LYS D 340 23.26 41.05 28.98
N ASP D 341 23.74 42.28 28.80
CA ASP D 341 23.39 43.35 29.73
C ASP D 341 21.90 43.62 29.73
N ASP D 342 21.27 43.62 28.56
CA ASP D 342 19.84 43.82 28.47
C ASP D 342 19.09 42.71 29.20
N TRP D 343 19.55 41.47 29.05
CA TRP D 343 18.89 40.36 29.73
C TRP D 343 19.03 40.46 31.24
N ILE D 344 20.21 40.86 31.72
CA ILE D 344 20.43 40.98 33.15
C ILE D 344 19.55 42.09 33.72
N ARG D 345 19.48 43.22 33.03
CA ARG D 345 18.59 44.30 33.47
C ARG D 345 17.13 43.84 33.48
N THR D 346 16.72 43.11 32.45
CA THR D 346 15.35 42.64 32.36
C THR D 346 15.02 41.70 33.51
N LEU D 347 15.92 40.76 33.80
CA LEU D 347 15.66 39.83 34.90
C LEU D 347 15.67 40.54 36.25
N GLN D 348 16.55 41.53 36.43
CA GLN D 348 16.52 42.30 37.67
C GLN D 348 15.19 43.01 37.85
N ARG D 349 14.69 43.64 36.79
CA ARG D 349 13.40 44.33 36.89
C ARG D 349 12.27 43.36 37.15
N VAL D 350 12.28 42.19 36.49
CA VAL D 350 11.23 41.21 36.70
C VAL D 350 11.28 40.69 38.13
N GLY D 351 12.49 40.48 38.67
CA GLY D 351 12.61 40.07 40.05
C GLY D 351 12.08 41.10 41.01
N LYS D 352 12.34 42.38 40.72
CA LYS D 352 11.80 43.45 41.57
C LYS D 352 10.28 43.47 41.55
N LYS D 353 9.69 43.33 40.36
CA LYS D 353 8.23 43.32 40.27
C LYS D 353 7.64 42.10 41.00
N LEU D 354 8.28 40.94 40.85
CA LEU D 354 7.81 39.75 41.55
C LEU D 354 7.94 39.92 43.05
N ALA D 355 9.01 40.56 43.52
CA ALA D 355 9.15 40.86 44.94
C ALA D 355 8.05 41.79 45.42
N GLU D 356 7.67 42.76 44.60
CA GLU D 356 6.51 43.58 44.94
C GLU D 356 5.26 42.73 45.06
N HIS D 357 5.06 41.80 44.13
CA HIS D 357 3.91 40.91 44.22
C HIS D 357 4.09 39.83 45.29
N PHE D 358 5.34 39.49 45.63
CA PHE D 358 5.66 38.45 46.61
C PHE D 358 6.57 39.06 47.67
N PRO D 359 6.02 39.80 48.64
CA PRO D 359 6.88 40.46 49.62
C PRO D 359 7.54 39.46 50.56
N ARG D 360 8.68 39.87 51.11
CA ARG D 360 9.43 39.07 52.09
C ARG D 360 9.82 37.72 51.51
N ARG D 361 10.27 37.72 50.25
CA ARG D 361 10.67 36.49 49.58
C ARG D 361 11.85 36.77 48.65
N ILE D 362 12.80 35.84 48.64
CA ILE D 362 13.90 35.86 47.69
C ILE D 362 13.41 35.28 46.38
N ILE D 363 13.69 35.96 45.27
CA ILE D 363 13.13 35.61 43.97
C ILE D 363 14.19 34.85 43.19
N ASN D 364 14.03 33.54 43.05
CA ASN D 364 15.00 32.68 42.39
C ASN D 364 14.52 32.32 41.00
N PHE D 365 15.34 32.61 39.99
CA PHE D 365 15.12 32.17 38.62
C PHE D 365 16.03 30.99 38.36
N THR D 366 15.43 29.80 38.25
CA THR D 366 16.14 28.54 38.05
C THR D 366 15.63 27.90 36.75
N GLN D 367 16.32 26.84 36.33
CA GLN D 367 15.97 26.19 35.08
C GLN D 367 14.76 25.27 35.27
N PRO D 368 14.08 24.89 34.19
CA PRO D 368 12.92 24.00 34.35
C PRO D 368 13.32 22.63 34.87
N ALA D 369 12.35 21.96 35.49
CA ALA D 369 12.58 20.61 35.99
C ALA D 369 12.78 19.65 34.81
N GLY D 370 13.06 18.39 35.14
CA GLY D 370 13.43 17.40 34.14
C GLY D 370 12.28 16.73 33.42
N GLY D 371 11.45 17.51 32.75
CA GLY D 371 10.40 16.98 31.90
C GLY D 371 10.89 16.67 30.50
N ASP D 372 9.93 16.61 29.57
CA ASP D 372 10.24 16.30 28.18
C ASP D 372 10.98 17.46 27.54
N LEU D 373 11.49 17.24 26.32
CA LEU D 373 12.25 18.28 25.63
C LEU D 373 11.37 19.45 25.25
N GLU D 374 10.14 19.19 24.81
CA GLU D 374 9.29 20.27 24.29
C GLU D 374 8.85 21.23 25.38
N ILE D 375 8.92 20.85 26.65
CA ILE D 375 8.40 21.63 27.76
C ILE D 375 9.51 22.14 28.69
N THR D 376 10.76 21.74 28.46
CA THR D 376 11.89 22.19 29.25
C THR D 376 12.87 23.04 28.45
N THR D 377 12.51 23.51 27.26
CA THR D 377 13.40 24.28 26.40
C THR D 377 12.60 25.37 25.71
N HIS D 378 13.31 26.44 25.35
CA HIS D 378 12.74 27.49 24.52
C HIS D 378 12.55 26.90 23.13
N SER D 379 11.30 26.63 22.77
CA SER D 379 11.01 26.02 21.45
C SER D 379 10.53 27.10 20.47
N PHE D 380 11.02 27.07 19.23
CA PHE D 380 10.59 28.06 18.20
C PHE D 380 10.95 27.51 16.81
N ASN D 381 10.53 28.21 15.76
CA ASN D 381 10.77 27.71 14.38
C ASN D 381 11.44 28.83 13.55
N CYS D 382 12.69 29.17 13.86
CA CYS D 382 13.40 30.17 13.03
C CYS D 382 13.45 29.65 11.60
N ARG D 383 13.02 30.46 10.62
CA ARG D 383 12.94 29.96 9.22
C ARG D 383 12.07 28.69 9.21
N GLY D 384 12.57 27.61 8.61
CA GLY D 384 11.81 26.34 8.61
C GLY D 384 12.43 25.33 9.56
N GLU D 385 13.33 25.79 10.44
CA GLU D 385 14.03 24.87 11.38
C GLU D 385 13.41 24.99 12.77
N PHE D 386 13.16 23.85 13.42
CA PHE D 386 12.54 23.87 14.75
C PHE D 386 13.62 23.71 15.81
N PHE D 387 13.86 24.83 16.51
CA PHE D 387 14.93 24.87 17.53
C PHE D 387 14.38 24.73 18.94
N TYR D 388 15.07 23.98 19.77
CA TYR D 388 14.76 23.76 21.19
C TYR D 388 16.03 24.12 21.95
N CYS D 389 16.00 25.21 22.71
CA CYS D 389 17.18 25.79 23.33
C CYS D 389 17.17 25.58 24.83
N ASN D 390 18.35 25.26 25.38
CA ASN D 390 18.52 24.96 26.80
C ASN D 390 18.83 26.27 27.52
N THR D 391 17.78 26.97 27.95
CA THR D 391 17.91 28.31 28.51
C THR D 391 18.18 28.31 30.00
N SER D 392 18.77 27.24 30.54
CA SER D 392 19.12 27.20 31.95
C SER D 392 20.13 28.29 32.28
N SER D 393 21.03 28.60 31.35
CA SER D 393 22.03 29.63 31.59
C SER D 393 21.42 31.01 31.78
N LEU D 394 20.25 31.27 31.22
CA LEU D 394 19.56 32.55 31.40
C LEU D 394 18.89 32.66 32.75
N PHE D 395 18.09 31.66 33.13
CA PHE D 395 17.35 31.67 34.39
C PHE D 395 18.21 30.98 35.45
N ASN D 396 19.31 31.67 35.80
CA ASN D 396 20.33 31.16 36.70
C ASN D 396 20.70 32.23 37.72
N SER D 397 19.69 32.87 38.31
CA SER D 397 19.95 34.08 39.10
C SER D 397 19.01 34.13 40.28
N THR D 398 19.25 35.12 41.14
CA THR D 398 18.48 35.32 42.36
C THR D 398 18.48 36.79 42.72
N TYR D 399 17.31 37.31 43.05
CA TYR D 399 17.14 38.68 43.52
C TYR D 399 16.81 38.66 45.01
N ASN D 400 17.58 39.44 45.77
CA ASN D 400 17.37 39.62 47.21
C ASN D 400 16.87 41.04 47.43
N PRO D 401 15.63 41.27 47.90
CA PRO D 401 15.18 42.65 48.13
C PRO D 401 16.03 43.41 49.14
N ASN D 402 16.56 42.74 50.15
CA ASN D 402 17.36 43.41 51.16
C ASN D 402 18.71 43.82 50.58
N LEU D 415 29.27 41.38 24.16
CA LEU D 415 29.22 40.34 25.19
C LEU D 415 27.82 39.74 25.27
N ASP D 416 27.65 38.59 24.64
CA ASP D 416 26.37 37.90 24.56
C ASP D 416 26.39 36.64 25.42
N ILE D 417 25.19 36.21 25.83
CA ILE D 417 24.98 34.92 26.46
C ILE D 417 24.64 33.94 25.37
N THR D 418 25.44 32.88 25.25
CA THR D 418 25.25 31.85 24.23
C THR D 418 24.49 30.68 24.82
N ILE D 419 23.44 30.27 24.12
CA ILE D 419 22.54 29.20 24.54
C ILE D 419 22.66 28.08 23.51
N PRO D 420 23.08 26.87 23.87
CA PRO D 420 23.04 25.77 22.89
C PRO D 420 21.61 25.41 22.55
N CYS D 421 21.40 24.93 21.32
CA CYS D 421 20.08 24.57 20.85
C CYS D 421 20.16 23.29 20.03
N ARG D 422 19.26 22.36 20.32
CA ARG D 422 19.04 21.20 19.48
C ARG D 422 18.01 21.56 18.41
N ILE D 423 17.99 20.79 17.33
CA ILE D 423 17.08 21.02 16.22
C ILE D 423 16.40 19.71 15.89
N LYS D 424 15.08 19.77 15.65
CA LYS D 424 14.30 18.59 15.31
C LYS D 424 13.67 18.77 13.93
N GLN D 425 13.46 17.65 13.25
CA GLN D 425 12.74 17.63 11.99
C GLN D 425 11.36 16.98 12.10
N ILE D 426 11.19 16.04 13.00
CA ILE D 426 9.89 15.40 13.26
C ILE D 426 9.29 16.10 14.48
N ILE D 427 8.19 16.82 14.26
CA ILE D 427 7.64 17.76 15.23
C ILE D 427 6.26 17.30 15.64
N ASN D 428 5.94 17.45 16.93
CA ASN D 428 4.61 17.21 17.49
C ASN D 428 4.15 18.52 18.12
N MET D 429 3.16 19.15 17.50
CA MET D 429 2.76 20.50 17.87
C MET D 429 1.51 20.51 18.74
N TRP D 430 1.53 21.36 19.76
CA TRP D 430 0.39 21.57 20.66
C TRP D 430 0.08 20.32 21.48
N GLN D 431 1.13 19.60 21.88
CA GLN D 431 1.02 18.43 22.74
C GLN D 431 0.15 17.33 22.13
N ARG D 432 -0.04 17.34 20.81
CA ARG D 432 -0.88 16.35 20.15
C ARG D 432 -0.09 15.09 19.90
N VAL D 433 -0.73 13.95 20.17
CA VAL D 433 -0.21 12.63 19.87
C VAL D 433 -1.04 12.06 18.74
N GLY D 434 -0.38 11.40 17.79
CA GLY D 434 -1.03 10.83 16.64
C GLY D 434 -0.94 11.68 15.39
N GLN D 435 -0.34 12.86 15.48
CA GLN D 435 -0.10 13.71 14.32
C GLN D 435 1.29 14.31 14.43
N ALA D 436 2.16 13.93 13.49
CA ALA D 436 3.54 14.38 13.46
C ALA D 436 3.81 15.02 12.11
N MET D 437 4.72 15.98 12.11
CA MET D 437 5.07 16.75 10.92
C MET D 437 6.56 16.63 10.67
N TYR D 438 6.94 16.42 9.42
CA TYR D 438 8.33 16.43 9.00
C TYR D 438 8.65 17.78 8.40
N ALA D 439 9.56 18.52 9.03
CA ALA D 439 9.97 19.83 8.54
C ALA D 439 11.14 19.64 7.59
N PRO D 440 11.03 19.93 6.29
CA PRO D 440 12.16 19.70 5.41
C PRO D 440 13.31 20.61 5.76
N PRO D 441 14.54 20.25 5.38
CA PRO D 441 15.68 21.13 5.65
C PRO D 441 15.71 22.31 4.69
N ILE D 442 16.52 23.30 5.03
CA ILE D 442 16.71 24.48 4.14
C ILE D 442 18.19 24.53 3.77
N GLU D 443 18.53 24.29 2.50
CA GLU D 443 19.97 24.23 2.10
C GLU D 443 20.70 25.46 2.61
N GLY D 444 21.90 25.27 3.18
CA GLY D 444 22.67 26.40 3.74
C GLY D 444 22.40 26.59 5.21
N ASN D 445 23.16 27.47 5.88
CA ASN D 445 22.96 27.74 7.33
C ASN D 445 21.73 28.65 7.50
N ILE D 446 21.11 28.63 8.68
CA ILE D 446 19.87 29.42 8.93
C ILE D 446 20.13 30.36 10.11
N THR D 447 19.59 31.59 10.05
CA THR D 447 19.74 32.55 11.18
C THR D 447 18.48 33.43 11.26
N CYS D 448 18.07 33.78 12.48
CA CYS D 448 16.88 34.67 12.67
C CYS D 448 17.11 35.58 13.88
N LYS D 449 16.62 36.81 13.82
CA LYS D 449 16.74 37.75 14.97
C LYS D 449 15.34 38.10 15.46
N SER D 450 14.97 37.65 16.66
CA SER D 450 13.63 37.95 17.23
C SER D 450 13.80 38.77 18.52
N ASN D 451 12.76 39.50 18.91
CA ASN D 451 12.83 40.34 20.14
C ASN D 451 11.99 39.67 21.24
N ILE D 452 12.61 39.36 22.38
CA ILE D 452 11.86 38.73 23.52
C ILE D 452 11.03 39.83 24.18
N THR D 453 9.72 39.86 23.90
CA THR D 453 8.84 40.92 24.44
C THR D 453 8.09 40.40 25.67
N GLY D 454 8.27 39.12 26.02
CA GLY D 454 7.50 38.56 27.14
C GLY D 454 8.05 37.25 27.67
N LEU D 455 7.72 36.90 28.91
CA LEU D 455 8.15 35.66 29.53
C LEU D 455 6.94 34.88 30.04
N LEU D 456 7.08 33.56 30.06
CA LEU D 456 6.09 32.65 30.64
C LEU D 456 6.77 31.92 31.79
N LEU D 457 6.45 32.34 33.02
CA LEU D 457 7.06 31.80 34.22
C LEU D 457 6.04 30.97 34.98
N VAL D 458 6.53 30.06 35.82
CA VAL D 458 5.70 29.26 36.70
C VAL D 458 6.37 29.27 38.07
N ARG D 459 5.61 29.63 39.10
CA ARG D 459 6.13 29.63 40.46
C ARG D 459 6.09 28.21 41.00
N ASP D 460 7.24 27.76 41.53
CA ASP D 460 7.34 26.36 41.97
C ASP D 460 6.38 26.06 43.11
N GLY D 461 6.28 26.96 44.09
CA GLY D 461 5.40 26.75 45.22
C GLY D 461 5.74 25.52 46.02
N ASN D 466 8.92 28.90 53.28
CA ASN D 466 10.17 28.68 52.56
C ASN D 466 11.07 29.90 52.59
N GLU D 467 10.45 31.09 52.63
CA GLU D 467 11.12 32.39 52.56
C GLU D 467 11.82 32.62 51.23
N THR D 468 11.51 31.82 50.20
CA THR D 468 12.12 31.95 48.89
C THR D 468 11.13 31.42 47.86
N GLU D 469 11.02 32.14 46.74
CA GLU D 469 10.15 31.76 45.63
C GLU D 469 11.00 31.40 44.42
N ILE D 470 10.71 30.23 43.83
CA ILE D 470 11.44 29.71 42.68
C ILE D 470 10.52 29.83 41.46
N PHE D 471 10.96 30.60 40.47
CA PHE D 471 10.22 30.79 39.23
C PHE D 471 11.00 30.15 38.09
N ARG D 472 10.36 29.20 37.42
CA ARG D 472 10.97 28.47 36.31
C ARG D 472 10.31 28.88 35.00
N PRO D 473 11.01 28.77 33.87
CA PRO D 473 10.32 28.98 32.59
C PRO D 473 9.21 27.95 32.41
N GLY D 474 8.12 28.41 31.77
CA GLY D 474 6.94 27.61 31.56
C GLY D 474 6.56 27.56 30.10
N GLY D 475 5.27 27.39 29.86
CA GLY D 475 4.71 27.31 28.53
C GLY D 475 4.23 25.91 28.22
N GLY D 476 4.02 25.68 26.91
CA GLY D 476 3.48 24.45 26.39
C GLY D 476 2.02 24.58 25.98
N ASP D 477 1.21 25.23 26.80
CA ASP D 477 -0.17 25.56 26.44
C ASP D 477 -0.13 26.85 25.65
N MET D 478 -0.35 26.76 24.34
CA MET D 478 -0.08 27.90 23.47
C MET D 478 -1.06 29.04 23.68
N ARG D 479 -2.20 28.80 24.33
CA ARG D 479 -3.15 29.89 24.57
C ARG D 479 -2.53 31.02 25.36
N ASN D 480 -1.67 30.70 26.33
CA ASN D 480 -0.96 31.72 27.09
C ASN D 480 -0.14 32.66 26.22
N ASN D 481 0.35 32.19 25.07
CA ASN D 481 0.97 33.12 24.13
C ASN D 481 -0.06 34.08 23.55
N TRP D 482 -1.17 33.55 23.05
CA TRP D 482 -2.14 34.40 22.38
C TRP D 482 -3.02 35.15 23.35
N ARG D 483 -3.04 34.72 24.62
CA ARG D 483 -3.62 35.55 25.66
C ARG D 483 -2.72 36.72 26.01
N SER D 484 -1.44 36.68 25.62
CA SER D 484 -0.53 37.79 25.87
C SER D 484 -0.79 39.00 24.96
N GLU D 485 -1.47 38.79 23.84
CA GLU D 485 -1.84 39.87 22.92
C GLU D 485 -3.31 40.24 22.99
N LEU D 486 -4.19 39.29 23.25
CA LEU D 486 -5.63 39.53 23.32
C LEU D 486 -6.11 39.88 24.72
N TYR D 487 -5.20 40.26 25.62
CA TYR D 487 -5.64 40.64 26.97
C TYR D 487 -6.44 41.93 26.96
N LYS D 488 -6.18 42.83 26.02
CA LYS D 488 -6.84 44.12 25.94
C LYS D 488 -8.29 44.03 25.46
N TYR D 489 -8.63 43.00 24.68
CA TYR D 489 -9.82 43.03 23.84
C TYR D 489 -10.96 42.23 24.46
N LYS D 490 -12.19 42.68 24.19
CA LYS D 490 -13.40 42.05 24.68
C LYS D 490 -14.49 42.22 23.64
N VAL D 491 -15.13 41.12 23.24
CA VAL D 491 -16.18 41.14 22.23
C VAL D 491 -17.50 41.41 22.92
N VAL D 492 -18.29 42.35 22.37
CA VAL D 492 -19.57 42.72 22.94
C VAL D 492 -20.62 42.82 21.84
N GLU D 493 -21.79 42.26 22.11
CA GLU D 493 -22.96 42.37 21.23
C GLU D 493 -23.72 43.63 21.57
N ILE D 494 -24.21 44.32 20.55
CA ILE D 494 -24.98 45.55 20.76
C ILE D 494 -26.45 45.20 20.90
N LYS D 495 -27.12 45.83 21.85
CA LYS D 495 -28.55 45.63 22.13
C LYS D 495 -29.28 46.92 21.79
N PRO D 496 -29.55 47.19 20.51
CA PRO D 496 -30.06 48.51 20.12
C PRO D 496 -31.45 48.84 20.63
N LEU D 497 -32.23 47.85 21.04
CA LEU D 497 -33.61 48.06 21.49
C LEU D 497 -33.60 48.38 22.98
N GLY D 498 -34.24 49.49 23.35
CA GLY D 498 -34.31 49.89 24.74
C GLY D 498 -35.61 50.62 25.02
N ILE D 499 -35.84 50.86 26.31
CA ILE D 499 -37.05 51.50 26.80
C ILE D 499 -36.67 52.57 27.80
N ALA D 500 -37.54 53.58 27.93
CA ALA D 500 -37.28 54.64 28.90
C ALA D 500 -38.59 55.38 29.17
N PRO D 501 -38.74 55.99 30.34
CA PRO D 501 -39.88 56.88 30.56
C PRO D 501 -39.74 58.21 29.83
N THR D 502 -40.88 58.80 29.50
CA THR D 502 -40.96 60.14 28.94
C THR D 502 -42.20 60.83 29.52
N ARG D 503 -42.50 62.01 28.98
CA ARG D 503 -43.52 62.90 29.51
C ARG D 503 -44.79 62.92 28.66
N CYS D 504 -45.02 61.89 27.83
CA CYS D 504 -46.15 61.91 26.92
C CYS D 504 -46.51 60.48 26.51
N LYS D 505 -47.77 60.32 26.08
CA LYS D 505 -48.30 59.04 25.63
C LYS D 505 -48.54 59.08 24.13
N ARG D 506 -48.90 57.92 23.59
CA ARG D 506 -49.11 57.81 22.15
C ARG D 506 -50.33 58.61 21.68
N ARG D 507 -51.47 58.41 22.34
CA ARG D 507 -52.76 59.02 21.99
C ARG D 507 -53.01 59.13 20.48
N UNK E 1 29.92 -43.87 12.73
CA UNK E 1 28.89 -44.07 11.66
C UNK E 1 29.22 -43.22 10.44
N UNK E 2 29.80 -42.04 10.66
CA UNK E 2 30.26 -41.23 9.55
C UNK E 2 31.47 -41.89 8.90
N UNK E 3 31.66 -41.60 7.61
CA UNK E 3 32.78 -42.15 6.86
C UNK E 3 33.23 -41.14 5.83
N UNK E 4 34.54 -40.99 5.70
CA UNK E 4 35.14 -40.04 4.77
C UNK E 4 36.07 -40.81 3.85
N UNK E 5 35.86 -40.66 2.55
CA UNK E 5 36.67 -41.30 1.52
C UNK E 5 37.54 -40.25 0.85
N UNK E 6 38.86 -40.44 0.91
CA UNK E 6 39.81 -39.52 0.30
C UNK E 6 40.03 -39.94 -1.15
N UNK E 7 39.74 -39.04 -2.08
CA UNK E 7 39.64 -39.43 -3.48
C UNK E 7 40.99 -39.86 -4.04
N UNK E 8 42.00 -38.99 -3.97
CA UNK E 8 43.27 -39.23 -4.64
C UNK E 8 44.14 -40.08 -3.72
N UNK E 9 44.41 -41.33 -4.15
CA UNK E 9 45.21 -42.23 -3.33
C UNK E 9 46.64 -41.75 -3.20
N UNK E 10 47.21 -41.23 -4.29
CA UNK E 10 48.57 -40.69 -4.26
C UNK E 10 48.65 -39.56 -5.26
N UNK E 11 49.40 -38.52 -4.90
CA UNK E 11 49.57 -37.35 -5.73
C UNK E 11 51.06 -37.02 -5.82
N UNK E 12 51.42 -36.34 -6.91
CA UNK E 12 52.81 -35.95 -7.11
C UNK E 12 52.84 -34.65 -7.91
N UNK E 13 53.87 -33.85 -7.69
CA UNK E 13 54.04 -32.60 -8.42
C UNK E 13 55.47 -32.15 -8.25
N UNK E 14 55.96 -31.40 -9.25
CA UNK E 14 57.30 -30.87 -9.17
C UNK E 14 57.40 -29.86 -8.04
N UNK E 15 58.62 -29.66 -7.55
CA UNK E 15 58.85 -28.69 -6.49
C UNK E 15 58.42 -27.30 -6.94
N UNK E 16 57.68 -26.62 -6.08
CA UNK E 16 57.04 -25.32 -6.30
C UNK E 16 55.78 -25.43 -7.15
N UNK E 17 55.16 -26.61 -7.25
CA UNK E 17 53.90 -26.79 -7.97
C UNK E 17 52.79 -27.16 -7.00
N UNK E 18 51.54 -27.04 -7.48
CA UNK E 18 50.38 -27.28 -6.66
C UNK E 18 49.95 -28.74 -6.69
N UNK E 19 49.45 -29.23 -5.57
CA UNK E 19 48.83 -30.55 -5.47
C UNK E 19 47.54 -30.41 -4.69
N UNK E 20 46.59 -31.30 -4.94
CA UNK E 20 45.27 -31.20 -4.34
C UNK E 20 44.76 -32.59 -3.99
N UNK E 21 44.24 -32.70 -2.77
CA UNK E 21 43.56 -33.90 -2.29
C UNK E 21 42.12 -33.55 -1.99
N UNK E 22 41.23 -34.53 -2.16
CA UNK E 22 39.80 -34.33 -1.99
C UNK E 22 39.23 -35.44 -1.13
N UNK E 23 38.22 -35.10 -0.34
CA UNK E 23 37.55 -36.03 0.55
C UNK E 23 36.04 -35.84 0.43
N UNK E 24 35.31 -36.93 0.57
CA UNK E 24 33.86 -36.92 0.51
C UNK E 24 33.30 -37.68 1.71
N UNK E 25 32.37 -37.04 2.42
CA UNK E 25 31.80 -37.59 3.64
C UNK E 25 30.50 -38.33 3.34
N UNK E 26 30.20 -39.33 4.17
CA UNK E 26 28.96 -40.08 4.03
C UNK E 26 27.72 -39.22 4.27
N UNK E 27 27.86 -38.11 4.99
CA UNK E 27 26.74 -37.22 5.26
C UNK E 27 27.26 -35.80 5.36
N UNK E 28 26.34 -34.84 5.36
CA UNK E 28 26.72 -33.44 5.54
C UNK E 28 27.36 -33.25 6.91
N UNK E 29 28.51 -32.55 6.93
CA UNK E 29 29.34 -32.43 8.12
C UNK E 29 29.31 -31.03 8.74
N UNK E 30 28.68 -30.06 8.10
CA UNK E 30 28.47 -28.71 8.64
C UNK E 30 29.76 -27.90 8.72
N UNK E 31 30.89 -28.42 8.23
CA UNK E 31 32.09 -27.63 7.96
C UNK E 31 32.84 -27.21 9.22
N UNK E 32 32.30 -27.51 10.41
CA UNK E 32 33.03 -27.26 11.66
C UNK E 32 33.77 -28.50 12.12
N UNK E 33 33.24 -29.68 11.82
CA UNK E 33 33.84 -30.93 12.24
C UNK E 33 35.03 -31.36 11.38
N UNK E 34 35.14 -30.85 10.16
CA UNK E 34 36.14 -31.31 9.22
C UNK E 34 37.49 -30.65 9.50
N UNK E 35 38.52 -31.49 9.66
CA UNK E 35 39.88 -31.03 9.91
C UNK E 35 40.82 -31.86 9.03
N UNK E 36 42.00 -31.29 8.77
CA UNK E 36 42.99 -31.91 7.89
C UNK E 36 44.34 -31.92 8.58
N UNK E 37 44.99 -33.08 8.55
CA UNK E 37 46.22 -33.33 9.31
C UNK E 37 47.27 -33.97 8.40
N UNK E 38 48.53 -33.77 8.75
CA UNK E 38 49.67 -34.26 7.98
C UNK E 38 50.56 -35.14 8.85
N UNK E 39 50.76 -36.39 8.42
CA UNK E 39 51.63 -37.34 9.09
C UNK E 39 52.85 -37.56 8.20
N UNK E 40 54.01 -37.10 8.66
CA UNK E 40 55.26 -37.44 8.01
C UNK E 40 55.65 -38.86 8.37
N UNK E 41 56.60 -39.41 7.64
CA UNK E 41 57.00 -40.79 7.86
C UNK E 41 57.62 -40.96 9.24
N UNK E 42 57.04 -41.85 10.03
CA UNK E 42 57.52 -42.15 11.38
C UNK E 42 57.47 -40.91 12.28
N UNK E 43 56.27 -40.36 12.48
CA UNK E 43 56.08 -39.24 13.37
C UNK E 43 54.60 -39.05 13.63
N UNK E 44 54.29 -38.39 14.74
CA UNK E 44 52.90 -38.11 15.08
C UNK E 44 52.31 -37.12 14.10
N UNK E 45 51.02 -37.29 13.80
CA UNK E 45 50.36 -36.42 12.84
C UNK E 45 50.27 -35.00 13.37
N UNK E 46 50.36 -34.03 12.46
CA UNK E 46 50.26 -32.61 12.77
C UNK E 46 49.04 -32.02 12.09
N UNK E 47 48.24 -31.29 12.86
CA UNK E 47 47.05 -30.66 12.30
C UNK E 47 47.45 -29.50 11.39
N UNK E 48 46.88 -29.48 10.18
CA UNK E 48 47.14 -28.43 9.21
C UNK E 48 45.96 -27.49 9.02
N UNK E 49 44.73 -27.96 9.24
CA UNK E 49 43.55 -27.12 9.19
C UNK E 49 42.58 -27.58 10.27
N UNK E 50 42.29 -26.68 11.22
CA UNK E 50 41.49 -26.99 12.40
C UNK E 50 40.01 -27.17 12.09
N UNK E 51 39.43 -26.28 11.30
CA UNK E 51 38.11 -26.47 10.74
C UNK E 51 38.29 -26.50 9.23
N UNK E 52 37.18 -26.53 8.51
CA UNK E 52 37.26 -26.37 7.07
C UNK E 52 37.77 -24.96 6.76
N UNK E 53 39.00 -24.89 6.27
CA UNK E 53 39.63 -23.65 5.83
C UNK E 53 40.03 -22.72 6.96
N UNK E 54 40.38 -23.26 8.14
CA UNK E 54 40.95 -22.47 9.23
C UNK E 54 42.34 -23.02 9.53
N UNK E 55 43.36 -22.31 9.07
CA UNK E 55 44.73 -22.81 9.19
C UNK E 55 45.15 -22.93 10.65
N UNK E 56 45.80 -24.04 10.98
CA UNK E 56 46.27 -24.26 12.33
C UNK E 56 47.38 -23.29 12.68
N UNK E 57 47.81 -23.34 13.95
CA UNK E 57 48.84 -22.42 14.41
C UNK E 57 50.17 -22.73 13.76
N UNK E 58 50.78 -21.70 13.16
CA UNK E 58 52.10 -21.76 12.54
C UNK E 58 52.11 -22.60 11.26
N UNK E 59 50.94 -23.02 10.76
CA UNK E 59 50.90 -23.69 9.47
C UNK E 59 51.09 -22.68 8.35
N UNK E 60 51.84 -23.10 7.33
CA UNK E 60 52.11 -22.22 6.21
C UNK E 60 50.82 -21.87 5.48
N UNK E 61 50.78 -20.64 4.94
CA UNK E 61 49.59 -20.20 4.21
C UNK E 61 49.42 -20.92 2.88
N UNK E 62 50.44 -21.67 2.44
CA UNK E 62 50.31 -22.43 1.19
C UNK E 62 49.18 -23.45 1.26
N UNK E 63 49.04 -24.14 2.39
CA UNK E 63 48.03 -25.19 2.54
C UNK E 63 46.68 -24.53 2.75
N UNK E 64 45.88 -24.45 1.68
CA UNK E 64 44.53 -23.94 1.73
C UNK E 64 43.54 -25.09 1.76
N UNK E 65 42.33 -24.81 2.23
CA UNK E 65 41.29 -25.83 2.30
C UNK E 65 39.94 -25.20 2.04
N UNK E 66 39.02 -26.02 1.55
CA UNK E 66 37.67 -25.58 1.26
C UNK E 66 36.75 -26.77 1.43
N UNK E 67 35.46 -26.50 1.64
CA UNK E 67 34.51 -27.58 1.86
C UNK E 67 33.09 -27.02 1.87
N UNK E 68 32.15 -27.93 1.61
CA UNK E 68 30.74 -27.64 1.78
C UNK E 68 29.98 -28.96 1.78
N UNK E 69 29.06 -29.10 2.74
CA UNK E 69 28.18 -30.25 2.82
C UNK E 69 28.97 -31.55 2.83
N UNK E 70 28.92 -32.33 1.75
CA UNK E 70 29.53 -33.65 1.69
C UNK E 70 30.87 -33.67 0.96
N UNK E 71 31.36 -32.53 0.47
CA UNK E 71 32.60 -32.48 -0.30
C UNK E 71 33.59 -31.54 0.37
N UNK E 72 34.87 -31.89 0.30
CA UNK E 72 35.93 -31.07 0.90
C UNK E 72 37.22 -31.32 0.14
N UNK E 73 38.14 -30.36 0.23
CA UNK E 73 39.40 -30.46 -0.49
C UNK E 73 40.46 -29.63 0.23
N UNK E 74 41.70 -30.08 0.08
CA UNK E 74 42.88 -29.34 0.53
C UNK E 74 43.81 -29.21 -0.66
N UNK E 75 44.49 -28.07 -0.73
CA UNK E 75 45.41 -27.77 -1.82
C UNK E 75 46.69 -27.20 -1.23
N UNK E 76 47.81 -27.86 -1.51
CA UNK E 76 49.13 -27.40 -1.13
C UNK E 76 49.74 -26.74 -2.37
N UNK E 77 49.86 -25.42 -2.34
CA UNK E 77 50.43 -24.66 -3.43
C UNK E 77 51.89 -24.34 -3.14
N UNK E 78 52.70 -24.29 -4.20
CA UNK E 78 54.15 -24.14 -4.07
C UNK E 78 54.72 -25.23 -3.17
N UNK E 79 54.50 -26.48 -3.59
CA UNK E 79 54.91 -27.61 -2.78
C UNK E 79 56.43 -27.66 -2.65
N UNK E 80 56.92 -27.40 -1.45
CA UNK E 80 58.34 -27.52 -1.14
C UNK E 80 58.69 -28.98 -0.94
N UNK E 81 59.99 -29.27 -0.95
CA UNK E 81 60.43 -30.66 -0.78
C UNK E 81 60.12 -31.18 0.61
N UNK E 82 59.91 -30.29 1.58
CA UNK E 82 59.57 -30.69 2.94
C UNK E 82 58.07 -30.94 3.13
N UNK E 83 57.25 -30.78 2.10
CA UNK E 83 55.82 -31.04 2.17
C UNK E 83 55.46 -32.47 1.79
N UNK E 84 56.43 -33.33 1.52
CA UNK E 84 56.16 -34.71 1.12
C UNK E 84 55.82 -35.52 2.36
N UNK E 85 54.58 -35.99 2.45
CA UNK E 85 54.11 -36.74 3.60
C UNK E 85 52.73 -37.30 3.27
N UNK E 86 52.18 -38.04 4.21
CA UNK E 86 50.79 -38.50 4.10
C UNK E 86 49.86 -37.44 4.68
N UNK E 87 48.70 -37.28 4.06
CA UNK E 87 47.73 -36.28 4.48
C UNK E 87 46.37 -36.94 4.62
N UNK E 88 45.69 -36.66 5.73
CA UNK E 88 44.45 -37.35 6.09
C UNK E 88 43.41 -36.34 6.57
N UNK E 89 42.17 -36.60 6.17
CA UNK E 89 41.02 -35.82 6.63
C UNK E 89 40.36 -36.51 7.81
N UNK E 90 39.63 -35.74 8.60
CA UNK E 90 38.89 -36.28 9.73
C UNK E 90 37.61 -35.47 9.89
N UNK E 91 36.52 -36.18 10.20
CA UNK E 91 35.21 -35.58 10.43
C UNK E 91 34.77 -35.93 11.85
N UNK E 92 35.02 -35.03 12.79
CA UNK E 92 34.75 -35.27 14.20
C UNK E 92 33.27 -35.05 14.53
N UNK E 93 32.43 -35.95 14.02
CA UNK E 93 30.98 -35.87 14.20
C UNK E 93 30.54 -36.72 15.39
N UNK E 94 30.87 -36.23 16.59
CA UNK E 94 30.42 -36.89 17.81
C UNK E 94 28.91 -36.86 17.90
N UNK E 95 28.33 -37.94 18.42
CA UNK E 95 26.89 -38.00 18.64
C UNK E 95 26.60 -39.15 19.59
N UNK E 96 25.34 -39.22 20.02
CA UNK E 96 24.94 -40.28 20.95
C UNK E 96 25.11 -41.66 20.31
N UNK E 97 24.72 -41.80 19.05
CA UNK E 97 24.81 -43.05 18.32
C UNK E 97 25.95 -43.07 17.31
N UNK E 98 26.15 -42.01 16.55
CA UNK E 98 27.18 -41.95 15.53
C UNK E 98 28.53 -41.62 16.15
N UNK E 99 29.53 -41.43 15.30
CA UNK E 99 30.87 -41.09 15.73
C UNK E 99 31.68 -40.60 14.53
N UNK E 100 32.93 -40.25 14.80
CA UNK E 100 33.79 -39.65 13.79
C UNK E 100 34.31 -40.71 12.83
N UNK E 101 35.19 -40.26 11.92
CA UNK E 101 35.95 -41.15 11.06
C UNK E 101 37.05 -40.37 10.37
N UNK E 102 38.18 -41.04 10.16
CA UNK E 102 39.34 -40.46 9.48
C UNK E 102 39.54 -41.15 8.15
N UNK E 103 39.68 -40.35 7.10
CA UNK E 103 39.77 -40.89 5.76
C UNK E 103 41.13 -41.52 5.52
N UNK E 104 41.20 -42.32 4.46
CA UNK E 104 42.48 -42.89 4.05
C UNK E 104 43.41 -41.78 3.61
N UNK E 105 44.70 -41.99 3.79
CA UNK E 105 45.68 -40.95 3.57
C UNK E 105 46.11 -40.88 2.11
N UNK E 106 46.31 -39.66 1.61
CA UNK E 106 46.86 -39.43 0.29
C UNK E 106 48.33 -39.06 0.40
N UNK E 107 49.19 -39.89 -0.20
CA UNK E 107 50.63 -39.75 -0.08
C UNK E 107 51.12 -38.79 -1.17
N UNK E 108 51.48 -37.58 -0.78
CA UNK E 108 52.10 -36.63 -1.69
C UNK E 108 53.56 -37.01 -1.90
N UNK E 109 54.02 -36.89 -3.15
CA UNK E 109 55.41 -37.24 -3.52
C UNK E 109 55.94 -36.08 -4.37
N UNK E 110 56.55 -35.11 -3.69
CA UNK E 110 57.16 -33.99 -4.41
C UNK E 110 58.38 -34.47 -5.18
N UNK E 111 58.39 -34.21 -6.48
CA UNK E 111 59.49 -34.63 -7.34
C UNK E 111 60.67 -33.70 -7.18
N UNK F 1 25.11 -9.23 -31.84
CA UNK F 1 24.76 -9.56 -33.26
C UNK F 1 25.84 -10.42 -33.86
N UNK F 2 25.58 -10.94 -35.06
CA UNK F 2 26.61 -11.64 -35.80
C UNK F 2 27.70 -10.66 -36.24
N UNK F 3 28.80 -11.20 -36.75
CA UNK F 3 29.89 -10.36 -37.21
C UNK F 3 29.42 -9.44 -38.32
N UNK F 4 29.39 -8.14 -38.03
CA UNK F 4 28.90 -7.13 -38.96
C UNK F 4 30.08 -6.54 -39.72
N UNK F 5 30.26 -6.97 -40.97
CA UNK F 5 31.30 -6.42 -41.81
C UNK F 5 30.92 -5.02 -42.28
N UNK F 6 31.93 -4.22 -42.62
CA UNK F 6 31.68 -2.87 -43.10
C UNK F 6 32.82 -2.46 -44.03
N UNK F 7 32.54 -1.47 -44.86
CA UNK F 7 33.54 -0.97 -45.79
C UNK F 7 34.66 -0.27 -45.03
N UNK F 8 35.91 -0.60 -45.38
CA UNK F 8 37.07 -0.01 -44.74
C UNK F 8 37.38 1.40 -45.21
N UNK F 9 36.78 1.85 -46.31
CA UNK F 9 37.01 3.21 -46.80
C UNK F 9 35.84 3.62 -47.68
N UNK F 10 35.35 4.83 -47.45
CA UNK F 10 34.19 5.38 -48.15
C UNK F 10 34.51 6.81 -48.58
N UNK F 11 35.68 7.00 -49.17
CA UNK F 11 36.13 8.33 -49.55
C UNK F 11 35.22 8.94 -50.61
N UNK F 12 35.07 10.26 -50.54
CA UNK F 12 34.21 10.99 -51.47
C UNK F 12 34.66 12.44 -51.52
N UNK F 13 34.23 13.12 -52.58
CA UNK F 13 34.58 14.52 -52.77
C UNK F 13 33.76 15.41 -51.84
N UNK F 14 34.29 16.60 -51.57
CA UNK F 14 33.60 17.56 -50.73
C UNK F 14 32.28 17.97 -51.37
N UNK F 15 31.23 18.02 -50.55
CA UNK F 15 29.86 18.36 -50.96
C UNK F 15 29.25 17.33 -51.91
N UNK F 16 29.84 16.14 -52.01
CA UNK F 16 29.28 15.06 -52.82
C UNK F 16 28.62 14.02 -51.93
N UNK F 17 27.51 13.47 -52.41
CA UNK F 17 26.80 12.44 -51.66
C UNK F 17 27.65 11.18 -51.56
N UNK F 18 27.57 10.53 -50.41
CA UNK F 18 28.35 9.32 -50.16
C UNK F 18 27.56 8.39 -49.26
N UNK F 19 27.96 7.12 -49.23
CA UNK F 19 27.28 6.12 -48.43
C UNK F 19 28.28 5.07 -47.95
N UNK F 20 28.11 4.67 -46.70
CA UNK F 20 28.92 3.62 -46.06
C UNK F 20 28.00 2.47 -45.68
N UNK F 21 28.35 1.26 -46.08
CA UNK F 21 27.50 0.10 -45.94
C UNK F 21 28.02 -0.86 -44.88
N UNK F 22 27.10 -1.61 -44.29
CA UNK F 22 27.40 -2.68 -43.35
C UNK F 22 26.57 -3.89 -43.73
N UNK F 23 27.11 -5.08 -43.44
CA UNK F 23 26.48 -6.34 -43.81
C UNK F 23 26.55 -7.31 -42.64
N UNK F 24 25.40 -7.90 -42.31
CA UNK F 24 25.31 -8.86 -41.23
C UNK F 24 25.66 -10.25 -41.76
N UNK F 25 26.62 -10.91 -41.12
CA UNK F 25 27.07 -12.21 -41.61
C UNK F 25 26.01 -13.28 -41.37
N UNK F 26 25.46 -13.36 -40.16
CA UNK F 26 24.61 -14.45 -39.74
C UNK F 26 23.35 -13.90 -39.05
N UNK F 27 22.75 -12.89 -39.68
CA UNK F 27 21.51 -12.32 -39.18
C UNK F 27 20.71 -11.78 -40.36
N UNK F 28 19.41 -11.64 -40.14
CA UNK F 28 18.53 -11.13 -41.20
C UNK F 28 18.79 -9.65 -41.47
N UNK F 29 19.18 -8.89 -40.45
CA UNK F 29 19.41 -7.45 -40.56
C UNK F 29 18.14 -6.69 -40.91
N UNK F 30 16.98 -7.32 -40.66
CA UNK F 30 15.69 -6.65 -40.74
C UNK F 30 14.85 -6.93 -39.50
N UNK F 31 15.15 -8.01 -38.78
CA UNK F 31 14.49 -8.35 -37.54
C UNK F 31 15.11 -7.69 -36.31
N UNK F 32 16.23 -6.98 -36.47
CA UNK F 32 16.91 -6.31 -35.37
C UNK F 32 17.30 -4.92 -35.82
N UNK F 33 17.18 -3.95 -34.90
CA UNK F 33 17.41 -2.55 -35.24
C UNK F 33 18.91 -2.24 -35.28
N UNK F 34 19.33 -1.58 -36.35
CA UNK F 34 20.70 -1.13 -36.52
C UNK F 34 20.81 0.36 -36.21
N UNK F 35 21.94 0.74 -35.63
CA UNK F 35 22.21 2.12 -35.26
C UNK F 35 23.60 2.48 -35.77
N UNK F 36 23.84 3.78 -35.92
CA UNK F 36 25.09 4.27 -36.50
C UNK F 36 25.60 5.45 -35.70
N UNK F 37 26.90 5.41 -35.39
CA UNK F 37 27.53 6.45 -34.58
C UNK F 37 28.89 6.80 -35.19
N UNK F 38 29.25 8.08 -35.10
CA UNK F 38 30.49 8.58 -35.68
C UNK F 38 31.39 9.14 -34.59
N UNK F 39 32.66 8.75 -34.64
CA UNK F 39 33.69 9.21 -33.71
C UNK F 39 34.81 9.87 -34.48
N UNK F 40 35.15 11.10 -34.08
CA UNK F 40 36.33 11.75 -34.61
C UNK F 40 37.58 11.12 -33.99
N UNK F 41 38.74 11.49 -34.52
CA UNK F 41 39.98 10.95 -33.99
C UNK F 41 40.19 11.40 -32.56
N UNK F 42 40.35 10.42 -31.66
CA UNK F 42 40.56 10.68 -30.23
C UNK F 42 39.38 11.45 -29.64
N UNK F 43 38.20 10.86 -29.72
CA UNK F 43 37.00 11.47 -29.16
C UNK F 43 35.95 10.39 -28.94
N UNK F 44 34.97 10.71 -28.10
CA UNK F 44 33.88 9.78 -27.85
C UNK F 44 32.93 9.73 -29.05
N UNK F 45 32.41 8.53 -29.33
CA UNK F 45 31.49 8.39 -30.45
C UNK F 45 30.20 9.12 -30.19
N UNK F 46 29.59 9.63 -31.26
CA UNK F 46 28.32 10.35 -31.22
C UNK F 46 27.34 9.72 -32.18
N UNK F 47 26.12 9.49 -31.71
CA UNK F 47 25.12 8.81 -32.53
C UNK F 47 24.71 9.67 -33.72
N UNK F 48 24.53 9.01 -34.86
CA UNK F 48 24.06 9.64 -36.10
C UNK F 48 22.78 9.03 -36.63
N UNK F 49 22.44 7.82 -36.21
CA UNK F 49 21.18 7.18 -36.56
C UNK F 49 20.76 6.27 -35.40
N UNK F 50 19.67 6.66 -34.73
CA UNK F 50 19.26 5.98 -33.49
C UNK F 50 18.60 4.63 -33.77
N UNK F 51 17.83 4.54 -34.85
CA UNK F 51 17.17 3.30 -35.25
C UNK F 51 17.60 3.01 -36.68
N UNK F 52 16.93 2.07 -37.33
CA UNK F 52 17.30 1.68 -38.68
C UNK F 52 17.29 2.88 -39.63
N UNK F 53 16.37 3.84 -39.39
CA UNK F 53 16.26 5.04 -40.21
C UNK F 53 16.13 6.33 -39.42
N UNK F 54 15.68 6.28 -38.16
CA UNK F 54 15.42 7.50 -37.42
C UNK F 54 16.72 8.21 -37.07
N UNK F 55 16.81 9.48 -37.43
CA UNK F 55 18.00 10.28 -37.15
C UNK F 55 17.96 10.78 -35.71
N UNK F 56 19.14 10.78 -35.09
CA UNK F 56 19.25 11.19 -33.69
C UNK F 56 18.83 12.65 -33.53
N UNK F 57 18.47 13.01 -32.31
CA UNK F 57 18.05 14.38 -32.03
C UNK F 57 19.21 15.33 -32.23
N UNK F 58 18.93 16.45 -32.90
CA UNK F 58 19.90 17.52 -33.16
C UNK F 58 21.06 17.07 -34.04
N UNK F 59 20.91 15.95 -34.75
CA UNK F 59 21.94 15.54 -35.71
C UNK F 59 21.77 16.32 -37.01
N UNK F 60 22.86 16.44 -37.75
CA UNK F 60 22.83 17.20 -39.00
C UNK F 60 21.89 16.57 -40.00
N UNK F 61 21.21 17.41 -40.78
CA UNK F 61 20.21 16.92 -41.73
C UNK F 61 20.83 16.07 -42.83
N UNK F 62 22.13 16.26 -43.12
CA UNK F 62 22.77 15.51 -44.19
C UNK F 62 22.79 14.02 -43.92
N UNK F 63 22.86 13.60 -42.66
CA UNK F 63 22.96 12.19 -42.32
C UNK F 63 21.61 11.50 -42.46
N UNK F 64 21.62 10.32 -43.06
CA UNK F 64 20.42 9.50 -43.22
C UNK F 64 20.85 8.05 -43.20
N UNK F 65 19.87 7.15 -43.13
CA UNK F 65 20.16 5.72 -43.02
C UNK F 65 19.07 4.91 -43.70
N UNK F 66 19.42 3.68 -44.07
CA UNK F 66 18.50 2.78 -44.72
C UNK F 66 18.91 1.34 -44.42
N UNK F 67 17.96 0.43 -44.59
CA UNK F 67 18.20 -0.99 -44.40
C UNK F 67 17.51 -1.76 -45.51
N UNK F 68 18.17 -2.82 -45.99
CA UNK F 68 17.67 -3.65 -47.07
C UNK F 68 17.94 -5.11 -46.76
N UNK F 69 16.87 -5.91 -46.79
CA UNK F 69 17.00 -7.34 -46.56
C UNK F 69 17.75 -8.00 -47.72
N UNK F 70 17.78 -7.37 -48.89
CA UNK F 70 18.60 -7.87 -49.98
C UNK F 70 20.07 -7.85 -49.56
N UNK F 71 20.65 -9.04 -49.41
CA UNK F 71 22.01 -9.25 -48.94
C UNK F 71 22.17 -8.96 -47.44
N UNK F 72 21.05 -8.72 -46.73
CA UNK F 72 21.04 -8.47 -45.30
C UNK F 72 22.02 -7.36 -44.93
N UNK F 73 21.75 -6.16 -45.45
CA UNK F 73 22.67 -5.04 -45.34
C UNK F 73 21.94 -3.80 -44.85
N UNK F 74 22.74 -2.85 -44.36
CA UNK F 74 22.26 -1.53 -43.99
C UNK F 74 23.28 -0.52 -44.48
N UNK F 75 22.93 0.75 -44.44
CA UNK F 75 23.83 1.76 -44.97
C UNK F 75 23.48 3.14 -44.43
N UNK F 76 24.50 3.86 -43.99
CA UNK F 76 24.40 5.28 -43.69
C UNK F 76 24.78 6.07 -44.93
N UNK F 77 24.25 7.28 -45.05
CA UNK F 77 24.47 8.11 -46.21
C UNK F 77 24.54 9.57 -45.80
N UNK F 78 25.53 10.27 -46.35
CA UNK F 78 25.67 11.71 -46.21
C UNK F 78 25.27 12.36 -47.52
N UNK F 79 24.29 13.26 -47.46
CA UNK F 79 23.81 13.90 -48.68
C UNK F 79 24.89 14.75 -49.33
N UNK F 80 25.66 15.47 -48.52
CA UNK F 80 26.74 16.31 -49.04
C UNK F 80 27.83 16.37 -47.97
N UNK F 81 28.96 15.72 -48.24
CA UNK F 81 30.06 15.72 -47.29
C UNK F 81 30.56 17.13 -47.05
N UNK F 82 30.64 17.52 -45.79
CA UNK F 82 30.99 18.89 -45.40
C UNK F 82 32.46 19.05 -45.08
N UNK F 83 33.30 18.05 -45.33
CA UNK F 83 34.71 18.15 -45.02
C UNK F 83 35.00 17.87 -43.55
N UNK F 84 34.34 18.61 -42.66
CA UNK F 84 34.37 18.30 -41.24
C UNK F 84 33.55 17.08 -40.88
N UNK F 85 32.78 16.53 -41.82
CA UNK F 85 32.06 15.29 -41.58
C UNK F 85 32.96 14.06 -41.70
N UNK F 86 34.22 14.24 -42.09
CA UNK F 86 35.13 13.10 -42.16
C UNK F 86 35.47 12.61 -40.76
N UNK F 87 35.25 11.32 -40.52
CA UNK F 87 35.47 10.72 -39.21
C UNK F 87 35.32 9.21 -39.35
N UNK F 88 35.47 8.52 -38.21
CA UNK F 88 35.30 7.07 -38.16
C UNK F 88 33.84 6.74 -37.82
N UNK F 89 33.11 6.33 -38.85
CA UNK F 89 31.69 6.01 -38.70
C UNK F 89 31.50 4.50 -38.58
N UNK F 90 30.81 4.06 -37.53
CA UNK F 90 30.68 2.65 -37.20
C UNK F 90 29.23 2.33 -36.90
N UNK F 91 28.83 1.13 -37.33
CA UNK F 91 27.47 0.63 -37.09
C UNK F 91 27.44 -0.26 -35.86
N UNK F 92 26.23 -0.48 -35.35
CA UNK F 92 26.00 -1.33 -34.20
C UNK F 92 24.66 -2.04 -34.37
N UNK F 93 24.60 -3.28 -33.92
CA UNK F 93 23.39 -4.08 -34.04
C UNK F 93 23.33 -5.07 -32.89
N UNK F 94 22.16 -5.65 -32.70
CA UNK F 94 21.88 -6.52 -31.56
C UNK F 94 21.51 -7.92 -32.04
N UNK F 95 21.90 -8.91 -31.24
CA UNK F 95 21.46 -10.28 -31.45
C UNK F 95 20.10 -10.50 -30.79
N UNK F 96 19.51 -11.66 -31.05
CA UNK F 96 18.24 -12.00 -30.41
C UNK F 96 18.38 -12.10 -28.90
N UNK F 97 19.56 -12.50 -28.41
CA UNK F 97 19.81 -12.64 -26.99
C UNK F 97 20.26 -11.35 -26.32
N UNK F 98 20.04 -10.19 -26.95
CA UNK F 98 20.34 -8.87 -26.43
C UNK F 98 21.83 -8.55 -26.40
N UNK F 99 22.68 -9.44 -26.91
CA UNK F 99 24.08 -9.08 -27.11
C UNK F 99 24.20 -8.14 -28.30
N UNK F 100 25.24 -7.31 -28.28
CA UNK F 100 25.42 -6.27 -29.28
C UNK F 100 26.82 -6.37 -29.87
N UNK F 101 26.92 -6.01 -31.15
CA UNK F 101 28.19 -6.02 -31.86
C UNK F 101 28.29 -4.77 -32.71
N UNK F 102 29.52 -4.30 -32.88
CA UNK F 102 29.82 -3.09 -33.64
C UNK F 102 30.85 -3.42 -34.72
N UNK F 103 30.71 -2.76 -35.87
CA UNK F 103 31.56 -3.03 -37.02
C UNK F 103 32.76 -2.07 -37.03
N UNK F 104 33.73 -2.42 -37.86
CA UNK F 104 34.88 -1.54 -38.06
C UNK F 104 34.44 -0.29 -38.82
N UNK F 105 35.20 0.78 -38.66
CA UNK F 105 34.82 2.08 -39.20
C UNK F 105 35.32 2.26 -40.63
N UNK F 106 34.58 3.08 -41.38
CA UNK F 106 35.01 3.43 -42.73
C UNK F 106 36.13 4.47 -42.72
N UNK F 107 36.13 5.37 -41.74
CA UNK F 107 37.18 6.37 -41.58
C UNK F 107 37.27 7.29 -42.80
N UNK F 108 36.12 7.56 -43.40
CA UNK F 108 36.04 8.49 -44.53
C UNK F 108 34.59 8.75 -44.90
N UNK G 1 44.52 -22.10 -40.30
CA UNK G 1 45.91 -21.77 -40.00
C UNK G 1 46.66 -22.99 -39.51
N UNK G 2 47.97 -22.83 -39.29
CA UNK G 2 48.79 -23.93 -38.82
C UNK G 2 49.96 -23.38 -38.02
N UNK G 3 50.59 -24.25 -37.25
CA UNK G 3 51.77 -23.89 -36.47
C UNK G 3 52.73 -25.05 -36.48
N UNK G 4 54.01 -24.75 -36.25
CA UNK G 4 55.05 -25.77 -36.26
C UNK G 4 56.12 -25.42 -35.25
N UNK G 5 56.40 -26.36 -34.35
CA UNK G 5 57.50 -26.22 -33.41
C UNK G 5 58.80 -26.70 -34.06
N UNK G 6 59.93 -26.23 -33.53
CA UNK G 6 61.21 -26.51 -34.16
C UNK G 6 62.34 -26.34 -33.16
N UNK G 7 63.50 -26.89 -33.53
CA UNK G 7 64.76 -26.82 -32.78
C UNK G 7 64.77 -27.73 -31.55
N UNK G 8 64.21 -28.93 -31.68
CA UNK G 8 64.36 -29.96 -30.66
C UNK G 8 65.49 -30.91 -31.02
N UNK G 9 66.24 -31.34 -30.02
CA UNK G 9 67.41 -32.18 -30.23
C UNK G 9 67.74 -32.94 -28.96
N UNK G 10 68.74 -33.82 -29.06
CA UNK G 10 69.16 -34.66 -27.94
C UNK G 10 70.19 -33.88 -27.12
N UNK G 11 69.70 -32.93 -26.33
CA UNK G 11 70.58 -32.12 -25.50
C UNK G 11 71.21 -32.95 -24.39
N UNK G 12 72.45 -32.60 -24.04
CA UNK G 12 73.08 -33.20 -22.89
C UNK G 12 72.42 -32.69 -21.61
N UNK G 13 72.53 -33.47 -20.54
CA UNK G 13 71.88 -33.12 -19.29
C UNK G 13 72.42 -31.81 -18.75
N UNK G 14 71.51 -30.98 -18.24
CA UNK G 14 71.82 -29.68 -17.64
C UNK G 14 72.37 -28.67 -18.64
N UNK G 15 72.12 -28.88 -19.94
CA UNK G 15 72.53 -27.93 -20.97
C UNK G 15 71.36 -27.04 -21.37
N UNK G 16 71.66 -25.77 -21.59
CA UNK G 16 70.66 -24.81 -22.01
C UNK G 16 70.14 -25.15 -23.40
N UNK G 17 68.84 -24.93 -23.60
CA UNK G 17 68.21 -25.23 -24.88
C UNK G 17 67.11 -24.22 -25.16
N UNK G 18 66.71 -24.14 -26.42
CA UNK G 18 65.62 -23.26 -26.83
C UNK G 18 64.91 -23.88 -28.01
N UNK G 19 63.58 -23.70 -28.03
CA UNK G 19 62.72 -24.19 -29.09
C UNK G 19 61.90 -23.03 -29.61
N UNK G 20 61.55 -23.10 -30.89
CA UNK G 20 60.84 -22.03 -31.56
C UNK G 20 59.52 -22.54 -32.11
N UNK G 21 58.61 -21.62 -32.39
CA UNK G 21 57.30 -21.94 -32.95
C UNK G 21 56.98 -20.92 -34.04
N UNK G 22 56.80 -21.41 -35.26
CA UNK G 22 56.50 -20.59 -36.42
C UNK G 22 55.10 -20.88 -36.93
N UNK G 23 54.36 -19.81 -37.22
CA UNK G 23 52.97 -19.89 -37.64
C UNK G 23 52.86 -19.75 -39.16
N UNK G 24 51.87 -20.42 -39.73
CA UNK G 24 51.60 -20.41 -41.16
C UNK G 24 50.12 -20.07 -41.37
N UNK G 25 49.88 -19.19 -42.35
CA UNK G 25 48.53 -18.69 -42.64
C UNK G 25 47.92 -18.03 -41.40
N UNK G 26 48.76 -17.32 -40.65
CA UNK G 26 48.31 -16.58 -39.48
C UNK G 26 49.44 -15.64 -39.06
N UNK G 27 49.08 -14.68 -38.21
CA UNK G 27 50.03 -13.73 -37.63
C UNK G 27 50.23 -14.13 -36.17
N UNK G 28 51.43 -14.66 -35.86
CA UNK G 28 51.72 -15.04 -34.49
C UNK G 28 51.75 -13.83 -33.56
N UNK G 29 51.95 -12.63 -34.11
CA UNK G 29 51.90 -11.41 -33.30
C UNK G 29 50.50 -11.16 -32.77
N UNK G 30 49.47 -11.57 -33.50
CA UNK G 30 48.09 -11.32 -33.11
C UNK G 30 47.53 -12.39 -32.17
N UNK G 31 47.95 -13.64 -32.33
CA UNK G 31 47.44 -14.73 -31.51
C UNK G 31 48.27 -14.87 -30.24
N UNK G 32 47.63 -15.43 -29.20
CA UNK G 32 48.27 -15.66 -27.90
C UNK G 32 48.74 -17.11 -27.85
N UNK G 33 50.00 -17.33 -28.19
CA UNK G 33 50.54 -18.68 -28.24
C UNK G 33 50.79 -19.22 -26.85
N UNK G 34 50.76 -20.55 -26.73
CA UNK G 34 50.95 -21.23 -25.46
C UNK G 34 51.73 -22.50 -25.71
N UNK G 35 52.34 -23.03 -24.65
CA UNK G 35 53.23 -24.18 -24.73
C UNK G 35 52.77 -25.27 -23.77
N UNK G 36 52.81 -26.51 -24.26
CA UNK G 36 52.50 -27.68 -23.44
C UNK G 36 53.57 -28.72 -23.69
N UNK G 37 53.68 -29.67 -22.76
CA UNK G 37 54.68 -30.71 -22.86
C UNK G 37 54.08 -32.02 -22.38
N UNK G 38 54.14 -33.03 -23.25
CA UNK G 38 53.67 -34.37 -22.92
C UNK G 38 54.88 -35.30 -22.88
N UNK G 39 55.16 -35.86 -21.71
CA UNK G 39 56.27 -36.80 -21.59
C UNK G 39 55.96 -38.07 -22.37
N UNK G 40 56.93 -38.99 -22.35
CA UNK G 40 56.78 -40.23 -23.10
C UNK G 40 55.75 -41.10 -22.39
N UNK G 41 54.49 -40.97 -22.78
CA UNK G 41 53.42 -41.79 -22.25
C UNK G 41 52.61 -41.18 -21.13
N UNK G 42 52.85 -39.91 -20.78
CA UNK G 42 52.15 -39.23 -19.70
C UNK G 42 51.21 -38.17 -20.27
N UNK G 43 50.43 -37.56 -19.38
CA UNK G 43 49.45 -36.57 -19.79
C UNK G 43 50.13 -35.24 -20.12
N UNK G 44 49.44 -34.44 -20.94
CA UNK G 44 49.95 -33.14 -21.31
C UNK G 44 49.98 -32.21 -20.11
N UNK G 45 51.06 -31.43 -20.00
CA UNK G 45 51.24 -30.46 -18.92
C UNK G 45 51.47 -29.08 -19.52
N UNK G 46 50.62 -28.12 -19.15
CA UNK G 46 50.75 -26.76 -19.65
C UNK G 46 51.92 -26.06 -18.98
N UNK G 47 52.79 -25.47 -19.79
CA UNK G 47 53.98 -24.79 -19.29
C UNK G 47 53.78 -23.29 -19.12
N UNK G 48 53.18 -22.62 -20.10
CA UNK G 48 53.10 -21.16 -20.06
C UNK G 48 52.16 -20.69 -21.16
N UNK G 49 52.06 -19.37 -21.27
CA UNK G 49 51.37 -18.69 -22.36
C UNK G 49 51.96 -17.29 -22.46
N UNK G 50 51.78 -16.68 -23.64
CA UNK G 50 52.23 -15.31 -23.88
C UNK G 50 51.11 -14.53 -24.57
N UNK G 51 50.80 -13.36 -24.02
CA UNK G 51 49.72 -12.54 -24.54
C UNK G 51 50.09 -11.97 -25.90
N UNK G 52 49.14 -11.25 -26.49
CA UNK G 52 49.43 -10.53 -27.74
C UNK G 52 50.54 -9.52 -27.53
N UNK G 53 50.58 -8.88 -26.36
CA UNK G 53 51.72 -8.08 -25.97
C UNK G 53 52.84 -9.00 -25.47
N UNK G 54 53.88 -8.37 -24.91
CA UNK G 54 55.05 -9.14 -24.49
C UNK G 54 54.82 -9.91 -23.19
N UNK G 55 53.77 -9.58 -22.44
CA UNK G 55 53.58 -10.17 -21.11
C UNK G 55 53.38 -11.68 -21.21
N UNK G 56 54.09 -12.41 -20.34
CA UNK G 56 54.08 -13.87 -20.35
C UNK G 56 53.70 -14.39 -18.97
N UNK G 57 52.90 -15.45 -18.96
CA UNK G 57 52.44 -16.09 -17.73
C UNK G 57 52.88 -17.55 -17.75
N UNK G 58 53.35 -18.03 -16.60
CA UNK G 58 53.97 -19.34 -16.53
C UNK G 58 53.46 -20.10 -15.31
N UNK G 59 53.40 -21.42 -15.43
CA UNK G 59 52.95 -22.26 -14.33
C UNK G 59 53.98 -22.28 -13.22
N UNK G 60 53.51 -22.47 -11.98
CA UNK G 60 54.41 -22.44 -10.84
C UNK G 60 55.41 -23.59 -10.89
N UNK G 61 55.07 -24.69 -11.54
CA UNK G 61 56.01 -25.80 -11.69
C UNK G 61 57.24 -25.37 -12.47
N UNK G 62 57.06 -24.52 -13.48
CA UNK G 62 58.13 -24.11 -14.40
C UNK G 62 58.38 -22.62 -14.37
N UNK G 63 58.11 -21.96 -13.25
CA UNK G 63 58.34 -20.51 -13.17
C UNK G 63 59.82 -20.19 -13.34
N UNK G 64 60.70 -20.98 -12.72
CA UNK G 64 62.13 -20.72 -12.77
C UNK G 64 62.84 -21.48 -13.88
N UNK G 65 62.36 -22.68 -14.24
CA UNK G 65 63.09 -23.52 -15.16
C UNK G 65 62.99 -23.04 -16.61
N UNK G 66 61.80 -22.60 -17.02
CA UNK G 66 61.52 -22.28 -18.42
C UNK G 66 61.03 -20.84 -18.53
N UNK G 67 61.28 -20.24 -19.69
CA UNK G 67 60.89 -18.86 -19.95
C UNK G 67 60.42 -18.72 -21.40
N UNK G 68 59.26 -18.11 -21.59
CA UNK G 68 58.69 -17.90 -22.91
C UNK G 68 58.97 -16.50 -23.40
N UNK G 69 59.03 -16.35 -24.73
CA UNK G 69 59.34 -15.07 -25.36
C UNK G 69 58.71 -15.05 -26.74
N UNK G 70 58.65 -13.87 -27.34
CA UNK G 70 57.98 -13.68 -28.62
C UNK G 70 58.71 -12.64 -29.44
N UNK G 71 58.79 -12.90 -30.75
CA UNK G 71 59.17 -11.93 -31.75
C UNK G 71 58.07 -11.89 -32.80
N UNK G 72 58.08 -10.83 -33.62
CA UNK G 72 56.94 -10.56 -34.49
C UNK G 72 56.66 -11.71 -35.47
N UNK G 73 57.66 -12.55 -35.74
CA UNK G 73 57.51 -13.67 -36.66
C UNK G 73 57.50 -15.03 -35.97
N UNK G 74 57.61 -15.12 -34.65
CA UNK G 74 57.72 -16.43 -34.02
C UNK G 74 57.51 -16.32 -32.52
N UNK G 75 57.24 -17.45 -31.90
CA UNK G 75 57.26 -17.60 -30.45
C UNK G 75 58.43 -18.50 -30.09
N UNK G 76 58.82 -18.49 -28.80
CA UNK G 76 59.98 -19.27 -28.39
C UNK G 76 59.87 -19.60 -26.91
N UNK G 77 60.49 -20.73 -26.55
CA UNK G 77 60.64 -21.13 -25.16
C UNK G 77 62.10 -21.50 -24.93
N UNK G 78 62.63 -21.11 -23.77
CA UNK G 78 64.01 -21.37 -23.42
C UNK G 78 64.05 -22.08 -22.07
N UNK G 79 64.85 -23.15 -22.02
CA UNK G 79 64.97 -24.00 -20.85
C UNK G 79 66.41 -23.98 -20.37
N UNK G 80 66.58 -23.69 -19.09
CA UNK G 80 67.87 -23.68 -18.43
C UNK G 80 67.95 -24.86 -17.46
N UNK G 81 69.09 -25.54 -17.48
CA UNK G 81 69.30 -26.73 -16.66
C UNK G 81 68.27 -27.80 -16.99
N UNK G 82 68.23 -28.20 -18.25
CA UNK G 82 67.32 -29.25 -18.67
C UNK G 82 67.73 -30.58 -18.06
N UNK G 83 66.95 -31.04 -17.09
CA UNK G 83 67.25 -32.29 -16.40
C UNK G 83 66.93 -33.48 -17.30
N UNK G 84 67.34 -34.67 -16.83
CA UNK G 84 67.03 -35.88 -17.58
C UNK G 84 65.53 -36.17 -17.57
N UNK G 85 64.80 -35.65 -16.58
CA UNK G 85 63.36 -35.84 -16.50
C UNK G 85 62.58 -34.83 -17.34
N UNK G 86 63.25 -33.91 -18.04
CA UNK G 86 62.58 -32.94 -18.89
C UNK G 86 62.39 -33.44 -20.31
N UNK G 87 62.78 -34.67 -20.62
CA UNK G 87 62.55 -35.21 -21.96
C UNK G 87 61.05 -35.37 -22.19
N UNK G 88 60.57 -34.83 -23.31
CA UNK G 88 59.15 -34.84 -23.60
C UNK G 88 58.92 -34.29 -25.00
N UNK G 89 57.70 -34.49 -25.50
CA UNK G 89 57.25 -33.87 -26.73
C UNK G 89 56.66 -32.51 -26.37
N UNK G 90 57.31 -31.44 -26.81
CA UNK G 90 56.88 -30.08 -26.52
C UNK G 90 56.13 -29.52 -27.72
N UNK G 91 54.94 -28.98 -27.47
CA UNK G 91 54.03 -28.56 -28.53
C UNK G 91 53.55 -27.16 -28.26
N UNK G 92 53.51 -26.36 -29.33
CA UNK G 92 52.93 -25.03 -29.28
C UNK G 92 51.46 -25.09 -29.72
N UNK G 93 50.69 -24.10 -29.28
CA UNK G 93 49.27 -24.04 -29.60
C UNK G 93 48.82 -22.60 -29.56
N UNK G 94 47.65 -22.34 -30.14
CA UNK G 94 47.04 -21.02 -30.13
C UNK G 94 45.95 -21.00 -29.06
N UNK G 95 46.13 -20.15 -28.04
CA UNK G 95 45.18 -20.08 -26.93
C UNK G 95 44.04 -19.11 -27.24
N UNK G 96 43.18 -19.55 -28.15
CA UNK G 96 41.99 -18.78 -28.53
C UNK G 96 40.80 -19.25 -27.72
N UNK G 97 40.02 -18.29 -27.22
CA UNK G 97 38.84 -18.57 -26.41
C UNK G 97 39.19 -19.38 -25.17
N UNK G 98 40.35 -19.07 -24.59
CA UNK G 98 40.84 -19.73 -23.38
C UNK G 98 41.00 -21.24 -23.59
N UNK G 99 41.34 -21.65 -24.80
CA UNK G 99 41.54 -23.05 -25.12
C UNK G 99 42.50 -23.15 -26.30
N UNK G 100 43.19 -24.28 -26.39
CA UNK G 100 44.18 -24.52 -27.45
C UNK G 100 43.44 -24.92 -28.72
N UNK G 101 43.00 -23.91 -29.47
CA UNK G 101 42.20 -24.16 -30.67
C UNK G 101 43.01 -24.90 -31.74
N UNK G 102 44.19 -24.38 -32.07
CA UNK G 102 45.06 -24.96 -33.09
C UNK G 102 46.35 -25.39 -32.42
N UNK G 103 46.58 -26.70 -32.39
CA UNK G 103 47.76 -27.28 -31.75
C UNK G 103 48.81 -27.61 -32.81
N UNK G 104 50.04 -27.18 -32.56
CA UNK G 104 51.12 -27.38 -33.51
C UNK G 104 51.61 -28.82 -33.49
N UNK G 105 52.32 -29.19 -34.54
CA UNK G 105 53.04 -30.46 -34.52
C UNK G 105 54.13 -30.40 -33.45
N UNK G 106 54.32 -31.51 -32.77
CA UNK G 106 55.21 -31.53 -31.62
C UNK G 106 56.67 -31.61 -32.04
N UNK G 107 57.56 -31.43 -31.07
CA UNK G 107 58.99 -31.59 -31.25
C UNK G 107 59.57 -32.29 -30.02
N UNK G 108 60.21 -33.44 -30.24
CA UNK G 108 60.68 -34.28 -29.15
C UNK G 108 62.03 -33.76 -28.67
N UNK G 109 62.03 -33.12 -27.51
CA UNK G 109 63.25 -32.55 -26.92
C UNK G 109 63.86 -33.53 -25.93
N UNK G 110 64.44 -34.60 -26.48
CA UNK G 110 65.07 -35.62 -25.67
C UNK G 110 66.26 -35.05 -24.93
N UNK G 111 66.54 -35.61 -23.74
CA UNK G 111 67.65 -35.17 -22.91
C UNK G 111 68.34 -36.40 -22.35
N UNK G 112 69.63 -36.26 -22.05
CA UNK G 112 70.44 -37.34 -21.52
C UNK G 112 71.38 -37.94 -22.55
N UNK H 1 22.00 15.46 -19.99
CA UNK H 1 22.70 14.64 -19.00
C UNK H 1 24.12 14.36 -19.45
N UNK H 2 24.89 13.68 -18.60
CA UNK H 2 26.27 13.35 -18.91
C UNK H 2 26.69 12.13 -18.11
N UNK H 3 27.74 11.48 -18.58
CA UNK H 3 28.35 10.34 -17.90
C UNK H 3 29.86 10.54 -17.90
N UNK H 4 30.51 10.02 -16.85
CA UNK H 4 31.95 10.17 -16.70
C UNK H 4 32.56 8.87 -16.22
N UNK H 5 33.48 8.32 -17.01
CA UNK H 5 34.22 7.14 -16.62
C UNK H 5 35.37 7.52 -15.69
N UNK H 6 35.82 6.55 -14.90
CA UNK H 6 36.83 6.82 -13.88
C UNK H 6 37.50 5.51 -13.47
N UNK H 7 38.61 5.69 -12.73
CA UNK H 7 39.46 4.60 -12.24
C UNK H 7 40.29 3.97 -13.36
N UNK H 8 40.74 4.81 -14.29
CA UNK H 8 41.79 4.40 -15.22
C UNK H 8 43.08 4.18 -14.47
N UNK H 9 43.85 3.19 -14.89
CA UNK H 9 45.11 2.90 -14.21
C UNK H 9 45.93 1.93 -15.04
N UNK H 10 47.17 1.73 -14.59
CA UNK H 10 48.01 0.67 -15.13
C UNK H 10 47.94 -0.56 -14.22
N UNK H 11 47.57 -1.69 -14.81
CA UNK H 11 47.39 -2.94 -14.09
C UNK H 11 48.50 -3.91 -14.44
N UNK H 12 48.95 -4.67 -13.45
CA UNK H 12 49.92 -5.71 -13.70
C UNK H 12 49.33 -6.76 -14.62
N UNK H 13 50.20 -7.48 -15.33
CA UNK H 13 49.74 -8.47 -16.28
C UNK H 13 48.91 -9.55 -15.58
N UNK H 14 47.73 -9.81 -16.12
CA UNK H 14 46.78 -10.78 -15.57
C UNK H 14 46.32 -10.42 -14.17
N UNK H 15 46.21 -9.13 -13.88
CA UNK H 15 45.73 -8.64 -12.59
C UNK H 15 44.30 -8.13 -12.72
N UNK H 16 43.77 -7.62 -11.61
CA UNK H 16 42.40 -7.14 -11.53
C UNK H 16 42.35 -5.62 -11.42
N UNK H 17 41.24 -5.05 -11.89
CA UNK H 17 40.97 -3.63 -11.79
C UNK H 17 39.48 -3.43 -11.64
N UNK H 18 39.07 -2.17 -11.46
CA UNK H 18 37.66 -1.83 -11.27
C UNK H 18 37.39 -0.47 -11.87
N UNK H 19 36.85 -0.45 -13.09
CA UNK H 19 36.45 0.80 -13.72
C UNK H 19 35.09 1.23 -13.17
N UNK H 20 34.82 2.53 -13.23
CA UNK H 20 33.58 3.07 -12.70
C UNK H 20 33.02 4.09 -13.68
N UNK H 21 31.73 4.36 -13.54
CA UNK H 21 31.04 5.34 -14.37
C UNK H 21 29.97 6.02 -13.54
N UNK H 22 30.06 7.34 -13.45
CA UNK H 22 29.10 8.16 -12.72
C UNK H 22 28.21 8.89 -13.70
N UNK H 23 26.90 8.77 -13.50
CA UNK H 23 25.90 9.34 -14.39
C UNK H 23 25.18 10.48 -13.70
N UNK H 24 25.20 11.65 -14.33
CA UNK H 24 24.52 12.81 -13.79
C UNK H 24 23.01 12.70 -14.01
N UNK H 25 22.26 13.47 -13.23
CA UNK H 25 20.83 13.52 -13.34
C UNK H 25 20.13 12.68 -12.29
N UNK H 26 18.80 12.75 -12.31
CA UNK H 26 17.96 12.03 -11.35
C UNK H 26 17.45 10.70 -11.88
N UNK H 27 17.48 10.48 -13.20
CA UNK H 27 16.95 9.25 -13.79
C UNK H 27 18.01 8.14 -13.76
N UNK H 28 18.27 7.64 -12.55
CA UNK H 28 19.27 6.58 -12.39
C UNK H 28 18.76 5.24 -12.89
N UNK H 29 17.50 4.93 -12.60
CA UNK H 29 16.98 3.61 -12.95
C UNK H 29 16.69 3.46 -14.44
N UNK H 30 16.10 4.49 -15.06
CA UNK H 30 15.70 4.38 -16.46
C UNK H 30 16.89 4.42 -17.42
N UNK H 31 17.95 5.14 -17.07
CA UNK H 31 19.11 5.30 -17.96
C UNK H 31 19.93 4.01 -17.96
N UNK H 32 19.51 3.07 -18.82
CA UNK H 32 20.24 1.83 -18.98
C UNK H 32 21.63 2.09 -19.57
N UNK H 33 22.65 1.48 -18.98
CA UNK H 33 24.03 1.80 -19.26
C UNK H 33 24.74 0.63 -19.94
N UNK H 34 25.76 0.98 -20.72
CA UNK H 34 26.58 0.00 -21.42
C UNK H 34 28.04 0.42 -21.34
N UNK H 35 28.92 -0.56 -21.46
CA UNK H 35 30.36 -0.35 -21.39
C UNK H 35 31.01 -0.95 -22.63
N UNK H 36 31.66 -0.08 -23.42
CA UNK H 36 32.35 -0.48 -24.63
C UNK H 36 33.82 -0.13 -24.47
N UNK H 37 34.64 -0.64 -25.39
CA UNK H 37 36.08 -0.46 -25.27
C UNK H 37 36.70 -0.40 -26.66
N UNK H 38 37.46 0.67 -26.91
CA UNK H 38 38.20 0.83 -28.14
C UNK H 38 39.68 0.61 -27.85
N UNK H 39 40.29 -0.33 -28.55
CA UNK H 39 41.70 -0.60 -28.35
C UNK H 39 42.53 0.55 -28.93
N UNK H 40 43.85 0.38 -28.89
CA UNK H 40 44.74 1.46 -29.32
C UNK H 40 44.53 1.84 -30.78
N UNK H 41 44.34 0.85 -31.65
CA UNK H 41 44.19 1.07 -33.09
C UNK H 41 43.04 0.22 -33.65
N UNK H 42 41.89 0.25 -32.98
CA UNK H 42 40.76 -0.55 -33.40
C UNK H 42 39.47 0.20 -33.07
N UNK H 43 38.39 -0.24 -33.70
CA UNK H 43 37.09 0.38 -33.48
C UNK H 43 36.47 -0.12 -32.19
N UNK H 44 35.43 0.59 -31.74
CA UNK H 44 34.79 0.27 -30.47
C UNK H 44 34.17 -1.12 -30.52
N UNK H 45 34.32 -1.85 -29.42
CA UNK H 45 33.72 -3.17 -29.24
C UNK H 45 32.95 -3.21 -27.92
N UNK H 46 31.70 -3.67 -28.00
CA UNK H 46 30.87 -3.74 -26.81
C UNK H 46 31.41 -4.79 -25.86
N UNK H 47 31.42 -4.45 -24.57
CA UNK H 47 31.92 -5.34 -23.51
C UNK H 47 30.84 -5.77 -22.55
N UNK H 48 29.94 -4.88 -22.14
CA UNK H 48 28.92 -5.25 -21.16
C UNK H 48 27.76 -4.28 -21.23
N UNK H 49 26.64 -4.69 -20.63
CA UNK H 49 25.46 -3.84 -20.48
C UNK H 49 24.80 -4.13 -19.15
N UNK H 50 24.52 -3.07 -18.40
CA UNK H 50 23.82 -3.17 -17.12
C UNK H 50 22.67 -2.18 -17.13
N UNK H 51 21.47 -2.67 -16.84
CA UNK H 51 20.29 -1.83 -16.65
C UNK H 51 20.01 -1.69 -15.16
N UNK H 52 20.70 -0.74 -14.55
CA UNK H 52 20.50 -0.45 -13.14
C UNK H 52 19.05 -0.07 -12.88
N UNK H 53 18.46 -0.68 -11.86
CA UNK H 53 17.04 -0.56 -11.58
C UNK H 53 16.23 -1.78 -11.92
N UNK H 54 16.57 -2.48 -13.00
CA UNK H 54 15.99 -3.78 -13.33
C UNK H 54 16.98 -4.92 -13.19
N UNK H 55 18.27 -4.64 -12.97
CA UNK H 55 19.28 -5.64 -12.67
C UNK H 55 19.51 -6.61 -13.83
N UNK H 56 19.18 -6.19 -15.05
CA UNK H 56 19.50 -7.00 -16.22
C UNK H 56 20.94 -6.74 -16.63
N UNK H 57 21.77 -7.77 -16.55
CA UNK H 57 23.19 -7.67 -16.85
C UNK H 57 23.56 -8.68 -17.90
N UNK H 58 24.21 -8.20 -18.96
CA UNK H 58 24.66 -9.05 -20.06
C UNK H 58 26.09 -8.67 -20.39
N UNK H 59 26.86 -9.66 -20.85
CA UNK H 59 28.29 -9.48 -21.11
C UNK H 59 28.64 -10.14 -22.43
N UNK H 60 29.65 -9.58 -23.10
CA UNK H 60 30.10 -10.11 -24.37
C UNK H 60 30.82 -11.43 -24.19
N UNK H 61 30.83 -12.24 -25.25
CA UNK H 61 31.47 -13.55 -25.18
C UNK H 61 32.97 -13.42 -24.94
N UNK H 62 33.59 -12.34 -25.45
CA UNK H 62 35.01 -12.14 -25.26
C UNK H 62 35.37 -11.95 -23.80
N UNK H 63 34.49 -11.32 -23.03
CA UNK H 63 34.71 -11.05 -21.61
C UNK H 63 33.55 -11.56 -20.76
N UNK H 64 32.87 -12.62 -21.20
CA UNK H 64 31.72 -13.17 -20.48
C UNK H 64 32.08 -13.64 -19.08
N UNK H 65 33.31 -14.12 -18.89
CA UNK H 65 33.82 -14.44 -17.57
C UNK H 65 35.02 -13.52 -17.32
N UNK H 66 35.39 -13.40 -16.05
CA UNK H 66 36.47 -12.52 -15.65
C UNK H 66 36.13 -11.06 -15.96
N UNK H 67 34.85 -10.71 -15.84
CA UNK H 67 34.39 -9.34 -15.94
C UNK H 67 32.96 -9.29 -15.43
N UNK H 68 32.70 -8.39 -14.48
CA UNK H 68 31.41 -8.35 -13.79
C UNK H 68 30.95 -6.91 -13.66
N UNK H 69 29.74 -6.63 -14.16
CA UNK H 69 29.13 -5.31 -14.04
C UNK H 69 28.18 -5.27 -12.86
N UNK H 70 28.23 -4.17 -12.12
CA UNK H 70 27.37 -3.97 -10.97
C UNK H 70 26.94 -2.51 -10.94
N UNK H 71 26.02 -2.19 -10.04
CA UNK H 71 25.46 -0.85 -9.98
C UNK H 71 25.20 -0.47 -8.53
N UNK H 72 25.17 0.83 -8.28
CA UNK H 72 24.78 1.40 -7.00
C UNK H 72 23.89 2.60 -7.26
N UNK H 73 22.62 2.49 -6.86
CA UNK H 73 21.70 3.60 -6.99
C UNK H 73 22.17 4.79 -6.17
N UNK H 74 22.57 4.55 -4.92
CA UNK H 74 23.28 5.56 -4.16
C UNK H 74 24.58 5.89 -4.88
N UNK H 75 24.86 7.18 -5.02
CA UNK H 75 25.96 7.73 -5.80
C UNK H 75 25.72 7.66 -7.31
N UNK H 76 24.62 7.03 -7.75
CA UNK H 76 24.21 6.97 -9.14
C UNK H 76 25.36 6.51 -10.05
N UNK H 77 25.84 5.29 -9.78
CA UNK H 77 27.07 4.81 -10.43
C UNK H 77 26.89 3.38 -10.90
N UNK H 78 27.65 3.03 -11.94
CA UNK H 78 27.84 1.67 -12.37
C UNK H 78 29.33 1.36 -12.34
N UNK H 79 29.67 0.09 -12.15
CA UNK H 79 31.05 -0.32 -12.01
C UNK H 79 31.28 -1.61 -12.80
N UNK H 80 32.51 -1.79 -13.24
CA UNK H 80 32.93 -2.99 -13.96
C UNK H 80 34.20 -3.49 -13.33
N UNK H 81 34.10 -4.59 -12.59
CA UNK H 81 35.29 -5.25 -12.05
C UNK H 81 35.84 -6.21 -13.09
N UNK H 82 37.10 -6.00 -13.45
CA UNK H 82 37.80 -6.79 -14.45
C UNK H 82 38.82 -7.65 -13.75
N UNK H 83 38.93 -8.90 -14.18
CA UNK H 83 39.85 -9.87 -13.61
C UNK H 83 40.58 -10.57 -14.74
N UNK H 84 41.77 -11.07 -14.43
CA UNK H 84 42.60 -11.81 -15.38
C UNK H 84 42.84 -10.98 -16.65
N UNK H 85 43.09 -9.69 -16.44
CA UNK H 85 43.26 -8.77 -17.57
C UNK H 85 44.54 -9.11 -18.34
N UNK H 86 44.37 -9.58 -19.57
CA UNK H 86 45.50 -9.95 -20.41
C UNK H 86 46.04 -8.72 -21.14
N UNK H 87 47.10 -8.95 -21.91
CA UNK H 87 47.71 -7.86 -22.65
C UNK H 87 46.83 -7.30 -23.74
N UNK H 88 45.86 -8.09 -24.21
CA UNK H 88 44.94 -7.63 -25.26
C UNK H 88 43.80 -6.78 -24.72
N UNK H 89 43.67 -6.65 -23.40
CA UNK H 89 42.60 -5.85 -22.81
C UNK H 89 42.99 -4.39 -22.61
N UNK H 90 44.20 -3.99 -22.97
CA UNK H 90 44.58 -2.59 -22.83
C UNK H 90 43.83 -1.75 -23.85
N UNK H 91 43.00 -0.82 -23.36
CA UNK H 91 42.10 -0.09 -24.24
C UNK H 91 41.52 1.10 -23.49
N UNK H 92 40.83 1.96 -24.25
CA UNK H 92 40.05 3.06 -23.68
C UNK H 92 38.63 2.56 -23.53
N UNK H 93 38.19 2.42 -22.28
CA UNK H 93 36.85 1.95 -21.94
C UNK H 93 35.94 3.15 -21.71
N UNK H 94 34.78 3.12 -22.36
CA UNK H 94 33.84 4.24 -22.33
C UNK H 94 32.46 3.72 -21.93
N UNK H 95 31.79 4.49 -21.09
CA UNK H 95 30.43 4.20 -20.69
C UNK H 95 29.44 5.00 -21.53
N UNK H 96 28.34 4.36 -21.88
CA UNK H 96 27.29 4.97 -22.69
C UNK H 96 25.95 4.76 -22.00
N UNK H 97 24.99 5.65 -22.28
CA UNK H 97 23.68 5.61 -21.66
C UNK H 97 22.61 5.83 -22.71
N UNK H 98 21.51 5.08 -22.58
CA UNK H 98 20.36 5.32 -23.44
C UNK H 98 19.65 6.60 -23.03
N UNK H 99 18.99 7.23 -23.98
CA UNK H 99 18.28 8.47 -23.74
C UNK H 99 16.96 8.47 -24.49
N UNK H 100 15.89 8.85 -23.81
CA UNK H 100 14.56 8.88 -24.39
C UNK H 100 14.30 10.25 -25.00
N UNK H 101 13.60 10.24 -26.13
CA UNK H 101 13.25 11.48 -26.82
C UNK H 101 11.94 11.29 -27.57
N UNK H 102 11.22 12.38 -27.78
CA UNK H 102 9.91 12.30 -28.40
C UNK H 102 10.02 12.35 -29.91
N UNK H 103 9.44 11.33 -30.57
CA UNK H 103 9.30 11.30 -32.01
C UNK H 103 7.86 10.90 -32.32
N UNK H 104 7.24 11.62 -33.25
CA UNK H 104 5.84 11.38 -33.62
C UNK H 104 4.93 11.45 -32.40
N UNK H 105 5.25 12.36 -31.48
CA UNK H 105 4.49 12.54 -30.24
C UNK H 105 4.45 11.26 -29.41
N UNK H 106 5.52 10.46 -29.47
CA UNK H 106 5.65 9.28 -28.63
C UNK H 106 7.10 9.16 -28.18
N UNK H 107 7.31 8.80 -26.93
CA UNK H 107 8.67 8.65 -26.42
C UNK H 107 9.31 7.39 -26.97
N UNK H 108 10.48 7.55 -27.58
CA UNK H 108 11.26 6.45 -28.14
C UNK H 108 12.67 6.54 -27.58
N UNK H 109 13.27 5.37 -27.37
CA UNK H 109 14.57 5.28 -26.70
C UNK H 109 15.69 5.23 -27.74
N UNK H 110 16.46 6.31 -27.83
CA UNK H 110 17.69 6.33 -28.60
C UNK H 110 18.75 5.60 -27.79
N UNK H 111 19.24 4.48 -28.32
CA UNK H 111 20.11 3.60 -27.56
C UNK H 111 21.54 4.12 -27.57
N UNK H 112 22.12 4.21 -26.37
CA UNK H 112 23.51 4.64 -26.19
C UNK H 112 23.77 6.00 -26.82
N UNK H 113 22.82 6.92 -26.62
CA UNK H 113 22.96 8.26 -27.18
C UNK H 113 24.13 9.02 -26.56
N UNK H 114 24.19 9.09 -25.23
CA UNK H 114 25.25 9.80 -24.54
C UNK H 114 26.42 8.86 -24.28
N UNK H 115 27.64 9.38 -24.45
CA UNK H 115 28.86 8.64 -24.23
C UNK H 115 29.82 9.49 -23.41
N UNK H 116 30.59 8.85 -22.55
CA UNK H 116 31.47 9.56 -21.63
C UNK H 116 32.87 9.71 -22.20
N UNK H 117 33.67 10.54 -21.54
CA UNK H 117 35.10 10.54 -21.81
C UNK H 117 35.69 9.22 -21.33
N UNK H 118 36.61 8.67 -22.12
CA UNK H 118 37.07 7.31 -21.89
C UNK H 118 38.11 7.25 -20.78
N UNK H 119 38.22 6.08 -20.17
CA UNK H 119 39.24 5.76 -19.17
C UNK H 119 40.21 4.77 -19.81
N UNK H 120 41.49 5.13 -19.85
CA UNK H 120 42.49 4.33 -20.55
C UNK H 120 43.13 3.36 -19.56
N UNK H 121 42.84 2.07 -19.72
CA UNK H 121 43.45 1.02 -18.93
C UNK H 121 44.54 0.34 -19.74
N UNK H 122 45.70 0.15 -19.12
CA UNK H 122 46.87 -0.40 -19.78
C UNK H 122 47.46 -1.52 -18.95
N UNK H 123 47.49 -2.72 -19.51
CA UNK H 123 48.09 -3.87 -18.86
C UNK H 123 49.56 -3.94 -19.26
N UNK H 124 50.45 -3.64 -18.31
CA UNK H 124 51.87 -3.64 -18.57
C UNK H 124 52.61 -3.97 -17.28
N UNK H 125 53.86 -4.39 -17.43
CA UNK H 125 54.69 -4.74 -16.28
C UNK H 125 54.99 -3.52 -15.43
N LEU I 39 -39.99 68.63 -7.78
CA LEU I 39 -40.37 69.65 -6.82
C LEU I 39 -40.23 69.10 -5.39
N TRP I 40 -40.58 67.84 -5.20
CA TRP I 40 -40.42 67.15 -3.94
C TRP I 40 -39.95 65.73 -4.18
N VAL I 41 -39.03 65.27 -3.33
CA VAL I 41 -38.48 63.93 -3.45
C VAL I 41 -39.58 62.92 -3.18
N THR I 42 -39.64 61.88 -4.01
CA THR I 42 -40.58 60.78 -3.84
C THR I 42 -39.84 59.46 -4.01
N VAL I 43 -40.11 58.52 -3.11
CA VAL I 43 -39.42 57.24 -3.07
C VAL I 43 -40.34 56.18 -3.64
N TYR I 44 -39.85 55.44 -4.64
CA TYR I 44 -40.57 54.35 -5.28
C TYR I 44 -39.84 53.05 -5.02
N TYR I 45 -40.62 51.97 -4.92
CA TYR I 45 -40.10 50.61 -4.83
C TYR I 45 -40.70 49.82 -5.98
N GLY I 46 -39.93 48.86 -6.49
CA GLY I 46 -40.28 48.18 -7.71
C GLY I 46 -39.83 48.88 -8.97
N VAL I 47 -38.84 49.76 -8.87
CA VAL I 47 -38.35 50.50 -10.04
C VAL I 47 -37.61 49.53 -10.97
N PRO I 48 -37.83 49.59 -12.30
CA PRO I 48 -37.09 48.68 -13.20
C PRO I 48 -35.74 49.25 -13.61
N VAL I 49 -34.80 49.19 -12.68
CA VAL I 49 -33.42 49.64 -12.88
C VAL I 49 -32.50 48.52 -12.44
N TRP I 50 -31.41 48.32 -13.18
CA TRP I 50 -30.51 47.20 -12.93
C TRP I 50 -29.07 47.65 -13.09
N LYS I 51 -28.18 46.85 -12.50
CA LYS I 51 -26.74 47.05 -12.55
C LYS I 51 -26.06 45.75 -12.94
N ASP I 52 -24.92 45.88 -13.61
CA ASP I 52 -24.11 44.70 -13.91
C ASP I 52 -23.61 44.09 -12.61
N ALA I 53 -23.81 42.78 -12.45
CA ALA I 53 -23.48 42.12 -11.19
C ALA I 53 -23.12 40.67 -11.45
N GLU I 54 -22.38 40.10 -10.51
CA GLU I 54 -21.97 38.71 -10.55
C GLU I 54 -22.72 37.91 -9.49
N THR I 55 -23.12 36.70 -9.84
CA THR I 55 -23.86 35.84 -8.94
C THR I 55 -23.61 34.39 -9.33
N THR I 56 -24.16 33.47 -8.54
CA THR I 56 -24.04 32.04 -8.78
C THR I 56 -25.30 31.54 -9.44
N LEU I 57 -25.26 31.44 -10.77
CA LEU I 57 -26.40 30.98 -11.54
C LEU I 57 -26.61 29.50 -11.29
N PHE I 58 -27.86 29.11 -11.02
CA PHE I 58 -28.18 27.73 -10.69
C PHE I 58 -28.56 26.99 -11.97
N CYS I 59 -28.11 25.75 -12.07
CA CYS I 59 -28.25 24.98 -13.28
C CYS I 59 -29.62 24.31 -13.36
N ALA I 60 -30.08 24.08 -14.59
CA ALA I 60 -31.36 23.44 -14.82
C ALA I 60 -31.41 22.79 -16.20
N SER I 61 -32.16 21.71 -16.35
CA SER I 61 -32.28 21.02 -17.61
C SER I 61 -33.55 20.18 -17.60
N ASP I 62 -34.20 20.08 -18.77
CA ASP I 62 -35.41 19.29 -18.90
C ASP I 62 -35.16 17.83 -18.58
N ARG I 71 -26.31 6.66 -16.20
CA ARG I 71 -26.20 7.67 -15.15
C ARG I 71 -25.40 8.86 -15.65
N ASN I 72 -26.10 9.84 -16.22
CA ASN I 72 -25.46 11.01 -16.80
C ASN I 72 -25.10 11.99 -15.69
N VAL I 73 -23.87 12.49 -15.72
CA VAL I 73 -23.45 13.49 -14.73
C VAL I 73 -24.22 14.78 -14.92
N TRP I 74 -24.53 15.14 -16.16
CA TRP I 74 -25.25 16.37 -16.44
C TRP I 74 -26.73 16.29 -16.08
N ALA I 75 -27.25 15.09 -15.81
CA ALA I 75 -28.61 14.94 -15.30
C ALA I 75 -28.65 14.87 -13.79
N THR I 76 -27.69 14.19 -13.16
CA THR I 76 -27.60 14.22 -11.70
C THR I 76 -27.41 15.64 -11.21
N HIS I 77 -26.32 16.28 -11.61
CA HIS I 77 -26.19 17.73 -11.50
C HIS I 77 -27.16 18.36 -12.49
N CYS I 78 -27.50 19.63 -12.23
CA CYS I 78 -28.50 20.33 -13.04
C CYS I 78 -29.85 19.61 -12.99
N CYS I 79 -30.17 19.01 -11.85
CA CYS I 79 -31.41 18.26 -11.69
C CYS I 79 -32.64 19.15 -11.63
N VAL I 80 -32.48 20.45 -11.50
CA VAL I 80 -33.65 21.34 -11.42
C VAL I 80 -34.37 21.31 -12.77
N PRO I 81 -35.70 21.15 -12.81
CA PRO I 81 -36.38 21.17 -14.11
C PRO I 81 -36.51 22.59 -14.65
N THR I 82 -36.76 22.66 -15.95
CA THR I 82 -36.94 23.92 -16.65
C THR I 82 -38.42 24.17 -16.93
N ASP I 83 -38.76 25.45 -17.04
CA ASP I 83 -40.15 25.82 -17.28
C ASP I 83 -40.58 25.34 -18.68
N PRO I 84 -41.74 24.72 -18.82
CA PRO I 84 -42.30 24.54 -20.16
C PRO I 84 -42.66 25.88 -20.77
N ASN I 85 -42.11 26.15 -21.95
CA ASN I 85 -42.27 27.42 -22.67
C ASN I 85 -41.77 28.58 -21.80
N PRO I 86 -40.46 28.69 -21.59
CA PRO I 86 -39.94 29.81 -20.79
C PRO I 86 -40.16 31.13 -21.50
N GLN I 87 -40.86 32.05 -20.82
CA GLN I 87 -41.27 33.30 -21.43
C GLN I 87 -40.06 34.23 -21.58
N GLU I 88 -39.92 34.80 -22.78
CA GLU I 88 -38.92 35.82 -23.06
C GLU I 88 -39.60 37.16 -23.24
N MET I 89 -39.20 38.14 -22.43
CA MET I 89 -39.80 39.47 -22.44
C MET I 89 -38.85 40.41 -23.16
N VAL I 90 -39.31 40.97 -24.28
CA VAL I 90 -38.50 41.90 -25.05
C VAL I 90 -38.61 43.29 -24.44
N LEU I 91 -37.47 43.90 -24.15
CA LEU I 91 -37.41 45.24 -23.59
C LEU I 91 -37.34 46.23 -24.75
N GLU I 92 -38.45 46.91 -25.02
CA GLU I 92 -38.50 47.87 -26.10
C GLU I 92 -37.66 49.10 -25.77
N ASN I 93 -36.93 49.60 -26.76
CA ASN I 93 -36.17 50.84 -26.68
C ASN I 93 -35.04 50.79 -25.65
N VAL I 94 -34.64 49.61 -25.20
CA VAL I 94 -33.55 49.46 -24.24
C VAL I 94 -32.27 49.14 -25.00
N THR I 95 -31.21 49.88 -24.68
CA THR I 95 -29.87 49.65 -25.22
C THR I 95 -28.94 49.29 -24.08
N GLU I 96 -28.21 48.18 -24.24
CA GLU I 96 -27.35 47.64 -23.20
C GLU I 96 -25.98 47.34 -23.76
N ASN I 97 -24.94 47.58 -22.96
CA ASN I 97 -23.57 47.29 -23.36
C ASN I 97 -23.25 45.86 -23.00
N PHE I 98 -23.23 44.97 -23.99
CA PHE I 98 -22.83 43.59 -23.81
C PHE I 98 -21.33 43.46 -24.09
N ASN I 99 -20.73 42.42 -23.51
CA ASN I 99 -19.31 42.14 -23.71
C ASN I 99 -19.11 40.64 -23.49
N MET I 100 -19.01 39.88 -24.60
CA MET I 100 -18.85 38.44 -24.49
C MET I 100 -17.56 38.08 -23.76
N TRP I 101 -16.53 38.91 -23.94
CA TRP I 101 -15.29 38.75 -23.20
C TRP I 101 -15.45 39.39 -21.83
N LYS I 102 -14.68 38.90 -20.86
CA LYS I 102 -14.80 39.37 -19.48
C LYS I 102 -16.21 39.14 -18.95
N ASN I 103 -16.82 38.02 -19.35
CA ASN I 103 -18.17 37.67 -18.92
C ASN I 103 -18.05 36.64 -17.80
N ASP I 104 -18.58 36.97 -16.62
CA ASP I 104 -18.45 36.08 -15.47
C ASP I 104 -19.20 34.77 -15.68
N MET I 105 -20.20 34.75 -16.57
CA MET I 105 -20.90 33.52 -16.86
C MET I 105 -19.96 32.47 -17.43
N VAL I 106 -19.02 32.87 -18.28
CA VAL I 106 -18.09 31.92 -18.86
C VAL I 106 -17.18 31.33 -17.79
N GLU I 107 -16.69 32.18 -16.88
CA GLU I 107 -15.86 31.66 -15.78
C GLU I 107 -16.65 30.72 -14.89
N GLN I 108 -17.90 31.07 -14.60
CA GLN I 108 -18.72 30.20 -13.76
C GLN I 108 -18.99 28.87 -14.43
N MET I 109 -19.25 28.87 -15.74
CA MET I 109 -19.47 27.61 -16.44
C MET I 109 -18.18 26.78 -16.48
N HIS I 110 -17.03 27.45 -16.66
CA HIS I 110 -15.76 26.74 -16.61
C HIS I 110 -15.58 26.05 -15.27
N GLU I 111 -15.80 26.79 -14.18
CA GLU I 111 -15.67 26.22 -12.84
C GLU I 111 -16.65 25.08 -12.64
N ASP I 112 -17.90 25.25 -13.08
CA ASP I 112 -18.90 24.20 -12.88
C ASP I 112 -18.54 22.94 -13.64
N VAL I 113 -18.09 23.07 -14.89
CA VAL I 113 -17.73 21.88 -15.67
C VAL I 113 -16.54 21.18 -15.03
N ILE I 114 -15.52 21.94 -14.62
CA ILE I 114 -14.35 21.37 -13.97
C ILE I 114 -14.77 20.62 -12.71
N SER I 115 -15.56 21.27 -11.86
CA SER I 115 -15.94 20.68 -10.59
C SER I 115 -16.81 19.45 -10.79
N LEU I 116 -17.71 19.48 -11.76
CA LEU I 116 -18.56 18.32 -12.00
C LEU I 116 -17.74 17.14 -12.47
N TRP I 117 -16.78 17.37 -13.37
CA TRP I 117 -15.91 16.27 -13.81
C TRP I 117 -15.12 15.70 -12.64
N ASP I 118 -14.55 16.57 -11.81
CA ASP I 118 -13.75 16.09 -10.68
C ASP I 118 -14.62 15.31 -9.69
N GLN I 119 -15.81 15.81 -9.38
CA GLN I 119 -16.68 15.13 -8.44
C GLN I 119 -17.16 13.80 -9.01
N SER I 120 -17.38 13.73 -10.32
CA SER I 120 -17.82 12.48 -10.93
C SER I 120 -16.71 11.44 -10.92
N LEU I 121 -15.46 11.87 -11.12
CA LEU I 121 -14.32 10.96 -11.09
C LEU I 121 -13.80 10.70 -9.67
N LYS I 122 -14.32 11.39 -8.66
CA LYS I 122 -13.85 11.23 -7.30
C LYS I 122 -14.04 9.81 -6.76
N PRO I 123 -15.24 9.20 -6.84
CA PRO I 123 -15.41 7.87 -6.25
C PRO I 123 -14.88 6.72 -7.09
N CYS I 124 -14.52 6.97 -8.34
CA CYS I 124 -14.20 5.88 -9.25
C CYS I 124 -12.84 5.27 -8.91
N VAL I 125 -12.50 4.19 -9.61
CA VAL I 125 -11.35 3.38 -9.24
C VAL I 125 -10.05 4.12 -9.56
N LYS I 126 -9.13 4.10 -8.62
CA LYS I 126 -7.78 4.61 -8.81
C LYS I 126 -6.88 3.48 -9.27
N LEU I 127 -6.08 3.75 -10.31
CA LEU I 127 -5.25 2.75 -10.95
C LEU I 127 -3.81 2.82 -10.46
N THR I 128 -3.63 3.14 -9.19
CA THR I 128 -2.30 3.07 -8.59
C THR I 128 -1.66 1.69 -8.69
N PRO I 129 -2.36 0.57 -8.50
CA PRO I 129 -1.69 -0.74 -8.61
C PRO I 129 -1.13 -1.04 -9.99
N LEU I 130 -1.58 -0.35 -11.03
CA LEU I 130 -1.21 -0.66 -12.40
C LEU I 130 -0.03 0.15 -12.90
N CYS I 131 0.59 0.98 -12.05
CA CYS I 131 1.85 1.61 -12.41
C CYS I 131 2.99 0.65 -12.05
N VAL I 132 3.18 -0.32 -12.93
CA VAL I 132 4.21 -1.35 -12.78
C VAL I 132 4.85 -1.54 -14.15
N THR I 133 5.92 -2.34 -14.17
CA THR I 133 6.60 -2.62 -15.43
C THR I 133 5.66 -3.41 -16.36
N LEU I 134 5.55 -2.95 -17.59
CA LEU I 134 4.79 -3.63 -18.63
C LEU I 134 5.76 -4.16 -19.67
N GLU I 135 5.59 -5.41 -20.08
CA GLU I 135 6.43 -6.03 -21.11
C GLU I 135 5.64 -6.13 -22.40
N CYS I 136 5.89 -5.19 -23.31
CA CYS I 136 5.06 -5.00 -24.50
C CYS I 136 5.81 -5.47 -25.74
N ARG I 137 5.09 -6.13 -26.66
CA ARG I 137 5.69 -6.95 -27.70
C ARG I 137 5.00 -6.81 -29.06
N GLN I 138 4.33 -5.68 -29.32
CA GLN I 138 3.59 -5.48 -30.57
C GLN I 138 2.44 -6.47 -30.73
N VAL I 139 1.50 -6.16 -31.62
CA VAL I 139 0.31 -6.97 -31.84
C VAL I 139 0.50 -7.76 -33.13
N ASN I 140 0.26 -9.06 -33.05
CA ASN I 140 0.42 -9.94 -34.21
C ASN I 140 -0.58 -9.56 -35.30
N GLU I 155 1.25 1.46 -33.32
CA GLU I 155 0.10 2.17 -32.77
C GLU I 155 -0.36 1.54 -31.46
N ILE I 156 -0.60 0.23 -31.50
CA ILE I 156 -1.11 -0.53 -30.37
C ILE I 156 -0.08 -1.60 -30.02
N LYS I 157 0.07 -1.89 -28.72
CA LYS I 157 1.02 -2.86 -28.23
C LYS I 157 0.37 -3.81 -27.24
N ASN I 158 0.86 -5.04 -27.22
CA ASN I 158 0.30 -6.12 -26.42
C ASN I 158 1.13 -6.27 -25.15
N CYS I 159 0.74 -5.56 -24.09
CA CYS I 159 1.54 -5.41 -22.89
C CYS I 159 1.14 -6.43 -21.85
N SER I 160 2.14 -7.05 -21.22
CA SER I 160 1.96 -8.04 -20.16
C SER I 160 2.41 -7.42 -18.84
N PHE I 161 1.65 -7.67 -17.78
CA PHE I 161 2.04 -7.13 -16.48
C PHE I 161 1.41 -7.93 -15.35
N ASN I 162 2.05 -7.83 -14.17
CA ASN I 162 1.58 -8.49 -12.96
C ASN I 162 0.74 -7.49 -12.16
N ALA I 163 -0.57 -7.62 -12.27
CA ALA I 163 -1.48 -6.78 -11.48
C ALA I 163 -1.74 -7.43 -10.14
N THR I 164 -2.23 -6.61 -9.20
CA THR I 164 -2.65 -7.12 -7.91
C THR I 164 -4.04 -7.73 -8.00
N THR I 165 -4.48 -8.37 -6.91
CA THR I 165 -5.81 -8.93 -6.82
C THR I 165 -6.45 -8.51 -5.50
N GLU I 166 -7.63 -9.06 -5.20
CA GLU I 166 -8.31 -8.73 -3.95
C GLU I 166 -7.52 -9.18 -2.73
N LEU I 167 -6.69 -10.21 -2.86
CA LEU I 167 -5.84 -10.69 -1.76
C LEU I 167 -4.49 -10.01 -1.86
N ARG I 168 -4.02 -9.48 -0.74
CA ARG I 168 -2.77 -8.74 -0.73
C ARG I 168 -1.56 -9.62 -1.05
N ASP I 169 -1.67 -10.93 -0.83
CA ASP I 169 -0.59 -11.86 -1.09
C ASP I 169 -0.82 -12.66 -2.37
N LYS I 170 -1.46 -12.07 -3.37
CA LYS I 170 -1.72 -12.71 -4.65
C LYS I 170 -1.46 -11.73 -5.78
N LYS I 171 -1.11 -12.26 -6.94
CA LYS I 171 -0.88 -11.49 -8.16
C LYS I 171 -1.52 -12.22 -9.33
N GLN I 172 -1.72 -11.48 -10.42
CA GLN I 172 -2.33 -12.04 -11.63
C GLN I 172 -1.66 -11.45 -12.86
N LYS I 173 -1.23 -12.32 -13.76
CA LYS I 173 -0.61 -11.91 -15.02
C LYS I 173 -1.72 -11.54 -15.99
N VAL I 174 -1.57 -10.38 -16.63
CA VAL I 174 -2.61 -9.78 -17.45
C VAL I 174 -2.00 -9.33 -18.76
N TYR I 175 -2.63 -9.70 -19.87
CA TYR I 175 -2.28 -9.23 -21.20
C TYR I 175 -3.34 -8.23 -21.65
N ALA I 176 -2.91 -6.99 -21.92
CA ALA I 176 -3.81 -5.91 -22.28
C ALA I 176 -3.23 -5.17 -23.47
N LEU I 177 -4.11 -4.69 -24.36
CA LEU I 177 -3.70 -3.89 -25.50
C LEU I 177 -3.73 -2.42 -25.10
N PHE I 178 -2.59 -1.76 -25.23
CA PHE I 178 -2.45 -0.35 -24.89
C PHE I 178 -1.95 0.42 -26.10
N TYR I 179 -2.54 1.59 -26.33
CA TYR I 179 -2.04 2.45 -27.39
C TYR I 179 -0.63 2.93 -27.06
N ARG I 180 0.20 3.07 -28.08
CA ARG I 180 1.59 3.45 -27.86
C ARG I 180 1.69 4.85 -27.28
N LEU I 181 0.70 5.71 -27.55
CA LEU I 181 0.70 7.04 -26.96
C LEU I 181 0.59 7.01 -25.45
N ASP I 182 -0.05 5.99 -24.88
CA ASP I 182 -0.24 5.88 -23.45
C ASP I 182 0.90 5.15 -22.75
N ILE I 183 2.07 5.06 -23.38
CA ILE I 183 3.18 4.23 -22.90
C ILE I 183 4.49 4.96 -23.18
N VAL I 184 5.42 4.86 -22.24
CA VAL I 184 6.76 5.44 -22.35
C VAL I 184 7.77 4.34 -22.01
N PRO I 185 8.83 4.14 -22.79
CA PRO I 185 9.73 3.01 -22.50
C PRO I 185 10.53 3.20 -21.22
N LEU I 186 10.86 2.07 -20.60
CA LEU I 186 11.77 2.02 -19.47
C LEU I 186 13.16 1.57 -19.91
N GLU I 187 13.23 0.62 -20.85
CA GLU I 187 14.53 0.18 -21.37
C GLU I 187 14.42 -0.24 -22.84
N GLU I 188 15.02 0.57 -23.71
CA GLU I 188 15.32 0.18 -25.09
C GLU I 188 14.07 -0.15 -25.90
N GLU I 189 14.28 -0.49 -27.17
CA GLU I 189 13.25 -1.04 -28.03
C GLU I 189 13.92 -1.98 -29.01
N ARG I 190 13.21 -3.06 -29.37
CA ARG I 190 13.82 -4.21 -30.00
C ARG I 190 13.04 -4.66 -31.23
N LYS I 191 12.29 -3.75 -31.85
CA LYS I 191 11.45 -4.08 -33.01
C LYS I 191 10.52 -5.26 -32.71
N GLY I 192 10.90 -6.46 -33.12
CA GLY I 192 10.03 -7.62 -32.96
C GLY I 192 9.84 -8.04 -31.51
N ASN I 193 10.93 -8.13 -30.76
CA ASN I 193 10.88 -8.67 -29.41
C ASN I 193 10.12 -7.73 -28.48
N SER I 194 9.92 -8.19 -27.25
CA SER I 194 9.27 -7.40 -26.22
C SER I 194 10.28 -6.49 -25.54
N SER I 195 9.77 -5.48 -24.84
CA SER I 195 10.63 -4.62 -24.04
C SER I 195 9.80 -4.01 -22.92
N LYS I 196 10.51 -3.47 -21.92
CA LYS I 196 9.87 -2.97 -20.71
C LYS I 196 9.57 -1.48 -20.83
N TYR I 197 8.28 -1.16 -20.69
CA TYR I 197 7.76 0.20 -20.69
C TYR I 197 6.95 0.41 -19.42
N ARG I 198 6.41 1.62 -19.28
CA ARG I 198 5.44 1.96 -18.25
C ARG I 198 4.38 2.86 -18.86
N LEU I 199 3.27 3.02 -18.13
CA LEU I 199 2.24 3.97 -18.54
C LEU I 199 2.71 5.40 -18.33
N ILE I 200 2.25 6.29 -19.21
CA ILE I 200 2.61 7.74 -19.10
C ILE I 200 1.84 8.36 -17.94
N ASN I 201 2.34 9.46 -17.37
CA ASN I 201 1.59 10.20 -16.32
C ASN I 201 1.71 9.54 -14.95
N CYS I 202 2.15 8.28 -14.87
CA CYS I 202 2.34 7.68 -13.51
C CYS I 202 3.42 8.47 -12.77
N ASN I 203 4.55 8.74 -13.43
CA ASN I 203 5.67 9.44 -12.76
C ASN I 203 5.16 10.81 -12.28
N THR I 204 4.30 11.46 -13.06
CA THR I 204 3.75 12.79 -12.69
C THR I 204 2.73 12.62 -11.55
N SER I 205 1.82 11.65 -11.66
CA SER I 205 0.76 11.47 -10.62
C SER I 205 0.05 10.13 -10.81
N ALA I 206 -1.06 9.93 -10.08
CA ALA I 206 -1.83 8.67 -10.20
C ALA I 206 -2.78 8.76 -11.39
N ILE I 207 -3.60 7.72 -11.60
CA ILE I 207 -4.53 7.70 -12.71
C ILE I 207 -5.84 7.11 -12.23
N THR I 208 -6.93 7.84 -12.43
CA THR I 208 -8.26 7.45 -11.98
C THR I 208 -9.07 6.95 -13.16
N GLN I 209 -9.63 5.76 -13.04
CA GLN I 209 -10.47 5.21 -14.10
C GLN I 209 -11.81 5.92 -14.12
N ALA I 210 -12.23 6.36 -15.29
CA ALA I 210 -13.58 6.88 -15.44
C ALA I 210 -14.58 5.78 -15.18
N CYS I 211 -15.62 6.09 -14.39
CA CYS I 211 -16.60 5.08 -14.03
C CYS I 211 -17.32 4.60 -15.29
N PRO I 212 -17.31 3.30 -15.61
CA PRO I 212 -17.99 2.85 -16.84
C PRO I 212 -19.49 3.06 -16.81
N LYS I 213 -20.11 3.03 -15.64
CA LYS I 213 -21.55 3.22 -15.51
C LYS I 213 -21.96 4.68 -15.51
N VAL I 214 -21.01 5.60 -15.42
CA VAL I 214 -21.28 7.03 -15.41
C VAL I 214 -20.84 7.59 -16.76
N THR I 215 -21.80 8.17 -17.48
CA THR I 215 -21.58 8.71 -18.81
C THR I 215 -21.49 10.23 -18.74
N PHE I 216 -20.53 10.79 -19.49
CA PHE I 216 -20.34 12.22 -19.59
C PHE I 216 -20.91 12.80 -20.88
N ASP I 217 -21.90 12.14 -21.47
CA ASP I 217 -22.51 12.62 -22.70
C ASP I 217 -23.17 13.98 -22.45
N PRO I 218 -22.83 15.02 -23.20
CA PRO I 218 -23.42 16.34 -22.92
C PRO I 218 -24.92 16.36 -23.22
N ILE I 219 -25.63 17.18 -22.46
CA ILE I 219 -27.05 17.44 -22.68
C ILE I 219 -27.24 18.95 -22.68
N PRO I 220 -28.35 19.46 -23.21
CA PRO I 220 -28.58 20.90 -23.12
C PRO I 220 -28.66 21.37 -21.67
N ILE I 221 -27.89 22.41 -21.37
CA ILE I 221 -27.77 22.97 -20.02
C ILE I 221 -28.30 24.39 -20.06
N HIS I 222 -29.16 24.71 -19.09
CA HIS I 222 -29.70 26.05 -18.92
C HIS I 222 -29.16 26.63 -17.61
N TYR I 223 -28.61 27.83 -17.69
CA TYR I 223 -28.12 28.53 -16.51
C TYR I 223 -29.13 29.60 -16.11
N CYS I 224 -29.82 29.37 -15.00
CA CYS I 224 -30.91 30.20 -14.54
C CYS I 224 -30.39 31.20 -13.51
N ALA I 225 -30.90 32.42 -13.59
CA ALA I 225 -30.51 33.44 -12.61
C ALA I 225 -31.22 33.18 -11.28
N PRO I 226 -30.60 33.52 -10.15
CA PRO I 226 -31.31 33.41 -8.87
C PRO I 226 -32.28 34.57 -8.69
N ALA I 227 -32.94 34.58 -7.53
CA ALA I 227 -33.91 35.61 -7.22
C ALA I 227 -33.25 36.98 -7.17
N GLY I 228 -33.92 37.98 -7.74
CA GLY I 228 -33.41 39.33 -7.76
C GLY I 228 -32.45 39.64 -8.89
N TYR I 229 -32.14 38.67 -9.75
CA TYR I 229 -31.29 38.84 -10.91
C TYR I 229 -32.05 38.42 -12.15
N ALA I 230 -31.55 38.87 -13.30
CA ALA I 230 -32.14 38.51 -14.59
C ALA I 230 -31.03 38.38 -15.61
N ILE I 231 -31.31 37.68 -16.70
CA ILE I 231 -30.35 37.49 -17.79
C ILE I 231 -30.86 38.27 -18.98
N LEU I 232 -30.07 39.25 -19.41
CA LEU I 232 -30.36 40.02 -20.61
C LEU I 232 -29.71 39.32 -21.81
N LYS I 233 -30.52 39.07 -22.83
CA LYS I 233 -30.10 38.40 -24.04
C LYS I 233 -30.10 39.40 -25.20
N CYS I 234 -28.98 39.45 -25.93
CA CYS I 234 -28.82 40.35 -27.05
C CYS I 234 -29.27 39.64 -28.32
N ASN I 235 -30.32 40.17 -28.95
CA ASN I 235 -30.92 39.57 -30.13
C ASN I 235 -30.37 40.11 -31.44
N ASN I 236 -29.47 41.10 -31.40
CA ASN I 236 -29.00 41.77 -32.60
C ASN I 236 -28.20 40.78 -33.44
N LYS I 237 -28.76 40.38 -34.58
CA LYS I 237 -28.03 39.55 -35.53
C LYS I 237 -26.83 40.32 -36.04
N THR I 238 -25.69 39.65 -36.13
CA THR I 238 -24.39 40.21 -36.47
C THR I 238 -23.85 41.06 -35.34
N PHE I 239 -24.19 40.78 -34.09
CA PHE I 239 -23.60 41.51 -32.97
C PHE I 239 -22.14 41.12 -32.82
N ASN I 240 -21.25 42.12 -32.82
CA ASN I 240 -19.82 41.85 -32.90
C ASN I 240 -19.19 41.59 -31.54
N GLY I 241 -19.98 41.46 -30.48
CA GLY I 241 -19.52 40.86 -29.24
C GLY I 241 -19.21 41.82 -28.11
N THR I 242 -18.98 43.11 -28.39
CA THR I 242 -18.62 44.07 -27.36
C THR I 242 -19.33 45.41 -27.45
N GLY I 243 -20.01 45.72 -28.55
CA GLY I 243 -20.66 47.00 -28.69
C GLY I 243 -22.00 47.03 -27.97
N PRO I 244 -22.65 48.18 -28.03
CA PRO I 244 -24.01 48.27 -27.49
C PRO I 244 -24.98 47.47 -28.35
N CYS I 245 -25.97 46.88 -27.70
CA CYS I 245 -27.01 46.10 -28.35
C CYS I 245 -28.32 46.84 -28.21
N ASN I 246 -28.97 47.13 -29.34
CA ASN I 246 -30.20 47.92 -29.38
C ASN I 246 -31.46 47.06 -29.47
N ASN I 247 -31.35 45.75 -29.26
CA ASN I 247 -32.50 44.86 -29.30
C ASN I 247 -32.23 43.75 -28.30
N VAL I 248 -32.74 43.92 -27.08
CA VAL I 248 -32.48 43.01 -25.97
C VAL I 248 -33.79 42.42 -25.48
N SER I 249 -33.68 41.33 -24.74
CA SER I 249 -34.81 40.71 -24.06
C SER I 249 -34.36 40.23 -22.70
N THR I 250 -35.33 40.01 -21.82
CA THR I 250 -35.07 39.53 -20.46
C THR I 250 -35.52 38.08 -20.37
N VAL I 251 -34.68 37.24 -19.76
CA VAL I 251 -35.01 35.83 -19.54
C VAL I 251 -34.58 35.43 -18.14
N GLN I 252 -35.19 34.35 -17.67
CA GLN I 252 -34.80 33.72 -16.42
C GLN I 252 -33.66 32.74 -16.62
N CYS I 253 -33.53 32.16 -17.80
CA CYS I 253 -32.56 31.09 -18.04
C CYS I 253 -32.07 31.16 -19.48
N THR I 254 -30.88 30.63 -19.69
CA THR I 254 -30.29 30.57 -21.02
C THR I 254 -30.96 29.48 -21.84
N HIS I 255 -30.57 29.40 -23.11
CA HIS I 255 -31.02 28.31 -23.97
C HIS I 255 -30.25 27.04 -23.62
N GLY I 256 -30.63 25.94 -24.24
CA GLY I 256 -29.94 24.68 -24.00
C GLY I 256 -28.53 24.70 -24.55
N ILE I 257 -27.56 24.75 -23.65
CA ILE I 257 -26.13 24.77 -24.01
C ILE I 257 -25.58 23.38 -23.74
N LYS I 258 -25.00 22.76 -24.76
CA LYS I 258 -24.38 21.45 -24.61
C LYS I 258 -22.92 21.64 -24.20
N PRO I 259 -22.48 21.15 -23.02
CA PRO I 259 -21.06 21.35 -22.67
C PRO I 259 -20.15 20.38 -23.40
N VAL I 260 -19.98 20.62 -24.70
CA VAL I 260 -19.15 19.77 -25.54
C VAL I 260 -17.70 20.21 -25.39
N VAL I 261 -16.82 19.25 -25.13
CA VAL I 261 -15.39 19.50 -24.95
C VAL I 261 -14.70 19.19 -26.27
N SER I 262 -14.03 20.18 -26.85
CA SER I 262 -13.35 20.00 -28.12
C SER I 262 -12.34 21.12 -28.31
N THR I 263 -11.54 20.98 -29.37
CA THR I 263 -10.56 21.98 -29.77
C THR I 263 -10.69 22.23 -31.27
N GLN I 264 -10.12 23.35 -31.71
CA GLN I 264 -10.15 23.77 -33.12
C GLN I 264 -11.57 24.00 -33.61
N LEU I 265 -12.36 22.94 -33.72
CA LEU I 265 -13.72 22.99 -34.24
C LEU I 265 -14.72 22.84 -33.12
N LEU I 266 -15.70 23.75 -33.08
CA LEU I 266 -16.79 23.69 -32.11
C LEU I 266 -17.88 22.79 -32.68
N LEU I 267 -18.32 21.82 -31.89
CA LEU I 267 -19.27 20.81 -32.34
C LEU I 267 -20.59 20.95 -31.59
N ASN I 268 -21.69 20.69 -32.30
CA ASN I 268 -23.02 20.64 -31.70
C ASN I 268 -23.39 21.95 -31.01
N GLY I 269 -22.99 23.06 -31.63
CA GLY I 269 -23.23 24.38 -31.10
C GLY I 269 -24.47 25.04 -31.67
N SER I 270 -24.53 26.35 -31.55
CA SER I 270 -25.62 27.15 -32.09
C SER I 270 -25.15 27.95 -33.31
N LEU I 271 -25.91 27.81 -34.38
CA LEU I 271 -25.59 28.47 -35.64
C LEU I 271 -26.02 29.93 -35.59
N ALA I 272 -25.21 30.79 -36.22
CA ALA I 272 -25.53 32.21 -36.27
C ALA I 272 -26.77 32.44 -37.12
N GLU I 273 -27.58 33.44 -36.73
CA GLU I 273 -28.80 33.74 -37.48
C GLU I 273 -28.47 34.33 -38.83
N GLY I 274 -27.58 35.31 -38.88
CA GLY I 274 -27.19 35.97 -40.11
C GLY I 274 -26.15 35.18 -40.86
N GLU I 275 -25.08 35.87 -41.27
CA GLU I 275 -23.98 35.22 -41.95
C GLU I 275 -22.96 34.72 -40.93
N ILE I 276 -21.81 34.26 -41.41
CA ILE I 276 -20.74 33.84 -40.52
C ILE I 276 -20.21 35.05 -39.77
N ILE I 277 -20.02 34.89 -38.45
CA ILE I 277 -19.65 35.98 -37.57
C ILE I 277 -18.25 35.72 -37.02
N ILE I 278 -17.36 36.70 -37.16
CA ILE I 278 -16.01 36.63 -36.63
C ILE I 278 -15.97 37.50 -35.38
N ARG I 279 -15.64 36.89 -34.23
CA ARG I 279 -15.60 37.59 -32.96
C ARG I 279 -14.25 37.39 -32.30
N SER I 280 -13.60 38.49 -31.92
CA SER I 280 -12.33 38.43 -31.23
C SER I 280 -12.22 39.64 -30.32
N GLU I 281 -11.50 39.48 -29.21
CA GLU I 281 -11.34 40.59 -28.27
C GLU I 281 -10.56 41.73 -28.92
N ASN I 282 -9.52 41.40 -29.67
CA ASN I 282 -8.68 42.41 -30.33
C ASN I 282 -8.14 41.76 -31.60
N LEU I 283 -8.80 42.04 -32.73
CA LEU I 283 -8.37 41.43 -33.98
C LEU I 283 -6.95 41.84 -34.35
N THR I 284 -6.57 43.08 -34.04
CA THR I 284 -5.21 43.53 -34.32
C THR I 284 -4.18 42.77 -33.49
N ASN I 285 -4.58 42.20 -32.35
CA ASN I 285 -3.67 41.42 -31.51
C ASN I 285 -3.66 39.98 -32.01
N ASN I 286 -2.47 39.40 -32.14
CA ASN I 286 -2.31 38.06 -32.69
C ASN I 286 -2.33 36.97 -31.63
N VAL I 287 -2.35 37.33 -30.34
CA VAL I 287 -2.37 36.33 -29.27
C VAL I 287 -3.79 35.93 -28.89
N LYS I 288 -4.80 36.70 -29.29
CA LYS I 288 -6.18 36.39 -28.96
C LYS I 288 -6.75 35.37 -29.94
N THR I 289 -7.69 34.57 -29.46
CA THR I 289 -8.31 33.53 -30.25
C THR I 289 -9.56 34.07 -30.94
N ILE I 290 -9.59 33.97 -32.26
CA ILE I 290 -10.74 34.35 -33.06
C ILE I 290 -11.75 33.21 -33.01
N ILE I 291 -12.99 33.54 -32.66
CA ILE I 291 -14.08 32.57 -32.65
C ILE I 291 -14.95 32.87 -33.85
N VAL I 292 -15.15 31.88 -34.72
CA VAL I 292 -15.97 32.00 -35.91
C VAL I 292 -17.25 31.22 -35.65
N HIS I 293 -18.37 31.93 -35.62
CA HIS I 293 -19.69 31.32 -35.50
C HIS I 293 -20.22 31.12 -36.92
N LEU I 294 -20.47 29.86 -37.27
CA LEU I 294 -20.98 29.55 -38.60
C LEU I 294 -22.50 29.67 -38.63
N ASN I 295 -23.02 30.15 -39.76
CA ASN I 295 -24.45 30.18 -40.00
C ASN I 295 -24.95 28.92 -40.69
N GLU I 296 -24.08 27.96 -40.98
CA GLU I 296 -24.46 26.67 -41.52
C GLU I 296 -23.53 25.60 -40.97
N SER I 297 -24.10 24.48 -40.56
CA SER I 297 -23.33 23.39 -40.00
C SER I 297 -22.61 22.62 -41.10
N VAL I 298 -21.55 21.91 -40.70
CA VAL I 298 -20.82 21.00 -41.58
C VAL I 298 -20.79 19.64 -40.91
N GLU I 299 -21.15 18.60 -41.66
CA GLU I 299 -21.24 17.27 -41.07
C GLU I 299 -19.87 16.60 -41.04
N ILE I 300 -19.50 16.08 -39.86
CA ILE I 300 -18.29 15.31 -39.66
C ILE I 300 -18.66 14.04 -38.91
N VAL I 301 -18.32 12.89 -39.48
CA VAL I 301 -18.62 11.58 -38.91
C VAL I 301 -17.29 10.94 -38.53
N CYS I 302 -17.10 10.70 -37.24
CA CYS I 302 -15.84 10.19 -36.71
C CYS I 302 -16.05 8.77 -36.20
N THR I 303 -15.13 7.87 -36.56
CA THR I 303 -15.30 6.46 -36.29
C THR I 303 -13.98 5.82 -35.91
N ARG I 304 -14.07 4.94 -34.90
CA ARG I 304 -13.00 4.00 -34.55
C ARG I 304 -13.44 2.64 -35.09
N PRO I 305 -12.77 2.09 -36.11
CA PRO I 305 -13.26 0.84 -36.70
C PRO I 305 -12.84 -0.42 -35.96
N ASN I 306 -11.87 -0.34 -35.05
CA ASN I 306 -11.36 -1.53 -34.39
C ASN I 306 -12.45 -2.23 -33.61
N ASN I 307 -12.57 -3.54 -33.81
CA ASN I 307 -13.59 -4.35 -33.15
C ASN I 307 -12.99 -4.92 -31.88
N ASN I 308 -13.05 -4.14 -30.80
CA ASN I 308 -12.42 -4.51 -29.54
C ASN I 308 -13.22 -5.57 -28.80
N THR I 309 -12.50 -6.39 -28.04
CA THR I 309 -13.07 -7.27 -27.04
C THR I 309 -12.53 -6.83 -25.69
N VAL I 310 -13.42 -6.41 -24.80
CA VAL I 310 -13.07 -5.75 -23.55
C VAL I 310 -13.17 -6.77 -22.42
N LYS I 311 -12.10 -6.85 -21.63
CA LYS I 311 -12.05 -7.71 -20.46
C LYS I 311 -12.07 -6.85 -19.20
N SER I 312 -12.10 -7.52 -18.06
CA SER I 312 -12.03 -6.83 -16.77
C SER I 312 -11.35 -7.73 -15.76
N ILE I 313 -10.81 -7.11 -14.70
CA ILE I 313 -10.16 -7.82 -13.62
C ILE I 313 -10.40 -7.05 -12.33
N ARG I 314 -10.19 -7.73 -11.21
CA ARG I 314 -10.22 -7.10 -9.90
C ARG I 314 -8.81 -6.78 -9.45
N ILE I 315 -8.53 -5.49 -9.30
CA ILE I 315 -7.24 -5.01 -8.81
C ILE I 315 -7.28 -4.62 -7.35
N GLY I 316 -8.29 -5.10 -6.61
CA GLY I 316 -8.45 -4.74 -5.22
C GLY I 316 -9.78 -5.23 -4.69
N PRO I 317 -10.09 -4.89 -3.45
CA PRO I 317 -11.38 -5.32 -2.87
C PRO I 317 -12.54 -4.53 -3.44
N GLY I 318 -13.07 -4.96 -4.57
CA GLY I 318 -14.13 -4.25 -5.25
C GLY I 318 -13.67 -3.20 -6.23
N GLN I 319 -12.42 -3.27 -6.68
CA GLN I 319 -11.86 -2.33 -7.64
C GLN I 319 -11.73 -3.04 -8.98
N TRP I 320 -12.58 -2.69 -9.94
CA TRP I 320 -12.60 -3.33 -11.24
C TRP I 320 -11.90 -2.47 -12.28
N PHE I 321 -10.96 -3.08 -13.00
CA PHE I 321 -10.18 -2.43 -14.04
C PHE I 321 -10.56 -3.00 -15.39
N TYR I 322 -10.98 -2.12 -16.31
CA TYR I 322 -11.45 -2.51 -17.62
C TYR I 322 -10.43 -2.14 -18.68
N TYR I 323 -10.04 -3.12 -19.50
CA TYR I 323 -9.00 -2.94 -20.49
C TYR I 323 -9.38 -3.68 -21.76
N THR I 324 -8.70 -3.33 -22.85
CA THR I 324 -8.95 -3.96 -24.14
C THR I 324 -8.27 -5.32 -24.18
N GLY I 325 -9.04 -6.37 -23.98
CA GLY I 325 -8.49 -7.71 -23.99
C GLY I 325 -7.95 -8.13 -25.34
N ASP I 326 -8.64 -7.76 -26.42
CA ASP I 326 -8.24 -8.20 -27.75
C ASP I 326 -8.85 -7.28 -28.78
N ILE I 327 -8.38 -7.40 -30.03
CA ILE I 327 -9.00 -6.77 -31.18
C ILE I 327 -9.34 -7.88 -32.18
N ILE I 328 -10.61 -7.95 -32.57
CA ILE I 328 -11.08 -8.98 -33.49
C ILE I 328 -10.96 -8.45 -34.91
N GLY I 329 -10.31 -9.24 -35.77
CA GLY I 329 -10.15 -8.84 -37.16
C GLY I 329 -8.93 -7.97 -37.38
N ASN I 330 -9.04 -7.01 -38.30
CA ASN I 330 -7.93 -6.15 -38.65
C ASN I 330 -7.86 -4.95 -37.71
N ILE I 331 -6.65 -4.43 -37.55
CA ILE I 331 -6.39 -3.22 -36.78
C ILE I 331 -6.22 -2.07 -37.76
N ARG I 332 -7.10 -1.07 -37.66
CA ARG I 332 -7.11 0.06 -38.57
C ARG I 332 -7.20 1.35 -37.78
N GLN I 333 -6.59 2.40 -38.34
CA GLN I 333 -6.58 3.70 -37.69
C GLN I 333 -7.96 4.34 -37.74
N ALA I 334 -8.32 5.03 -36.66
CA ALA I 334 -9.59 5.74 -36.62
C ALA I 334 -9.53 6.98 -37.49
N TYR I 335 -10.70 7.45 -37.93
CA TYR I 335 -10.73 8.53 -38.91
C TYR I 335 -12.03 9.29 -38.83
N CYS I 336 -11.99 10.52 -39.33
CA CYS I 336 -13.17 11.39 -39.44
C CYS I 336 -13.39 11.77 -40.90
N ASN I 337 -14.58 11.47 -41.40
CA ASN I 337 -14.98 11.91 -42.74
C ASN I 337 -15.83 13.17 -42.60
N ILE I 338 -15.36 14.27 -43.17
CA ILE I 338 -16.10 15.53 -43.18
C ILE I 338 -16.55 15.81 -44.60
N LYS I 339 -17.79 16.28 -44.75
CA LYS I 339 -18.31 16.51 -46.10
C LYS I 339 -17.49 17.57 -46.83
N LYS I 340 -16.94 17.18 -47.99
CA LYS I 340 -15.91 17.99 -48.64
C LYS I 340 -16.47 19.30 -49.17
N ASP I 341 -17.55 19.25 -49.94
CA ASP I 341 -18.07 20.45 -50.59
C ASP I 341 -18.52 21.48 -49.57
N ASP I 342 -19.21 21.03 -48.52
CA ASP I 342 -19.66 21.93 -47.46
C ASP I 342 -18.47 22.57 -46.78
N TRP I 343 -17.41 21.79 -46.52
CA TRP I 343 -16.24 22.34 -45.88
C TRP I 343 -15.54 23.37 -46.75
N ILE I 344 -15.44 23.10 -48.05
CA ILE I 344 -14.78 24.04 -48.94
C ILE I 344 -15.57 25.34 -49.02
N ARG I 345 -16.90 25.25 -49.13
CA ARG I 345 -17.71 26.46 -49.14
C ARG I 345 -17.58 27.23 -47.83
N THR I 346 -17.57 26.51 -46.71
CA THR I 346 -17.46 27.15 -45.41
C THR I 346 -16.13 27.89 -45.28
N LEU I 347 -15.03 27.25 -45.70
CA LEU I 347 -13.74 27.91 -45.62
C LEU I 347 -13.64 29.10 -46.58
N GLN I 348 -14.26 29.00 -47.75
CA GLN I 348 -14.28 30.14 -48.66
C GLN I 348 -14.99 31.33 -48.03
N ARG I 349 -16.16 31.07 -47.41
CA ARG I 349 -16.90 32.15 -46.78
C ARG I 349 -16.13 32.74 -45.60
N VAL I 350 -15.48 31.89 -44.80
CA VAL I 350 -14.70 32.37 -43.67
C VAL I 350 -13.52 33.22 -44.16
N GLY I 351 -12.89 32.79 -45.25
CA GLY I 351 -11.82 33.58 -45.82
C GLY I 351 -12.28 34.93 -46.31
N LYS I 352 -13.47 34.96 -46.93
CA LYS I 352 -14.03 36.24 -47.37
C LYS I 352 -14.30 37.17 -46.18
N LYS I 353 -14.86 36.61 -45.10
CA LYS I 353 -15.10 37.43 -43.91
C LYS I 353 -13.79 37.95 -43.32
N LEU I 354 -12.77 37.09 -43.25
CA LEU I 354 -11.48 37.53 -42.73
C LEU I 354 -10.87 38.61 -43.62
N ALA I 355 -11.04 38.48 -44.94
CA ALA I 355 -10.56 39.51 -45.85
C ALA I 355 -11.29 40.82 -45.61
N GLU I 356 -12.59 40.76 -45.32
CA GLU I 356 -13.30 41.98 -44.93
C GLU I 356 -12.71 42.58 -43.67
N HIS I 357 -12.42 41.75 -42.67
CA HIS I 357 -11.81 42.25 -41.44
C HIS I 357 -10.33 42.58 -41.62
N PHE I 358 -9.66 41.96 -42.60
CA PHE I 358 -8.24 42.16 -42.86
C PHE I 358 -8.08 42.55 -44.32
N PRO I 359 -8.32 43.82 -44.66
CA PRO I 359 -8.24 44.21 -46.08
C PRO I 359 -6.81 44.18 -46.59
N ARG I 360 -6.69 44.02 -47.91
CA ARG I 360 -5.39 44.01 -48.59
C ARG I 360 -4.48 42.92 -48.03
N ARG I 361 -5.04 41.74 -47.78
CA ARG I 361 -4.28 40.61 -47.25
C ARG I 361 -4.80 39.31 -47.84
N ILE I 362 -3.87 38.44 -48.17
CA ILE I 362 -4.19 37.08 -48.59
C ILE I 362 -4.44 36.24 -47.34
N ILE I 363 -5.53 35.47 -47.34
CA ILE I 363 -5.97 34.76 -46.14
C ILE I 363 -5.54 33.31 -46.27
N ASN I 364 -4.52 32.91 -45.51
CA ASN I 364 -3.95 31.58 -45.58
C ASN I 364 -4.44 30.73 -44.40
N PHE I 365 -5.04 29.59 -44.71
CA PHE I 365 -5.41 28.59 -43.72
C PHE I 365 -4.38 27.47 -43.77
N THR I 366 -3.53 27.39 -42.74
CA THR I 366 -2.45 26.43 -42.63
C THR I 366 -2.64 25.63 -41.35
N GLN I 367 -1.88 24.54 -41.24
CA GLN I 367 -2.00 23.66 -40.09
C GLN I 367 -1.31 24.26 -38.88
N PRO I 368 -1.63 23.78 -37.67
CA PRO I 368 -0.97 24.34 -36.47
C PRO I 368 0.51 24.04 -36.45
N ALA I 369 1.24 24.85 -35.68
CA ALA I 369 2.67 24.65 -35.53
C ALA I 369 2.95 23.37 -34.74
N GLY I 370 4.23 23.06 -34.56
CA GLY I 370 4.64 21.81 -33.95
C GLY I 370 4.63 21.77 -32.44
N GLY I 371 3.48 22.04 -31.82
CA GLY I 371 3.31 21.89 -30.39
C GLY I 371 2.96 20.47 -29.99
N ASP I 372 2.36 20.35 -28.81
CA ASP I 372 1.98 19.05 -28.27
C ASP I 372 0.80 18.48 -29.03
N LEU I 373 0.45 17.23 -28.72
CA LEU I 373 -0.66 16.57 -29.41
C LEU I 373 -2.00 17.19 -29.01
N GLU I 374 -2.16 17.55 -27.74
CA GLU I 374 -3.45 18.04 -27.27
C GLU I 374 -3.82 19.39 -27.86
N ILE I 375 -2.85 20.14 -28.38
CA ILE I 375 -3.09 21.50 -28.87
C ILE I 375 -2.93 21.63 -30.38
N THR I 376 -2.32 20.65 -31.05
CA THR I 376 -2.12 20.70 -32.49
C THR I 376 -3.11 19.81 -33.25
N THR I 377 -4.13 19.28 -32.58
CA THR I 377 -5.08 18.38 -33.20
C THR I 377 -6.48 18.71 -32.73
N HIS I 378 -7.46 18.40 -33.57
CA HIS I 378 -8.87 18.48 -33.18
C HIS I 378 -9.11 17.35 -32.19
N SER I 379 -9.12 17.69 -30.91
CA SER I 379 -9.36 16.73 -29.86
C SER I 379 -10.84 16.73 -29.52
N PHE I 380 -11.38 15.55 -29.24
CA PHE I 380 -12.77 15.48 -28.82
C PHE I 380 -13.07 14.13 -28.20
N ASN I 381 -14.28 14.03 -27.66
CA ASN I 381 -14.77 12.83 -26.98
C ASN I 381 -15.96 12.30 -27.78
N CYS I 382 -16.01 10.99 -27.94
CA CYS I 382 -17.14 10.32 -28.57
C CYS I 382 -17.41 9.02 -27.81
N ARG I 383 -18.48 9.01 -27.03
CA ARG I 383 -18.83 7.88 -26.19
C ARG I 383 -17.68 7.53 -25.23
N GLY I 384 -17.00 8.54 -24.73
CA GLY I 384 -15.88 8.32 -23.85
C GLY I 384 -14.60 7.90 -24.54
N GLU I 385 -14.60 7.78 -25.86
CA GLU I 385 -13.40 7.49 -26.63
C GLU I 385 -12.78 8.82 -27.04
N PHE I 386 -11.51 9.02 -26.70
CA PHE I 386 -10.86 10.32 -26.83
C PHE I 386 -10.01 10.35 -28.11
N PHE I 387 -10.54 11.04 -29.12
CA PHE I 387 -9.92 11.17 -30.42
C PHE I 387 -9.07 12.44 -30.46
N TYR I 388 -8.00 12.39 -31.26
CA TYR I 388 -7.15 13.54 -31.58
C TYR I 388 -6.86 13.44 -33.08
N CYS I 389 -7.43 14.36 -33.86
CA CYS I 389 -7.42 14.27 -35.31
C CYS I 389 -6.48 15.30 -35.92
N ASN I 390 -5.72 14.86 -36.92
CA ASN I 390 -4.72 15.70 -37.61
C ASN I 390 -5.43 16.43 -38.74
N THR I 391 -5.96 17.61 -38.43
CA THR I 391 -6.80 18.36 -39.36
C THR I 391 -5.98 19.28 -40.28
N SER I 392 -4.72 18.93 -40.55
CA SER I 392 -3.92 19.72 -41.47
C SER I 392 -4.51 19.67 -42.88
N SER I 393 -5.11 18.54 -43.25
CA SER I 393 -5.70 18.41 -44.58
C SER I 393 -6.86 19.36 -44.80
N LEU I 394 -7.53 19.81 -43.74
CA LEU I 394 -8.63 20.76 -43.85
C LEU I 394 -8.15 22.18 -44.02
N PHE I 395 -7.26 22.63 -43.15
CA PHE I 395 -6.74 24.00 -43.18
C PHE I 395 -5.48 24.03 -44.05
N ASN I 396 -5.72 23.82 -45.35
CA ASN I 396 -4.66 23.68 -46.34
C ASN I 396 -5.01 24.51 -47.57
N SER I 397 -5.42 25.76 -47.35
CA SER I 397 -6.00 26.54 -48.45
C SER I 397 -5.60 28.00 -48.30
N THR I 398 -5.99 28.79 -49.30
CA THR I 398 -5.66 30.20 -49.36
C THR I 398 -6.71 30.92 -50.18
N TYR I 399 -7.19 32.04 -49.65
CA TYR I 399 -8.15 32.90 -50.33
C TYR I 399 -7.44 34.18 -50.77
N ASN I 400 -7.59 34.51 -52.05
CA ASN I 400 -7.06 35.72 -52.66
C ASN I 400 -8.23 36.64 -52.99
N PRO I 401 -8.39 37.81 -52.35
CA PRO I 401 -9.52 38.68 -52.70
C PRO I 401 -9.53 39.12 -54.15
N ASN I 402 -8.37 39.31 -54.77
CA ASN I 402 -8.31 39.73 -56.16
C ASN I 402 -8.74 38.59 -57.09
N LEU I 415 -18.17 12.22 -51.72
CA LEU I 415 -16.80 12.70 -51.69
C LEU I 415 -16.53 13.46 -50.40
N ASP I 416 -15.86 12.79 -49.47
CA ASP I 416 -15.55 13.33 -48.15
C ASP I 416 -14.05 13.46 -47.96
N ILE I 417 -13.65 14.42 -47.13
CA ILE I 417 -12.27 14.57 -46.71
C ILE I 417 -12.06 13.67 -45.50
N THR I 418 -11.10 12.76 -45.61
CA THR I 418 -10.77 11.83 -44.54
C THR I 418 -9.61 12.38 -43.72
N ILE I 419 -9.77 12.38 -42.40
CA ILE I 419 -8.81 12.92 -41.45
C ILE I 419 -8.35 11.76 -40.57
N PRO I 420 -7.07 11.38 -40.57
CA PRO I 420 -6.63 10.35 -39.62
C PRO I 420 -6.70 10.87 -38.19
N CYS I 421 -6.96 9.97 -37.25
CA CYS I 421 -7.09 10.33 -35.85
C CYS I 421 -6.42 9.28 -34.98
N ARG I 422 -5.65 9.74 -34.01
CA ARG I 422 -5.12 8.89 -32.95
C ARG I 422 -6.13 8.88 -31.82
N ILE I 423 -6.02 7.88 -30.95
CA ILE I 423 -6.92 7.71 -29.81
C ILE I 423 -6.07 7.49 -28.57
N LYS I 424 -6.48 8.13 -27.47
CA LYS I 424 -5.78 7.99 -26.20
C LYS I 424 -6.72 7.45 -25.14
N GLN I 425 -6.14 6.76 -24.15
CA GLN I 425 -6.86 6.29 -22.98
C GLN I 425 -6.48 7.02 -21.71
N ILE I 426 -5.21 7.40 -21.56
CA ILE I 426 -4.75 8.20 -20.42
C ILE I 426 -4.83 9.66 -20.83
N ILE I 427 -5.78 10.39 -20.26
CA ILE I 427 -6.15 11.74 -20.70
C ILE I 427 -5.78 12.73 -19.62
N ASN I 428 -5.13 13.83 -20.01
CA ASN I 428 -4.88 14.97 -19.13
C ASN I 428 -5.79 16.10 -19.59
N MET I 429 -6.90 16.27 -18.90
CA MET I 429 -7.94 17.20 -19.34
C MET I 429 -7.71 18.59 -18.75
N TRP I 430 -8.34 19.58 -19.39
CA TRP I 430 -8.39 20.95 -18.88
C TRP I 430 -7.00 21.58 -18.80
N GLN I 431 -6.06 21.11 -19.61
CA GLN I 431 -4.68 21.59 -19.61
C GLN I 431 -4.03 21.45 -18.24
N ARG I 432 -4.49 20.51 -17.42
CA ARG I 432 -3.97 20.31 -16.08
C ARG I 432 -2.88 19.25 -16.08
N VAL I 433 -1.95 19.39 -15.13
CA VAL I 433 -0.97 18.35 -14.82
C VAL I 433 -1.19 17.96 -13.37
N GLY I 434 -0.71 16.77 -13.03
CA GLY I 434 -0.90 16.21 -11.72
C GLY I 434 -2.19 15.42 -11.56
N GLN I 435 -3.05 15.41 -12.57
CA GLN I 435 -4.28 14.63 -12.55
C GLN I 435 -4.53 14.06 -13.93
N ALA I 436 -4.65 12.73 -13.98
CA ALA I 436 -4.85 12.02 -15.23
C ALA I 436 -6.03 11.06 -15.07
N MET I 437 -6.68 10.77 -16.18
CA MET I 437 -7.87 9.93 -16.22
C MET I 437 -7.65 8.81 -17.21
N TYR I 438 -8.05 7.60 -16.84
CA TYR I 438 -8.03 6.45 -17.73
C TYR I 438 -9.45 6.24 -18.27
N ALA I 439 -9.61 6.39 -19.58
CA ALA I 439 -10.90 6.19 -20.22
C ALA I 439 -11.03 4.73 -20.59
N PRO I 440 -11.95 3.95 -20.01
CA PRO I 440 -12.01 2.53 -20.34
C PRO I 440 -12.42 2.34 -21.79
N PRO I 441 -12.10 1.19 -22.39
CA PRO I 441 -12.52 0.94 -23.76
C PRO I 441 -13.99 0.60 -23.85
N ILE I 442 -14.48 0.52 -25.09
CA ILE I 442 -15.84 0.09 -25.39
C ILE I 442 -15.75 -1.07 -26.37
N GLU I 443 -16.47 -2.14 -26.06
CA GLU I 443 -16.49 -3.30 -26.94
C GLU I 443 -17.17 -2.94 -28.26
N GLY I 444 -16.67 -3.53 -29.34
CA GLY I 444 -17.18 -3.23 -30.66
C GLY I 444 -16.48 -2.04 -31.28
N ASN I 445 -17.03 -1.57 -32.39
CA ASN I 445 -16.56 -0.39 -33.09
C ASN I 445 -17.42 0.80 -32.70
N ILE I 446 -16.92 2.01 -32.99
CA ILE I 446 -17.57 3.25 -32.56
C ILE I 446 -17.76 4.15 -33.77
N THR I 447 -18.93 4.76 -33.87
CA THR I 447 -19.23 5.78 -34.87
C THR I 447 -20.01 6.89 -34.20
N CYS I 448 -19.87 8.13 -34.73
CA CYS I 448 -20.70 9.25 -34.24
C CYS I 448 -20.59 10.44 -35.21
N LYS I 449 -21.67 11.23 -35.32
CA LYS I 449 -21.65 12.44 -36.20
C LYS I 449 -21.86 13.69 -35.33
N SER I 450 -21.00 14.70 -35.49
CA SER I 450 -21.09 15.93 -34.67
C SER I 450 -21.05 17.16 -35.59
N ASN I 451 -22.17 17.89 -35.72
CA ASN I 451 -22.21 19.06 -36.63
C ASN I 451 -21.18 20.09 -36.18
N ILE I 452 -20.43 20.66 -37.13
CA ILE I 452 -19.44 21.72 -36.80
C ILE I 452 -20.13 23.08 -36.91
N THR I 453 -20.20 23.84 -35.81
CA THR I 453 -20.93 25.13 -35.82
C THR I 453 -19.97 26.30 -35.57
N GLY I 454 -18.78 26.02 -35.05
CA GLY I 454 -17.83 27.10 -34.71
C GLY I 454 -16.40 26.74 -35.03
N LEU I 455 -15.54 27.75 -35.25
CA LEU I 455 -14.11 27.51 -35.55
C LEU I 455 -13.24 28.38 -34.64
N LEU I 456 -12.21 27.80 -34.03
CA LEU I 456 -11.30 28.54 -33.17
C LEU I 456 -10.00 28.74 -33.93
N LEU I 457 -9.79 29.95 -34.45
CA LEU I 457 -8.63 30.28 -35.25
C LEU I 457 -7.71 31.20 -34.47
N VAL I 458 -6.44 31.22 -34.86
CA VAL I 458 -5.44 32.12 -34.29
C VAL I 458 -4.64 32.70 -35.44
N ARG I 459 -4.53 34.02 -35.47
CA ARG I 459 -3.77 34.70 -36.51
C ARG I 459 -2.30 34.66 -36.14
N ASP I 460 -1.46 34.22 -37.09
CA ASP I 460 -0.04 34.03 -36.80
C ASP I 460 0.64 35.34 -36.44
N GLY I 461 0.35 36.40 -37.20
CA GLY I 461 0.95 37.70 -36.96
C GLY I 461 2.46 37.69 -37.10
N ASN I 466 3.76 42.00 -44.43
CA ASN I 466 3.78 40.63 -44.96
C ASN I 466 2.89 40.49 -46.18
N GLU I 467 1.81 41.27 -46.23
CA GLU I 467 0.79 41.22 -47.28
C GLU I 467 0.02 39.91 -47.29
N THR I 468 0.12 39.10 -46.22
CA THR I 468 -0.55 37.82 -46.13
C THR I 468 -0.78 37.51 -44.65
N GLU I 469 -1.97 37.00 -44.35
CA GLU I 469 -2.34 36.62 -42.99
C GLU I 469 -2.51 35.10 -42.91
N ILE I 470 -1.85 34.50 -41.93
CA ILE I 470 -1.87 33.05 -41.72
C ILE I 470 -2.73 32.77 -40.49
N PHE I 471 -3.81 32.02 -40.69
CA PHE I 471 -4.72 31.64 -39.62
C PHE I 471 -4.63 30.14 -39.40
N ARG I 472 -4.26 29.74 -38.18
CA ARG I 472 -4.10 28.35 -37.80
C ARG I 472 -5.22 27.93 -36.87
N PRO I 473 -5.58 26.64 -36.82
CA PRO I 473 -6.52 26.20 -35.78
C PRO I 473 -5.94 26.43 -34.39
N GLY I 474 -6.82 26.78 -33.45
CA GLY I 474 -6.45 27.10 -32.09
C GLY I 474 -7.23 26.26 -31.10
N GLY I 475 -7.39 26.79 -29.91
CA GLY I 475 -8.09 26.14 -28.83
C GLY I 475 -7.18 25.84 -27.66
N GLY I 476 -7.58 24.83 -26.89
CA GLY I 476 -6.90 24.43 -25.68
C GLY I 476 -7.45 25.09 -24.43
N ASP I 477 -7.72 26.39 -24.47
CA ASP I 477 -8.40 27.09 -23.37
C ASP I 477 -9.89 26.90 -23.58
N MET I 478 -10.50 26.11 -22.71
CA MET I 478 -11.87 25.65 -22.96
C MET I 478 -12.90 26.75 -22.83
N ARG I 479 -12.60 27.82 -22.07
CA ARG I 479 -13.58 28.89 -21.85
C ARG I 479 -14.11 29.44 -23.16
N ASN I 480 -13.25 29.61 -24.16
CA ASN I 480 -13.68 30.12 -25.46
C ASN I 480 -14.85 29.31 -26.01
N ASN I 481 -14.78 27.98 -25.92
CA ASN I 481 -15.88 27.15 -26.38
C ASN I 481 -17.19 27.56 -25.74
N TRP I 482 -17.21 27.65 -24.41
CA TRP I 482 -18.44 28.02 -23.75
C TRP I 482 -18.76 29.49 -23.96
N ARG I 483 -17.73 30.31 -24.17
CA ARG I 483 -18.00 31.69 -24.55
C ARG I 483 -18.76 31.75 -25.86
N SER I 484 -18.47 30.81 -26.77
CA SER I 484 -19.18 30.79 -28.05
C SER I 484 -20.67 30.56 -27.88
N GLU I 485 -21.09 30.04 -26.73
CA GLU I 485 -22.51 29.90 -26.41
C GLU I 485 -23.02 30.99 -25.49
N LEU I 486 -22.15 31.65 -24.72
CA LEU I 486 -22.57 32.64 -23.73
C LEU I 486 -22.25 34.07 -24.16
N TYR I 487 -22.01 34.31 -25.45
CA TYR I 487 -21.79 35.67 -25.92
C TYR I 487 -23.06 36.52 -25.83
N LYS I 488 -24.23 35.91 -25.90
CA LYS I 488 -25.49 36.63 -25.90
C LYS I 488 -25.91 37.15 -24.53
N TYR I 489 -25.54 36.46 -23.45
CA TYR I 489 -26.18 36.63 -22.16
C TYR I 489 -25.37 37.54 -21.25
N LYS I 490 -26.08 38.25 -20.37
CA LYS I 490 -25.48 39.14 -19.38
C LYS I 490 -26.32 39.12 -18.12
N VAL I 491 -25.69 38.91 -16.97
CA VAL I 491 -26.39 38.83 -15.69
C VAL I 491 -26.48 40.24 -15.11
N VAL I 492 -27.68 40.62 -14.64
CA VAL I 492 -27.90 41.94 -14.06
C VAL I 492 -28.72 41.80 -12.79
N GLU I 493 -28.29 42.53 -11.75
CA GLU I 493 -29.00 42.64 -10.50
C GLU I 493 -30.03 43.76 -10.62
N ILE I 494 -31.21 43.55 -10.06
CA ILE I 494 -32.27 44.55 -10.10
C ILE I 494 -32.16 45.44 -8.88
N LYS I 495 -32.31 46.76 -9.07
CA LYS I 495 -32.24 47.76 -8.02
C LYS I 495 -33.63 48.38 -7.85
N PRO I 496 -34.54 47.72 -7.12
CA PRO I 496 -35.95 48.15 -7.14
C PRO I 496 -36.20 49.49 -6.47
N LEU I 497 -35.29 49.99 -5.66
CA LEU I 497 -35.49 51.23 -4.91
C LEU I 497 -35.02 52.41 -5.76
N GLY I 498 -35.89 53.42 -5.90
CA GLY I 498 -35.55 54.57 -6.72
C GLY I 498 -36.19 55.83 -6.19
N ILE I 499 -35.74 56.96 -6.71
CA ILE I 499 -36.14 58.28 -6.26
C ILE I 499 -36.44 59.14 -7.48
N ALA I 500 -37.51 59.95 -7.39
CA ALA I 500 -37.85 60.84 -8.48
C ALA I 500 -38.55 62.08 -7.96
N PRO I 501 -38.54 63.20 -8.68
CA PRO I 501 -39.30 64.38 -8.22
C PRO I 501 -40.77 64.26 -8.59
N THR I 502 -41.63 64.65 -7.66
CA THR I 502 -43.06 64.77 -7.89
C THR I 502 -43.57 65.99 -7.14
N ARG I 503 -44.72 66.50 -7.57
CA ARG I 503 -45.33 67.61 -6.84
C ARG I 503 -45.93 67.16 -5.51
N CYS I 504 -46.07 65.86 -5.30
CA CYS I 504 -46.63 65.35 -4.06
C CYS I 504 -45.66 65.54 -2.90
N LYS I 505 -46.19 65.90 -1.74
CA LYS I 505 -45.43 66.11 -0.52
C LYS I 505 -46.04 65.27 0.60
N ARG I 506 -45.19 64.86 1.55
CA ARG I 506 -45.65 64.04 2.66
C ARG I 506 -46.72 64.76 3.47
N ARG I 507 -46.44 66.01 3.86
CA ARG I 507 -47.40 66.86 4.56
C ARG I 507 -47.86 66.22 5.87
N UNK J 1 48.61 -22.89 -10.24
CA UNK J 1 48.00 -23.08 -8.90
C UNK J 1 46.73 -23.94 -8.96
N UNK J 2 45.90 -23.72 -9.97
CA UNK J 2 44.72 -24.56 -10.15
C UNK J 2 45.16 -25.98 -10.50
N UNK J 3 44.30 -26.94 -10.15
CA UNK J 3 44.60 -28.34 -10.40
C UNK J 3 43.29 -29.07 -10.68
N UNK J 4 43.29 -29.87 -11.75
CA UNK J 4 42.12 -30.63 -12.15
C UNK J 4 42.47 -32.10 -12.11
N UNK J 5 41.64 -32.88 -11.42
CA UNK J 5 41.82 -34.32 -11.28
C UNK J 5 40.73 -35.02 -12.07
N UNK J 6 41.13 -35.85 -13.03
CA UNK J 6 40.19 -36.60 -13.86
C UNK J 6 39.87 -37.91 -13.16
N UNK J 7 38.58 -38.14 -12.91
CA UNK J 7 38.19 -39.24 -12.03
C UNK J 7 38.48 -40.59 -12.65
N UNK J 8 37.90 -40.88 -13.82
CA UNK J 8 37.96 -42.21 -14.42
C UNK J 8 39.31 -42.36 -15.10
N UNK J 9 40.16 -43.23 -14.55
CA UNK J 9 41.49 -43.44 -15.13
C UNK J 9 41.39 -44.04 -16.53
N UNK J 10 40.50 -45.01 -16.71
CA UNK J 10 40.26 -45.63 -18.00
C UNK J 10 38.82 -46.08 -18.07
N UNK J 11 38.25 -45.98 -19.27
CA UNK J 11 36.86 -46.34 -19.51
C UNK J 11 36.78 -47.23 -20.74
N UNK J 12 35.73 -48.03 -20.81
CA UNK J 12 35.51 -48.91 -21.94
C UNK J 12 34.01 -49.12 -22.12
N UNK J 13 33.62 -49.31 -23.37
CA UNK J 13 32.21 -49.54 -23.69
C UNK J 13 32.13 -50.17 -25.07
N UNK J 14 31.09 -50.96 -25.29
CA UNK J 14 30.89 -51.58 -26.59
C UNK J 14 30.62 -50.50 -27.63
N UNK J 15 30.86 -50.84 -28.90
CA UNK J 15 30.61 -49.91 -29.98
C UNK J 15 29.14 -49.52 -30.00
N UNK J 16 28.88 -48.22 -30.12
CA UNK J 16 27.57 -47.56 -30.06
C UNK J 16 27.05 -47.44 -28.63
N UNK J 17 27.91 -47.51 -27.62
CA UNK J 17 27.51 -47.32 -26.23
C UNK J 17 28.15 -46.05 -25.66
N UNK J 18 27.59 -45.59 -24.55
CA UNK J 18 28.03 -44.35 -23.93
C UNK J 18 29.20 -44.57 -22.98
N UNK J 19 30.09 -43.58 -22.93
CA UNK J 19 31.18 -43.53 -21.96
C UNK J 19 31.23 -42.13 -21.38
N UNK J 20 31.73 -42.01 -20.15
CA UNK J 20 31.73 -40.74 -19.46
C UNK J 20 33.00 -40.59 -18.63
N UNK J 21 33.60 -39.41 -18.74
CA UNK J 21 34.75 -39.01 -17.95
C UNK J 21 34.38 -37.78 -17.13
N UNK J 22 34.98 -37.68 -15.94
CA UNK J 22 34.65 -36.61 -15.01
C UNK J 22 35.93 -35.99 -14.49
N UNK J 23 35.87 -34.68 -14.24
CA UNK J 23 37.00 -33.92 -13.72
C UNK J 23 36.53 -33.02 -12.60
N UNK J 24 37.39 -32.85 -11.60
CA UNK J 24 37.12 -31.99 -10.46
C UNK J 24 38.27 -31.01 -10.28
N UNK J 25 37.93 -29.74 -10.14
CA UNK J 25 38.92 -28.67 -10.05
C UNK J 25 39.18 -28.30 -8.60
N UNK J 26 40.40 -27.81 -8.34
CA UNK J 26 40.75 -27.38 -6.99
C UNK J 26 39.95 -26.16 -6.54
N UNK J 27 39.37 -25.40 -7.47
CA UNK J 27 38.58 -24.23 -7.13
C UNK J 27 37.52 -24.03 -8.20
N UNK J 28 36.54 -23.17 -7.89
CA UNK J 28 35.51 -22.85 -8.86
C UNK J 28 36.13 -22.21 -10.10
N UNK J 29 35.72 -22.69 -11.28
CA UNK J 29 36.36 -22.32 -12.53
C UNK J 29 35.50 -21.41 -13.41
N UNK J 30 34.24 -21.17 -13.05
CA UNK J 30 33.35 -20.23 -13.74
C UNK J 30 32.93 -20.70 -15.12
N UNK J 31 33.30 -21.92 -15.53
CA UNK J 31 32.70 -22.61 -16.66
C UNK J 31 33.07 -22.03 -18.03
N UNK J 32 33.84 -20.93 -18.05
CA UNK J 32 34.36 -20.41 -19.32
C UNK J 32 35.78 -20.91 -19.58
N UNK J 33 36.55 -21.16 -18.52
CA UNK J 33 37.92 -21.61 -18.65
C UNK J 33 38.06 -23.10 -18.93
N UNK J 34 37.01 -23.89 -18.67
CA UNK J 34 37.10 -25.34 -18.79
C UNK J 34 36.92 -25.77 -20.25
N UNK J 35 37.89 -26.53 -20.75
CA UNK J 35 37.86 -27.05 -22.11
C UNK J 35 38.25 -28.52 -22.06
N UNK J 36 37.83 -29.26 -23.08
CA UNK J 36 38.08 -30.69 -23.16
C UNK J 36 38.63 -31.04 -24.52
N UNK J 37 39.74 -31.81 -24.51
CA UNK J 37 40.51 -32.11 -25.70
C UNK J 37 40.75 -33.61 -25.81
N UNK J 38 40.99 -34.08 -27.03
CA UNK J 38 41.18 -35.49 -27.33
C UNK J 38 42.49 -35.70 -28.06
N UNK J 39 43.37 -36.51 -27.47
CA UNK J 39 44.67 -36.86 -28.07
C UNK J 39 44.61 -38.32 -28.49
N UNK J 40 44.63 -38.57 -29.79
CA UNK J 40 44.80 -39.91 -30.30
C UNK J 40 46.25 -40.32 -30.17
N UNK J 41 46.50 -41.62 -30.29
CA UNK J 41 47.85 -42.13 -30.11
C UNK J 41 48.79 -41.58 -31.18
N UNK J 42 49.85 -40.92 -30.72
CA UNK J 42 50.86 -40.34 -31.61
C UNK J 42 50.25 -39.28 -32.53
N UNK J 43 49.70 -38.23 -31.95
CA UNK J 43 49.15 -37.12 -32.71
C UNK J 43 48.88 -35.96 -31.77
N UNK J 44 48.82 -34.76 -32.34
CA UNK J 44 48.53 -33.57 -31.55
C UNK J 44 47.09 -33.62 -31.05
N UNK J 45 46.88 -33.10 -29.85
CA UNK J 45 45.55 -33.11 -29.25
C UNK J 45 44.60 -32.22 -30.05
N UNK J 46 43.34 -32.63 -30.09
CA UNK J 46 42.27 -31.90 -30.78
C UNK J 46 41.23 -31.44 -29.78
N UNK J 47 40.86 -30.16 -29.86
CA UNK J 47 39.85 -29.63 -28.96
C UNK J 47 38.48 -30.19 -29.32
N UNK J 48 37.77 -30.69 -28.30
CA UNK J 48 36.43 -31.23 -28.47
C UNK J 48 35.35 -30.35 -27.85
N UNK J 49 35.67 -29.59 -26.82
CA UNK J 49 34.73 -28.64 -26.23
C UNK J 49 35.50 -27.40 -25.80
N UNK J 50 35.19 -26.27 -26.45
CA UNK J 50 35.91 -25.01 -26.27
C UNK J 50 35.68 -24.38 -24.91
N UNK J 51 34.43 -24.32 -24.46
CA UNK J 51 34.10 -23.96 -23.09
C UNK J 51 33.39 -25.16 -22.50
N UNK J 52 32.88 -25.00 -21.29
CA UNK J 52 32.03 -26.03 -20.72
C UNK J 52 30.76 -26.13 -21.55
N UNK J 53 30.66 -27.21 -22.33
CA UNK J 53 29.49 -27.54 -23.14
C UNK J 53 29.34 -26.65 -24.37
N UNK J 54 30.43 -26.22 -24.99
CA UNK J 54 30.40 -25.54 -26.29
C UNK J 54 31.25 -26.35 -27.26
N UNK J 55 30.58 -27.10 -28.14
CA UNK J 55 31.27 -28.01 -29.03
C UNK J 55 32.17 -27.26 -29.99
N UNK J 56 33.38 -27.77 -30.17
CA UNK J 56 34.34 -27.14 -31.07
C UNK J 56 33.87 -27.27 -32.52
N UNK J 57 34.62 -26.63 -33.42
CA UNK J 57 34.25 -26.64 -34.82
C UNK J 57 34.38 -28.05 -35.40
N UNK J 58 33.30 -28.52 -36.02
CA UNK J 58 33.25 -29.81 -36.71
C UNK J 58 33.32 -31.00 -35.77
N UNK J 59 33.25 -30.78 -34.46
CA UNK J 59 33.16 -31.89 -33.52
C UNK J 59 31.79 -32.52 -33.59
N UNK J 60 31.75 -33.85 -33.47
CA UNK J 60 30.48 -34.56 -33.52
C UNK J 60 29.60 -34.17 -32.35
N UNK J 61 28.29 -34.17 -32.57
CA UNK J 61 27.35 -33.83 -31.51
C UNK J 61 27.26 -34.90 -30.44
N UNK J 62 27.84 -36.08 -30.68
CA UNK J 62 27.84 -37.13 -29.67
C UNK J 62 28.56 -36.68 -28.40
N UNK J 63 29.69 -36.00 -28.54
CA UNK J 63 30.50 -35.59 -27.39
C UNK J 63 29.81 -34.40 -26.72
N UNK J 64 29.07 -34.68 -25.66
CA UNK J 64 28.42 -33.65 -24.86
C UNK J 64 29.26 -33.38 -23.63
N UNK J 65 29.08 -32.19 -23.05
CA UNK J 65 29.81 -31.80 -21.86
C UNK J 65 28.91 -30.98 -20.95
N UNK J 66 29.22 -31.02 -19.67
CA UNK J 66 28.46 -30.27 -18.67
C UNK J 66 29.41 -29.95 -17.52
N UNK J 67 29.06 -28.93 -16.74
CA UNK J 67 29.93 -28.52 -15.64
C UNK J 67 29.23 -27.48 -14.80
N UNK J 68 29.70 -27.36 -13.56
CA UNK J 68 29.32 -26.27 -12.68
C UNK J 68 30.34 -26.21 -11.55
N UNK J 69 30.80 -24.99 -11.27
CA UNK J 69 31.69 -24.72 -10.14
C UNK J 69 32.93 -25.61 -10.20
N UNK J 70 33.04 -26.59 -9.31
CA UNK J 70 34.23 -27.42 -9.18
C UNK J 70 34.10 -28.78 -9.87
N UNK J 71 32.95 -29.09 -10.47
CA UNK J 71 32.72 -30.40 -11.08
C UNK J 71 32.42 -30.25 -12.56
N UNK J 72 32.92 -31.18 -13.38
CA UNK J 72 32.70 -31.15 -14.81
C UNK J 72 32.73 -32.57 -15.35
N UNK J 73 32.11 -32.77 -16.50
CA UNK J 73 32.03 -34.10 -17.09
C UNK J 73 31.86 -33.98 -18.59
N UNK J 74 32.37 -34.99 -19.30
CA UNK J 74 32.14 -35.18 -20.72
C UNK J 74 31.59 -36.58 -20.93
N UNK J 75 30.68 -36.69 -21.89
CA UNK J 75 30.02 -37.94 -22.22
C UNK J 75 30.04 -38.14 -23.73
N UNK J 76 30.66 -39.23 -24.16
CA UNK J 76 30.67 -39.63 -25.55
C UNK J 76 29.60 -40.70 -25.73
N UNK J 77 28.49 -40.32 -26.36
CA UNK J 77 27.39 -41.22 -26.63
C UNK J 77 27.53 -41.82 -28.02
N UNK J 78 27.08 -43.06 -28.17
CA UNK J 78 27.24 -43.81 -29.41
C UNK J 78 28.73 -43.88 -29.78
N UNK J 79 29.51 -44.49 -28.92
CA UNK J 79 30.95 -44.53 -29.10
C UNK J 79 31.31 -45.36 -30.33
N UNK J 80 31.75 -44.69 -31.38
CA UNK J 80 32.26 -45.35 -32.56
C UNK J 80 33.67 -45.87 -32.31
N UNK J 81 34.10 -46.79 -33.16
CA UNK J 81 35.43 -47.38 -32.99
C UNK J 81 36.54 -46.34 -33.17
N UNK J 82 36.26 -45.24 -33.87
CA UNK J 82 37.23 -44.19 -34.09
C UNK J 82 37.31 -43.20 -32.93
N UNK J 83 36.52 -43.37 -31.88
CA UNK J 83 36.55 -42.49 -30.71
C UNK J 83 37.50 -42.97 -29.62
N UNK J 84 38.27 -44.03 -29.87
CA UNK J 84 39.19 -44.58 -28.87
C UNK J 84 40.46 -43.74 -28.85
N UNK J 85 40.66 -43.01 -27.75
CA UNK J 85 41.81 -42.13 -27.62
C UNK J 85 41.87 -41.65 -26.18
N UNK J 86 42.96 -40.96 -25.85
CA UNK J 86 43.04 -40.32 -24.54
C UNK J 86 42.29 -39.00 -24.56
N UNK J 87 41.68 -38.65 -23.44
CA UNK J 87 40.88 -37.44 -23.33
C UNK J 87 41.27 -36.69 -22.07
N UNK J 88 41.49 -35.39 -22.19
CA UNK J 88 42.05 -34.58 -21.12
C UNK J 88 41.28 -33.28 -20.98
N UNK J 89 41.05 -32.89 -19.73
CA UNK J 89 40.43 -31.61 -19.40
C UNK J 89 41.50 -30.56 -19.10
N UNK J 90 41.15 -29.31 -19.31
CA UNK J 90 42.04 -28.19 -19.02
C UNK J 90 41.22 -27.05 -18.45
N UNK J 91 41.82 -26.34 -17.49
CA UNK J 91 41.19 -25.19 -16.82
C UNK J 91 42.10 -24.00 -16.99
N UNK J 92 41.89 -23.22 -18.06
CA UNK J 92 42.75 -22.09 -18.40
C UNK J 92 42.46 -20.89 -17.50
N UNK J 93 42.88 -21.00 -16.24
CA UNK J 93 42.67 -19.95 -15.24
C UNK J 93 43.92 -19.09 -15.11
N UNK J 94 44.14 -18.26 -16.11
CA UNK J 94 45.23 -17.29 -16.07
C UNK J 94 45.01 -16.30 -14.93
N UNK J 95 46.10 -15.91 -14.27
CA UNK J 95 46.03 -14.89 -13.24
C UNK J 95 47.44 -14.40 -12.95
N UNK J 96 47.52 -13.32 -12.17
CA UNK J 96 48.82 -12.75 -11.84
C UNK J 96 49.67 -13.73 -11.04
N UNK J 97 49.06 -14.42 -10.07
CA UNK J 97 49.75 -15.37 -9.21
C UNK J 97 49.48 -16.82 -9.58
N UNK J 98 48.28 -17.15 -10.02
CA UNK J 98 47.89 -18.52 -10.33
C UNK J 98 48.13 -18.82 -11.80
N UNK J 99 47.70 -20.02 -12.22
CA UNK J 99 47.84 -20.45 -13.60
C UNK J 99 46.94 -21.64 -13.84
N UNK J 100 46.96 -22.13 -15.06
CA UNK J 100 46.07 -23.20 -15.50
C UNK J 100 46.57 -24.56 -15.02
N UNK J 101 45.89 -25.61 -15.49
CA UNK J 101 46.34 -26.98 -15.30
C UNK J 101 45.52 -27.89 -16.20
N UNK J 102 46.18 -28.96 -16.66
CA UNK J 102 45.54 -29.98 -17.49
C UNK J 102 45.46 -31.28 -16.70
N UNK J 103 44.26 -31.86 -16.66
CA UNK J 103 44.03 -33.05 -15.87
C UNK J 103 44.71 -34.26 -16.51
N UNK J 104 44.90 -35.30 -15.70
CA UNK J 104 45.41 -36.55 -16.22
C UNK J 104 44.42 -37.14 -17.21
N UNK J 105 44.94 -37.71 -18.28
CA UNK J 105 44.10 -38.17 -19.37
C UNK J 105 43.41 -39.47 -19.02
N UNK J 106 42.16 -39.60 -19.48
CA UNK J 106 41.37 -40.80 -19.29
C UNK J 106 41.28 -41.60 -20.58
N UNK J 107 41.99 -42.72 -20.63
CA UNK J 107 41.98 -43.55 -21.83
C UNK J 107 40.60 -44.16 -22.04
N UNK J 108 40.23 -44.30 -23.31
CA UNK J 108 38.97 -44.93 -23.71
C UNK J 108 39.28 -46.08 -24.65
N UNK J 109 38.63 -47.23 -24.42
CA UNK J 109 38.88 -48.46 -25.18
C UNK J 109 37.53 -48.99 -25.65
N UNK J 110 37.12 -48.57 -26.85
CA UNK J 110 35.90 -49.08 -27.44
C UNK J 110 36.06 -50.55 -27.79
N UNK J 111 35.13 -51.37 -27.29
CA UNK J 111 35.17 -52.81 -27.52
C UNK J 111 34.28 -53.20 -28.70
N UNK K 1 5.71 -63.50 -5.75
CA UNK K 1 5.81 -64.01 -7.11
C UNK K 1 7.22 -64.51 -7.40
N UNK K 2 7.42 -65.09 -8.58
CA UNK K 2 8.72 -65.60 -8.97
C UNK K 2 8.84 -65.56 -10.48
N UNK K 3 10.08 -65.64 -10.96
CA UNK K 3 10.36 -65.69 -12.39
C UNK K 3 11.52 -66.64 -12.62
N UNK K 4 11.57 -67.20 -13.82
CA UNK K 4 12.61 -68.15 -14.17
C UNK K 4 13.00 -67.99 -15.63
N UNK K 5 14.30 -67.80 -15.86
CA UNK K 5 14.82 -67.78 -17.22
C UNK K 5 15.10 -69.19 -17.70
N UNK K 6 15.17 -69.36 -19.03
CA UNK K 6 15.30 -70.68 -19.61
C UNK K 6 15.85 -70.60 -21.02
N UNK K 7 16.32 -71.75 -21.50
CA UNK K 7 16.84 -71.96 -22.86
C UNK K 7 18.23 -71.36 -23.06
N UNK K 8 19.09 -71.48 -22.06
CA UNK K 8 20.51 -71.16 -22.22
C UNK K 8 21.30 -72.43 -22.53
N UNK K 9 22.29 -72.29 -23.41
CA UNK K 9 23.07 -73.43 -23.86
C UNK K 9 24.41 -72.95 -24.39
N UNK K 10 25.27 -73.91 -24.72
CA UNK K 10 26.62 -73.62 -25.22
C UNK K 10 26.55 -73.42 -26.72
N UNK K 11 26.05 -72.27 -27.14
CA UNK K 11 25.92 -71.96 -28.56
C UNK K 11 27.28 -71.79 -29.21
N UNK K 12 27.38 -72.22 -30.45
CA UNK K 12 28.58 -71.96 -31.24
C UNK K 12 28.67 -70.47 -31.56
N UNK K 13 29.89 -70.02 -31.81
CA UNK K 13 30.12 -68.59 -32.04
C UNK K 13 29.35 -68.12 -33.27
N UNK K 14 28.77 -66.93 -33.17
CA UNK K 14 28.02 -66.28 -34.24
C UNK K 14 26.73 -67.01 -34.59
N UNK K 15 26.24 -67.90 -33.72
CA UNK K 15 24.99 -68.60 -33.93
C UNK K 15 23.84 -67.87 -33.24
N UNK K 16 22.70 -67.84 -33.91
CA UNK K 16 21.50 -67.21 -33.36
C UNK K 16 21.01 -67.99 -32.15
N UNK K 17 20.51 -67.26 -31.14
CA UNK K 17 20.04 -67.89 -29.92
C UNK K 17 18.86 -67.09 -29.38
N UNK K 18 18.09 -67.73 -28.50
CA UNK K 18 16.97 -67.08 -27.85
C UNK K 18 16.76 -67.69 -26.47
N UNK K 19 16.44 -66.82 -25.51
CA UNK K 19 16.17 -67.21 -24.14
C UNK K 19 14.79 -66.72 -23.76
N UNK K 20 14.14 -67.46 -22.86
CA UNK K 20 12.77 -67.18 -22.48
C UNK K 20 12.72 -66.91 -20.97
N UNK K 21 11.63 -66.29 -20.54
CA UNK K 21 11.40 -66.00 -19.13
C UNK K 21 9.93 -66.26 -18.81
N UNK K 22 9.70 -67.18 -17.88
CA UNK K 22 8.36 -67.59 -17.46
C UNK K 22 8.12 -67.19 -16.01
N UNK K 23 6.96 -66.59 -15.76
CA UNK K 23 6.60 -66.09 -14.46
C UNK K 23 5.69 -67.07 -13.73
N UNK K 24 5.80 -67.09 -12.40
CA UNK K 24 5.02 -67.95 -11.53
C UNK K 24 4.38 -67.11 -10.44
N UNK K 25 3.11 -67.39 -10.15
CA UNK K 25 2.32 -66.61 -9.19
C UNK K 25 2.28 -65.14 -9.59
N UNK K 26 2.19 -64.88 -10.90
CA UNK K 26 2.08 -63.53 -11.41
C UNK K 26 1.67 -63.62 -12.87
N UNK K 27 1.23 -62.47 -13.40
CA UNK K 27 0.88 -62.33 -14.81
C UNK K 27 1.98 -61.53 -15.49
N UNK K 28 2.79 -62.20 -16.31
CA UNK K 28 3.86 -61.50 -17.03
C UNK K 28 3.30 -60.48 -18.00
N UNK K 29 2.05 -60.64 -18.43
CA UNK K 29 1.42 -59.65 -19.31
C UNK K 29 1.21 -58.32 -18.59
N UNK K 30 1.00 -58.36 -17.27
CA UNK K 30 0.73 -57.14 -16.52
C UNK K 30 2.00 -56.43 -16.08
N UNK K 31 3.08 -57.15 -15.85
CA UNK K 31 4.32 -56.55 -15.36
C UNK K 31 5.24 -56.19 -16.52
N UNK K 32 5.98 -55.09 -16.34
CA UNK K 32 6.94 -54.62 -17.33
C UNK K 32 8.28 -55.31 -17.07
N UNK K 33 8.62 -56.28 -17.92
CA UNK K 33 9.77 -57.12 -17.66
C UNK K 33 11.06 -56.43 -18.11
N UNK K 34 12.18 -56.92 -17.60
CA UNK K 34 13.47 -56.36 -17.93
C UNK K 34 14.51 -57.48 -17.95
N UNK K 35 15.49 -57.33 -18.84
CA UNK K 35 16.54 -58.31 -19.03
C UNK K 35 17.89 -57.64 -18.82
N UNK K 36 18.70 -58.27 -17.97
CA UNK K 36 20.04 -57.81 -17.64
C UNK K 36 21.00 -58.98 -17.81
N UNK K 37 22.29 -58.68 -17.81
CA UNK K 37 23.30 -59.70 -18.02
C UNK K 37 24.54 -59.37 -17.21
N UNK K 38 25.11 -60.38 -16.58
CA UNK K 38 26.36 -60.26 -15.84
C UNK K 38 27.36 -61.27 -16.38
N UNK K 39 28.47 -60.78 -16.90
CA UNK K 39 29.50 -61.66 -17.43
C UNK K 39 30.13 -62.47 -16.30
N UNK K 40 31.06 -63.34 -16.66
CA UNK K 40 31.68 -64.22 -15.68
C UNK K 40 32.65 -63.40 -14.84
N UNK K 41 32.15 -62.82 -13.76
CA UNK K 41 32.94 -62.05 -12.83
C UNK K 41 32.89 -60.55 -12.97
N UNK K 42 32.04 -60.02 -13.86
CA UNK K 42 31.90 -58.59 -14.08
C UNK K 42 30.58 -58.10 -13.49
N UNK K 43 30.38 -56.78 -13.56
CA UNK K 43 29.18 -56.17 -13.02
C UNK K 43 27.99 -56.40 -13.95
N UNK K 44 26.80 -56.34 -13.37
CA UNK K 44 25.58 -56.52 -14.15
C UNK K 44 25.40 -55.37 -15.13
N UNK K 45 25.02 -55.72 -16.36
CA UNK K 45 24.79 -54.76 -17.44
C UNK K 45 23.35 -54.85 -17.90
N UNK K 46 22.63 -53.73 -17.82
CA UNK K 46 21.23 -53.71 -18.21
C UNK K 46 21.11 -53.79 -19.73
N UNK K 47 20.39 -54.81 -20.20
CA UNK K 47 20.22 -55.04 -21.63
C UNK K 47 18.98 -54.36 -22.18
N UNK K 48 17.82 -54.57 -21.57
CA UNK K 48 16.59 -54.04 -22.16
C UNK K 48 15.43 -54.13 -21.19
N UNK K 49 14.31 -53.53 -21.59
CA UNK K 49 13.04 -53.64 -20.88
C UNK K 49 11.93 -53.70 -21.90
N UNK K 50 10.81 -54.31 -21.49
CA UNK K 50 9.59 -54.35 -22.29
C UNK K 50 8.42 -53.99 -21.40
N UNK K 51 7.59 -53.07 -21.89
CA UNK K 51 6.49 -52.52 -21.15
C UNK K 51 5.31 -53.50 -21.11
N UNK K 52 4.25 -53.10 -20.41
CA UNK K 52 3.03 -53.90 -20.40
C UNK K 52 2.47 -54.07 -21.80
N UNK K 53 2.57 -53.03 -22.62
CA UNK K 53 2.26 -53.16 -24.04
C UNK K 53 3.44 -53.81 -24.76
N UNK K 54 3.37 -53.82 -26.09
CA UNK K 54 4.41 -54.48 -26.88
C UNK K 54 5.69 -53.65 -26.99
N UNK K 55 5.64 -52.36 -26.67
CA UNK K 55 6.79 -51.49 -26.88
C UNK K 55 7.98 -51.93 -26.04
N UNK K 56 9.16 -51.93 -26.66
CA UNK K 56 10.39 -52.41 -26.04
C UNK K 56 11.46 -51.34 -26.15
N UNK K 57 12.24 -51.18 -25.08
CA UNK K 57 13.32 -50.21 -25.01
C UNK K 57 14.63 -50.92 -24.72
N UNK K 58 15.65 -50.59 -25.50
CA UNK K 58 16.91 -51.32 -25.46
C UNK K 58 18.07 -50.34 -25.31
N UNK K 59 19.12 -50.80 -24.62
CA UNK K 59 20.29 -49.97 -24.43
C UNK K 59 21.04 -49.80 -25.73
N UNK K 60 21.74 -48.67 -25.86
CA UNK K 60 22.44 -48.37 -27.10
C UNK K 60 23.55 -49.37 -27.37
N UNK K 61 24.13 -49.97 -26.33
CA UNK K 61 25.15 -50.99 -26.53
C UNK K 61 24.60 -52.18 -27.29
N UNK K 62 23.35 -52.56 -27.02
CA UNK K 62 22.72 -53.75 -27.58
C UNK K 62 21.50 -53.42 -28.42
N UNK K 63 21.46 -52.23 -29.03
CA UNK K 63 20.31 -51.87 -29.86
C UNK K 63 20.18 -52.80 -31.06
N UNK K 64 21.29 -53.15 -31.69
CA UNK K 64 21.28 -53.99 -32.88
C UNK K 64 21.52 -55.47 -32.58
N UNK K 65 22.27 -55.78 -31.52
CA UNK K 65 22.66 -57.16 -31.27
C UNK K 65 21.51 -57.99 -30.72
N UNK K 66 20.70 -57.44 -29.82
CA UNK K 66 19.68 -58.18 -29.10
C UNK K 66 18.32 -57.52 -29.30
N UNK K 67 17.26 -58.31 -29.18
CA UNK K 67 15.90 -57.84 -29.36
C UNK K 67 14.96 -58.56 -28.40
N UNK K 68 14.17 -57.79 -27.66
CA UNK K 68 13.24 -58.35 -26.70
C UNK K 68 11.83 -58.43 -27.28
N UNK K 69 11.05 -59.39 -26.78
CA UNK K 69 9.70 -59.63 -27.26
C UNK K 69 8.89 -60.25 -26.14
N UNK K 70 7.56 -60.26 -26.31
CA UNK K 70 6.67 -60.73 -25.26
C UNK K 70 5.49 -61.47 -25.88
N UNK K 71 5.08 -62.54 -25.21
CA UNK K 71 3.82 -63.21 -25.44
C UNK K 71 3.08 -63.25 -24.11
N UNK K 72 1.78 -63.52 -24.17
CA UNK K 72 0.92 -63.36 -22.99
C UNK K 72 1.36 -64.24 -21.83
N UNK K 73 2.10 -65.32 -22.10
CA UNK K 73 2.57 -66.24 -21.08
C UNK K 73 4.06 -66.15 -20.80
N UNK K 74 4.82 -65.30 -21.49
CA UNK K 74 6.26 -65.31 -21.32
C UNK K 74 6.89 -64.07 -21.93
N UNK K 75 8.12 -63.80 -21.51
CA UNK K 75 8.98 -62.81 -22.16
C UNK K 75 10.13 -63.54 -22.85
N UNK K 76 10.81 -62.85 -23.76
CA UNK K 76 11.88 -63.50 -24.50
C UNK K 76 12.89 -62.47 -24.98
N UNK K 77 14.13 -62.92 -25.12
CA UNK K 77 15.19 -62.13 -25.73
C UNK K 77 15.86 -62.98 -26.79
N UNK K 78 16.17 -62.36 -27.92
CA UNK K 78 16.80 -63.04 -29.05
C UNK K 78 18.09 -62.32 -29.40
N UNK K 79 19.14 -63.10 -29.58
CA UNK K 79 20.48 -62.60 -29.86
C UNK K 79 20.94 -63.14 -31.20
N UNK K 80 21.36 -62.23 -32.07
CA UNK K 80 21.92 -62.54 -33.38
C UNK K 80 23.41 -62.26 -33.38
N UNK K 81 24.16 -63.21 -33.95
CA UNK K 81 25.62 -63.14 -33.99
C UNK K 81 26.19 -63.05 -32.58
N UNK K 82 25.89 -64.06 -31.78
CA UNK K 82 26.42 -64.13 -30.42
C UNK K 82 27.93 -64.34 -30.46
N UNK K 83 28.68 -63.30 -30.12
CA UNK K 83 30.12 -63.36 -30.15
C UNK K 83 30.65 -64.18 -28.97
N UNK K 84 31.96 -64.46 -29.01
CA UNK K 84 32.58 -65.17 -27.90
C UNK K 84 32.59 -64.34 -26.62
N UNK K 85 32.52 -63.01 -26.75
CA UNK K 85 32.48 -62.13 -25.59
C UNK K 85 31.07 -61.94 -25.04
N UNK K 86 30.06 -62.56 -25.63
CA UNK K 86 28.70 -62.48 -25.13
C UNK K 86 28.37 -63.55 -24.09
N UNK K 87 29.33 -64.40 -23.73
CA UNK K 87 29.08 -65.38 -22.68
C UNK K 87 28.83 -64.67 -21.36
N UNK K 88 27.72 -65.02 -20.71
CA UNK K 88 27.32 -64.34 -19.48
C UNK K 88 26.15 -65.07 -18.87
N UNK K 89 25.83 -64.69 -17.63
CA UNK K 89 24.61 -65.12 -16.96
C UNK K 89 23.55 -64.07 -17.24
N UNK K 90 22.50 -64.47 -17.98
CA UNK K 90 21.42 -63.57 -18.36
C UNK K 90 20.23 -63.78 -17.44
N UNK K 91 19.71 -62.68 -16.90
CA UNK K 91 18.69 -62.73 -15.86
C UNK K 91 17.54 -61.82 -16.24
N UNK K 92 16.35 -62.19 -15.78
CA UNK K 92 15.13 -61.42 -15.96
C UNK K 92 14.65 -60.88 -14.62
N UNK K 93 13.90 -59.78 -14.68
CA UNK K 93 13.41 -59.12 -13.47
C UNK K 93 12.16 -58.34 -13.82
N UNK K 94 11.42 -57.93 -12.78
CA UNK K 94 10.24 -57.09 -12.94
C UNK K 94 10.64 -55.65 -12.68
N UNK K 95 10.45 -54.78 -13.67
CA UNK K 95 10.79 -53.37 -13.55
C UNK K 95 9.64 -52.65 -12.86
N UNK K 96 9.58 -52.81 -11.54
CA UNK K 96 8.56 -52.20 -10.70
C UNK K 96 9.15 -50.99 -9.99
N UNK K 97 8.43 -49.88 -10.03
CA UNK K 97 8.88 -48.64 -9.40
C UNK K 97 10.23 -48.20 -9.95
N UNK K 98 10.44 -48.43 -11.25
CA UNK K 98 11.70 -48.11 -11.92
C UNK K 98 12.88 -48.82 -11.27
N UNK K 99 12.63 -50.02 -10.75
CA UNK K 99 13.66 -50.81 -10.08
C UNK K 99 13.41 -52.28 -10.38
N UNK K 100 14.49 -53.03 -10.56
CA UNK K 100 14.41 -54.43 -10.97
C UNK K 100 14.21 -55.32 -9.74
N UNK K 101 12.95 -55.41 -9.32
CA UNK K 101 12.58 -56.30 -8.24
C UNK K 101 12.33 -57.70 -8.79
N UNK K 102 12.18 -58.66 -7.87
CA UNK K 102 11.82 -60.04 -8.19
C UNK K 102 12.76 -60.62 -9.24
N UNK K 103 14.06 -60.45 -9.01
CA UNK K 103 15.05 -60.90 -9.98
C UNK K 103 14.97 -62.41 -10.15
N UNK K 104 14.93 -62.85 -11.40
CA UNK K 104 14.78 -64.25 -11.71
C UNK K 104 16.09 -65.00 -11.53
N UNK K 105 15.99 -66.31 -11.41
CA UNK K 105 17.17 -67.15 -11.45
C UNK K 105 17.83 -67.01 -12.83
N UNK K 106 19.16 -66.96 -12.83
CA UNK K 106 19.89 -66.68 -14.06
C UNK K 106 20.00 -67.93 -14.93
N UNK K 107 20.41 -67.73 -16.17
CA UNK K 107 20.71 -68.80 -17.11
C UNK K 107 22.01 -68.48 -17.83
N UNK K 108 22.98 -69.39 -17.73
CA UNK K 108 24.33 -69.16 -18.25
C UNK K 108 24.35 -69.49 -19.74
N UNK K 109 24.38 -68.45 -20.57
CA UNK K 109 24.39 -68.61 -22.03
C UNK K 109 25.82 -68.57 -22.55
N UNK K 110 26.55 -69.65 -22.28
CA UNK K 110 27.94 -69.74 -22.71
C UNK K 110 28.02 -69.77 -24.23
N UNK K 111 29.13 -69.27 -24.75
CA UNK K 111 29.38 -69.23 -26.19
C UNK K 111 30.82 -69.64 -26.45
N UNK K 112 31.06 -70.19 -27.64
CA UNK K 112 32.38 -70.63 -28.05
C UNK K 112 32.50 -72.14 -28.06
N UNK L 1 -17.83 -23.75 -13.29
CA UNK L 1 -18.43 -23.43 -14.57
C UNK L 1 -18.19 -24.56 -15.57
N UNK L 2 -16.96 -24.66 -16.08
CA UNK L 2 -16.61 -25.71 -17.02
C UNK L 2 -15.10 -25.83 -17.09
N UNK L 3 -14.65 -26.98 -17.59
CA UNK L 3 -13.23 -27.23 -17.82
C UNK L 3 -13.12 -28.11 -19.05
N UNK L 4 -12.05 -27.90 -19.83
CA UNK L 4 -11.84 -28.63 -21.07
C UNK L 4 -10.38 -29.05 -21.19
N UNK L 5 -10.16 -30.37 -21.28
CA UNK L 5 -8.84 -30.91 -21.52
C UNK L 5 -8.53 -30.86 -23.02
N UNK L 6 -7.23 -30.83 -23.34
CA UNK L 6 -6.80 -30.64 -24.71
C UNK L 6 -5.38 -31.15 -24.89
N UNK L 7 -4.97 -31.26 -26.15
CA UNK L 7 -3.66 -31.75 -26.57
C UNK L 7 -3.54 -33.27 -26.38
N UNK L 8 -4.63 -33.98 -26.64
CA UNK L 8 -4.56 -35.42 -26.81
C UNK L 8 -3.78 -35.75 -28.07
N UNK L 9 -3.03 -36.84 -28.04
CA UNK L 9 -2.22 -37.20 -29.20
C UNK L 9 -1.70 -38.62 -29.04
N UNK L 10 -1.09 -39.10 -30.12
CA UNK L 10 -0.32 -40.34 -30.07
C UNK L 10 1.16 -40.02 -29.94
N UNK L 11 1.78 -40.55 -28.89
CA UNK L 11 3.18 -40.29 -28.57
C UNK L 11 3.99 -41.53 -28.86
N UNK L 12 5.21 -41.32 -29.35
CA UNK L 12 6.12 -42.44 -29.55
C UNK L 12 6.45 -43.07 -28.21
N UNK L 13 6.80 -44.36 -28.25
CA UNK L 13 7.06 -45.09 -27.01
C UNK L 13 8.21 -44.44 -26.24
N UNK L 14 7.96 -44.19 -24.96
CA UNK L 14 8.92 -43.54 -24.06
C UNK L 14 9.26 -42.12 -24.49
N UNK L 15 8.30 -41.41 -25.09
CA UNK L 15 8.48 -40.03 -25.51
C UNK L 15 7.76 -39.08 -24.57
N UNK L 16 7.75 -37.80 -24.92
CA UNK L 16 7.15 -36.75 -24.11
C UNK L 16 5.92 -36.14 -24.78
N UNK L 17 5.03 -35.61 -23.95
CA UNK L 17 3.83 -34.92 -24.43
C UNK L 17 3.51 -33.81 -23.44
N UNK L 18 2.46 -33.05 -23.74
CA UNK L 18 2.03 -31.94 -22.91
C UNK L 18 0.53 -31.78 -23.00
N UNK L 19 -0.19 -32.33 -22.03
CA UNK L 19 -1.63 -32.14 -21.96
C UNK L 19 -1.94 -30.80 -21.33
N UNK L 20 -3.11 -30.25 -21.67
CA UNK L 20 -3.50 -28.93 -21.18
C UNK L 20 -4.95 -28.99 -20.73
N UNK L 21 -5.32 -28.01 -19.90
CA UNK L 21 -6.69 -27.88 -19.42
C UNK L 21 -7.01 -26.40 -19.28
N UNK L 22 -8.12 -25.99 -19.90
CA UNK L 22 -8.60 -24.62 -19.84
C UNK L 22 -9.87 -24.55 -19.01
N UNK L 23 -9.88 -23.65 -18.04
CA UNK L 23 -10.98 -23.48 -17.11
C UNK L 23 -11.69 -22.16 -17.37
N UNK L 24 -13.01 -22.24 -17.55
CA UNK L 24 -13.82 -21.07 -17.80
C UNK L 24 -14.07 -20.31 -16.50
N UNK L 25 -14.48 -19.06 -16.63
CA UNK L 25 -14.80 -18.21 -15.50
C UNK L 25 -13.65 -17.31 -15.12
N UNK L 26 -13.90 -16.53 -14.07
CA UNK L 26 -12.93 -15.56 -13.56
C UNK L 26 -12.16 -16.04 -12.34
N UNK L 27 -12.63 -17.10 -11.67
CA UNK L 27 -11.97 -17.62 -10.48
C UNK L 27 -10.83 -18.56 -10.88
N UNK L 28 -9.74 -17.95 -11.37
CA UNK L 28 -8.61 -18.74 -11.85
C UNK L 28 -7.79 -19.32 -10.70
N UNK L 29 -7.61 -18.54 -9.64
CA UNK L 29 -6.75 -19.00 -8.52
C UNK L 29 -7.62 -19.49 -7.36
N UNK L 30 -8.89 -19.06 -7.32
CA UNK L 30 -9.78 -19.42 -6.19
C UNK L 30 -9.96 -20.94 -6.14
N UNK L 31 -10.07 -21.60 -7.29
CA UNK L 31 -10.30 -23.06 -7.33
C UNK L 31 -9.03 -23.79 -7.76
N UNK L 32 -8.59 -24.76 -6.95
CA UNK L 32 -7.40 -25.58 -7.33
C UNK L 32 -7.82 -26.63 -8.36
N UNK L 33 -6.85 -27.19 -9.10
CA UNK L 33 -7.19 -28.15 -10.17
C UNK L 33 -6.47 -29.48 -9.95
N UNK L 34 -7.05 -30.59 -10.45
CA UNK L 34 -6.44 -31.90 -10.32
C UNK L 34 -6.50 -32.60 -11.67
N UNK L 35 -5.58 -33.53 -11.88
CA UNK L 35 -5.54 -34.27 -13.16
C UNK L 35 -5.60 -35.78 -12.89
N UNK L 36 -6.73 -36.42 -13.24
CA UNK L 36 -6.87 -37.89 -13.04
C UNK L 36 -6.80 -38.59 -14.39
N UNK L 37 -6.56 -39.91 -14.38
CA UNK L 37 -6.45 -40.66 -15.63
C UNK L 37 -7.09 -42.02 -15.45
N UNK L 38 -7.96 -42.36 -16.39
CA UNK L 38 -8.61 -43.67 -16.44
C UNK L 38 -8.06 -44.45 -17.63
N UNK L 39 -7.52 -45.63 -17.36
CA UNK L 39 -6.98 -46.44 -18.43
C UNK L 39 -8.10 -46.98 -19.30
N UNK L 40 -7.73 -47.82 -20.27
CA UNK L 40 -8.71 -48.35 -21.21
C UNK L 40 -9.80 -49.16 -20.52
N UNK L 41 -9.43 -49.98 -19.54
CA UNK L 41 -10.36 -50.85 -18.81
C UNK L 41 -10.09 -50.81 -17.32
N UNK L 42 -9.97 -49.60 -16.76
CA UNK L 42 -9.68 -49.44 -15.35
C UNK L 42 -10.35 -48.19 -14.82
N UNK L 43 -10.49 -48.13 -13.51
CA UNK L 43 -11.11 -46.99 -12.86
C UNK L 43 -10.14 -45.81 -12.79
N UNK L 44 -10.70 -44.64 -12.52
CA UNK L 44 -9.91 -43.42 -12.51
C UNK L 44 -8.85 -43.47 -11.42
N UNK L 45 -7.64 -43.02 -11.76
CA UNK L 45 -6.51 -42.94 -10.83
C UNK L 45 -5.96 -41.53 -10.83
N UNK L 46 -5.82 -40.95 -9.64
CA UNK L 46 -5.30 -39.60 -9.51
C UNK L 46 -3.84 -39.56 -9.92
N UNK L 47 -3.45 -38.52 -10.65
CA UNK L 47 -2.10 -38.34 -11.14
C UNK L 47 -1.41 -37.11 -10.58
N UNK L 48 -2.11 -35.98 -10.46
CA UNK L 48 -1.47 -34.76 -9.97
C UNK L 48 -2.50 -33.78 -9.47
N UNK L 49 -2.04 -32.79 -8.72
CA UNK L 49 -2.88 -31.69 -8.26
C UNK L 49 -2.06 -30.42 -8.27
N UNK L 50 -2.62 -29.37 -8.88
CA UNK L 50 -2.01 -28.05 -8.93
C UNK L 50 -3.04 -27.02 -8.51
N UNK L 51 -2.65 -26.13 -7.61
CA UNK L 51 -3.48 -25.01 -7.18
C UNK L 51 -2.83 -23.72 -7.67
N UNK L 52 -3.36 -23.19 -8.77
CA UNK L 52 -2.89 -21.90 -9.25
C UNK L 52 -3.17 -20.83 -8.21
N UNK L 53 -2.26 -19.84 -8.13
CA UNK L 53 -2.31 -18.84 -7.08
C UNK L 53 -1.48 -19.23 -5.87
N UNK L 54 -1.93 -20.24 -5.13
CA UNK L 54 -1.14 -20.70 -3.99
C UNK L 54 0.09 -21.49 -4.45
N UNK L 55 0.08 -21.98 -5.69
CA UNK L 55 1.24 -22.60 -6.33
C UNK L 55 1.60 -23.95 -5.71
N UNK L 56 0.72 -24.54 -4.90
CA UNK L 56 0.97 -25.87 -4.39
C UNK L 56 0.84 -26.90 -5.50
N UNK L 57 1.80 -27.82 -5.56
CA UNK L 57 1.81 -28.86 -6.58
C UNK L 57 2.21 -30.18 -5.94
N UNK L 58 1.36 -31.19 -6.13
CA UNK L 58 1.60 -32.52 -5.61
C UNK L 58 1.36 -33.53 -6.72
N UNK L 59 2.07 -34.66 -6.65
CA UNK L 59 2.04 -35.67 -7.70
C UNK L 59 1.98 -37.04 -7.08
N UNK L 60 1.34 -37.97 -7.79
CA UNK L 60 1.22 -39.34 -7.31
C UNK L 60 2.55 -40.06 -7.39
N UNK L 61 2.70 -41.09 -6.55
CA UNK L 61 3.95 -41.84 -6.53
C UNK L 61 4.20 -42.56 -7.85
N UNK L 62 3.12 -42.96 -8.53
CA UNK L 62 3.28 -43.66 -9.81
C UNK L 62 3.93 -42.76 -10.86
N UNK L 63 3.64 -41.46 -10.82
CA UNK L 63 4.16 -40.49 -11.76
C UNK L 63 4.80 -39.31 -11.04
N UNK L 64 5.39 -39.56 -9.87
CA UNK L 64 6.02 -38.50 -9.10
C UNK L 64 7.17 -37.83 -9.83
N UNK L 65 7.91 -38.58 -10.63
CA UNK L 65 8.91 -38.04 -11.53
C UNK L 65 8.44 -38.31 -12.95
N UNK L 66 9.05 -37.63 -13.90
CA UNK L 66 8.67 -37.76 -15.31
C UNK L 66 7.23 -37.27 -15.52
N UNK L 67 6.81 -36.29 -14.74
CA UNK L 67 5.53 -35.63 -14.93
C UNK L 67 5.51 -34.37 -14.09
N UNK L 68 5.16 -33.25 -14.73
CA UNK L 68 5.26 -31.94 -14.08
C UNK L 68 4.02 -31.13 -14.41
N UNK L 69 3.34 -30.65 -13.37
CA UNK L 69 2.19 -29.78 -13.51
C UNK L 69 2.61 -28.32 -13.36
N UNK L 70 2.05 -27.47 -14.21
CA UNK L 70 2.32 -26.04 -14.18
C UNK L 70 1.03 -25.30 -14.49
N UNK L 71 1.06 -23.98 -14.34
CA UNK L 71 -0.13 -23.16 -14.51
C UNK L 71 0.23 -21.84 -15.16
N UNK L 72 -0.76 -21.25 -15.81
CA UNK L 72 -0.66 -19.90 -16.37
C UNK L 72 -1.96 -19.17 -16.04
N UNK L 73 -1.86 -18.15 -15.20
CA UNK L 73 -3.03 -17.33 -14.90
C UNK L 73 -3.54 -16.64 -16.15
N UNK L 74 -2.64 -16.06 -16.93
CA UNK L 74 -3.01 -15.61 -18.27
C UNK L 74 -3.43 -16.83 -19.08
N UNK L 75 -4.56 -16.69 -19.78
CA UNK L 75 -5.25 -17.74 -20.51
C UNK L 75 -5.97 -18.73 -19.59
N UNK L 76 -5.84 -18.59 -18.28
CA UNK L 76 -6.56 -19.38 -17.28
C UNK L 76 -6.44 -20.87 -17.55
N UNK L 77 -5.19 -21.35 -17.54
CA UNK L 77 -4.91 -22.72 -17.98
C UNK L 77 -3.95 -23.40 -17.01
N UNK L 78 -4.05 -24.73 -16.97
CA UNK L 78 -3.09 -25.59 -16.32
C UNK L 78 -2.57 -26.58 -17.35
N UNK L 79 -1.36 -27.07 -17.13
CA UNK L 79 -0.70 -27.95 -18.09
C UNK L 79 0.03 -29.05 -17.34
N UNK L 80 0.13 -30.21 -17.98
CA UNK L 80 0.88 -31.35 -17.46
C UNK L 80 1.83 -31.82 -18.55
N UNK L 81 3.12 -31.57 -18.34
CA UNK L 81 4.13 -32.11 -19.22
C UNK L 81 4.52 -33.51 -18.74
N UNK L 82 4.40 -34.47 -19.66
CA UNK L 82 4.68 -35.86 -19.38
C UNK L 82 5.94 -36.26 -20.13
N UNK L 83 6.79 -37.04 -19.46
CA UNK L 83 8.05 -37.50 -20.02
C UNK L 83 8.18 -38.98 -19.75
N UNK L 84 8.94 -39.66 -20.62
CA UNK L 84 9.22 -41.08 -20.49
C UNK L 84 7.93 -41.89 -20.41
N UNK L 85 6.96 -41.49 -21.22
CA UNK L 85 5.65 -42.13 -21.19
C UNK L 85 5.75 -43.57 -21.69
N UNK L 86 5.55 -44.52 -20.77
CA UNK L 86 5.61 -45.93 -21.11
C UNK L 86 4.29 -46.39 -21.72
N UNK L 87 4.24 -47.68 -22.08
CA UNK L 87 3.04 -48.23 -22.66
C UNK L 87 1.89 -48.32 -21.68
N UNK L 88 2.18 -48.30 -20.39
CA UNK L 88 1.15 -48.35 -19.36
C UNK L 88 0.50 -47.00 -19.09
N UNK L 89 1.00 -45.92 -19.69
CA UNK L 89 0.45 -44.59 -19.48
C UNK L 89 -0.62 -44.22 -20.50
N UNK L 90 -0.95 -45.10 -21.44
CA UNK L 90 -2.01 -44.80 -22.40
C UNK L 90 -3.36 -44.82 -21.68
N UNK L 91 -4.05 -43.69 -21.71
CA UNK L 91 -5.26 -43.55 -20.91
C UNK L 91 -5.99 -42.27 -21.32
N UNK L 92 -7.21 -42.14 -20.81
CA UNK L 92 -7.99 -40.91 -20.94
C UNK L 92 -7.72 -40.07 -19.71
N UNK L 93 -7.04 -38.94 -19.90
CA UNK L 93 -6.71 -38.03 -18.81
C UNK L 93 -7.75 -36.92 -18.74
N UNK L 94 -8.24 -36.66 -17.52
CA UNK L 94 -9.30 -35.70 -17.29
C UNK L 94 -8.90 -34.74 -16.19
N UNK L 95 -9.25 -33.47 -16.39
CA UNK L 95 -9.02 -32.44 -15.41
C UNK L 95 -10.28 -32.19 -14.60
N UNK L 96 -10.10 -31.99 -13.29
CA UNK L 96 -11.18 -31.73 -12.36
C UNK L 96 -10.87 -30.47 -11.59
N UNK L 97 -11.92 -29.81 -11.09
CA UNK L 97 -11.79 -28.55 -10.38
C UNK L 97 -12.68 -28.57 -9.14
N UNK L 98 -12.14 -28.05 -8.04
CA UNK L 98 -12.95 -27.87 -6.85
C UNK L 98 -13.94 -26.73 -7.05
N UNK L 99 -15.08 -26.83 -6.38
CA UNK L 99 -16.13 -25.83 -6.48
C UNK L 99 -16.68 -25.54 -5.09
N UNK L 100 -16.83 -24.26 -4.77
CA UNK L 100 -17.39 -23.85 -3.49
C UNK L 100 -18.90 -23.80 -3.57
N UNK L 101 -19.56 -24.11 -2.45
CA UNK L 101 -21.01 -24.09 -2.39
C UNK L 101 -21.44 -23.86 -0.95
N UNK L 102 -22.58 -23.20 -0.79
CA UNK L 102 -23.07 -22.82 0.52
C UNK L 102 -23.90 -23.94 1.14
N UNK L 103 -23.46 -24.38 2.32
CA UNK L 103 -24.21 -25.33 3.13
C UNK L 103 -24.25 -24.80 4.55
N UNK L 104 -25.43 -24.85 5.17
CA UNK L 104 -25.63 -24.34 6.53
C UNK L 104 -25.20 -22.89 6.64
N UNK L 105 -25.46 -22.13 5.58
CA UNK L 105 -25.10 -20.71 5.51
C UNK L 105 -23.60 -20.49 5.69
N UNK L 106 -22.79 -21.44 5.22
CA UNK L 106 -21.34 -21.32 5.24
C UNK L 106 -20.79 -21.93 3.97
N UNK L 107 -19.80 -21.27 3.37
CA UNK L 107 -19.20 -21.79 2.15
C UNK L 107 -18.32 -22.99 2.47
N UNK L 108 -18.52 -24.08 1.75
CA UNK L 108 -17.75 -25.30 1.89
C UNK L 108 -17.29 -25.75 0.52
N UNK L 109 -16.10 -26.34 0.47
CA UNK L 109 -15.46 -26.71 -0.79
C UNK L 109 -15.81 -28.14 -1.14
N UNK L 110 -16.60 -28.33 -2.19
CA UNK L 110 -16.84 -29.63 -2.79
C UNK L 110 -15.64 -29.92 -3.68
N UNK L 111 -14.86 -30.94 -3.32
CA UNK L 111 -13.60 -31.19 -3.99
C UNK L 111 -13.82 -31.93 -5.30
N UNK L 112 -13.21 -31.43 -6.37
CA UNK L 112 -13.26 -32.03 -7.70
C UNK L 112 -14.69 -32.18 -8.18
N UNK L 113 -15.52 -31.16 -7.94
CA UNK L 113 -16.91 -31.22 -8.35
C UNK L 113 -17.06 -31.26 -9.86
N UNK L 114 -16.44 -30.33 -10.58
CA UNK L 114 -16.53 -30.27 -12.03
C UNK L 114 -15.42 -31.10 -12.65
N UNK L 115 -15.73 -31.78 -13.75
CA UNK L 115 -14.79 -32.61 -14.47
C UNK L 115 -14.96 -32.35 -15.96
N UNK L 116 -13.86 -32.45 -16.70
CA UNK L 116 -13.84 -32.10 -18.11
C UNK L 116 -14.04 -33.33 -18.99
N UNK L 117 -14.28 -33.07 -20.28
CA UNK L 117 -14.17 -34.13 -21.26
C UNK L 117 -12.72 -34.58 -21.37
N UNK L 118 -12.50 -35.87 -21.49
CA UNK L 118 -11.16 -36.42 -21.37
C UNK L 118 -10.36 -36.27 -22.65
N UNK L 119 -9.04 -36.26 -22.50
CA UNK L 119 -8.10 -36.28 -23.61
C UNK L 119 -7.44 -37.65 -23.62
N UNK L 120 -7.55 -38.36 -24.74
CA UNK L 120 -7.06 -39.73 -24.83
C UNK L 120 -5.64 -39.72 -25.38
N UNK L 121 -4.67 -40.05 -24.53
CA UNK L 121 -3.28 -40.17 -24.92
C UNK L 121 -2.93 -41.64 -25.08
N UNK L 122 -2.26 -41.97 -26.18
CA UNK L 122 -1.93 -43.34 -26.52
C UNK L 122 -0.47 -43.44 -26.90
N UNK L 123 0.29 -44.22 -26.13
CA UNK L 123 1.69 -44.47 -26.43
C UNK L 123 1.77 -45.69 -27.34
N UNK L 124 2.13 -45.46 -28.60
CA UNK L 124 2.22 -46.54 -29.58
C UNK L 124 3.25 -46.15 -30.63
N UNK L 125 3.74 -47.17 -31.33
CA UNK L 125 4.74 -46.96 -32.38
C UNK L 125 4.14 -46.17 -33.54
N LEU M 39 -68.84 40.54 5.68
CA LEU M 39 -69.28 41.69 4.90
C LEU M 39 -68.09 42.38 4.24
N TRP M 40 -66.95 42.39 4.95
CA TRP M 40 -65.71 42.95 4.42
C TRP M 40 -64.55 42.01 4.73
N VAL M 41 -63.60 41.92 3.80
CA VAL M 41 -62.42 41.09 4.00
C VAL M 41 -61.64 41.62 5.18
N THR M 42 -60.92 40.74 5.88
CA THR M 42 -59.99 41.16 6.91
C THR M 42 -58.87 40.13 7.02
N VAL M 43 -57.66 40.63 7.25
CA VAL M 43 -56.45 39.82 7.30
C VAL M 43 -56.02 39.66 8.75
N TYR M 44 -55.87 38.42 9.18
CA TYR M 44 -55.38 38.07 10.50
C TYR M 44 -54.01 37.43 10.39
N TYR M 45 -53.15 37.70 11.37
CA TYR M 45 -51.86 37.04 11.52
C TYR M 45 -51.85 36.33 12.86
N GLY M 46 -51.16 35.21 12.93
CA GLY M 46 -51.22 34.34 14.07
C GLY M 46 -52.36 33.35 14.06
N VAL M 47 -52.95 33.10 12.89
CA VAL M 47 -54.10 32.19 12.79
C VAL M 47 -53.65 30.76 13.11
N PRO M 48 -54.43 29.96 13.86
CA PRO M 48 -54.05 28.54 14.05
C PRO M 48 -54.54 27.64 12.91
N VAL M 49 -53.80 27.66 11.80
CA VAL M 49 -54.05 26.80 10.65
C VAL M 49 -52.73 26.17 10.23
N TRP M 50 -52.77 24.90 9.82
CA TRP M 50 -51.57 24.18 9.48
C TRP M 50 -51.81 23.33 8.23
N LYS M 51 -50.69 22.90 7.64
CA LYS M 51 -50.68 22.05 6.46
C LYS M 51 -49.69 20.92 6.68
N ASP M 52 -49.92 19.80 6.00
CA ASP M 52 -48.95 18.72 6.02
C ASP M 52 -47.69 19.16 5.28
N ALA M 53 -46.54 18.95 5.93
CA ALA M 53 -45.28 19.44 5.39
C ALA M 53 -44.14 18.55 5.86
N GLU M 54 -43.03 18.61 5.12
CA GLU M 54 -41.82 17.86 5.41
C GLU M 54 -40.70 18.81 5.77
N THR M 55 -39.99 18.51 6.86
CA THR M 55 -38.91 19.37 7.30
C THR M 55 -37.89 18.52 8.06
N THR M 56 -36.67 19.05 8.16
CA THR M 56 -35.61 18.34 8.85
C THR M 56 -35.75 18.55 10.36
N LEU M 57 -36.19 17.50 11.05
CA LEU M 57 -36.34 17.53 12.50
C LEU M 57 -34.98 17.32 13.14
N PHE M 58 -34.71 18.09 14.20
CA PHE M 58 -33.42 18.04 14.88
C PHE M 58 -33.52 17.15 16.11
N CYS M 59 -32.46 16.38 16.34
CA CYS M 59 -32.48 15.38 17.39
C CYS M 59 -32.05 15.98 18.73
N ALA M 60 -32.69 15.52 19.80
CA ALA M 60 -32.41 16.01 21.14
C ALA M 60 -32.67 14.90 22.14
N SER M 61 -31.81 14.81 23.16
CA SER M 61 -31.94 13.77 24.17
C SER M 61 -31.45 14.32 25.50
N ASP M 62 -32.00 13.78 26.59
CA ASP M 62 -31.62 14.21 27.93
C ASP M 62 -30.14 13.91 28.20
N ARG M 71 -18.13 6.61 25.07
CA ARG M 71 -18.44 7.60 24.05
C ARG M 71 -19.59 7.11 23.18
N ASN M 72 -20.81 7.39 23.60
CA ASN M 72 -22.00 6.95 22.88
C ASN M 72 -22.22 7.83 21.66
N VAL M 73 -22.45 7.21 20.51
CA VAL M 73 -22.74 7.96 19.30
C VAL M 73 -24.06 8.70 19.40
N TRP M 74 -25.05 8.10 20.06
CA TRP M 74 -26.35 8.73 20.21
C TRP M 74 -26.35 9.86 21.23
N ALA M 75 -25.28 10.01 22.01
CA ALA M 75 -25.11 11.16 22.89
C ALA M 75 -24.31 12.28 22.23
N THR M 76 -23.28 11.95 21.45
CA THR M 76 -22.59 12.96 20.66
C THR M 76 -23.56 13.63 19.70
N HIS M 77 -24.13 12.87 18.77
CA HIS M 77 -25.30 13.31 18.06
C HIS M 77 -26.48 13.36 19.03
N CYS M 78 -27.50 14.11 18.65
CA CYS M 78 -28.65 14.35 19.53
C CYS M 78 -28.22 15.00 20.84
N CYS M 79 -27.19 15.85 20.76
CA CYS M 79 -26.64 16.51 21.94
C CYS M 79 -27.52 17.64 22.45
N VAL M 80 -28.54 18.04 21.71
CA VAL M 80 -29.42 19.11 22.17
C VAL M 80 -30.18 18.62 23.41
N PRO M 81 -30.22 19.37 24.50
CA PRO M 81 -30.99 18.91 25.66
C PRO M 81 -32.49 19.02 25.42
N THR M 82 -33.23 18.19 26.13
CA THR M 82 -34.69 18.18 26.08
C THR M 82 -35.27 18.90 27.29
N ASP M 83 -36.42 19.52 27.09
CA ASP M 83 -37.05 20.26 28.17
C ASP M 83 -37.50 19.30 29.27
N PRO M 84 -37.37 19.67 30.54
CA PRO M 84 -38.02 18.88 31.58
C PRO M 84 -39.53 19.08 31.56
N ASN M 85 -40.26 17.97 31.48
CA ASN M 85 -41.71 17.98 31.36
C ASN M 85 -42.13 18.74 30.10
N PRO M 86 -41.88 18.19 28.91
CA PRO M 86 -42.33 18.86 27.69
C PRO M 86 -43.85 18.89 27.62
N GLN M 87 -44.40 20.09 27.42
CA GLN M 87 -45.85 20.29 27.49
C GLN M 87 -46.53 19.67 26.28
N GLU M 88 -47.52 18.84 26.54
CA GLU M 88 -48.39 18.29 25.50
C GLU M 88 -49.74 19.01 25.56
N MET M 89 -50.07 19.73 24.48
CA MET M 89 -51.29 20.51 24.40
C MET M 89 -52.31 19.71 23.59
N VAL M 90 -53.41 19.34 24.24
CA VAL M 90 -54.46 18.57 23.59
C VAL M 90 -55.36 19.51 22.82
N LEU M 91 -55.53 19.24 21.52
CA LEU M 91 -56.38 20.05 20.65
C LEU M 91 -57.79 19.48 20.69
N GLU M 92 -58.69 20.20 21.36
CA GLU M 92 -60.07 19.74 21.48
C GLU M 92 -60.77 19.82 20.14
N ASN M 93 -61.57 18.79 19.84
CA ASN M 93 -62.44 18.73 18.67
C ASN M 93 -61.68 18.70 17.34
N VAL M 94 -60.36 18.50 17.36
CA VAL M 94 -59.56 18.48 16.15
C VAL M 94 -59.44 17.05 15.66
N THR M 95 -59.80 16.83 14.40
CA THR M 95 -59.69 15.53 13.75
C THR M 95 -58.66 15.63 12.63
N GLU M 96 -57.69 14.71 12.63
CA GLU M 96 -56.55 14.79 11.73
C GLU M 96 -56.31 13.44 11.06
N ASN M 97 -56.02 13.46 9.77
CA ASN M 97 -55.72 12.23 9.03
C ASN M 97 -54.26 11.87 9.22
N PHE M 98 -54.00 10.76 9.90
CA PHE M 98 -52.65 10.22 10.06
C PHE M 98 -52.45 9.06 9.09
N ASN M 99 -51.18 8.86 8.72
CA ASN M 99 -50.80 7.76 7.84
C ASN M 99 -49.37 7.38 8.21
N MET M 100 -49.20 6.31 9.00
CA MET M 100 -47.87 5.93 9.46
C MET M 100 -46.97 5.55 8.31
N TRP M 101 -47.52 4.93 7.26
CA TRP M 101 -46.78 4.70 6.04
C TRP M 101 -46.78 5.98 5.21
N LYS M 102 -45.73 6.16 4.41
CA LYS M 102 -45.50 7.42 3.72
C LYS M 102 -45.43 8.57 4.72
N ASN M 103 -44.67 8.36 5.79
CA ASN M 103 -44.39 9.39 6.80
C ASN M 103 -42.91 9.74 6.68
N ASP M 104 -42.63 11.02 6.37
CA ASP M 104 -41.25 11.43 6.16
C ASP M 104 -40.42 11.39 7.42
N MET M 105 -41.03 11.37 8.60
CA MET M 105 -40.27 11.21 9.83
C MET M 105 -39.52 9.88 9.83
N VAL M 106 -40.15 8.83 9.32
CA VAL M 106 -39.51 7.53 9.26
C VAL M 106 -38.30 7.57 8.33
N GLU M 107 -38.44 8.22 7.18
CA GLU M 107 -37.33 8.34 6.25
C GLU M 107 -36.19 9.14 6.86
N GLN M 108 -36.52 10.22 7.56
CA GLN M 108 -35.48 11.03 8.20
C GLN M 108 -34.76 10.22 9.28
N MET M 109 -35.49 9.45 10.07
CA MET M 109 -34.85 8.64 11.09
C MET M 109 -33.96 7.57 10.47
N HIS M 110 -34.43 6.93 9.38
CA HIS M 110 -33.62 5.94 8.70
C HIS M 110 -32.31 6.53 8.21
N GLU M 111 -32.40 7.68 7.52
CA GLU M 111 -31.20 8.31 7.00
C GLU M 111 -30.28 8.79 8.12
N ASP M 112 -30.85 9.32 9.21
CA ASP M 112 -30.03 9.79 10.31
C ASP M 112 -29.30 8.64 10.99
N VAL M 113 -30.02 7.53 11.20
CA VAL M 113 -29.41 6.36 11.91
C VAL M 113 -28.20 5.87 11.12
N ILE M 114 -28.41 5.49 9.86
CA ILE M 114 -27.29 4.95 9.02
C ILE M 114 -26.20 6.01 8.93
N SER M 115 -26.58 7.29 8.81
CA SER M 115 -25.59 8.39 8.71
C SER M 115 -24.66 8.35 9.93
N LEU M 116 -25.24 8.29 11.13
CA LEU M 116 -24.41 8.27 12.37
C LEU M 116 -23.49 7.04 12.33
N TRP M 117 -24.03 5.88 11.97
CA TRP M 117 -23.22 4.64 11.93
C TRP M 117 -22.04 4.83 10.97
N ASP M 118 -22.30 5.34 9.77
CA ASP M 118 -21.23 5.53 8.76
C ASP M 118 -20.21 6.55 9.30
N GLN M 119 -20.69 7.68 9.83
CA GLN M 119 -19.78 8.72 10.38
C GLN M 119 -18.97 8.13 11.52
N SER M 120 -19.62 7.37 12.41
CA SER M 120 -18.93 6.80 13.57
C SER M 120 -17.83 5.83 13.15
N LEU M 121 -18.00 5.15 12.03
CA LEU M 121 -16.99 4.22 11.52
C LEU M 121 -15.96 4.89 10.62
N LYS M 122 -16.14 6.17 10.28
CA LYS M 122 -15.22 6.83 9.36
C LYS M 122 -13.80 6.93 9.89
N PRO M 123 -13.55 7.38 11.14
CA PRO M 123 -12.16 7.53 11.58
C PRO M 123 -11.50 6.26 12.11
N CYS M 124 -12.13 5.11 11.90
CA CYS M 124 -11.68 3.88 12.54
C CYS M 124 -10.70 3.13 11.64
N VAL M 125 -10.21 2.00 12.16
CA VAL M 125 -9.15 1.27 11.49
C VAL M 125 -9.72 0.45 10.35
N LYS M 126 -9.18 0.65 9.15
CA LYS M 126 -9.56 -0.14 7.98
C LYS M 126 -8.73 -1.42 7.97
N LEU M 127 -9.40 -2.56 7.93
CA LEU M 127 -8.72 -3.86 7.97
C LEU M 127 -8.39 -4.33 6.55
N THR M 128 -7.70 -3.47 5.81
CA THR M 128 -7.16 -3.87 4.52
C THR M 128 -5.94 -4.78 4.67
N PRO M 129 -5.03 -4.60 5.65
CA PRO M 129 -3.90 -5.54 5.74
C PRO M 129 -4.30 -6.97 6.07
N LEU M 130 -5.52 -7.19 6.57
CA LEU M 130 -5.92 -8.50 7.07
C LEU M 130 -6.66 -9.34 6.04
N CYS M 131 -6.82 -8.85 4.81
CA CYS M 131 -7.31 -9.71 3.73
C CYS M 131 -6.11 -10.42 3.10
N VAL M 132 -5.63 -11.42 3.84
CA VAL M 132 -4.51 -12.26 3.43
C VAL M 132 -4.90 -13.70 3.67
N THR M 133 -4.07 -14.61 3.20
CA THR M 133 -4.35 -16.03 3.37
C THR M 133 -4.30 -16.42 4.83
N LEU M 134 -5.45 -16.82 5.37
CA LEU M 134 -5.53 -17.42 6.70
C LEU M 134 -5.29 -18.91 6.55
N GLU M 135 -4.84 -19.55 7.62
CA GLU M 135 -4.60 -21.00 7.65
C GLU M 135 -5.23 -21.55 8.92
N CYS M 136 -6.42 -22.12 8.77
CA CYS M 136 -7.28 -22.45 9.91
C CYS M 136 -7.42 -23.95 10.07
N ARG M 137 -7.40 -24.41 11.33
CA ARG M 137 -7.27 -25.83 11.64
C ARG M 137 -8.11 -26.28 12.82
N GLN M 138 -9.28 -25.70 13.04
CA GLN M 138 -10.18 -26.08 14.12
C GLN M 138 -9.58 -25.80 15.49
N VAL M 139 -10.44 -25.69 16.51
CA VAL M 139 -10.01 -25.36 17.87
C VAL M 139 -9.93 -26.66 18.66
N ASN M 140 -8.79 -26.86 19.33
CA ASN M 140 -8.59 -28.06 20.14
C ASN M 140 -9.56 -28.10 21.31
N GLU M 155 -17.80 -24.39 14.14
CA GLU M 155 -18.29 -23.06 14.48
C GLU M 155 -17.17 -22.04 14.51
N ILE M 156 -16.14 -22.32 15.31
CA ILE M 156 -15.01 -21.42 15.50
C ILE M 156 -13.76 -22.15 15.01
N LYS M 157 -12.84 -21.39 14.42
CA LYS M 157 -11.61 -21.94 13.86
C LYS M 157 -10.42 -21.11 14.29
N ASN M 158 -9.31 -21.80 14.53
CA ASN M 158 -8.08 -21.19 15.04
C ASN M 158 -7.17 -20.85 13.87
N CYS M 159 -7.46 -19.72 13.24
CA CYS M 159 -6.77 -19.29 12.04
C CYS M 159 -5.40 -18.71 12.38
N SER M 160 -4.54 -18.62 11.37
CA SER M 160 -3.20 -18.07 11.54
C SER M 160 -2.85 -17.32 10.26
N PHE M 161 -2.21 -16.16 10.42
CA PHE M 161 -1.93 -15.32 9.27
C PHE M 161 -0.76 -14.39 9.55
N ASN M 162 -0.13 -13.94 8.47
CA ASN M 162 0.97 -12.98 8.53
C ASN M 162 0.39 -11.57 8.39
N ALA M 163 0.20 -10.89 9.53
CA ALA M 163 -0.37 -9.52 9.51
C ALA M 163 0.77 -8.50 9.36
N THR M 164 0.45 -7.30 8.87
CA THR M 164 1.47 -6.23 8.71
C THR M 164 1.78 -5.61 10.07
N THR M 165 2.95 -4.96 10.20
CA THR M 165 3.32 -4.28 11.47
C THR M 165 3.43 -2.78 11.22
N GLU M 166 3.69 -2.00 12.27
CA GLU M 166 3.87 -0.54 12.09
C GLU M 166 5.01 -0.31 11.08
N LEU M 167 6.10 -1.08 11.19
CA LEU M 167 7.21 -0.97 10.20
C LEU M 167 6.80 -1.70 8.92
N ARG M 168 6.95 -1.04 7.77
CA ARG M 168 6.57 -1.65 6.47
C ARG M 168 7.42 -2.90 6.22
N ASP M 169 8.71 -2.83 6.52
CA ASP M 169 9.63 -3.98 6.24
C ASP M 169 9.56 -5.01 7.37
N LYS M 170 8.36 -5.27 7.90
CA LYS M 170 8.22 -6.23 8.98
C LYS M 170 6.84 -6.88 8.91
N LYS M 171 6.76 -8.13 9.36
CA LYS M 171 5.53 -8.89 9.43
C LYS M 171 5.45 -9.56 10.79
N GLN M 172 4.26 -9.98 11.17
CA GLN M 172 4.03 -10.66 12.44
C GLN M 172 3.01 -11.78 12.25
N LYS M 173 3.38 -12.97 12.70
CA LYS M 173 2.51 -14.13 12.63
C LYS M 173 1.53 -14.07 13.80
N VAL M 174 0.24 -14.17 13.50
CA VAL M 174 -0.84 -13.95 14.47
C VAL M 174 -1.76 -15.15 14.41
N TYR M 175 -2.14 -15.65 15.59
CA TYR M 175 -3.14 -16.70 15.73
C TYR M 175 -4.40 -16.07 16.32
N ALA M 176 -5.52 -16.22 15.61
CA ALA M 176 -6.78 -15.60 16.00
C ALA M 176 -7.92 -16.60 15.79
N LEU M 177 -8.88 -16.56 16.70
CA LEU M 177 -10.08 -17.39 16.57
C LEU M 177 -11.14 -16.61 15.80
N PHE M 178 -11.60 -17.19 14.69
CA PHE M 178 -12.61 -16.59 13.85
C PHE M 178 -13.80 -17.54 13.72
N TYR M 179 -15.00 -16.97 13.77
CA TYR M 179 -16.19 -17.77 13.51
C TYR M 179 -16.18 -18.24 12.07
N ARG M 180 -16.72 -19.44 11.85
CA ARG M 180 -16.70 -20.01 10.50
C ARG M 180 -17.56 -19.21 9.53
N LEU M 181 -18.58 -18.51 10.04
CA LEU M 181 -19.41 -17.68 9.19
C LEU M 181 -18.64 -16.52 8.58
N ASP M 182 -17.57 -16.06 9.23
CA ASP M 182 -16.78 -14.93 8.77
C ASP M 182 -15.66 -15.32 7.84
N ILE M 183 -15.67 -16.56 7.34
CA ILE M 183 -14.51 -17.04 6.53
C ILE M 183 -14.97 -17.69 5.24
N VAL M 184 -14.11 -17.68 4.21
CA VAL M 184 -14.43 -18.35 2.92
C VAL M 184 -13.29 -19.31 2.59
N PRO M 185 -13.56 -20.59 2.27
CA PRO M 185 -12.49 -21.57 2.03
C PRO M 185 -11.73 -21.27 0.73
N LEU M 186 -10.54 -20.68 0.82
CA LEU M 186 -9.71 -20.39 -0.37
C LEU M 186 -9.27 -21.72 -1.01
N GLU M 187 -8.85 -22.68 -0.18
CA GLU M 187 -8.36 -23.97 -0.71
C GLU M 187 -9.31 -25.10 -0.26
N GLU M 188 -9.18 -26.28 -0.85
CA GLU M 188 -10.03 -27.45 -0.46
C GLU M 188 -9.89 -27.68 1.04
N GLU M 189 -10.94 -28.19 1.70
CA GLU M 189 -10.93 -28.37 3.19
C GLU M 189 -10.06 -29.57 3.57
N ARG M 190 -9.96 -29.89 4.87
CA ARG M 190 -9.05 -30.98 5.32
C ARG M 190 -9.32 -31.41 6.76
N LYS M 191 -10.60 -31.46 7.21
CA LYS M 191 -10.94 -31.92 8.57
C LYS M 191 -9.94 -31.31 9.56
N GLY M 192 -9.38 -32.15 10.43
CA GLY M 192 -8.45 -31.65 11.48
C GLY M 192 -7.27 -30.88 10.89
N ASN M 193 -6.89 -31.16 9.64
CA ASN M 193 -5.69 -30.51 9.04
C ASN M 193 -5.94 -29.01 8.84
N SER M 194 -4.88 -28.23 8.72
CA SER M 194 -5.01 -26.76 8.51
C SER M 194 -5.22 -26.45 7.03
N SER M 195 -6.39 -25.92 6.66
CA SER M 195 -6.66 -25.55 5.25
C SER M 195 -6.54 -24.04 5.08
N LYS M 196 -6.37 -23.57 3.84
CA LYS M 196 -6.27 -22.11 3.57
C LYS M 196 -7.67 -21.49 3.54
N TYR M 197 -7.82 -20.28 4.07
CA TYR M 197 -9.15 -19.61 4.12
C TYR M 197 -8.97 -18.10 3.97
N ARG M 198 -10.05 -17.37 3.68
CA ARG M 198 -9.98 -15.89 3.57
C ARG M 198 -11.14 -15.28 4.36
N LEU M 199 -10.96 -14.04 4.86
CA LEU M 199 -12.08 -13.35 5.56
C LEU M 199 -13.19 -13.09 4.56
N ILE M 200 -14.45 -13.31 4.96
CA ILE M 200 -15.60 -13.13 4.02
C ILE M 200 -15.75 -11.65 3.67
N ASN M 201 -16.33 -11.35 2.51
CA ASN M 201 -16.58 -9.97 2.13
C ASN M 201 -15.31 -9.13 2.08
N CYS M 202 -14.13 -9.74 1.95
CA CYS M 202 -12.94 -8.96 1.65
C CYS M 202 -12.97 -8.48 0.21
N ASN M 203 -13.27 -9.39 -0.73
CA ASN M 203 -13.22 -9.04 -2.15
C ASN M 203 -14.27 -7.98 -2.49
N THR M 204 -15.40 -7.97 -1.77
CA THR M 204 -16.43 -6.98 -2.02
C THR M 204 -15.95 -5.58 -1.63
N SER M 205 -15.29 -5.46 -0.48
CA SER M 205 -14.83 -4.16 -0.01
C SER M 205 -13.90 -4.34 1.18
N ALA M 206 -13.24 -3.25 1.56
CA ALA M 206 -12.45 -3.25 2.78
C ALA M 206 -13.35 -3.22 4.00
N ILE M 207 -12.89 -3.88 5.07
CA ILE M 207 -13.67 -4.07 6.28
C ILE M 207 -13.16 -3.07 7.32
N THR M 208 -14.05 -2.25 7.84
CA THR M 208 -13.72 -1.24 8.82
C THR M 208 -14.02 -1.76 10.22
N GLN M 209 -13.08 -1.58 11.13
CA GLN M 209 -13.26 -2.04 12.50
C GLN M 209 -14.12 -1.05 13.28
N ALA M 210 -15.15 -1.55 13.96
CA ALA M 210 -15.88 -0.70 14.88
C ALA M 210 -14.98 -0.34 16.06
N CYS M 211 -14.93 0.94 16.38
CA CYS M 211 -13.99 1.40 17.40
C CYS M 211 -14.39 0.85 18.76
N PRO M 212 -13.48 0.23 19.52
CA PRO M 212 -13.87 -0.27 20.85
C PRO M 212 -14.28 0.82 21.81
N LYS M 213 -13.73 2.03 21.67
CA LYS M 213 -14.03 3.13 22.58
C LYS M 213 -15.33 3.84 22.24
N VAL M 214 -15.91 3.56 21.08
CA VAL M 214 -17.17 4.16 20.65
C VAL M 214 -18.25 3.09 20.73
N THR M 215 -19.29 3.36 21.53
CA THR M 215 -20.36 2.42 21.77
C THR M 215 -21.62 2.87 21.04
N PHE M 216 -22.32 1.91 20.44
CA PHE M 216 -23.56 2.16 19.71
C PHE M 216 -24.78 1.74 20.52
N ASP M 217 -24.71 1.77 21.84
CA ASP M 217 -25.85 1.40 22.68
C ASP M 217 -27.00 2.38 22.43
N PRO M 218 -28.18 1.93 22.03
CA PRO M 218 -29.30 2.86 21.83
C PRO M 218 -29.67 3.56 23.12
N ILE M 219 -30.03 4.84 22.98
CA ILE M 219 -30.59 5.63 24.09
C ILE M 219 -31.85 6.30 23.58
N PRO M 220 -32.76 6.70 24.47
CA PRO M 220 -33.97 7.38 24.00
C PRO M 220 -33.63 8.72 23.37
N ILE M 221 -34.00 8.87 22.10
CA ILE M 221 -33.77 10.08 21.35
C ILE M 221 -35.11 10.65 20.88
N HIS M 222 -35.22 11.97 20.95
CA HIS M 222 -36.44 12.70 20.64
C HIS M 222 -36.21 13.52 19.39
N TYR M 223 -37.15 13.45 18.45
CA TYR M 223 -37.07 14.22 17.21
C TYR M 223 -37.94 15.47 17.34
N CYS M 224 -37.30 16.62 17.48
CA CYS M 224 -37.98 17.88 17.72
C CYS M 224 -38.16 18.62 16.41
N ALA M 225 -39.30 19.29 16.27
CA ALA M 225 -39.57 20.05 15.05
C ALA M 225 -38.84 21.39 15.11
N PRO M 226 -38.42 21.93 13.96
CA PRO M 226 -37.83 23.28 13.98
C PRO M 226 -38.90 24.33 14.16
N ALA M 227 -38.45 25.56 14.42
CA ALA M 227 -39.38 26.67 14.61
C ALA M 227 -40.19 26.91 13.35
N GLY M 228 -41.47 27.23 13.51
CA GLY M 228 -42.40 27.36 12.42
C GLY M 228 -43.18 26.11 12.09
N TYR M 229 -42.84 24.98 12.71
CA TYR M 229 -43.52 23.71 12.54
C TYR M 229 -43.96 23.18 13.90
N ALA M 230 -44.72 22.09 13.88
CA ALA M 230 -45.14 21.42 15.09
C ALA M 230 -45.38 19.95 14.78
N ILE M 231 -45.45 19.13 15.82
CA ILE M 231 -45.74 17.71 15.69
C ILE M 231 -47.12 17.45 16.27
N LEU M 232 -47.91 16.64 15.59
CA LEU M 232 -49.23 16.23 16.05
C LEU M 232 -49.16 14.75 16.41
N LYS M 233 -49.59 14.43 17.63
CA LYS M 233 -49.56 13.08 18.17
C LYS M 233 -51.00 12.59 18.30
N CYS M 234 -51.29 11.43 17.72
CA CYS M 234 -52.56 10.77 17.95
C CYS M 234 -52.56 10.12 19.33
N ASN M 235 -53.64 10.34 20.08
CA ASN M 235 -53.79 9.81 21.43
C ASN M 235 -54.87 8.73 21.48
N ASN M 236 -55.16 8.11 20.34
CA ASN M 236 -56.13 7.03 20.26
C ASN M 236 -55.42 5.73 20.63
N LYS M 237 -55.99 5.00 21.58
CA LYS M 237 -55.36 3.78 22.06
C LYS M 237 -55.60 2.57 21.15
N THR M 238 -56.48 2.69 20.16
CA THR M 238 -56.70 1.63 19.18
C THR M 238 -56.99 2.32 17.85
N PHE M 239 -55.94 2.51 17.05
CA PHE M 239 -56.03 3.26 15.81
C PHE M 239 -55.10 2.61 14.80
N ASN M 240 -55.67 2.01 13.76
CA ASN M 240 -54.86 1.48 12.68
C ASN M 240 -54.20 2.64 11.94
N GLY M 241 -53.20 2.32 11.13
CA GLY M 241 -52.27 3.34 10.67
C GLY M 241 -52.90 4.46 9.88
N THR M 242 -53.39 4.16 8.67
CA THR M 242 -53.88 5.18 7.76
C THR M 242 -55.37 5.43 8.03
N GLY M 243 -55.68 6.56 8.65
CA GLY M 243 -57.04 6.94 8.91
C GLY M 243 -57.15 8.20 9.74
N PRO M 244 -58.37 8.63 10.02
CA PRO M 244 -58.56 9.79 10.90
C PRO M 244 -58.36 9.45 12.36
N CYS M 245 -57.95 10.46 13.12
CA CYS M 245 -57.80 10.37 14.57
C CYS M 245 -58.52 11.57 15.17
N ASN M 246 -59.30 11.32 16.23
CA ASN M 246 -60.09 12.37 16.85
C ASN M 246 -59.34 13.02 18.00
N ASN M 247 -58.51 12.27 18.72
CA ASN M 247 -57.83 12.74 19.92
C ASN M 247 -56.39 13.10 19.56
N VAL M 248 -56.21 14.33 19.08
CA VAL M 248 -54.91 14.83 18.64
C VAL M 248 -54.36 15.77 19.70
N SER M 249 -53.02 15.81 19.80
CA SER M 249 -52.36 16.72 20.73
C SER M 249 -51.10 17.27 20.09
N THR M 250 -50.84 18.56 20.27
CA THR M 250 -49.64 19.16 19.72
C THR M 250 -48.44 18.93 20.64
N VAL M 251 -47.27 18.74 20.05
CA VAL M 251 -46.03 18.57 20.79
C VAL M 251 -44.89 19.20 20.00
N GLN M 252 -43.80 19.47 20.72
CA GLN M 252 -42.56 19.96 20.13
C GLN M 252 -41.56 18.85 19.85
N CYS M 253 -41.71 17.70 20.51
CA CYS M 253 -40.74 16.61 20.36
C CYS M 253 -41.45 15.29 20.58
N THR M 254 -40.90 14.24 19.98
CA THR M 254 -41.42 12.90 20.15
C THR M 254 -41.03 12.36 21.52
N HIS M 255 -41.60 11.22 21.88
CA HIS M 255 -41.21 10.55 23.10
C HIS M 255 -39.83 9.92 22.92
N GLY M 256 -39.29 9.38 24.02
CA GLY M 256 -37.99 8.76 23.95
C GLY M 256 -38.03 7.51 23.10
N ILE M 257 -37.44 7.59 21.91
CA ILE M 257 -37.36 6.48 20.97
C ILE M 257 -35.94 5.96 20.98
N LYS M 258 -35.78 4.66 21.26
CA LYS M 258 -34.46 4.03 21.26
C LYS M 258 -34.21 3.40 19.89
N PRO M 259 -33.18 3.83 19.13
CA PRO M 259 -33.01 3.23 17.78
C PRO M 259 -32.39 1.84 17.84
N VAL M 260 -33.19 0.87 18.28
CA VAL M 260 -32.73 -0.50 18.40
C VAL M 260 -32.80 -1.17 17.04
N VAL M 261 -31.71 -1.80 16.63
CA VAL M 261 -31.61 -2.47 15.35
C VAL M 261 -31.89 -3.95 15.55
N SER M 262 -32.91 -4.48 14.87
CA SER M 262 -33.28 -5.87 15.02
C SER M 262 -34.15 -6.29 13.83
N THR M 263 -34.45 -7.58 13.80
CA THR M 263 -35.34 -8.16 12.80
C THR M 263 -36.33 -9.10 13.49
N GLN M 264 -37.40 -9.46 12.77
CA GLN M 264 -38.45 -10.33 13.27
C GLN M 264 -39.15 -9.76 14.48
N LEU M 265 -38.45 -9.67 15.61
CA LEU M 265 -39.00 -9.20 16.87
C LEU M 265 -38.47 -7.80 17.17
N LEU M 266 -39.39 -6.90 17.53
CA LEU M 266 -39.02 -5.56 17.94
C LEU M 266 -38.71 -5.59 19.44
N LEU M 267 -37.54 -5.06 19.81
CA LEU M 267 -37.05 -5.12 21.18
C LEU M 267 -37.00 -3.73 21.78
N ASN M 268 -37.30 -3.66 23.08
CA ASN M 268 -37.17 -2.43 23.86
C ASN M 268 -38.00 -1.30 23.26
N GLY M 269 -39.17 -1.64 22.74
CA GLY M 269 -40.07 -0.67 22.16
C GLY M 269 -41.05 -0.10 23.17
N SER M 270 -42.11 0.50 22.63
CA SER M 270 -43.20 1.02 23.44
C SER M 270 -44.44 0.15 23.26
N LEU M 271 -45.02 -0.25 24.38
CA LEU M 271 -46.17 -1.15 24.40
C LEU M 271 -47.44 -0.39 24.04
N ALA M 272 -48.33 -1.06 23.32
CA ALA M 272 -49.62 -0.48 23.00
C ALA M 272 -50.44 -0.30 24.28
N GLU M 273 -51.17 0.81 24.35
CA GLU M 273 -51.97 1.09 25.54
C GLU M 273 -53.17 0.18 25.68
N GLY M 274 -53.84 -0.15 24.58
CA GLY M 274 -55.01 -1.00 24.63
C GLY M 274 -54.67 -2.47 24.44
N GLU M 275 -55.20 -3.07 23.38
CA GLU M 275 -54.94 -4.47 23.05
C GLU M 275 -53.71 -4.57 22.16
N ILE M 276 -53.48 -5.76 21.63
CA ILE M 276 -52.44 -5.96 20.62
C ILE M 276 -52.95 -5.43 19.28
N ILE M 277 -52.18 -4.53 18.67
CA ILE M 277 -52.61 -3.82 17.47
C ILE M 277 -51.88 -4.40 16.26
N ILE M 278 -52.63 -4.69 15.20
CA ILE M 278 -52.10 -5.24 13.97
C ILE M 278 -52.20 -4.12 12.93
N ARG M 279 -51.05 -3.56 12.54
CA ARG M 279 -51.00 -2.45 11.58
C ARG M 279 -50.26 -2.92 10.33
N SER M 280 -50.90 -2.78 9.18
CA SER M 280 -50.31 -3.16 7.90
C SER M 280 -50.92 -2.31 6.79
N GLU M 281 -50.09 -1.93 5.82
CA GLU M 281 -50.53 -0.99 4.80
C GLU M 281 -51.68 -1.55 3.98
N ASN M 282 -51.60 -2.83 3.63
CA ASN M 282 -52.62 -3.52 2.83
C ASN M 282 -52.62 -4.97 3.30
N LEU M 283 -53.52 -5.30 4.22
CA LEU M 283 -53.55 -6.64 4.80
C LEU M 283 -53.83 -7.69 3.74
N THR M 284 -54.66 -7.36 2.77
CA THR M 284 -54.99 -8.30 1.70
C THR M 284 -53.81 -8.48 0.73
N ASN M 285 -52.80 -7.61 0.81
CA ASN M 285 -51.57 -7.77 0.03
C ASN M 285 -50.58 -8.57 0.85
N ASN M 286 -50.03 -9.63 0.26
CA ASN M 286 -49.10 -10.51 0.94
C ASN M 286 -47.66 -10.03 0.87
N VAL M 287 -47.38 -8.95 0.14
CA VAL M 287 -46.04 -8.41 0.02
C VAL M 287 -45.70 -7.45 1.14
N LYS M 288 -46.69 -6.77 1.72
CA LYS M 288 -46.46 -5.81 2.79
C LYS M 288 -46.16 -6.53 4.09
N THR M 289 -45.48 -5.82 5.00
CA THR M 289 -45.10 -6.34 6.29
C THR M 289 -46.11 -5.92 7.34
N ILE M 290 -46.58 -6.87 8.12
CA ILE M 290 -47.50 -6.63 9.22
C ILE M 290 -46.69 -6.33 10.47
N ILE M 291 -46.99 -5.21 11.12
CA ILE M 291 -46.35 -4.83 12.38
C ILE M 291 -47.35 -5.07 13.49
N VAL M 292 -46.98 -5.90 14.45
CA VAL M 292 -47.82 -6.22 15.61
C VAL M 292 -47.23 -5.48 16.80
N HIS M 293 -47.98 -4.51 17.32
CA HIS M 293 -47.62 -3.78 18.53
C HIS M 293 -48.24 -4.54 19.71
N LEU M 294 -47.40 -5.05 20.59
CA LEU M 294 -47.88 -5.79 21.75
C LEU M 294 -48.22 -4.83 22.87
N ASN M 295 -49.28 -5.16 23.60
CA ASN M 295 -49.66 -4.43 24.81
C ASN M 295 -49.03 -5.01 26.07
N GLU M 296 -48.28 -6.11 25.95
CA GLU M 296 -47.48 -6.63 27.04
C GLU M 296 -46.15 -7.11 26.48
N SER M 297 -45.08 -6.88 27.24
CA SER M 297 -43.75 -7.29 26.84
C SER M 297 -43.53 -8.77 27.15
N VAL M 298 -42.56 -9.35 26.45
CA VAL M 298 -42.11 -10.73 26.71
C VAL M 298 -40.61 -10.69 26.94
N GLU M 299 -40.15 -11.34 28.01
CA GLU M 299 -38.74 -11.27 28.36
C GLU M 299 -37.94 -12.29 27.57
N ILE M 300 -36.85 -11.81 26.96
CA ILE M 300 -35.88 -12.65 26.26
C ILE M 300 -34.50 -12.28 26.76
N VAL M 301 -33.73 -13.28 27.19
CA VAL M 301 -32.38 -13.10 27.72
C VAL M 301 -31.42 -13.77 26.76
N CYS M 302 -30.63 -12.97 26.06
CA CYS M 302 -29.64 -13.44 25.11
C CYS M 302 -28.32 -13.60 25.84
N THR M 303 -27.49 -14.55 25.39
CA THR M 303 -26.21 -14.74 26.05
C THR M 303 -25.24 -15.49 25.16
N ARG M 304 -24.00 -15.01 25.16
CA ARG M 304 -22.84 -15.73 24.65
C ARG M 304 -22.08 -16.28 25.86
N PRO M 305 -22.01 -17.61 26.05
CA PRO M 305 -21.34 -18.12 27.25
C PRO M 305 -19.83 -18.22 27.12
N ASN M 306 -19.27 -18.11 25.92
CA ASN M 306 -17.84 -18.32 25.74
C ASN M 306 -17.04 -17.29 26.50
N ASN M 307 -16.02 -17.75 27.23
CA ASN M 307 -15.16 -16.89 28.02
C ASN M 307 -13.97 -16.49 27.16
N ASN M 308 -14.12 -15.44 26.37
CA ASN M 308 -13.09 -15.01 25.45
C ASN M 308 -11.92 -14.39 26.19
N THR M 309 -10.74 -14.50 25.59
CA THR M 309 -9.55 -13.74 25.95
C THR M 309 -9.13 -12.96 24.72
N VAL M 310 -9.21 -11.64 24.81
CA VAL M 310 -9.07 -10.75 23.67
C VAL M 310 -7.66 -10.18 23.66
N LYS M 311 -6.99 -10.32 22.52
CA LYS M 311 -5.67 -9.76 22.28
C LYS M 311 -5.79 -8.57 21.34
N SER M 312 -4.65 -7.92 21.10
CA SER M 312 -4.57 -6.82 20.15
C SER M 312 -3.19 -6.79 19.53
N ILE M 313 -3.11 -6.15 18.36
CA ILE M 313 -1.85 -6.00 17.63
C ILE M 313 -1.88 -4.68 16.89
N ARG M 314 -0.70 -4.21 16.51
CA ARG M 314 -0.56 -3.05 15.66
C ARG M 314 -0.37 -3.48 14.22
N ILE M 315 -1.33 -3.13 13.36
CA ILE M 315 -1.29 -3.45 11.94
C ILE M 315 -0.90 -2.24 11.11
N GLY M 316 -0.31 -1.22 11.72
CA GLY M 316 0.04 -0.01 11.03
C GLY M 316 0.51 1.06 12.00
N PRO M 317 0.77 2.25 11.49
CA PRO M 317 1.21 3.33 12.37
C PRO M 317 0.07 3.89 13.20
N GLY M 318 -0.21 3.25 14.33
CA GLY M 318 -1.31 3.64 15.18
C GLY M 318 -2.63 2.96 14.87
N GLN M 319 -2.60 1.84 14.15
CA GLN M 319 -3.79 1.08 13.79
C GLN M 319 -3.82 -0.19 14.64
N TRP M 320 -4.78 -0.27 15.56
CA TRP M 320 -4.89 -1.40 16.48
C TRP M 320 -6.04 -2.32 16.07
N PHE M 321 -5.71 -3.61 15.94
CA PHE M 321 -6.67 -4.64 15.54
C PHE M 321 -6.94 -5.55 16.72
N TYR M 322 -8.20 -5.67 17.11
CA TYR M 322 -8.61 -6.45 18.27
C TYR M 322 -9.29 -7.73 17.81
N TYR M 323 -8.83 -8.86 18.34
CA TYR M 323 -9.32 -10.17 17.92
C TYR M 323 -9.37 -11.09 19.13
N THR M 324 -10.08 -12.20 18.96
CA THR M 324 -10.23 -13.18 20.02
C THR M 324 -8.99 -14.05 20.10
N GLY M 325 -8.12 -13.77 21.06
CA GLY M 325 -6.91 -14.52 21.22
C GLY M 325 -7.14 -15.96 21.62
N ASP M 326 -8.10 -16.20 22.51
CA ASP M 326 -8.33 -17.55 23.02
C ASP M 326 -9.74 -17.64 23.58
N ILE M 327 -10.19 -18.85 23.87
CA ILE M 327 -11.39 -19.10 24.65
C ILE M 327 -10.99 -19.98 25.83
N ILE M 328 -11.30 -19.53 27.03
CA ILE M 328 -10.94 -20.24 28.26
C ILE M 328 -12.11 -21.15 28.64
N GLY M 329 -11.82 -22.42 28.85
CA GLY M 329 -12.83 -23.38 29.22
C GLY M 329 -13.49 -24.03 28.02
N ASN M 330 -14.79 -24.34 28.15
CA ASN M 330 -15.53 -25.00 27.10
C ASN M 330 -16.06 -23.99 26.09
N ILE M 331 -16.21 -24.46 24.85
CA ILE M 331 -16.81 -23.67 23.77
C ILE M 331 -18.25 -24.13 23.62
N ARG M 332 -19.19 -23.21 23.82
CA ARG M 332 -20.61 -23.50 23.77
C ARG M 332 -21.32 -22.48 22.90
N GLN M 333 -22.38 -22.92 22.24
CA GLN M 333 -23.14 -22.05 21.34
C GLN M 333 -23.93 -21.04 22.14
N ALA M 334 -24.03 -19.82 21.61
CA ALA M 334 -24.82 -18.79 22.23
C ALA M 334 -26.30 -19.09 22.08
N TYR M 335 -27.11 -18.54 23.00
CA TYR M 335 -28.51 -18.91 23.03
C TYR M 335 -29.33 -17.79 23.66
N CYS M 336 -30.63 -17.83 23.38
CA CYS M 336 -31.60 -16.89 23.93
C CYS M 336 -32.71 -17.66 24.63
N ASN M 337 -32.93 -17.35 25.91
CA ASN M 337 -34.02 -17.94 26.68
C ASN M 337 -35.17 -16.95 26.72
N ILE M 338 -36.31 -17.32 26.16
CA ILE M 338 -37.51 -16.48 26.17
C ILE M 338 -38.55 -17.15 27.06
N LYS M 339 -39.25 -16.35 27.86
CA LYS M 339 -40.20 -16.94 28.81
C LYS M 339 -41.33 -17.64 28.07
N LYS M 340 -41.53 -18.94 28.38
CA LYS M 340 -42.40 -19.77 27.56
C LYS M 340 -43.87 -19.40 27.69
N ASP M 341 -44.36 -19.28 28.93
CA ASP M 341 -45.79 -19.05 29.13
C ASP M 341 -46.22 -17.72 28.53
N ASP M 342 -45.42 -16.68 28.74
CA ASP M 342 -45.71 -15.38 28.15
C ASP M 342 -45.70 -15.43 26.64
N TRP M 343 -44.75 -16.16 26.05
CA TRP M 343 -44.70 -16.26 24.60
C TRP M 343 -45.92 -16.99 24.05
N ILE M 344 -46.34 -18.06 24.72
CA ILE M 344 -47.50 -18.82 24.25
C ILE M 344 -48.76 -17.96 24.34
N ARG M 345 -48.91 -17.23 25.45
CA ARG M 345 -50.04 -16.31 25.58
C ARG M 345 -50.02 -15.26 24.47
N THR M 346 -48.84 -14.68 24.22
CA THR M 346 -48.73 -13.64 23.21
C THR M 346 -49.08 -14.17 21.83
N LEU M 347 -48.58 -15.35 21.48
CA LEU M 347 -48.90 -15.90 20.16
C LEU M 347 -50.37 -16.29 20.05
N GLN M 348 -50.99 -16.77 21.14
CA GLN M 348 -52.41 -17.05 21.09
C GLN M 348 -53.21 -15.79 20.83
N ARG M 349 -52.88 -14.70 21.53
CA ARG M 349 -53.59 -13.45 21.35
C ARG M 349 -53.40 -12.91 19.94
N VAL M 350 -52.16 -12.97 19.43
CA VAL M 350 -51.90 -12.48 18.07
C VAL M 350 -52.65 -13.33 17.05
N GLY M 351 -52.74 -14.65 17.31
CA GLY M 351 -53.48 -15.50 16.41
C GLY M 351 -54.96 -15.15 16.39
N LYS M 352 -55.54 -14.86 17.55
CA LYS M 352 -56.94 -14.46 17.59
C LYS M 352 -57.15 -13.13 16.86
N LYS M 353 -56.23 -12.17 17.04
CA LYS M 353 -56.36 -10.91 16.33
C LYS M 353 -56.27 -11.09 14.82
N LEU M 354 -55.34 -11.92 14.37
CA LEU M 354 -55.22 -12.18 12.94
C LEU M 354 -56.47 -12.90 12.41
N ALA M 355 -57.04 -13.80 13.22
CA ALA M 355 -58.29 -14.44 12.83
C ALA M 355 -59.41 -13.42 12.70
N GLU M 356 -59.46 -12.43 13.60
CA GLU M 356 -60.43 -11.37 13.45
C GLU M 356 -60.21 -10.60 12.15
N HIS M 357 -58.96 -10.30 11.81
CA HIS M 357 -58.68 -9.61 10.55
C HIS M 357 -58.81 -10.54 9.35
N PHE M 358 -58.64 -11.86 9.56
CA PHE M 358 -58.70 -12.86 8.49
C PHE M 358 -59.74 -13.90 8.88
N PRO M 359 -61.03 -13.61 8.73
CA PRO M 359 -62.05 -14.55 9.20
C PRO M 359 -62.08 -15.82 8.36
N ARG M 360 -62.59 -16.88 8.97
CA ARG M 360 -62.72 -18.18 8.32
C ARG M 360 -61.37 -18.70 7.83
N ARG M 361 -60.34 -18.52 8.65
CA ARG M 361 -58.99 -18.95 8.31
C ARG M 361 -58.27 -19.45 9.55
N ILE M 362 -57.51 -20.52 9.37
CA ILE M 362 -56.62 -21.02 10.41
C ILE M 362 -55.32 -20.23 10.35
N ILE M 363 -54.83 -19.80 11.51
CA ILE M 363 -53.69 -18.89 11.58
C ILE M 363 -52.46 -19.71 11.94
N ASN M 364 -51.56 -19.89 10.98
CA ASN M 364 -50.38 -20.72 11.14
C ASN M 364 -49.15 -19.83 11.31
N PHE M 365 -48.44 -20.00 12.43
CA PHE M 365 -47.16 -19.36 12.67
C PHE M 365 -46.07 -20.39 12.42
N THR M 366 -45.34 -20.22 11.32
CA THR M 366 -44.29 -21.15 10.89
C THR M 366 -42.98 -20.38 10.75
N GLN M 367 -41.90 -21.12 10.52
CA GLN M 367 -40.57 -20.54 10.39
C GLN M 367 -40.45 -19.81 9.05
N PRO M 368 -39.51 -18.88 8.92
CA PRO M 368 -39.33 -18.21 7.63
C PRO M 368 -38.76 -19.15 6.58
N ALA M 369 -38.89 -18.73 5.32
CA ALA M 369 -38.40 -19.53 4.21
C ALA M 369 -36.88 -19.56 4.21
N GLY M 370 -36.32 -20.28 3.25
CA GLY M 370 -34.88 -20.53 3.20
C GLY M 370 -34.06 -19.48 2.50
N GLY M 371 -34.16 -18.23 2.94
CA GLY M 371 -33.32 -17.17 2.45
C GLY M 371 -31.98 -17.10 3.15
N ASP M 372 -31.36 -15.92 3.11
CA ASP M 372 -30.05 -15.71 3.70
C ASP M 372 -30.14 -15.71 5.22
N LEU M 373 -28.98 -15.71 5.87
CA LEU M 373 -28.95 -15.71 7.33
C LEU M 373 -29.47 -14.41 7.90
N GLU M 374 -29.15 -13.28 7.26
CA GLU M 374 -29.53 -11.98 7.81
C GLU M 374 -31.04 -11.76 7.83
N ILE M 375 -31.79 -12.50 7.03
CA ILE M 375 -33.22 -12.27 6.87
C ILE M 375 -34.08 -13.41 7.42
N THR M 376 -33.52 -14.59 7.64
CA THR M 376 -34.25 -15.74 8.15
C THR M 376 -34.03 -15.97 9.65
N THR M 377 -33.43 -15.01 10.36
CA THR M 377 -33.13 -15.16 11.77
C THR M 377 -33.42 -13.84 12.48
N HIS M 378 -33.71 -13.95 13.78
CA HIS M 378 -33.80 -12.79 14.65
C HIS M 378 -32.39 -12.26 14.84
N SER M 379 -32.05 -11.20 14.11
CA SER M 379 -30.75 -10.58 14.20
C SER M 379 -30.82 -9.44 15.21
N PHE M 380 -29.76 -9.29 16.00
CA PHE M 380 -29.71 -8.17 16.94
C PHE M 380 -28.28 -7.99 17.43
N ASN M 381 -28.10 -6.96 18.24
CA ASN M 381 -26.81 -6.55 18.76
C ASN M 381 -26.89 -6.47 20.28
N CYS M 382 -25.93 -7.06 20.96
CA CYS M 382 -25.83 -7.05 22.42
C CYS M 382 -24.40 -6.72 22.78
N ARG M 383 -24.18 -5.49 23.23
CA ARG M 383 -22.86 -4.97 23.58
C ARG M 383 -21.88 -5.14 22.43
N GLY M 384 -22.38 -4.91 21.22
CA GLY M 384 -21.56 -5.03 20.03
C GLY M 384 -21.43 -6.43 19.49
N GLU M 385 -21.88 -7.45 20.21
CA GLU M 385 -21.89 -8.81 19.70
C GLU M 385 -23.14 -9.01 18.85
N PHE M 386 -22.93 -9.45 17.62
CA PHE M 386 -24.01 -9.52 16.63
C PHE M 386 -24.54 -10.94 16.56
N PHE M 387 -25.72 -11.13 17.15
CA PHE M 387 -26.39 -12.42 17.25
C PHE M 387 -27.37 -12.58 16.10
N TYR M 388 -27.52 -13.83 15.66
CA TYR M 388 -28.54 -14.23 14.69
C TYR M 388 -29.16 -15.52 15.22
N CYS M 389 -30.41 -15.44 15.68
CA CYS M 389 -31.04 -16.53 16.39
C CYS M 389 -32.11 -17.20 15.54
N ASN M 390 -32.18 -18.53 15.64
CA ASN M 390 -33.09 -19.33 14.84
C ASN M 390 -34.41 -19.46 15.62
N THR M 391 -35.37 -18.60 15.31
CA THR M 391 -36.64 -18.55 16.01
C THR M 391 -37.67 -19.52 15.44
N SER M 392 -37.22 -20.60 14.77
CA SER M 392 -38.15 -21.59 14.27
C SER M 392 -38.92 -22.26 15.41
N SER M 393 -38.27 -22.45 16.56
CA SER M 393 -38.95 -23.07 17.69
C SER M 393 -40.04 -22.18 18.28
N LEU M 394 -39.99 -20.87 18.06
CA LEU M 394 -41.02 -19.98 18.56
C LEU M 394 -42.26 -19.97 17.67
N PHE M 395 -42.08 -19.69 16.39
CA PHE M 395 -43.19 -19.62 15.45
C PHE M 395 -43.44 -21.02 14.89
N ASN M 396 -43.97 -21.88 15.76
CA ASN M 396 -44.21 -23.29 15.46
C ASN M 396 -45.60 -23.68 15.97
N SER M 397 -46.60 -22.86 15.68
CA SER M 397 -47.91 -23.04 16.30
C SER M 397 -49.01 -22.72 15.30
N THR M 398 -50.24 -22.98 15.73
CA THR M 398 -51.41 -22.79 14.89
C THR M 398 -52.61 -22.48 15.76
N TYR M 399 -53.36 -21.44 15.39
CA TYR M 399 -54.59 -21.07 16.07
C TYR M 399 -55.77 -21.44 15.19
N ASN M 400 -56.72 -22.19 15.78
CA ASN M 400 -57.97 -22.58 15.15
C ASN M 400 -59.10 -21.81 15.80
N PRO M 401 -59.80 -20.89 15.11
CA PRO M 401 -60.89 -20.17 15.77
C PRO M 401 -62.00 -21.07 16.29
N ASN M 402 -62.29 -22.18 15.63
CA ASN M 402 -63.33 -23.09 16.07
C ASN M 402 -62.90 -23.83 17.33
N LEU M 415 -39.40 -22.34 33.23
CA LEU M 415 -39.54 -23.06 31.96
C LEU M 415 -39.45 -22.08 30.79
N ASP M 416 -38.28 -22.02 30.17
CA ASP M 416 -37.99 -21.13 29.06
C ASP M 416 -37.88 -21.90 27.76
N ILE M 417 -38.11 -21.20 26.65
CA ILE M 417 -37.82 -21.71 25.32
C ILE M 417 -36.42 -21.24 24.96
N THR M 418 -35.54 -22.19 24.65
CA THR M 418 -34.16 -21.91 24.29
C THR M 418 -34.04 -21.85 22.77
N ILE M 419 -33.39 -20.80 22.29
CA ILE M 419 -33.24 -20.48 20.87
C ILE M 419 -31.74 -20.50 20.58
N PRO M 420 -31.23 -21.41 19.75
CA PRO M 420 -29.80 -21.34 19.41
C PRO M 420 -29.52 -20.10 18.58
N CYS M 421 -28.30 -19.56 18.72
CA CYS M 421 -27.91 -18.35 18.02
C CYS M 421 -26.49 -18.48 17.52
N ARG M 422 -26.28 -18.11 16.26
CA ARG M 422 -24.95 -17.92 15.72
C ARG M 422 -24.52 -16.48 15.97
N ILE M 423 -23.22 -16.23 15.90
CA ILE M 423 -22.66 -14.90 16.13
C ILE M 423 -21.69 -14.59 15.00
N LYS M 424 -21.76 -13.36 14.50
CA LYS M 424 -20.90 -12.91 13.42
C LYS M 424 -20.04 -11.73 13.88
N GLN M 425 -18.87 -11.59 13.26
CA GLN M 425 -18.00 -10.45 13.46
C GLN M 425 -17.90 -9.56 12.23
N ILE M 426 -18.09 -10.09 11.03
CA ILE M 426 -18.10 -9.32 9.79
C ILE M 426 -19.56 -9.12 9.42
N ILE M 427 -20.03 -7.88 9.52
CA ILE M 427 -21.45 -7.53 9.45
C ILE M 427 -21.66 -6.65 8.23
N ASN M 428 -22.75 -6.93 7.49
CA ASN M 428 -23.21 -6.09 6.40
C ASN M 428 -24.53 -5.47 6.82
N MET M 429 -24.48 -4.24 7.29
CA MET M 429 -25.66 -3.61 7.89
C MET M 429 -26.48 -2.87 6.83
N TRP M 430 -27.75 -2.65 7.17
CA TRP M 430 -28.67 -1.85 6.36
C TRP M 430 -28.88 -2.47 4.97
N GLN M 431 -28.70 -3.78 4.86
CA GLN M 431 -28.87 -4.49 3.59
C GLN M 431 -27.99 -3.93 2.48
N ARG M 432 -26.82 -3.41 2.85
CA ARG M 432 -25.89 -2.83 1.90
C ARG M 432 -24.82 -3.84 1.51
N VAL M 433 -24.28 -3.65 0.32
CA VAL M 433 -23.18 -4.45 -0.21
C VAL M 433 -22.01 -3.51 -0.45
N GLY M 434 -20.80 -3.99 -0.17
CA GLY M 434 -19.61 -3.20 -0.35
C GLY M 434 -19.24 -2.30 0.81
N GLN M 435 -19.94 -2.41 1.94
CA GLN M 435 -19.54 -1.75 3.18
C GLN M 435 -19.74 -2.75 4.32
N ALA M 436 -18.68 -3.47 4.65
CA ALA M 436 -18.66 -4.39 5.76
C ALA M 436 -18.04 -3.73 6.99
N MET M 437 -18.39 -4.25 8.17
CA MET M 437 -17.87 -3.77 9.43
C MET M 437 -17.35 -4.95 10.23
N TYR M 438 -16.22 -4.76 10.92
CA TYR M 438 -15.67 -5.76 11.81
C TYR M 438 -15.99 -5.38 13.24
N ALA M 439 -16.79 -6.20 13.91
CA ALA M 439 -17.19 -5.94 15.29
C ALA M 439 -16.20 -6.64 16.21
N PRO M 440 -15.29 -5.92 16.88
CA PRO M 440 -14.26 -6.62 17.66
C PRO M 440 -14.89 -7.34 18.85
N PRO M 441 -14.23 -8.36 19.39
CA PRO M 441 -14.82 -9.13 20.47
C PRO M 441 -14.75 -8.39 21.79
N ILE M 442 -15.37 -8.99 22.81
CA ILE M 442 -15.31 -8.52 24.19
C ILE M 442 -14.84 -9.65 25.08
N GLU M 443 -13.89 -9.35 25.95
CA GLU M 443 -13.39 -10.34 26.88
C GLU M 443 -14.49 -10.76 27.85
N GLY M 444 -14.51 -12.05 28.19
CA GLY M 444 -15.53 -12.58 29.08
C GLY M 444 -16.75 -13.07 28.33
N ASN M 445 -17.77 -13.43 29.12
CA ASN M 445 -19.06 -13.86 28.60
C ASN M 445 -20.02 -12.67 28.59
N ILE M 446 -21.10 -12.81 27.83
CA ILE M 446 -21.98 -11.69 27.52
C ILE M 446 -23.42 -12.11 27.78
N THR M 447 -24.19 -11.22 28.41
CA THR M 447 -25.62 -11.42 28.63
C THR M 447 -26.36 -10.11 28.38
N CYS M 448 -27.60 -10.23 27.88
CA CYS M 448 -28.43 -9.02 27.61
C CYS M 448 -29.90 -9.35 27.87
N LYS M 449 -30.53 -8.65 28.82
CA LYS M 449 -31.98 -8.86 29.08
C LYS M 449 -32.78 -7.81 28.30
N SER M 450 -33.36 -8.20 27.17
CA SER M 450 -34.15 -7.26 26.33
C SER M 450 -35.63 -7.65 26.40
N ASN M 451 -36.53 -6.66 26.30
CA ASN M 451 -37.99 -6.95 26.31
C ASN M 451 -38.52 -6.97 24.88
N ILE M 452 -38.97 -8.13 24.40
CA ILE M 452 -39.61 -8.16 23.06
C ILE M 452 -40.91 -7.37 23.18
N THR M 453 -41.11 -6.35 22.34
CA THR M 453 -42.31 -5.48 22.48
C THR M 453 -43.19 -5.54 21.23
N GLY M 454 -42.67 -6.09 20.13
CA GLY M 454 -43.44 -6.10 18.87
C GLY M 454 -42.99 -7.20 17.92
N LEU M 455 -43.77 -7.48 16.88
CA LEU M 455 -43.41 -8.50 15.91
C LEU M 455 -43.52 -7.95 14.50
N LEU M 456 -42.69 -8.47 13.60
CA LEU M 456 -42.73 -8.16 12.19
C LEU M 456 -43.06 -9.46 11.44
N LEU M 457 -44.31 -9.58 11.02
CA LEU M 457 -44.81 -10.77 10.36
C LEU M 457 -45.04 -10.49 8.88
N VAL M 458 -45.08 -11.55 8.08
CA VAL M 458 -45.39 -11.46 6.66
C VAL M 458 -46.33 -12.61 6.34
N ARG M 459 -47.46 -12.29 5.71
CA ARG M 459 -48.43 -13.32 5.33
C ARG M 459 -47.97 -13.96 4.02
N ASP M 460 -47.93 -15.29 4.01
CA ASP M 460 -47.41 -16.00 2.84
C ASP M 460 -48.27 -15.76 1.61
N GLY M 461 -49.59 -15.81 1.76
CA GLY M 461 -50.50 -15.61 0.65
C GLY M 461 -50.32 -16.65 -0.45
N ASN M 466 -57.39 -21.46 0.20
CA ASN M 466 -56.49 -22.27 1.01
C ASN M 466 -57.13 -22.66 2.34
N GLU M 467 -58.00 -21.78 2.87
CA GLU M 467 -58.64 -21.92 4.17
C GLU M 467 -57.66 -21.86 5.33
N THR M 468 -56.42 -21.42 5.08
CA THR M 468 -55.40 -21.31 6.11
C THR M 468 -54.43 -20.21 5.72
N GLU M 469 -54.10 -19.36 6.68
CA GLU M 469 -53.15 -18.26 6.47
C GLU M 469 -51.85 -18.56 7.19
N ILE M 470 -50.74 -18.43 6.46
CA ILE M 470 -49.41 -18.73 6.97
C ILE M 470 -48.69 -17.41 7.18
N PHE M 471 -48.29 -17.15 8.42
CA PHE M 471 -47.57 -15.95 8.80
C PHE M 471 -46.17 -16.33 9.25
N ARG M 472 -45.16 -15.76 8.59
CA ARG M 472 -43.76 -16.02 8.87
C ARG M 472 -43.11 -14.78 9.50
N PRO M 473 -42.07 -14.93 10.30
CA PRO M 473 -41.31 -13.75 10.72
C PRO M 473 -40.70 -13.05 9.52
N GLY M 474 -40.67 -11.71 9.59
CA GLY M 474 -40.18 -10.87 8.52
C GLY M 474 -39.12 -9.91 9.03
N GLY M 475 -39.05 -8.77 8.36
CA GLY M 475 -38.09 -7.73 8.68
C GLY M 475 -37.04 -7.58 7.59
N GLY M 476 -35.89 -7.06 7.99
CA GLY M 476 -34.79 -6.75 7.11
C GLY M 476 -34.77 -5.30 6.65
N ASP M 477 -35.94 -4.75 6.33
CA ASP M 477 -36.08 -3.33 6.00
C ASP M 477 -36.29 -2.59 7.31
N MET M 478 -35.27 -1.84 7.73
CA MET M 478 -35.30 -1.22 9.05
C MET M 478 -36.33 -0.11 9.16
N ARG M 479 -36.79 0.43 8.02
CA ARG M 479 -37.89 1.41 8.00
C ARG M 479 -39.00 1.04 8.97
N ASN M 480 -39.46 -0.21 8.89
CA ASN M 480 -40.59 -0.66 9.71
C ASN M 480 -40.32 -0.44 11.19
N ASN M 481 -39.11 -0.77 11.65
CA ASN M 481 -38.76 -0.57 13.05
C ASN M 481 -38.97 0.87 13.46
N TRP M 482 -38.46 1.81 12.66
CA TRP M 482 -38.65 3.21 12.99
C TRP M 482 -40.13 3.56 12.94
N ARG M 483 -40.83 3.02 11.94
CA ARG M 483 -42.26 3.27 11.84
C ARG M 483 -42.99 2.75 13.07
N SER M 484 -42.49 1.66 13.66
CA SER M 484 -43.15 1.08 14.83
C SER M 484 -43.17 2.05 15.99
N GLU M 485 -42.26 3.03 16.01
CA GLU M 485 -42.26 4.08 17.03
C GLU M 485 -42.78 5.41 16.53
N LEU M 486 -42.94 5.59 15.21
CA LEU M 486 -43.34 6.87 14.63
C LEU M 486 -44.70 6.82 13.98
N TYR M 487 -45.52 5.83 14.29
CA TYR M 487 -46.88 5.80 13.76
C TYR M 487 -47.75 6.91 14.33
N LYS M 488 -47.48 7.34 15.57
CA LYS M 488 -48.28 8.36 16.23
C LYS M 488 -48.08 9.75 15.66
N TYR M 489 -46.89 10.08 15.17
CA TYR M 489 -46.49 11.46 14.97
C TYR M 489 -46.65 11.88 13.51
N LYS M 490 -47.03 13.14 13.34
CA LYS M 490 -47.16 13.79 12.05
C LYS M 490 -46.54 15.18 12.16
N VAL M 491 -45.92 15.66 11.09
CA VAL M 491 -45.27 16.97 11.07
C VAL M 491 -46.14 17.93 10.29
N VAL M 492 -46.37 19.12 10.84
CA VAL M 492 -47.23 20.12 10.20
C VAL M 492 -46.58 21.49 10.25
N GLU M 493 -46.66 22.19 9.12
CA GLU M 493 -46.22 23.58 9.00
C GLU M 493 -47.38 24.49 9.37
N ILE M 494 -47.10 25.53 10.14
CA ILE M 494 -48.12 26.47 10.57
C ILE M 494 -48.26 27.57 9.52
N LYS M 495 -49.50 27.91 9.16
CA LYS M 495 -49.82 28.95 8.20
C LYS M 495 -50.48 30.10 8.96
N PRO M 496 -49.70 30.98 9.58
CA PRO M 496 -50.30 31.99 10.48
C PRO M 496 -51.14 33.05 9.78
N LEU M 497 -51.01 33.21 8.47
CA LEU M 497 -51.72 34.25 7.73
C LEU M 497 -53.07 33.71 7.29
N GLY M 498 -54.14 34.43 7.61
CA GLY M 498 -55.48 33.99 7.27
C GLY M 498 -56.37 35.17 6.94
N ILE M 499 -57.50 34.85 6.31
CA ILE M 499 -58.46 35.84 5.85
C ILE M 499 -59.85 35.42 6.30
N ALA M 500 -60.64 36.38 6.76
CA ALA M 500 -62.00 36.10 7.20
C ALA M 500 -62.88 37.33 6.97
N PRO M 501 -64.19 37.15 6.87
CA PRO M 501 -65.07 38.32 6.78
C PRO M 501 -65.33 38.96 8.13
N THR M 502 -65.66 40.24 8.09
CA THR M 502 -66.03 41.03 9.26
C THR M 502 -67.14 41.99 8.87
N ARG M 503 -67.48 42.89 9.80
CA ARG M 503 -68.62 43.78 9.69
C ARG M 503 -68.24 45.24 9.49
N CYS M 504 -67.01 45.51 9.05
CA CYS M 504 -66.54 46.89 8.94
C CYS M 504 -65.50 47.01 7.83
N LYS M 505 -65.39 48.22 7.27
CA LYS M 505 -64.51 48.51 6.16
C LYS M 505 -63.18 49.05 6.67
N ARG M 506 -62.32 49.50 5.74
CA ARG M 506 -61.02 50.05 6.10
C ARG M 506 -61.14 51.47 6.64
N ARG M 507 -61.66 52.40 5.84
CA ARG M 507 -61.83 53.80 6.26
C ARG M 507 -60.51 54.41 6.70
N UNK N 1 -4.23 -41.38 -0.27
CA UNK N 1 -4.65 -42.33 0.80
C UNK N 1 -4.00 -43.68 0.58
N UNK N 2 -4.18 -44.58 1.54
CA UNK N 2 -3.74 -45.94 1.35
C UNK N 2 -4.62 -46.63 0.31
N UNK N 3 -4.26 -47.87 -0.03
CA UNK N 3 -5.05 -48.62 -0.99
C UNK N 3 -6.47 -48.82 -0.49
N UNK N 4 -7.42 -48.19 -1.17
CA UNK N 4 -8.83 -48.23 -0.78
C UNK N 4 -9.53 -49.33 -1.58
N UNK N 5 -9.76 -50.46 -0.93
CA UNK N 5 -10.49 -51.56 -1.57
C UNK N 5 -11.97 -51.22 -1.65
N UNK N 6 -12.65 -51.84 -2.60
CA UNK N 6 -14.08 -51.62 -2.78
C UNK N 6 -14.71 -52.86 -3.38
N UNK N 7 -16.01 -53.01 -3.18
CA UNK N 7 -16.73 -54.14 -3.73
C UNK N 7 -16.78 -54.07 -5.24
N UNK N 8 -16.47 -55.19 -5.89
CA UNK N 8 -16.45 -55.25 -7.35
C UNK N 8 -17.84 -55.32 -7.97
N UNK N 9 -18.88 -55.62 -7.18
CA UNK N 9 -20.23 -55.66 -7.71
C UNK N 9 -21.21 -55.46 -6.56
N UNK N 10 -22.21 -54.62 -6.81
CA UNK N 10 -23.21 -54.25 -5.82
C UNK N 10 -24.60 -54.31 -6.47
N UNK N 11 -24.86 -55.40 -7.18
CA UNK N 11 -26.11 -55.53 -7.93
C UNK N 11 -27.32 -55.56 -6.98
N UNK N 12 -28.43 -55.01 -7.46
CA UNK N 12 -29.64 -54.94 -6.67
C UNK N 12 -30.83 -54.79 -7.60
N UNK N 13 -32.01 -55.07 -7.06
CA UNK N 13 -33.24 -54.98 -7.84
C UNK N 13 -33.65 -53.52 -8.03
N UNK N 14 -34.43 -53.28 -9.07
CA UNK N 14 -34.93 -51.94 -9.33
C UNK N 14 -35.82 -51.46 -8.19
N UNK N 15 -35.62 -50.21 -7.78
CA UNK N 15 -36.33 -49.56 -6.68
C UNK N 15 -36.03 -50.19 -5.32
N UNK N 16 -35.00 -51.03 -5.22
CA UNK N 16 -34.58 -51.59 -3.95
C UNK N 16 -33.36 -50.86 -3.41
N UNK N 17 -33.32 -50.69 -2.09
CA UNK N 17 -32.18 -50.03 -1.47
C UNK N 17 -30.93 -50.88 -1.63
N UNK N 18 -29.81 -50.20 -1.87
CA UNK N 18 -28.54 -50.87 -2.09
C UNK N 18 -27.41 -50.02 -1.51
N UNK N 19 -26.26 -50.66 -1.29
CA UNK N 19 -25.11 -49.96 -0.72
C UNK N 19 -23.82 -50.56 -1.27
N UNK N 20 -22.88 -49.67 -1.57
CA UNK N 20 -21.55 -50.03 -2.04
C UNK N 20 -20.53 -49.54 -1.03
N UNK N 21 -19.64 -50.42 -0.59
CA UNK N 21 -18.72 -50.14 0.50
C UNK N 21 -17.29 -50.02 0.01
N UNK N 22 -16.50 -49.24 0.76
CA UNK N 22 -15.07 -49.09 0.54
C UNK N 22 -14.38 -49.23 1.89
N UNK N 23 -13.13 -49.70 1.84
CA UNK N 23 -12.36 -49.97 3.04
C UNK N 23 -10.93 -49.49 2.86
N UNK N 24 -10.44 -48.75 3.85
CA UNK N 24 -9.09 -48.19 3.82
C UNK N 24 -8.12 -49.21 4.40
N UNK N 25 -7.08 -49.55 3.63
CA UNK N 25 -6.13 -50.56 4.08
C UNK N 25 -5.28 -50.07 5.23
N UNK N 26 -4.70 -48.89 5.11
CA UNK N 26 -3.70 -48.37 6.05
C UNK N 26 -4.03 -46.93 6.44
N UNK N 27 -5.30 -46.70 6.77
CA UNK N 27 -5.73 -45.39 7.23
C UNK N 27 -6.91 -45.58 8.17
N UNK N 28 -7.13 -44.56 9.01
CA UNK N 28 -8.22 -44.63 9.98
C UNK N 28 -9.58 -44.55 9.30
N UNK N 29 -9.67 -43.83 8.17
CA UNK N 29 -10.93 -43.64 7.44
C UNK N 29 -11.96 -42.87 8.27
N UNK N 30 -11.49 -42.14 9.28
CA UNK N 30 -12.30 -41.20 10.03
C UNK N 30 -11.61 -39.85 10.13
N UNK N 31 -10.28 -39.83 10.09
CA UNK N 31 -9.49 -38.62 10.12
C UNK N 31 -9.32 -37.98 8.75
N UNK N 32 -9.86 -38.58 7.69
CA UNK N 32 -9.78 -38.03 6.35
C UNK N 32 -11.15 -38.14 5.70
N UNK N 33 -11.49 -37.14 4.90
CA UNK N 33 -12.83 -37.00 4.34
C UNK N 33 -12.93 -37.82 3.06
N UNK N 34 -13.80 -38.82 3.07
CA UNK N 34 -14.08 -39.62 1.88
C UNK N 34 -15.12 -38.94 1.01
N UNK N 35 -14.96 -39.10 -0.31
CA UNK N 35 -15.88 -38.54 -1.29
C UNK N 35 -16.22 -39.64 -2.29
N UNK N 36 -17.34 -39.49 -2.97
CA UNK N 36 -17.84 -40.53 -3.86
C UNK N 36 -18.38 -39.91 -5.14
N UNK N 37 -18.03 -40.51 -6.27
CA UNK N 37 -18.42 -40.00 -7.58
C UNK N 37 -18.79 -41.16 -8.48
N UNK N 38 -19.78 -40.93 -9.36
CA UNK N 38 -20.30 -41.96 -10.25
C UNK N 38 -20.07 -41.55 -11.70
N UNK N 39 -19.50 -42.47 -12.47
CA UNK N 39 -19.25 -42.29 -13.89
C UNK N 39 -20.01 -43.33 -14.68
N UNK N 40 -20.80 -42.88 -15.65
CA UNK N 40 -21.43 -43.80 -16.58
C UNK N 40 -20.38 -44.31 -17.57
N UNK N 41 -20.79 -45.28 -18.38
CA UNK N 41 -19.87 -45.85 -19.37
C UNK N 41 -19.50 -44.79 -20.39
N UNK N 42 -18.19 -44.56 -20.53
CA UNK N 42 -17.65 -43.58 -21.49
C UNK N 42 -18.19 -42.18 -21.21
N UNK N 43 -17.95 -41.69 -19.99
CA UNK N 43 -18.37 -40.37 -19.60
C UNK N 43 -17.53 -39.89 -18.43
N UNK N 44 -17.53 -38.58 -18.21
CA UNK N 44 -16.80 -38.01 -17.10
C UNK N 44 -17.52 -38.30 -15.78
N UNK N 45 -16.74 -38.56 -14.74
CA UNK N 45 -17.32 -38.87 -13.43
C UNK N 45 -18.02 -37.65 -12.86
N UNK N 46 -19.12 -37.91 -12.14
CA UNK N 46 -19.92 -36.89 -11.49
C UNK N 46 -19.99 -37.16 -10.00
N UNK N 47 -19.78 -36.12 -9.19
CA UNK N 47 -19.76 -36.30 -7.74
C UNK N 47 -21.14 -36.65 -7.23
N UNK N 48 -21.18 -37.56 -6.25
CA UNK N 48 -22.41 -37.96 -5.57
C UNK N 48 -22.35 -37.74 -4.07
N UNK N 49 -21.17 -37.60 -3.49
CA UNK N 49 -21.00 -37.27 -2.08
C UNK N 49 -19.74 -36.46 -1.92
N UNK N 50 -19.90 -35.17 -1.58
CA UNK N 50 -18.77 -34.24 -1.53
C UNK N 50 -17.88 -34.48 -0.32
N UNK N 51 -18.47 -34.70 0.85
CA UNK N 51 -17.74 -34.98 2.08
C UNK N 51 -18.13 -36.38 2.50
N UNK N 52 -17.73 -36.76 3.72
CA UNK N 52 -18.03 -38.11 4.21
C UNK N 52 -19.52 -38.42 4.15
N UNK N 53 -20.37 -37.40 4.36
CA UNK N 53 -21.81 -37.57 4.33
C UNK N 53 -22.56 -36.52 3.53
N UNK N 54 -21.97 -35.34 3.29
CA UNK N 54 -22.70 -34.26 2.64
C UNK N 54 -22.90 -34.57 1.17
N UNK N 55 -24.16 -34.53 0.73
CA UNK N 55 -24.48 -34.79 -0.66
C UNK N 55 -24.17 -33.58 -1.53
N UNK N 56 -23.67 -33.85 -2.73
CA UNK N 56 -23.30 -32.78 -3.65
C UNK N 56 -24.52 -31.96 -4.03
N UNK N 57 -24.28 -30.74 -4.50
CA UNK N 57 -25.36 -29.86 -4.89
C UNK N 57 -26.10 -30.42 -6.09
N UNK N 58 -27.43 -30.40 -6.02
CA UNK N 58 -28.31 -30.85 -7.09
C UNK N 58 -28.19 -32.35 -7.38
N UNK N 59 -27.59 -33.11 -6.47
CA UNK N 59 -27.57 -34.57 -6.62
C UNK N 59 -28.93 -35.14 -6.25
N UNK N 60 -29.22 -36.32 -6.78
CA UNK N 60 -30.50 -36.97 -6.50
C UNK N 60 -30.62 -37.30 -5.02
N UNK N 61 -31.84 -37.18 -4.50
CA UNK N 61 -32.07 -37.40 -3.08
C UNK N 61 -31.80 -38.83 -2.66
N UNK N 62 -31.89 -39.78 -3.59
CA UNK N 62 -31.68 -41.19 -3.24
C UNK N 62 -30.27 -41.47 -2.75
N UNK N 63 -29.27 -40.75 -3.24
CA UNK N 63 -27.89 -41.00 -2.86
C UNK N 63 -27.62 -40.49 -1.45
N UNK N 64 -26.86 -41.28 -0.69
CA UNK N 64 -26.46 -40.91 0.66
C UNK N 64 -25.15 -41.61 0.95
N UNK N 65 -24.51 -41.23 2.06
CA UNK N 65 -23.20 -41.76 2.39
C UNK N 65 -23.04 -41.85 3.90
N UNK N 66 -22.12 -42.71 4.33
CA UNK N 66 -21.83 -42.90 5.75
C UNK N 66 -20.39 -43.38 5.89
N UNK N 67 -19.85 -43.18 7.09
CA UNK N 67 -18.51 -43.64 7.43
C UNK N 67 -18.53 -44.26 8.81
N UNK N 68 -17.76 -45.33 8.98
CA UNK N 68 -17.70 -46.06 10.23
C UNK N 68 -16.25 -46.46 10.50
N UNK N 69 -15.77 -46.08 11.69
CA UNK N 69 -14.42 -46.46 12.09
C UNK N 69 -14.31 -47.96 12.35
N UNK N 70 -15.43 -48.62 12.60
CA UNK N 70 -15.43 -50.08 12.69
C UNK N 70 -14.99 -50.67 11.36
N UNK N 71 -13.81 -51.29 11.37
CA UNK N 71 -13.17 -51.85 10.18
C UNK N 71 -12.65 -50.77 9.22
N UNK N 72 -12.68 -49.50 9.63
CA UNK N 72 -12.17 -48.39 8.84
C UNK N 72 -12.78 -48.38 7.44
N UNK N 73 -14.10 -48.22 7.39
CA UNK N 73 -14.87 -48.37 6.16
C UNK N 73 -15.78 -47.17 5.96
N UNK N 74 -16.19 -46.99 4.70
CA UNK N 74 -17.19 -46.01 4.32
C UNK N 74 -18.13 -46.69 3.33
N UNK N 75 -19.25 -46.05 3.04
CA UNK N 75 -20.23 -46.67 2.18
C UNK N 75 -21.19 -45.64 1.61
N UNK N 76 -21.42 -45.74 0.31
CA UNK N 76 -22.49 -45.01 -0.37
C UNK N 76 -23.71 -45.90 -0.43
N UNK N 77 -24.89 -45.27 -0.47
CA UNK N 77 -26.14 -46.00 -0.45
C UNK N 77 -27.17 -45.30 -1.32
N UNK N 78 -27.87 -46.08 -2.13
CA UNK N 78 -29.00 -45.62 -2.92
C UNK N 78 -30.27 -46.13 -2.26
N UNK N 79 -31.17 -45.19 -1.92
CA UNK N 79 -32.39 -45.57 -1.23
C UNK N 79 -33.28 -46.44 -2.10
N UNK N 80 -33.35 -46.11 -3.39
CA UNK N 80 -34.16 -46.89 -4.33
C UNK N 80 -33.51 -46.77 -5.70
N UNK N 81 -32.91 -47.87 -6.17
CA UNK N 81 -32.24 -47.86 -7.46
C UNK N 81 -33.24 -47.54 -8.56
N UNK N 82 -32.90 -46.56 -9.41
CA UNK N 82 -33.79 -46.06 -10.44
C UNK N 82 -33.55 -46.70 -11.80
N UNK N 83 -32.68 -47.71 -11.89
CA UNK N 83 -32.39 -48.33 -13.18
C UNK N 83 -31.37 -47.54 -13.97
N UNK N 84 -31.66 -46.26 -14.19
CA UNK N 84 -30.68 -45.35 -14.76
C UNK N 84 -29.58 -44.97 -13.78
N UNK N 85 -29.71 -45.35 -12.51
CA UNK N 85 -28.65 -45.13 -11.54
C UNK N 85 -27.52 -46.16 -11.66
N UNK N 86 -27.67 -47.16 -12.52
CA UNK N 86 -26.60 -48.13 -12.72
C UNK N 86 -25.42 -47.47 -13.43
N UNK N 87 -24.24 -47.54 -12.80
CA UNK N 87 -23.04 -46.92 -13.34
C UNK N 87 -21.86 -47.38 -12.51
N UNK N 88 -20.68 -46.88 -12.86
CA UNK N 88 -19.43 -47.18 -12.15
C UNK N 88 -19.23 -46.13 -11.04
N UNK N 89 -19.52 -46.55 -9.81
CA UNK N 89 -19.40 -45.68 -8.65
C UNK N 89 -18.10 -45.95 -7.93
N UNK N 90 -17.32 -44.89 -7.68
CA UNK N 90 -15.97 -45.01 -7.14
C UNK N 90 -15.76 -43.99 -6.03
N UNK N 91 -15.03 -44.41 -5.01
CA UNK N 91 -14.71 -43.57 -3.87
C UNK N 91 -13.33 -42.95 -4.04
N UNK N 92 -13.06 -41.91 -3.26
CA UNK N 92 -11.79 -41.22 -3.27
C UNK N 92 -11.52 -40.66 -1.87
N UNK N 93 -10.26 -40.75 -1.46
CA UNK N 93 -9.89 -40.27 -0.13
C UNK N 93 -8.43 -39.82 -0.15
N UNK N 94 -8.10 -38.93 0.78
CA UNK N 94 -6.80 -38.28 0.84
C UNK N 94 -5.94 -38.88 1.95
N UNK N 95 -4.64 -38.81 1.74
CA UNK N 95 -3.68 -39.17 2.78
C UNK N 95 -3.36 -37.96 3.64
N UNK N 96 -2.55 -38.18 4.67
CA UNK N 96 -2.12 -37.07 5.51
C UNK N 96 -1.27 -36.08 4.73
N UNK N 97 -0.51 -36.54 3.75
CA UNK N 97 0.39 -35.70 2.97
C UNK N 97 -0.29 -35.07 1.76
N UNK N 98 -1.62 -35.01 1.74
CA UNK N 98 -2.43 -34.39 0.68
C UNK N 98 -2.46 -35.20 -0.61
N UNK N 99 -1.82 -36.36 -0.66
CA UNK N 99 -2.01 -37.25 -1.79
C UNK N 99 -3.39 -37.91 -1.71
N UNK N 100 -3.91 -38.30 -2.87
CA UNK N 100 -5.27 -38.82 -2.96
C UNK N 100 -5.25 -40.13 -3.74
N UNK N 101 -6.18 -41.02 -3.37
CA UNK N 101 -6.30 -42.31 -4.01
C UNK N 101 -7.78 -42.63 -4.20
N UNK N 102 -8.06 -43.36 -5.28
CA UNK N 102 -9.41 -43.71 -5.67
C UNK N 102 -9.53 -45.22 -5.80
N UNK N 103 -10.68 -45.75 -5.41
CA UNK N 103 -10.92 -47.18 -5.42
C UNK N 103 -11.52 -47.63 -6.75
N UNK N 104 -11.46 -48.94 -6.99
CA UNK N 104 -12.12 -49.51 -8.16
C UNK N 104 -13.63 -49.41 -8.01
N UNK N 105 -14.32 -49.43 -9.14
CA UNK N 105 -15.76 -49.17 -9.16
C UNK N 105 -16.55 -50.46 -8.94
N UNK N 106 -17.74 -50.29 -8.37
CA UNK N 106 -18.65 -51.41 -8.19
C UNK N 106 -19.36 -51.78 -9.50
N UNK N 107 -19.64 -50.80 -10.34
CA UNK N 107 -20.25 -51.03 -11.65
C UNK N 107 -21.63 -51.69 -11.52
N UNK N 108 -22.34 -51.33 -10.45
CA UNK N 108 -23.71 -51.80 -10.25
C UNK N 108 -24.33 -51.11 -9.05
N GLY O 12 -18.24 54.09 15.64
CA GLY O 12 -19.50 54.78 15.47
C GLY O 12 -20.69 54.02 16.02
N PHE O 13 -20.53 52.71 16.19
CA PHE O 13 -21.61 51.88 16.72
C PHE O 13 -22.04 52.35 18.10
N LEU O 14 -21.07 52.57 19.00
CA LEU O 14 -21.33 52.96 20.38
C LEU O 14 -21.01 54.43 20.63
N GLY O 15 -21.21 55.28 19.63
CA GLY O 15 -21.02 56.70 19.84
C GLY O 15 -21.96 57.24 20.90
N ALA O 16 -21.45 58.17 21.70
CA ALA O 16 -22.16 58.72 22.85
C ALA O 16 -22.46 57.68 23.91
N ALA O 17 -21.71 56.57 23.92
CA ALA O 17 -21.81 55.63 25.03
C ALA O 17 -21.31 56.31 26.29
N GLY O 18 -21.80 55.84 27.43
CA GLY O 18 -21.69 56.67 28.62
C GLY O 18 -22.51 57.93 28.41
N SER O 19 -21.87 59.09 28.60
CA SER O 19 -22.59 60.37 28.36
C SER O 19 -23.95 60.34 29.06
N THR O 20 -25.04 60.54 28.31
CA THR O 20 -26.40 60.55 28.91
C THR O 20 -27.41 59.95 27.92
N MET O 21 -28.58 59.55 28.41
CA MET O 21 -29.61 58.93 27.54
C MET O 21 -30.18 59.98 26.58
N GLY O 22 -30.48 61.17 27.09
CA GLY O 22 -31.09 62.22 26.24
C GLY O 22 -30.20 62.53 25.04
N ALA O 23 -28.93 62.82 25.28
CA ALA O 23 -27.99 63.14 24.17
C ALA O 23 -27.92 61.95 23.22
N ALA O 24 -27.70 60.74 23.76
CA ALA O 24 -27.57 59.53 22.93
C ALA O 24 -28.87 59.25 22.18
N SER O 25 -30.01 59.37 22.86
CA SER O 25 -31.34 59.09 22.24
C SER O 25 -31.48 59.93 20.97
N ILE O 26 -31.32 61.25 21.09
CA ILE O 26 -31.37 62.13 19.88
C ILE O 26 -30.23 61.73 18.93
N THR O 27 -29.01 61.66 19.44
CA THR O 27 -27.85 61.33 18.56
C THR O 27 -28.04 59.93 17.98
N LEU O 28 -28.28 58.92 18.82
CA LEU O 28 -28.37 57.52 18.32
C LEU O 28 -29.44 57.46 17.21
N THR O 29 -30.50 58.28 17.31
CA THR O 29 -31.47 58.29 16.19
C THR O 29 -30.76 58.79 14.93
N VAL O 30 -30.08 59.94 15.02
CA VAL O 30 -29.30 60.45 13.85
C VAL O 30 -28.11 59.52 13.62
N GLN O 31 -27.48 59.03 14.68
CA GLN O 31 -26.36 58.06 14.54
C GLN O 31 -26.91 56.83 13.82
N ALA O 32 -28.02 56.27 14.30
CA ALA O 32 -28.66 55.14 13.59
C ALA O 32 -29.11 55.66 12.22
N ARG O 33 -29.65 56.88 12.15
CA ARG O 33 -30.02 57.45 10.82
C ARG O 33 -28.81 57.37 9.89
N GLN O 34 -27.61 57.23 10.45
CA GLN O 34 -26.37 57.19 9.63
C GLN O 34 -25.79 55.77 9.65
N LEU O 35 -25.71 55.16 10.84
CA LEU O 35 -25.12 53.80 10.98
C LEU O 35 -25.95 52.82 10.15
N LEU O 36 -27.28 52.93 10.20
CA LEU O 36 -28.16 51.98 9.48
C LEU O 36 -27.74 50.56 9.87
N SER O 37 -27.34 50.37 11.13
CA SER O 37 -26.86 49.03 11.59
C SER O 37 -28.03 48.05 11.68
N GLY O 38 -27.74 46.75 11.74
CA GLY O 38 -28.79 45.72 11.77
C GLY O 38 -28.93 45.04 10.43
N ILE O 39 -28.49 45.69 9.35
CA ILE O 39 -28.53 45.09 7.99
C ILE O 39 -27.98 46.11 6.98
N GLN O 54 -14.01 34.28 -2.23
CA GLN O 54 -12.84 33.82 -1.50
C GLN O 54 -12.81 32.30 -1.44
N HIS O 55 -11.66 31.76 -1.05
CA HIS O 55 -11.56 30.32 -0.80
C HIS O 55 -12.30 29.97 0.48
N LEU O 56 -12.33 30.92 1.43
CA LEU O 56 -13.02 30.70 2.69
C LEU O 56 -14.51 30.41 2.49
N LEU O 57 -15.05 30.85 1.35
CA LEU O 57 -16.44 30.58 1.01
C LEU O 57 -16.70 29.08 0.97
N GLN O 58 -15.74 28.30 0.43
CA GLN O 58 -15.91 26.84 0.34
C GLN O 58 -14.61 26.10 0.61
N ASP O 59 -13.86 26.53 1.64
CA ASP O 59 -12.70 25.79 2.13
C ASP O 59 -12.85 25.55 3.63
N GLY O 60 -12.80 24.29 4.04
CA GLY O 60 -12.92 23.95 5.44
C GLY O 60 -14.31 24.23 5.97
N HIS O 61 -14.38 24.40 7.29
CA HIS O 61 -15.63 24.75 7.94
C HIS O 61 -15.93 26.24 7.86
N TRP O 62 -14.99 27.06 7.39
CA TRP O 62 -15.18 28.51 7.42
C TRP O 62 -16.37 28.94 6.57
N GLY O 63 -16.56 28.29 5.42
CA GLY O 63 -17.72 28.59 4.60
C GLY O 63 -19.02 28.40 5.36
N ILE O 64 -19.07 27.38 6.22
CA ILE O 64 -20.23 27.20 7.09
C ILE O 64 -20.25 28.29 8.15
N LYS O 65 -19.10 28.57 8.76
CA LYS O 65 -19.05 29.44 9.93
C LYS O 65 -19.58 30.82 9.62
N GLN O 66 -19.13 31.41 8.51
CA GLN O 66 -19.61 32.72 8.09
C GLN O 66 -21.12 32.73 8.00
N LEU O 67 -21.70 31.69 7.41
CA LEU O 67 -23.16 31.64 7.30
C LEU O 67 -23.81 31.64 8.66
N GLN O 68 -23.27 30.87 9.61
CA GLN O 68 -23.82 30.88 10.95
C GLN O 68 -23.65 32.25 11.59
N THR O 69 -22.56 32.96 11.25
CA THR O 69 -22.40 34.32 11.73
C THR O 69 -23.40 35.25 11.05
N ARG O 70 -23.72 34.98 9.79
CA ARG O 70 -24.60 35.89 9.05
C ARG O 70 -26.07 35.59 9.35
N VAL O 71 -26.50 34.34 9.18
CA VAL O 71 -27.89 33.97 9.36
C VAL O 71 -28.36 34.36 10.75
N LEU O 72 -27.59 34.00 11.78
CA LEU O 72 -27.93 34.36 13.16
C LEU O 72 -28.17 35.86 13.29
N ALA O 73 -27.28 36.67 12.70
CA ALA O 73 -27.44 38.12 12.78
C ALA O 73 -28.79 38.53 12.22
N ILE O 74 -29.14 37.99 11.04
CA ILE O 74 -30.43 38.31 10.43
C ILE O 74 -31.55 37.97 11.39
N GLU O 75 -31.49 36.78 11.99
CA GLU O 75 -32.52 36.37 12.93
C GLU O 75 -32.66 37.38 14.05
N HIS O 76 -31.53 37.79 14.64
CA HIS O 76 -31.57 38.75 15.73
C HIS O 76 -32.24 40.03 15.28
N TYR O 77 -31.86 40.53 14.10
CA TYR O 77 -32.46 41.74 13.58
C TYR O 77 -33.96 41.57 13.46
N LEU O 78 -34.39 40.46 12.86
CA LEU O 78 -35.81 40.24 12.66
C LEU O 78 -36.54 40.16 13.99
N LYS O 79 -35.90 39.56 15.00
CA LYS O 79 -36.55 39.46 16.31
C LYS O 79 -36.88 40.84 16.84
N ASP O 80 -35.91 41.76 16.76
CA ASP O 80 -36.17 43.11 17.23
C ASP O 80 -37.29 43.74 16.43
N GLN O 81 -37.29 43.55 15.11
CA GLN O 81 -38.33 44.12 14.28
C GLN O 81 -39.69 43.55 14.68
N GLN O 82 -39.72 42.26 14.99
CA GLN O 82 -40.99 41.65 15.39
C GLN O 82 -41.53 42.32 16.63
N LEU O 83 -40.65 42.63 17.60
CA LEU O 83 -41.10 43.33 18.78
C LEU O 83 -41.67 44.69 18.41
N LEU O 84 -40.94 45.42 17.56
CA LEU O 84 -41.45 46.73 17.08
C LEU O 84 -42.81 46.50 16.40
N GLY O 85 -42.96 45.40 15.66
CA GLY O 85 -44.23 45.12 15.02
C GLY O 85 -45.34 44.88 16.02
N ILE O 86 -45.01 44.21 17.13
CA ILE O 86 -46.05 43.77 18.06
C ILE O 86 -46.45 44.90 18.99
N TRP O 87 -45.55 45.87 19.17
CA TRP O 87 -45.84 47.03 20.07
C TRP O 87 -46.30 48.23 19.25
N GLY O 88 -46.46 48.05 17.93
CA GLY O 88 -46.87 49.15 17.05
C GLY O 88 -45.76 50.17 16.86
N CYS O 89 -44.51 49.77 17.17
CA CYS O 89 -43.35 50.68 17.00
C CYS O 89 -42.70 50.43 15.63
N SER O 90 -43.38 49.68 14.76
CA SER O 90 -42.80 49.33 13.43
C SER O 90 -42.42 50.60 12.67
N GLY O 91 -41.26 50.61 12.01
CA GLY O 91 -40.83 51.77 11.21
C GLY O 91 -40.73 53.04 12.04
N LYS O 92 -40.29 52.94 13.29
CA LYS O 92 -40.11 54.14 14.15
C LYS O 92 -38.96 53.90 15.13
N LEU O 93 -37.88 54.68 15.02
CA LEU O 93 -36.80 54.55 15.98
C LEU O 93 -37.16 55.10 17.35
N ILE O 94 -38.13 55.99 17.42
CA ILE O 94 -38.68 56.50 18.67
C ILE O 94 -40.18 56.28 18.61
N CYS O 95 -40.77 55.71 19.67
CA CYS O 95 -42.23 55.41 19.62
C CYS O 95 -42.87 55.51 21.02
N CYS O 96 -43.52 56.65 21.32
CA CYS O 96 -44.25 56.78 22.56
C CYS O 96 -45.38 55.77 22.60
N THR O 97 -45.50 55.12 23.76
CA THR O 97 -46.53 54.06 23.88
C THR O 97 -47.66 54.54 24.77
N ALA O 98 -48.61 53.66 25.07
CA ALA O 98 -49.75 53.96 25.91
C ALA O 98 -49.62 53.40 27.32
N VAL O 99 -48.48 52.83 27.68
CA VAL O 99 -48.28 52.22 28.99
C VAL O 99 -47.82 53.32 29.96
N PRO O 100 -48.57 53.64 31.01
CA PRO O 100 -48.04 54.57 32.00
C PRO O 100 -46.85 53.98 32.74
N TRP O 101 -45.94 54.85 33.15
CA TRP O 101 -44.76 54.42 33.89
C TRP O 101 -45.12 54.18 35.35
N ASN O 102 -44.64 53.08 35.89
CA ASN O 102 -44.88 52.68 37.27
C ASN O 102 -43.60 52.94 38.07
N SER O 103 -43.72 53.69 39.17
CA SER O 103 -42.55 54.04 39.96
C SER O 103 -41.90 52.82 40.60
N SER O 104 -42.61 51.70 40.69
CA SER O 104 -42.01 50.47 41.21
C SER O 104 -40.84 50.00 40.37
N TRP O 105 -40.81 50.33 39.07
CA TRP O 105 -39.68 49.95 38.23
C TRP O 105 -38.46 50.79 38.56
N SER O 106 -38.64 52.10 38.72
CA SER O 106 -37.54 53.00 39.06
C SER O 106 -38.12 54.19 39.80
N ASN O 107 -37.56 54.49 40.97
CA ASN O 107 -38.06 55.59 41.79
C ASN O 107 -37.83 56.94 41.12
N LYS O 108 -36.63 57.18 40.60
CA LYS O 108 -36.35 58.43 39.91
C LYS O 108 -37.14 58.51 38.62
N SER O 109 -37.41 59.73 38.15
CA SER O 109 -38.15 59.93 36.92
C SER O 109 -37.87 61.32 36.39
N HIS O 110 -37.36 61.39 35.15
CA HIS O 110 -37.08 62.64 34.46
C HIS O 110 -36.08 63.53 35.20
N ASP O 111 -35.28 62.95 36.10
CA ASP O 111 -34.27 63.66 36.87
C ASP O 111 -32.87 63.21 36.50
N GLU O 112 -32.59 61.91 36.63
CA GLU O 112 -31.36 61.30 36.15
C GLU O 112 -31.54 60.50 34.87
N ILE O 113 -32.76 60.02 34.60
CA ILE O 113 -33.02 59.16 33.46
C ILE O 113 -32.79 59.95 32.16
N TRP O 114 -32.89 61.28 32.23
CA TRP O 114 -32.44 62.13 31.14
C TRP O 114 -31.52 63.24 31.63
N GLY O 115 -30.92 63.09 32.80
CA GLY O 115 -30.04 64.06 33.42
C GLY O 115 -28.61 63.56 33.44
N ASN O 116 -28.20 62.96 34.56
CA ASN O 116 -26.83 62.49 34.75
C ASN O 116 -26.62 61.02 34.38
N MET O 117 -27.68 60.22 34.26
CA MET O 117 -27.55 58.80 34.02
C MET O 117 -27.36 58.51 32.53
N THR O 118 -26.66 57.42 32.24
CA THR O 118 -26.38 57.00 30.87
C THR O 118 -27.20 55.76 30.54
N TRP O 119 -27.12 55.34 29.28
CA TRP O 119 -27.95 54.24 28.80
C TRP O 119 -27.53 52.90 29.42
N MET O 120 -26.24 52.69 29.66
CA MET O 120 -25.79 51.42 30.25
C MET O 120 -26.34 51.25 31.66
N GLN O 121 -26.20 52.29 32.48
CA GLN O 121 -26.69 52.23 33.85
C GLN O 121 -28.20 52.02 33.88
N TRP O 122 -28.92 52.75 33.03
CA TRP O 122 -30.37 52.59 32.96
C TRP O 122 -30.73 51.18 32.51
N ASP O 123 -30.00 50.63 31.55
CA ASP O 123 -30.27 49.28 31.07
C ASP O 123 -30.14 48.27 32.21
N ARG O 124 -29.03 48.32 32.93
CA ARG O 124 -28.88 47.37 34.04
C ARG O 124 -29.80 47.71 35.20
N GLU O 125 -30.36 48.93 35.23
CA GLU O 125 -31.32 49.29 36.27
C GLU O 125 -32.67 48.64 36.02
N ILE O 126 -33.22 48.77 34.81
CA ILE O 126 -34.52 48.20 34.47
C ILE O 126 -34.42 46.88 33.72
N SER O 127 -33.27 46.21 33.76
CA SER O 127 -33.20 44.86 33.24
C SER O 127 -34.08 43.89 34.03
N ASN O 128 -34.40 44.24 35.27
CA ASN O 128 -35.20 43.37 36.13
C ASN O 128 -36.64 43.25 35.65
N TYR O 129 -37.14 44.31 34.97
CA TYR O 129 -38.55 44.38 34.60
C TYR O 129 -38.79 44.34 33.10
N THR O 130 -37.81 43.91 32.30
CA THR O 130 -37.94 44.00 30.85
C THR O 130 -39.10 43.16 30.33
N ASN O 131 -39.25 41.94 30.84
CA ASN O 131 -40.36 41.10 30.41
C ASN O 131 -41.70 41.70 30.79
N THR O 132 -41.80 42.30 31.98
CA THR O 132 -43.03 42.97 32.38
C THR O 132 -43.37 44.11 31.44
N ILE O 133 -42.37 44.93 31.08
CA ILE O 133 -42.62 46.03 30.16
C ILE O 133 -43.08 45.50 28.82
N TYR O 134 -42.45 44.42 28.34
CA TYR O 134 -42.82 43.87 27.05
C TYR O 134 -44.26 43.35 27.08
N ARG O 135 -44.64 42.67 28.16
CA ARG O 135 -46.01 42.18 28.27
C ARG O 135 -47.01 43.33 28.31
N LEU O 136 -46.69 44.40 29.05
CA LEU O 136 -47.59 45.55 29.10
C LEU O 136 -47.75 46.20 27.73
N LEU O 137 -46.64 46.34 26.99
CA LEU O 137 -46.74 46.92 25.65
C LEU O 137 -47.55 46.03 24.72
N GLU O 138 -47.36 44.73 24.81
CA GLU O 138 -48.15 43.79 24.01
C GLU O 138 -49.63 43.92 24.33
N ASP O 139 -49.98 44.01 25.61
CA ASP O 139 -51.37 44.16 25.99
C ASP O 139 -51.94 45.48 25.49
N SER O 140 -51.16 46.56 25.57
CA SER O 140 -51.63 47.85 25.06
C SER O 140 -51.92 47.78 23.58
N GLN O 141 -51.02 47.16 22.80
CA GLN O 141 -51.28 47.06 21.37
C GLN O 141 -52.44 46.12 21.06
N ASN O 142 -52.62 45.07 21.86
CA ASN O 142 -53.79 44.21 21.69
C ASN O 142 -55.07 45.01 21.87
N GLN O 143 -55.15 45.79 22.95
CA GLN O 143 -56.32 46.62 23.18
C GLN O 143 -56.49 47.65 22.07
N GLN O 144 -55.39 48.21 21.57
CA GLN O 144 -55.45 49.18 20.49
C GLN O 144 -56.04 48.57 19.23
N GLU O 145 -55.57 47.38 18.85
CA GLU O 145 -56.09 46.71 17.65
C GLU O 145 -57.56 46.32 17.83
N GLN O 146 -57.91 45.83 19.01
CA GLN O 146 -59.30 45.49 19.30
C GLN O 146 -60.20 46.71 19.18
N ASN O 147 -59.75 47.85 19.72
CA ASN O 147 -60.51 49.08 19.59
C ASN O 147 -60.60 49.52 18.13
N GLU O 148 -59.50 49.37 17.38
CA GLU O 148 -59.49 49.77 15.98
C GLU O 148 -60.53 49.01 15.18
N LYS O 149 -60.63 47.69 15.40
CA LYS O 149 -61.62 46.92 14.65
C LYS O 149 -63.03 47.15 15.19
N ASP O 150 -63.18 47.31 16.51
CA ASP O 150 -64.49 47.48 17.11
C ASP O 150 -65.04 48.89 16.89
N LEU O 151 -64.18 49.90 16.86
CA LEU O 151 -64.58 51.29 16.64
C LEU O 151 -64.58 51.68 15.18
N LEU O 152 -64.74 50.71 14.27
CA LEU O 152 -64.67 50.95 12.84
C LEU O 152 -65.77 50.18 12.12
N GLY P 12 -48.38 25.32 22.38
CA GLY P 12 -48.78 26.72 22.45
C GLY P 12 -49.02 27.35 21.08
N PHE P 13 -48.41 26.77 20.04
CA PHE P 13 -48.60 27.28 18.69
C PHE P 13 -50.06 27.24 18.27
N LEU P 14 -50.74 26.11 18.53
CA LEU P 14 -52.07 25.84 18.00
C LEU P 14 -53.14 25.86 19.09
N GLY P 15 -52.95 26.72 20.09
CA GLY P 15 -53.99 26.89 21.09
C GLY P 15 -55.28 27.38 20.46
N ALA P 16 -56.40 26.78 20.89
CA ALA P 16 -57.72 27.03 20.34
C ALA P 16 -57.82 26.65 18.86
N ALA P 17 -57.12 25.61 18.44
CA ALA P 17 -57.32 25.09 17.09
C ALA P 17 -58.59 24.26 17.04
N GLY P 18 -59.29 24.32 15.92
CA GLY P 18 -60.57 23.65 15.80
C GLY P 18 -61.60 24.15 16.79
N SER P 19 -61.55 25.45 17.13
CA SER P 19 -62.20 25.98 18.32
C SER P 19 -62.91 27.31 18.05
N THR P 20 -63.81 27.36 17.06
CA THR P 20 -64.75 28.47 16.97
C THR P 20 -64.07 29.82 16.70
N MET P 21 -63.77 30.10 15.42
CA MET P 21 -62.98 31.25 14.98
C MET P 21 -63.21 32.51 15.81
N GLY P 22 -64.44 32.76 16.24
CA GLY P 22 -64.67 33.82 17.21
C GLY P 22 -63.80 33.66 18.45
N ALA P 23 -63.89 32.50 19.09
CA ALA P 23 -63.06 32.25 20.28
C ALA P 23 -61.58 32.20 19.93
N ALA P 24 -61.24 31.54 18.82
CA ALA P 24 -59.84 31.48 18.41
C ALA P 24 -59.25 32.84 18.17
N SER P 25 -60.01 33.74 17.53
CA SER P 25 -59.60 35.12 17.32
C SER P 25 -59.56 35.93 18.61
N ILE P 26 -60.40 35.60 19.59
CA ILE P 26 -60.21 36.17 20.91
C ILE P 26 -58.86 35.72 21.46
N THR P 27 -58.41 34.53 21.10
CA THR P 27 -57.13 34.00 21.58
C THR P 27 -55.96 34.26 20.61
N LEU P 28 -56.21 34.23 19.30
CA LEU P 28 -55.08 34.24 18.36
C LEU P 28 -54.33 35.56 18.40
N THR P 29 -55.06 36.65 18.65
CA THR P 29 -54.40 37.98 18.79
C THR P 29 -53.70 38.02 20.15
N VAL P 30 -54.38 37.53 21.20
CA VAL P 30 -53.76 37.50 22.56
C VAL P 30 -52.56 36.56 22.55
N GLN P 31 -52.74 35.35 22.01
CA GLN P 31 -51.64 34.34 21.95
C GLN P 31 -50.58 34.81 20.96
N ALA P 32 -50.99 35.34 19.81
CA ALA P 32 -49.99 35.71 18.78
C ALA P 32 -48.90 36.61 19.39
N ARG P 33 -49.30 37.62 20.16
CA ARG P 33 -48.32 38.51 20.83
C ARG P 33 -47.60 37.70 21.93
N GLN P 34 -48.33 36.83 22.62
CA GLN P 34 -47.74 36.03 23.72
C GLN P 34 -46.76 35.00 23.13
N LEU P 35 -47.15 34.32 22.05
CA LEU P 35 -46.31 33.26 21.45
C LEU P 35 -44.99 33.86 20.94
N LEU P 36 -45.05 34.99 20.25
CA LEU P 36 -43.82 35.60 19.67
C LEU P 36 -43.10 34.54 18.84
N SER P 37 -43.86 33.68 18.14
CA SER P 37 -43.24 32.57 17.37
C SER P 37 -42.40 33.14 16.22
N GLY P 38 -41.43 32.35 15.74
CA GLY P 38 -40.57 32.79 14.61
C GLY P 38 -39.78 34.03 14.97
N ILE P 39 -39.65 34.96 14.01
CA ILE P 39 -38.87 36.21 14.23
C ILE P 39 -39.59 37.38 13.57
N GLN P 53 -23.54 23.56 19.55
CA GLN P 53 -23.74 22.27 18.90
C GLN P 53 -22.66 22.04 17.86
N GLN P 54 -21.40 21.98 18.31
CA GLN P 54 -20.27 21.90 17.40
C GLN P 54 -20.30 20.67 16.52
N HIS P 55 -20.68 19.51 17.08
CA HIS P 55 -20.79 18.31 16.27
C HIS P 55 -21.84 18.46 15.18
N LEU P 56 -23.02 18.98 15.55
CA LEU P 56 -24.12 19.17 14.62
C LEU P 56 -23.96 20.40 13.74
N LEU P 57 -22.84 21.13 13.87
CA LEU P 57 -22.60 22.34 13.11
C LEU P 57 -21.26 22.35 12.37
N GLN P 58 -20.41 21.34 12.54
CA GLN P 58 -19.14 21.23 11.85
C GLN P 58 -18.88 19.86 11.24
N ASP P 59 -19.44 18.79 11.82
CA ASP P 59 -19.16 17.43 11.38
C ASP P 59 -20.28 16.94 10.46
N GLY P 60 -19.88 16.37 9.32
CA GLY P 60 -20.85 15.85 8.39
C GLY P 60 -21.65 16.96 7.72
N HIS P 61 -22.85 16.58 7.28
CA HIS P 61 -23.78 17.49 6.63
C HIS P 61 -24.87 17.99 7.56
N TRP P 62 -24.72 17.83 8.87
CA TRP P 62 -25.75 18.29 9.80
C TRP P 62 -25.87 19.82 9.77
N GLY P 63 -24.73 20.51 9.83
CA GLY P 63 -24.73 21.96 9.86
C GLY P 63 -25.34 22.59 8.64
N ILE P 64 -25.06 22.05 7.47
CA ILE P 64 -25.64 22.56 6.23
C ILE P 64 -27.15 22.43 6.27
N LYS P 65 -27.66 21.32 6.79
CA LYS P 65 -29.09 21.13 6.87
C LYS P 65 -29.73 22.05 7.89
N GLN P 66 -29.07 22.30 9.02
CA GLN P 66 -29.60 23.28 9.97
C GLN P 66 -29.66 24.66 9.32
N LEU P 67 -28.62 25.02 8.57
CA LEU P 67 -28.62 26.30 7.89
C LEU P 67 -29.74 26.39 6.88
N GLN P 68 -29.97 25.30 6.13
CA GLN P 68 -31.05 25.30 5.15
C GLN P 68 -32.40 25.49 5.82
N THR P 69 -32.63 24.79 6.94
CA THR P 69 -33.88 24.93 7.67
C THR P 69 -34.07 26.35 8.17
N ARG P 70 -33.02 26.94 8.74
CA ARG P 70 -33.14 28.29 9.29
C ARG P 70 -33.37 29.32 8.18
N VAL P 71 -32.67 29.18 7.07
CA VAL P 71 -32.85 30.12 5.96
C VAL P 71 -34.24 29.98 5.38
N LEU P 72 -34.76 28.76 5.27
CA LEU P 72 -36.11 28.58 4.75
C LEU P 72 -37.14 29.20 5.69
N ALA P 73 -36.93 29.07 7.00
CA ALA P 73 -37.84 29.71 7.94
C ALA P 73 -37.81 31.23 7.79
N ILE P 74 -36.62 31.81 7.64
CA ILE P 74 -36.52 33.24 7.44
C ILE P 74 -37.23 33.65 6.16
N GLU P 75 -37.06 32.88 5.09
CA GLU P 75 -37.70 33.21 3.82
C GLU P 75 -39.22 33.17 3.94
N HIS P 76 -39.76 32.15 4.62
CA HIS P 76 -41.21 32.07 4.77
C HIS P 76 -41.74 33.23 5.61
N TYR P 77 -41.03 33.58 6.69
CA TYR P 77 -41.46 34.70 7.51
C TYR P 77 -41.46 36.00 6.70
N LEU P 78 -40.41 36.21 5.90
CA LEU P 78 -40.36 37.41 5.08
C LEU P 78 -41.43 37.41 4.00
N LYS P 79 -41.78 36.23 3.47
CA LYS P 79 -42.88 36.18 2.51
C LYS P 79 -44.19 36.62 3.14
N ASP P 80 -44.47 36.13 4.34
CA ASP P 80 -45.70 36.55 5.02
C ASP P 80 -45.68 38.05 5.31
N GLN P 81 -44.54 38.56 5.78
CA GLN P 81 -44.45 39.98 6.08
C GLN P 81 -44.61 40.83 4.83
N GLN P 82 -44.02 40.38 3.72
CA GLN P 82 -44.19 41.12 2.46
C GLN P 82 -45.63 41.12 2.01
N LEU P 83 -46.32 39.98 2.14
CA LEU P 83 -47.73 39.95 1.77
C LEU P 83 -48.54 40.90 2.64
N LEU P 84 -48.22 40.98 3.93
CA LEU P 84 -48.89 41.94 4.79
C LEU P 84 -48.61 43.37 4.35
N GLY P 85 -47.35 43.66 3.99
CA GLY P 85 -46.99 45.02 3.63
C GLY P 85 -47.62 45.46 2.33
N ILE P 86 -47.71 44.55 1.36
CA ILE P 86 -48.29 44.87 0.06
C ILE P 86 -49.76 45.26 0.22
N TRP P 87 -50.45 44.64 1.17
CA TRP P 87 -51.87 44.88 1.38
C TRP P 87 -52.14 46.08 2.28
N GLY P 88 -51.11 46.78 2.73
CA GLY P 88 -51.29 47.87 3.67
C GLY P 88 -51.47 47.45 5.10
N CYS P 89 -51.29 46.17 5.41
CA CYS P 89 -51.46 45.64 6.76
C CYS P 89 -50.14 45.53 7.52
N SER P 90 -49.15 46.35 7.16
CA SER P 90 -47.84 46.24 7.77
C SER P 90 -47.92 46.54 9.27
N GLY P 91 -47.27 45.69 10.07
CA GLY P 91 -47.19 45.89 11.49
C GLY P 91 -48.48 45.64 12.25
N LYS P 92 -49.42 44.91 11.68
CA LYS P 92 -50.71 44.64 12.30
C LYS P 92 -51.01 43.16 12.27
N LEU P 93 -51.45 42.63 13.42
CA LEU P 93 -51.95 41.26 13.52
C LEU P 93 -53.39 41.14 13.08
N ILE P 94 -54.16 42.22 13.16
CA ILE P 94 -55.52 42.29 12.63
C ILE P 94 -55.58 43.54 11.75
N CYS P 95 -56.11 43.39 10.54
CA CYS P 95 -56.23 44.54 9.65
C CYS P 95 -57.46 44.41 8.76
N CYS P 96 -58.37 45.36 8.89
CA CYS P 96 -59.51 45.49 8.00
C CYS P 96 -59.05 46.08 6.68
N THR P 97 -59.78 45.74 5.61
CA THR P 97 -59.44 46.15 4.25
C THR P 97 -60.67 46.65 3.52
N ALA P 98 -60.43 47.32 2.40
CA ALA P 98 -61.49 47.94 1.61
C ALA P 98 -62.15 46.97 0.63
N VAL P 99 -61.75 45.70 0.62
CA VAL P 99 -62.33 44.71 -0.27
C VAL P 99 -63.63 44.23 0.36
N PRO P 100 -64.80 44.45 -0.26
CA PRO P 100 -66.03 43.86 0.28
C PRO P 100 -66.10 42.38 0.00
N TRP P 101 -66.74 41.67 0.92
CA TRP P 101 -66.84 40.22 0.83
C TRP P 101 -67.83 39.83 -0.27
N ASN P 102 -67.39 38.96 -1.17
CA ASN P 102 -68.22 38.47 -2.27
C ASN P 102 -68.86 37.15 -1.83
N SER P 103 -70.18 37.05 -1.97
CA SER P 103 -70.88 35.84 -1.55
C SER P 103 -70.49 34.63 -2.38
N SER P 104 -69.90 34.83 -3.56
CA SER P 104 -69.43 33.70 -4.37
C SER P 104 -68.35 32.89 -3.66
N TRP P 105 -67.63 33.50 -2.72
CA TRP P 105 -66.63 32.77 -1.95
C TRP P 105 -67.28 31.94 -0.85
N SER P 106 -68.19 32.56 -0.09
CA SER P 106 -68.94 31.86 0.93
C SER P 106 -70.22 32.64 1.19
N ASN P 107 -71.32 31.93 1.41
CA ASN P 107 -72.64 32.51 1.60
C ASN P 107 -73.12 32.43 3.04
N LYS P 108 -72.19 32.46 4.00
CA LYS P 108 -72.50 32.31 5.42
C LYS P 108 -72.33 33.68 6.08
N SER P 109 -73.44 34.25 6.56
CA SER P 109 -73.45 35.60 7.12
C SER P 109 -73.13 35.56 8.62
N HIS P 110 -71.89 35.18 8.92
CA HIS P 110 -71.35 35.08 10.27
C HIS P 110 -72.02 34.01 11.13
N ASP P 111 -72.93 33.22 10.56
CA ASP P 111 -73.65 32.24 11.37
C ASP P 111 -72.74 31.09 11.77
N GLU P 112 -71.95 30.59 10.83
CA GLU P 112 -70.98 29.54 11.10
C GLU P 112 -69.57 30.07 11.27
N ILE P 113 -69.20 31.10 10.51
CA ILE P 113 -67.80 31.54 10.44
C ILE P 113 -67.29 31.92 11.81
N TRP P 114 -67.88 32.93 12.44
CA TRP P 114 -67.56 33.29 13.81
C TRP P 114 -68.44 32.56 14.82
N GLY P 115 -69.20 31.55 14.35
CA GLY P 115 -70.08 30.76 15.19
C GLY P 115 -69.60 29.33 15.34
N ASN P 116 -70.16 28.42 14.56
CA ASN P 116 -69.88 27.00 14.68
C ASN P 116 -68.64 26.54 13.91
N MET P 117 -68.03 27.40 13.09
CA MET P 117 -66.92 27.00 12.22
C MET P 117 -65.59 27.37 12.85
N THR P 118 -64.58 26.55 12.56
CA THR P 118 -63.25 26.71 13.09
C THR P 118 -62.30 27.22 12.00
N TRP P 119 -61.11 27.64 12.42
CA TRP P 119 -60.15 28.21 11.48
C TRP P 119 -59.67 27.19 10.47
N MET P 120 -59.44 25.94 10.88
CA MET P 120 -59.02 24.92 9.92
C MET P 120 -60.13 24.62 8.92
N GLN P 121 -61.35 24.44 9.41
CA GLN P 121 -62.47 24.20 8.51
C GLN P 121 -62.69 25.39 7.59
N TRP P 122 -62.58 26.60 8.14
CA TRP P 122 -62.75 27.79 7.32
C TRP P 122 -61.66 27.88 6.25
N ASP P 123 -60.43 27.52 6.59
CA ASP P 123 -59.37 27.49 5.60
C ASP P 123 -59.69 26.48 4.50
N ARG P 124 -60.23 25.33 4.88
CA ARG P 124 -60.66 24.35 3.87
C ARG P 124 -61.77 24.90 3.00
N GLU P 125 -62.65 25.75 3.57
CA GLU P 125 -63.78 26.27 2.82
C GLU P 125 -63.33 27.16 1.67
N ILE P 126 -62.38 28.06 1.92
CA ILE P 126 -61.97 29.07 0.95
C ILE P 126 -60.55 28.79 0.46
N SER P 127 -60.17 27.51 0.43
CA SER P 127 -58.86 27.15 -0.10
C SER P 127 -58.75 27.48 -1.58
N ASN P 128 -59.84 27.38 -2.32
CA ASN P 128 -59.85 27.62 -3.76
C ASN P 128 -59.92 29.10 -4.12
N TYR P 129 -60.46 29.95 -3.23
CA TYR P 129 -60.65 31.36 -3.53
C TYR P 129 -59.49 32.23 -3.08
N THR P 130 -58.53 31.68 -2.32
CA THR P 130 -57.56 32.50 -1.59
C THR P 130 -56.79 33.42 -2.52
N ASN P 131 -56.20 32.87 -3.57
CA ASN P 131 -55.44 33.68 -4.52
C ASN P 131 -56.26 34.83 -5.06
N THR P 132 -57.52 34.56 -5.43
CA THR P 132 -58.38 35.62 -5.96
C THR P 132 -58.49 36.75 -4.95
N ILE P 133 -58.72 36.42 -3.68
CA ILE P 133 -58.87 37.44 -2.66
C ILE P 133 -57.60 38.28 -2.57
N TYR P 134 -56.44 37.62 -2.66
CA TYR P 134 -55.18 38.35 -2.58
C TYR P 134 -55.11 39.42 -3.65
N ARG P 135 -55.51 39.08 -4.88
CA ARG P 135 -55.47 40.05 -5.96
C ARG P 135 -56.31 41.27 -5.61
N LEU P 136 -57.52 41.03 -5.11
CA LEU P 136 -58.38 42.15 -4.74
C LEU P 136 -57.72 43.00 -3.68
N LEU P 137 -57.16 42.35 -2.65
CA LEU P 137 -56.43 43.09 -1.62
C LEU P 137 -55.33 43.91 -2.27
N GLU P 138 -54.52 43.26 -3.12
CA GLU P 138 -53.47 43.94 -3.83
C GLU P 138 -54.03 45.14 -4.59
N ASP P 139 -55.09 44.90 -5.37
CA ASP P 139 -55.64 45.96 -6.19
C ASP P 139 -56.11 47.12 -5.33
N SER P 140 -56.75 46.80 -4.20
CA SER P 140 -57.29 47.86 -3.35
C SER P 140 -56.18 48.80 -2.91
N GLN P 141 -55.05 48.24 -2.46
CA GLN P 141 -54.00 49.10 -1.94
C GLN P 141 -53.44 49.98 -3.05
N ASN P 142 -53.37 49.45 -4.29
CA ASN P 142 -52.89 50.27 -5.40
C ASN P 142 -53.70 51.54 -5.49
N GLN P 143 -55.03 51.41 -5.50
CA GLN P 143 -55.88 52.58 -5.61
C GLN P 143 -55.59 53.55 -4.47
N GLN P 144 -55.50 53.03 -3.24
CA GLN P 144 -55.25 53.90 -2.10
C GLN P 144 -53.92 54.60 -2.27
N GLU P 145 -52.88 53.86 -2.70
CA GLU P 145 -51.59 54.48 -2.89
C GLU P 145 -51.67 55.59 -3.93
N GLN P 146 -52.37 55.34 -5.03
CA GLN P 146 -52.54 56.39 -6.02
C GLN P 146 -53.29 57.56 -5.40
N ASN P 147 -54.37 57.27 -4.67
CA ASN P 147 -55.10 58.34 -3.99
C ASN P 147 -54.19 59.05 -3.00
N GLU P 148 -53.31 58.29 -2.34
CA GLU P 148 -52.43 58.89 -1.35
C GLU P 148 -51.54 59.94 -1.98
N LYS P 149 -51.10 59.72 -3.23
CA LYS P 149 -50.25 60.70 -3.88
C LYS P 149 -51.06 61.75 -4.62
N ASP P 150 -52.37 61.56 -4.77
CA ASP P 150 -53.20 62.53 -5.50
C ASP P 150 -53.88 63.50 -4.55
N LEU P 151 -54.24 63.06 -3.34
CA LEU P 151 -54.79 63.95 -2.33
C LEU P 151 -53.74 64.87 -1.72
N LEU P 152 -52.47 64.50 -1.80
CA LEU P 152 -51.39 65.32 -1.27
C LEU P 152 -50.93 66.34 -2.31
N GLY Q 12 -41.25 39.51 -16.61
CA GLY Q 12 -42.06 40.36 -15.76
C GLY Q 12 -41.23 41.23 -14.82
N PHE Q 13 -39.98 40.84 -14.59
CA PHE Q 13 -39.11 41.61 -13.71
C PHE Q 13 -38.93 43.04 -14.22
N LEU Q 14 -38.56 43.19 -15.49
CA LEU Q 14 -38.21 44.47 -16.08
C LEU Q 14 -39.24 44.95 -17.09
N GLY Q 15 -40.51 44.59 -16.90
CA GLY Q 15 -41.55 45.09 -17.77
C GLY Q 15 -41.63 46.61 -17.76
N ALA Q 16 -41.82 47.17 -18.94
CA ALA Q 16 -41.82 48.61 -19.18
C ALA Q 16 -40.47 49.26 -18.89
N ALA Q 17 -39.40 48.49 -18.87
CA ALA Q 17 -38.07 49.07 -18.76
C ALA Q 17 -37.73 49.80 -20.06
N GLY Q 18 -37.11 50.98 -19.92
CA GLY Q 18 -36.82 51.79 -21.09
C GLY Q 18 -38.07 52.27 -21.82
N SER Q 19 -39.19 52.35 -21.14
CA SER Q 19 -40.47 52.78 -21.69
C SER Q 19 -41.01 53.98 -20.92
N THR Q 20 -40.13 54.96 -20.65
CA THR Q 20 -40.45 56.14 -19.88
C THR Q 20 -40.71 55.74 -18.44
N MET Q 21 -40.95 56.72 -17.56
CA MET Q 21 -41.37 56.46 -16.19
C MET Q 21 -42.74 57.01 -15.86
N GLY Q 22 -43.19 58.05 -16.56
CA GLY Q 22 -44.55 58.52 -16.36
C GLY Q 22 -45.58 57.48 -16.76
N ALA Q 23 -45.38 56.86 -17.92
CA ALA Q 23 -46.26 55.78 -18.35
C ALA Q 23 -45.96 54.49 -17.58
N ALA Q 24 -44.69 54.26 -17.25
CA ALA Q 24 -44.31 53.01 -16.62
C ALA Q 24 -44.82 52.91 -15.18
N SER Q 25 -45.00 54.06 -14.50
CA SER Q 25 -45.30 54.08 -13.06
C SER Q 25 -46.52 53.22 -12.71
N ILE Q 26 -47.54 53.28 -13.55
CA ILE Q 26 -48.70 52.40 -13.38
C ILE Q 26 -48.26 50.95 -13.47
N THR Q 27 -47.42 50.63 -14.46
CA THR Q 27 -46.95 49.26 -14.61
C THR Q 27 -46.10 48.84 -13.43
N LEU Q 28 -45.41 49.78 -12.78
CA LEU Q 28 -44.59 49.44 -11.62
C LEU Q 28 -45.47 49.15 -10.42
N THR Q 29 -46.51 49.95 -10.22
CA THR Q 29 -47.46 49.66 -9.16
C THR Q 29 -48.12 48.31 -9.38
N VAL Q 30 -48.39 47.98 -10.65
CA VAL Q 30 -48.99 46.68 -10.97
C VAL Q 30 -47.99 45.56 -10.74
N GLN Q 31 -46.74 45.76 -11.13
CA GLN Q 31 -45.71 44.73 -10.98
C GLN Q 31 -45.42 44.44 -9.52
N ALA Q 32 -45.39 45.49 -8.68
CA ALA Q 32 -45.08 45.30 -7.28
C ALA Q 32 -46.13 44.48 -6.55
N ARG Q 33 -47.30 44.27 -7.16
CA ARG Q 33 -48.31 43.36 -6.66
C ARG Q 33 -48.35 42.03 -7.40
N GLN Q 34 -48.26 42.04 -8.73
CA GLN Q 34 -48.23 40.79 -9.48
C GLN Q 34 -46.95 40.01 -9.23
N LEU Q 35 -45.80 40.68 -9.34
CA LEU Q 35 -44.50 40.06 -9.13
C LEU Q 35 -44.10 40.04 -7.65
N LEU Q 36 -44.56 41.03 -6.88
CA LEU Q 36 -44.15 41.22 -5.49
C LEU Q 36 -42.67 41.53 -5.44
N SER Q 37 -41.83 40.53 -5.71
CA SER Q 37 -40.40 40.72 -5.91
C SER Q 37 -39.80 39.37 -6.28
N GLY Q 38 -38.65 39.37 -6.94
CA GLY Q 38 -37.89 38.13 -7.07
C GLY Q 38 -37.40 37.66 -5.73
N ILE Q 39 -36.73 38.53 -4.98
CA ILE Q 39 -36.26 38.22 -3.63
C ILE Q 39 -37.36 38.59 -2.65
N VAL Q 40 -37.58 37.72 -1.67
CA VAL Q 40 -38.46 38.04 -0.56
C VAL Q 40 -37.84 37.51 0.72
N GLN Q 54 -31.03 16.68 -2.14
CA GLN Q 54 -30.66 16.46 -3.53
C GLN Q 54 -29.16 16.62 -3.73
N HIS Q 55 -28.70 16.38 -4.95
CA HIS Q 55 -27.28 16.52 -5.25
C HIS Q 55 -26.80 17.94 -5.02
N LEU Q 56 -27.64 18.92 -5.32
CA LEU Q 56 -27.31 20.33 -5.18
C LEU Q 56 -27.56 20.87 -3.78
N LEU Q 57 -27.72 19.99 -2.77
CA LEU Q 57 -28.00 20.40 -1.40
C LEU Q 57 -26.98 19.91 -0.39
N GLN Q 58 -26.56 18.65 -0.46
CA GLN Q 58 -25.61 18.10 0.50
C GLN Q 58 -24.59 17.20 -0.20
N ASP Q 59 -24.12 17.63 -1.36
CA ASP Q 59 -23.13 16.87 -2.13
C ASP Q 59 -22.26 17.85 -2.88
N GLY Q 60 -20.97 17.89 -2.53
CA GLY Q 60 -20.07 18.87 -3.10
C GLY Q 60 -20.17 20.21 -2.39
N HIS Q 61 -19.72 21.25 -3.09
CA HIS Q 61 -19.74 22.62 -2.59
C HIS Q 61 -20.88 23.45 -3.17
N TRP Q 62 -21.85 22.81 -3.84
CA TRP Q 62 -22.96 23.58 -4.40
C TRP Q 62 -23.97 23.98 -3.34
N GLY Q 63 -24.14 23.16 -2.29
CA GLY Q 63 -25.07 23.53 -1.24
C GLY Q 63 -24.67 24.81 -0.52
N ILE Q 64 -23.38 24.94 -0.20
CA ILE Q 64 -22.92 26.15 0.46
C ILE Q 64 -23.04 27.35 -0.47
N LYS Q 65 -22.87 27.15 -1.78
CA LYS Q 65 -23.06 28.24 -2.73
C LYS Q 65 -24.52 28.70 -2.76
N GLN Q 66 -25.45 27.75 -2.78
CA GLN Q 66 -26.86 28.13 -2.76
C GLN Q 66 -27.22 28.84 -1.46
N LEU Q 67 -26.67 28.36 -0.34
CA LEU Q 67 -26.93 29.04 0.93
C LEU Q 67 -26.39 30.46 0.91
N GLN Q 68 -25.18 30.66 0.36
CA GLN Q 68 -24.61 32.00 0.30
C GLN Q 68 -25.47 32.91 -0.57
N THR Q 69 -25.93 32.40 -1.72
CA THR Q 69 -26.78 33.20 -2.59
C THR Q 69 -28.07 33.60 -1.89
N ARG Q 70 -28.72 32.64 -1.21
CA ARG Q 70 -29.97 32.94 -0.54
C ARG Q 70 -29.78 33.93 0.61
N VAL Q 71 -28.71 33.75 1.39
CA VAL Q 71 -28.46 34.66 2.50
C VAL Q 71 -28.16 36.06 1.98
N LEU Q 72 -27.39 36.16 0.90
CA LEU Q 72 -27.09 37.48 0.33
C LEU Q 72 -28.36 38.16 -0.17
N ALA Q 73 -29.25 37.38 -0.79
CA ALA Q 73 -30.53 37.94 -1.23
C ALA Q 73 -31.33 38.48 -0.05
N ILE Q 74 -31.40 37.70 1.04
CA ILE Q 74 -32.15 38.16 2.21
C ILE Q 74 -31.52 39.42 2.77
N GLU Q 75 -30.19 39.48 2.81
CA GLU Q 75 -29.51 40.66 3.33
C GLU Q 75 -29.81 41.88 2.49
N HIS Q 76 -29.77 41.75 1.16
CA HIS Q 76 -30.06 42.89 0.30
C HIS Q 76 -31.50 43.37 0.49
N TYR Q 77 -32.44 42.42 0.57
CA TYR Q 77 -33.84 42.80 0.77
C TYR Q 77 -34.02 43.54 2.09
N LEU Q 78 -33.38 43.05 3.15
CA LEU Q 78 -33.50 43.71 4.44
C LEU Q 78 -32.82 45.07 4.43
N LYS Q 79 -31.73 45.23 3.68
CA LYS Q 79 -31.12 46.56 3.55
C LYS Q 79 -32.08 47.55 2.90
N ASP Q 80 -32.74 47.12 1.82
CA ASP Q 80 -33.71 48.01 1.18
C ASP Q 80 -34.87 48.34 2.10
N GLN Q 81 -35.38 47.34 2.82
CA GLN Q 81 -36.49 47.59 3.73
C GLN Q 81 -36.09 48.51 4.87
N GLN Q 82 -34.85 48.36 5.37
CA GLN Q 82 -34.38 49.24 6.42
C GLN Q 82 -34.25 50.67 5.92
N LEU Q 83 -33.77 50.84 4.69
CA LEU Q 83 -33.70 52.19 4.12
C LEU Q 83 -35.08 52.78 3.99
N LEU Q 84 -36.07 51.98 3.57
CA LEU Q 84 -37.44 52.48 3.49
C LEU Q 84 -37.96 52.88 4.87
N GLY Q 85 -37.67 52.06 5.88
CA GLY Q 85 -38.18 52.35 7.22
C GLY Q 85 -37.57 53.60 7.82
N ILE Q 86 -36.25 53.79 7.60
CA ILE Q 86 -35.57 54.94 8.18
C ILE Q 86 -36.12 56.24 7.60
N TRP Q 87 -36.64 56.19 6.38
CA TRP Q 87 -37.17 57.37 5.71
C TRP Q 87 -38.64 57.62 6.01
N GLY Q 88 -39.28 56.80 6.84
CA GLY Q 88 -40.70 56.92 7.07
C GLY Q 88 -41.57 56.30 6.00
N CYS Q 89 -40.99 55.64 5.00
CA CYS Q 89 -41.72 54.99 3.93
C CYS Q 89 -42.00 53.52 4.22
N SER Q 90 -42.11 53.15 5.49
CA SER Q 90 -42.25 51.76 5.86
C SER Q 90 -43.56 51.19 5.32
N GLY Q 91 -43.47 50.05 4.64
CA GLY Q 91 -44.63 49.39 4.11
C GLY Q 91 -45.29 50.07 2.93
N LYS Q 92 -44.63 51.04 2.30
CA LYS Q 92 -45.17 51.78 1.18
C LYS Q 92 -44.28 51.58 -0.04
N LEU Q 93 -44.89 51.23 -1.16
CA LEU Q 93 -44.16 51.12 -2.42
C LEU Q 93 -44.03 52.46 -3.12
N ILE Q 94 -44.95 53.39 -2.85
CA ILE Q 94 -44.84 54.78 -3.29
C ILE Q 94 -44.98 55.64 -2.04
N CYS Q 95 -44.05 56.56 -1.83
CA CYS Q 95 -44.10 57.42 -0.66
C CYS Q 95 -43.54 58.80 -0.97
N CYS Q 96 -44.38 59.82 -0.81
CA CYS Q 96 -43.93 61.19 -0.91
C CYS Q 96 -43.23 61.61 0.37
N THR Q 97 -42.19 62.41 0.22
CA THR Q 97 -41.35 62.84 1.33
C THR Q 97 -41.37 64.36 1.44
N ALA Q 98 -40.91 64.87 2.58
CA ALA Q 98 -40.92 66.29 2.86
C ALA Q 98 -39.65 67.00 2.41
N VAL Q 99 -38.83 66.36 1.58
CA VAL Q 99 -37.58 66.94 1.10
C VAL Q 99 -37.87 67.65 -0.22
N PRO Q 100 -37.74 68.98 -0.30
CA PRO Q 100 -37.94 69.63 -1.60
C PRO Q 100 -36.80 69.31 -2.56
N TRP Q 101 -37.15 69.27 -3.84
CA TRP Q 101 -36.18 68.91 -4.88
C TRP Q 101 -35.27 70.09 -5.15
N ASN Q 102 -33.96 69.83 -5.13
CA ASN Q 102 -32.95 70.84 -5.41
C ASN Q 102 -32.57 70.75 -6.88
N SER Q 103 -32.62 71.90 -7.57
CA SER Q 103 -32.31 71.91 -9.00
C SER Q 103 -30.85 71.55 -9.28
N SER Q 104 -29.98 71.60 -8.28
CA SER Q 104 -28.60 71.19 -8.47
C SER Q 104 -28.46 69.73 -8.85
N TRP Q 105 -29.45 68.89 -8.52
CA TRP Q 105 -29.44 67.49 -8.92
C TRP Q 105 -29.90 67.32 -10.36
N SER Q 106 -31.01 67.97 -10.72
CA SER Q 106 -31.52 67.92 -12.08
C SER Q 106 -32.35 69.16 -12.32
N ASN Q 107 -32.31 69.68 -13.54
CA ASN Q 107 -33.02 70.89 -13.92
C ASN Q 107 -34.21 70.63 -14.83
N LYS Q 108 -34.74 69.40 -14.83
CA LYS Q 108 -35.89 69.02 -15.65
C LYS Q 108 -37.14 69.18 -14.80
N SER Q 109 -37.96 70.18 -15.12
CA SER Q 109 -39.19 70.45 -14.36
C SER Q 109 -40.35 69.61 -14.89
N HIS Q 110 -40.23 68.29 -14.68
CA HIS Q 110 -41.21 67.30 -15.11
C HIS Q 110 -41.39 67.27 -16.63
N ASP Q 111 -40.49 67.91 -17.39
CA ASP Q 111 -40.69 68.01 -18.83
C ASP Q 111 -40.25 66.74 -19.54
N GLU Q 112 -39.06 66.22 -19.18
CA GLU Q 112 -38.55 64.97 -19.73
C GLU Q 112 -38.52 63.85 -18.73
N ILE Q 113 -38.53 64.14 -17.43
CA ILE Q 113 -38.46 63.08 -16.42
C ILE Q 113 -39.64 62.13 -16.57
N TRP Q 114 -40.85 62.63 -16.36
CA TRP Q 114 -42.05 61.83 -16.50
C TRP Q 114 -42.63 61.88 -17.91
N GLY Q 115 -42.03 62.68 -18.80
CA GLY Q 115 -42.51 62.82 -20.16
C GLY Q 115 -41.80 61.93 -21.16
N ASN Q 116 -40.47 61.93 -21.13
CA ASN Q 116 -39.65 61.26 -22.14
C ASN Q 116 -38.55 60.37 -21.57
N MET Q 117 -38.17 60.55 -20.31
CA MET Q 117 -37.02 59.88 -19.75
C MET Q 117 -37.44 58.57 -19.09
N THR Q 118 -36.57 57.57 -19.18
CA THR Q 118 -36.81 56.25 -18.64
C THR Q 118 -36.22 56.13 -17.24
N TRP Q 119 -36.64 55.10 -16.52
CA TRP Q 119 -36.12 54.88 -15.17
C TRP Q 119 -34.63 54.59 -15.18
N MET Q 120 -34.16 53.79 -16.15
CA MET Q 120 -32.73 53.54 -16.27
C MET Q 120 -31.97 54.83 -16.56
N GLN Q 121 -32.45 55.61 -17.52
CA GLN Q 121 -31.78 56.86 -17.85
C GLN Q 121 -31.80 57.81 -16.67
N TRP Q 122 -32.92 57.88 -15.94
CA TRP Q 122 -32.99 58.74 -14.77
C TRP Q 122 -32.01 58.28 -13.69
N ASP Q 123 -31.87 56.97 -13.51
CA ASP Q 123 -30.89 56.46 -12.56
C ASP Q 123 -29.48 56.88 -12.97
N ARG Q 124 -29.19 56.84 -14.26
CA ARG Q 124 -27.90 57.34 -14.73
C ARG Q 124 -27.76 58.84 -14.46
N GLU Q 125 -28.86 59.59 -14.57
CA GLU Q 125 -28.80 61.04 -14.39
C GLU Q 125 -28.39 61.43 -12.98
N ILE Q 126 -28.96 60.77 -11.97
CA ILE Q 126 -28.76 61.17 -10.57
C ILE Q 126 -28.00 60.08 -9.82
N SER Q 127 -27.10 59.39 -10.52
CA SER Q 127 -26.26 58.41 -9.84
C SER Q 127 -25.32 59.06 -8.84
N ASN Q 128 -24.94 60.32 -9.06
CA ASN Q 128 -23.98 61.01 -8.22
C ASN Q 128 -24.61 61.69 -7.01
N TYR Q 129 -25.92 61.94 -7.02
CA TYR Q 129 -26.61 62.64 -5.94
C TYR Q 129 -27.58 61.77 -5.16
N THR Q 130 -27.67 60.48 -5.46
CA THR Q 130 -28.62 59.62 -4.76
C THR Q 130 -28.30 59.52 -3.28
N ASN Q 131 -27.02 59.36 -2.94
CA ASN Q 131 -26.62 59.27 -1.55
C ASN Q 131 -26.96 60.55 -0.78
N THR Q 132 -26.77 61.71 -1.42
CA THR Q 132 -27.12 62.97 -0.78
C THR Q 132 -28.61 63.03 -0.47
N ILE Q 133 -29.44 62.56 -1.41
CA ILE Q 133 -30.88 62.54 -1.16
C ILE Q 133 -31.20 61.58 -0.02
N TYR Q 134 -30.46 60.48 0.08
CA TYR Q 134 -30.65 59.58 1.22
C TYR Q 134 -30.36 60.30 2.53
N ARG Q 135 -29.28 61.09 2.56
CA ARG Q 135 -28.96 61.85 3.78
C ARG Q 135 -30.09 62.82 4.11
N LEU Q 136 -30.61 63.52 3.11
CA LEU Q 136 -31.66 64.50 3.36
C LEU Q 136 -32.93 63.82 3.85
N LEU Q 137 -33.27 62.68 3.28
CA LEU Q 137 -34.45 61.92 3.71
C LEU Q 137 -34.29 61.46 5.15
N GLU Q 138 -33.09 60.98 5.49
CA GLU Q 138 -32.82 60.51 6.87
C GLU Q 138 -32.99 61.69 7.83
N ASP Q 139 -32.26 62.78 7.59
CA ASP Q 139 -32.31 63.95 8.50
C ASP Q 139 -33.77 64.40 8.64
N SER Q 140 -34.47 64.59 7.52
CA SER Q 140 -35.86 65.10 7.57
C SER Q 140 -36.73 64.18 8.43
N GLN Q 141 -36.72 62.87 8.15
CA GLN Q 141 -37.59 61.92 8.88
C GLN Q 141 -37.20 61.94 10.37
N ASN Q 142 -35.90 62.01 10.65
CA ASN Q 142 -35.42 62.03 12.07
C ASN Q 142 -36.02 63.25 12.77
N GLN Q 143 -36.01 64.41 12.12
CA GLN Q 143 -36.61 65.64 12.71
C GLN Q 143 -38.11 65.40 12.92
N GLN Q 144 -38.78 64.83 11.92
CA GLN Q 144 -40.24 64.53 12.03
C GLN Q 144 -40.47 63.72 13.30
N GLU Q 145 -39.75 62.60 13.45
CA GLU Q 145 -39.91 61.76 14.63
C GLU Q 145 -39.75 62.58 15.92
N GLN Q 146 -38.73 63.45 15.96
CA GLN Q 146 -38.55 64.27 17.15
C GLN Q 146 -39.70 65.27 17.32
N ASN Q 147 -40.20 65.84 16.23
CA ASN Q 147 -41.36 66.73 16.32
C ASN Q 147 -42.57 65.98 16.85
N GLU Q 148 -42.79 64.75 16.38
CA GLU Q 148 -43.91 63.98 16.88
C GLU Q 148 -43.77 63.69 18.37
N LYS Q 149 -42.57 63.32 18.80
CA LYS Q 149 -42.39 63.02 20.22
C LYS Q 149 -42.55 64.27 21.07
N ASP Q 150 -42.22 65.44 20.53
CA ASP Q 150 -42.41 66.68 21.28
C ASP Q 150 -43.88 67.10 21.32
N LEU Q 151 -44.61 66.90 20.21
CA LEU Q 151 -46.00 67.34 20.15
C LEU Q 151 -46.87 66.57 21.12
N LEU Q 152 -46.68 65.26 21.22
CA LEU Q 152 -47.49 64.42 22.08
C LEU Q 152 -47.33 64.82 23.54
N UNK R 1 22.23 -44.53 -22.61
CA UNK R 1 22.84 -43.19 -22.80
C UNK R 1 23.35 -42.63 -21.48
N UNK R 2 22.62 -42.91 -20.41
CA UNK R 2 23.09 -42.56 -19.07
C UNK R 2 24.21 -43.50 -18.65
N UNK R 3 25.02 -43.04 -17.70
CA UNK R 3 26.13 -43.84 -17.20
C UNK R 3 26.38 -43.46 -15.76
N UNK R 4 26.53 -44.48 -14.91
CA UNK R 4 26.77 -44.30 -13.49
C UNK R 4 28.11 -44.92 -13.14
N UNK R 5 28.99 -44.12 -12.55
CA UNK R 5 30.32 -44.56 -12.13
C UNK R 5 30.33 -44.69 -10.62
N UNK R 6 30.61 -45.90 -10.13
CA UNK R 6 30.65 -46.17 -8.70
C UNK R 6 32.04 -45.89 -8.18
N UNK R 7 32.15 -44.94 -7.23
CA UNK R 7 33.45 -44.38 -6.88
C UNK R 7 34.36 -45.40 -6.25
N UNK R 8 33.93 -46.07 -5.20
CA UNK R 8 34.78 -46.95 -4.40
C UNK R 8 34.78 -48.33 -5.05
N UNK R 9 35.93 -48.73 -5.60
CA UNK R 9 36.02 -50.04 -6.24
C UNK R 9 35.87 -51.16 -5.23
N UNK R 10 36.47 -51.02 -4.05
CA UNK R 10 36.35 -52.01 -2.99
C UNK R 10 36.43 -51.29 -1.65
N UNK R 11 35.59 -51.74 -0.73
CA UNK R 11 35.51 -51.16 0.60
C UNK R 11 35.62 -52.27 1.63
N UNK R 12 36.10 -51.93 2.82
CA UNK R 12 36.24 -52.90 3.89
C UNK R 12 36.13 -52.18 5.22
N UNK R 13 35.56 -52.86 6.21
CA UNK R 13 35.43 -52.31 7.55
C UNK R 13 35.26 -53.45 8.53
N UNK R 14 35.66 -53.21 9.78
CA UNK R 14 35.50 -54.21 10.81
C UNK R 14 34.03 -54.48 11.06
N UNK R 15 33.73 -55.66 11.61
CA UNK R 15 32.36 -56.01 11.92
C UNK R 15 31.77 -55.01 12.90
N UNK R 16 30.56 -54.56 12.62
CA UNK R 16 29.81 -53.53 13.34
C UNK R 16 30.30 -52.13 13.01
N UNK R 17 31.02 -51.92 11.92
CA UNK R 17 31.48 -50.60 11.49
C UNK R 17 30.77 -50.19 10.19
N UNK R 18 30.84 -48.90 9.90
CA UNK R 18 30.15 -48.34 8.74
C UNK R 18 31.03 -48.42 7.49
N UNK R 19 30.37 -48.64 6.35
CA UNK R 19 31.02 -48.58 5.05
C UNK R 19 30.12 -47.79 4.12
N UNK R 20 30.73 -47.12 3.13
CA UNK R 20 29.99 -46.23 2.26
C UNK R 20 30.48 -46.38 0.82
N UNK R 21 29.52 -46.49 -0.10
CA UNK R 21 29.78 -46.50 -1.53
C UNK R 21 29.08 -45.31 -2.15
N UNK R 22 29.66 -44.79 -3.23
CA UNK R 22 29.17 -43.59 -3.88
C UNK R 22 29.10 -43.83 -5.39
N UNK R 23 28.13 -43.17 -6.02
CA UNK R 23 27.93 -43.28 -7.46
C UNK R 23 27.65 -41.89 -8.02
N UNK R 24 28.14 -41.65 -9.23
CA UNK R 24 27.93 -40.39 -9.93
C UNK R 24 27.37 -40.67 -11.31
N UNK R 25 26.28 -40.01 -11.64
CA UNK R 25 25.58 -40.22 -12.91
C UNK R 25 26.05 -39.22 -13.95
N UNK R 26 25.97 -39.64 -15.21
CA UNK R 26 26.35 -38.77 -16.32
C UNK R 26 25.45 -37.54 -16.42
N UNK R 27 24.21 -37.62 -15.96
CA UNK R 27 23.27 -36.51 -16.01
C UNK R 27 22.42 -36.55 -14.75
N UNK R 28 21.68 -35.46 -14.51
CA UNK R 28 20.77 -35.42 -13.40
C UNK R 28 19.68 -36.48 -13.56
N UNK R 29 19.43 -37.23 -12.50
CA UNK R 29 18.56 -38.41 -12.54
C UNK R 29 17.23 -38.22 -11.84
N UNK R 30 17.02 -37.11 -11.14
CA UNK R 30 15.74 -36.76 -10.52
C UNK R 30 15.37 -37.64 -9.33
N UNK R 31 16.25 -38.57 -8.92
CA UNK R 31 16.17 -39.23 -7.63
C UNK R 31 15.04 -40.26 -7.53
N UNK R 32 14.21 -40.39 -8.57
CA UNK R 32 13.21 -41.46 -8.60
C UNK R 32 13.72 -42.68 -9.34
N UNK R 33 14.59 -42.47 -10.33
CA UNK R 33 15.13 -43.57 -11.13
C UNK R 33 16.27 -44.31 -10.45
N UNK R 34 16.91 -43.72 -9.46
CA UNK R 34 18.09 -44.30 -8.85
C UNK R 34 17.71 -45.36 -7.84
N UNK R 35 18.28 -46.55 -8.00
CA UNK R 35 18.04 -47.68 -7.10
C UNK R 35 19.38 -48.34 -6.79
N UNK R 36 19.40 -49.08 -5.69
CA UNK R 36 20.62 -49.73 -5.22
C UNK R 36 20.33 -51.18 -4.86
N UNK R 37 21.16 -52.09 -5.38
CA UNK R 37 20.94 -53.53 -5.27
C UNK R 37 22.21 -54.20 -4.77
N UNK R 38 22.04 -55.38 -4.16
CA UNK R 38 23.14 -56.15 -3.59
C UNK R 38 23.15 -57.56 -4.17
N UNK R 39 24.25 -57.94 -4.81
CA UNK R 39 24.44 -59.28 -5.35
C UNK R 39 25.47 -60.00 -4.50
N UNK R 40 25.01 -61.04 -3.79
CA UNK R 40 25.92 -61.93 -3.10
C UNK R 40 26.61 -62.85 -4.10
N UNK R 41 27.66 -63.52 -3.66
CA UNK R 41 28.42 -64.38 -4.56
C UNK R 41 27.56 -65.55 -5.01
N UNK R 42 27.39 -65.67 -6.32
CA UNK R 42 26.61 -66.75 -6.94
C UNK R 42 25.16 -66.72 -6.47
N UNK R 43 24.47 -65.62 -6.77
CA UNK R 43 23.05 -65.50 -6.45
C UNK R 43 22.49 -64.30 -7.21
N UNK R 44 21.17 -64.30 -7.37
CA UNK R 44 20.51 -63.19 -8.03
C UNK R 44 20.58 -61.94 -7.16
N UNK R 45 20.71 -60.77 -7.80
CA UNK R 45 20.81 -59.53 -7.07
C UNK R 45 19.50 -59.24 -6.33
N UNK R 46 19.63 -58.62 -5.15
CA UNK R 46 18.50 -58.23 -4.32
C UNK R 46 18.43 -56.71 -4.22
N UNK R 47 17.23 -56.17 -4.38
CA UNK R 47 17.06 -54.72 -4.28
C UNK R 47 17.13 -54.28 -2.83
N UNK R 48 17.98 -53.30 -2.56
CA UNK R 48 18.15 -52.75 -1.22
C UNK R 48 17.50 -51.39 -1.05
N UNK R 49 17.45 -50.57 -2.10
CA UNK R 49 16.78 -49.28 -2.07
C UNK R 49 16.07 -49.08 -3.40
N UNK R 50 14.74 -48.97 -3.33
CA UNK R 50 13.88 -48.88 -4.51
C UNK R 50 13.96 -47.55 -5.21
N UNK R 51 14.00 -46.46 -4.46
CA UNK R 51 14.32 -45.14 -5.00
C UNK R 51 15.54 -44.64 -4.26
N UNK R 52 15.91 -43.40 -4.50
CA UNK R 52 16.93 -42.78 -3.67
C UNK R 52 16.38 -42.64 -2.26
N UNK R 53 16.89 -43.47 -1.35
CA UNK R 53 16.56 -43.44 0.07
C UNK R 53 15.16 -43.96 0.39
N UNK R 54 14.67 -44.94 -0.36
CA UNK R 54 13.43 -45.66 -0.02
C UNK R 54 13.78 -47.13 0.14
N UNK R 55 13.87 -47.59 1.39
CA UNK R 55 14.31 -48.94 1.66
C UNK R 55 13.32 -49.96 1.10
N UNK R 56 13.87 -51.00 0.46
CA UNK R 56 13.04 -52.05 -0.11
C UNK R 56 12.35 -52.84 0.98
N UNK R 57 11.47 -53.76 0.57
CA UNK R 57 10.71 -54.55 1.52
C UNK R 57 11.62 -55.49 2.29
N UNK R 58 11.54 -55.44 3.61
CA UNK R 58 12.27 -56.30 4.52
C UNK R 58 13.78 -56.03 4.54
N UNK R 59 14.23 -54.97 3.89
CA UNK R 59 15.63 -54.59 3.99
C UNK R 59 15.91 -53.96 5.35
N UNK R 60 17.07 -54.30 5.91
CA UNK R 60 17.43 -53.77 7.22
C UNK R 60 17.57 -52.26 7.18
N UNK R 61 17.21 -51.61 8.29
CA UNK R 61 17.31 -50.15 8.35
C UNK R 61 18.75 -49.67 8.40
N UNK R 62 19.71 -50.58 8.58
CA UNK R 62 21.12 -50.20 8.55
C UNK R 62 21.51 -49.59 7.23
N UNK R 63 21.04 -50.15 6.12
CA UNK R 63 21.39 -49.68 4.78
C UNK R 63 20.61 -48.40 4.50
N UNK R 64 21.27 -47.27 4.62
CA UNK R 64 20.70 -45.97 4.29
C UNK R 64 21.21 -45.52 2.94
N UNK R 65 20.48 -44.61 2.31
CA UNK R 65 20.87 -44.09 1.01
C UNK R 65 20.48 -42.62 0.93
N UNK R 66 21.22 -41.88 0.11
CA UNK R 66 20.96 -40.46 -0.11
C UNK R 66 21.42 -40.11 -1.51
N UNK R 67 20.89 -39.02 -2.05
CA UNK R 67 21.24 -38.63 -3.40
C UNK R 67 20.65 -37.27 -3.73
N UNK R 68 21.27 -36.60 -4.69
CA UNK R 68 20.74 -35.40 -5.28
C UNK R 68 21.40 -35.19 -6.63
N UNK R 69 20.59 -34.89 -7.64
CA UNK R 69 21.05 -34.55 -8.98
C UNK R 69 21.98 -35.64 -9.51
N UNK R 70 23.28 -35.37 -9.63
CA UNK R 70 24.23 -36.27 -10.25
C UNK R 70 25.04 -37.09 -9.24
N UNK R 71 24.82 -36.91 -7.94
CA UNK R 71 25.59 -37.61 -6.91
C UNK R 71 24.66 -38.46 -6.04
N UNK R 72 25.13 -39.63 -5.65
CA UNK R 72 24.34 -40.53 -4.81
C UNK R 72 25.30 -41.38 -3.98
N UNK R 73 24.77 -41.90 -2.87
CA UNK R 73 25.59 -42.70 -1.96
C UNK R 73 24.70 -43.65 -1.17
N UNK R 74 25.28 -44.79 -0.81
CA UNK R 74 24.68 -45.74 0.12
C UNK R 74 25.66 -45.99 1.25
N UNK R 75 25.13 -46.17 2.44
CA UNK R 75 25.93 -46.40 3.64
C UNK R 75 25.34 -47.56 4.41
N UNK R 76 26.15 -48.59 4.61
CA UNK R 76 25.80 -49.74 5.43
C UNK R 76 26.43 -49.53 6.80
N UNK R 77 25.60 -49.23 7.80
CA UNK R 77 26.06 -49.02 9.16
C UNK R 77 25.88 -50.29 9.97
N UNK R 78 26.78 -50.50 10.93
CA UNK R 78 26.82 -51.73 11.71
C UNK R 78 26.92 -52.94 10.78
N UNK R 79 28.00 -52.96 10.00
CA UNK R 79 28.18 -54.01 9.02
C UNK R 79 28.36 -55.36 9.68
N UNK R 80 27.38 -56.25 9.49
CA UNK R 80 27.47 -57.62 9.94
C UNK R 80 28.21 -58.46 8.91
N UNK R 81 28.61 -59.66 9.32
CA UNK R 81 29.35 -60.53 8.40
C UNK R 81 28.49 -60.97 7.23
N UNK R 82 27.16 -60.95 7.39
CA UNK R 82 26.26 -61.31 6.32
C UNK R 82 26.08 -60.21 5.28
N UNK R 83 26.63 -59.02 5.51
CA UNK R 83 26.53 -57.91 4.59
C UNK R 83 27.64 -57.89 3.55
N UNK R 84 28.53 -58.89 3.54
CA UNK R 84 29.64 -58.92 2.60
C UNK R 84 29.15 -59.41 1.25
N UNK R 85 29.20 -58.55 0.25
CA UNK R 85 28.71 -58.86 -1.08
C UNK R 85 29.09 -57.72 -2.02
N UNK R 86 28.74 -57.89 -3.30
CA UNK R 86 28.91 -56.81 -4.25
C UNK R 86 27.66 -55.94 -4.24
N UNK R 87 27.83 -54.63 -4.44
CA UNK R 87 26.74 -53.68 -4.38
C UNK R 87 26.80 -52.78 -5.60
N UNK R 88 25.67 -52.64 -6.29
CA UNK R 88 25.62 -51.95 -7.57
C UNK R 88 24.47 -50.96 -7.59
N UNK R 89 24.73 -49.78 -8.16
CA UNK R 89 23.71 -48.77 -8.37
C UNK R 89 23.14 -48.88 -9.78
N UNK R 90 21.92 -48.40 -9.95
CA UNK R 90 21.28 -48.39 -11.26
C UNK R 90 20.46 -47.12 -11.39
N UNK R 91 20.35 -46.62 -12.62
CA UNK R 91 19.59 -45.43 -12.93
C UNK R 91 18.69 -45.72 -14.12
N UNK R 92 17.42 -46.02 -13.85
CA UNK R 92 16.47 -46.42 -14.88
C UNK R 92 15.86 -45.20 -15.57
N UNK R 93 16.68 -44.55 -16.40
CA UNK R 93 16.27 -43.34 -17.12
C UNK R 93 15.81 -43.71 -18.53
N UNK R 94 14.71 -44.47 -18.58
CA UNK R 94 14.13 -44.86 -19.86
C UNK R 94 13.67 -43.62 -20.63
N UNK R 95 13.87 -43.63 -21.94
CA UNK R 95 13.40 -42.57 -22.81
C UNK R 95 13.39 -43.10 -24.23
N UNK R 96 12.89 -42.26 -25.15
CA UNK R 96 12.81 -42.67 -26.55
C UNK R 96 14.20 -42.93 -27.13
N UNK R 97 15.17 -42.07 -26.81
CA UNK R 97 16.53 -42.19 -27.32
C UNK R 97 17.50 -42.70 -26.26
N UNK R 98 17.35 -42.28 -25.01
CA UNK R 98 18.25 -42.66 -23.94
C UNK R 98 17.89 -44.02 -23.37
N UNK R 99 18.59 -44.40 -22.31
CA UNK R 99 18.37 -45.68 -21.64
C UNK R 99 19.06 -45.66 -20.29
N UNK R 100 18.88 -46.76 -19.56
CA UNK R 100 19.41 -46.87 -18.21
C UNK R 100 20.90 -47.21 -18.22
N UNK R 101 21.43 -47.46 -17.03
CA UNK R 101 22.78 -47.98 -16.88
C UNK R 101 22.99 -48.42 -15.44
N UNK R 102 23.74 -49.50 -15.27
CA UNK R 102 24.08 -50.03 -13.96
C UNK R 102 25.58 -49.84 -13.71
N UNK R 103 25.90 -49.27 -12.57
CA UNK R 103 27.28 -48.93 -12.28
C UNK R 103 28.08 -50.18 -11.95
N UNK R 104 29.40 -50.04 -12.01
CA UNK R 104 30.28 -51.12 -11.57
C UNK R 104 30.09 -51.35 -10.07
N UNK R 105 30.29 -52.59 -9.66
CA UNK R 105 29.97 -52.98 -8.29
C UNK R 105 31.13 -52.68 -7.35
N UNK R 106 30.79 -52.25 -6.14
CA UNK R 106 31.76 -52.07 -5.06
C UNK R 106 31.71 -53.28 -4.14
N UNK R 107 32.83 -53.97 -4.02
CA UNK R 107 32.89 -55.23 -3.26
C UNK R 107 33.20 -54.91 -1.80
N UNK R 108 32.20 -55.04 -0.94
CA UNK R 108 32.40 -54.89 0.49
C UNK R 108 33.02 -56.15 1.07
N UNK R 109 33.87 -55.98 2.06
CA UNK R 109 34.55 -57.08 2.72
C UNK R 109 34.65 -56.80 4.20
N UNK R 110 33.76 -57.41 4.98
CA UNK R 110 33.75 -57.23 6.42
C UNK R 110 34.89 -58.03 7.03
N UNK R 111 35.80 -57.32 7.70
CA UNK R 111 36.95 -57.95 8.32
C UNK R 111 36.51 -58.79 9.52
#